data_1ON9
#
_entry.id   1ON9
#
_cell.length_a   113.810
_cell.length_b   200.020
_cell.length_c   145.900
_cell.angle_alpha   90.00
_cell.angle_beta   102.97
_cell.angle_gamma   90.00
#
_symmetry.space_group_name_H-M   'C 1 2 1'
#
loop_
_entity.id
_entity.type
_entity.pdbx_description
1 polymer 'Methylmalonyl-CoA carboxyltransferase 12S subunit'
2 non-polymer 'CADMIUM ION'
3 non-polymer 'METHYLMALONYL-COENZYME A'
4 non-polymer (4S)-2-METHYL-2,4-PENTANEDIOL
5 water water
#
_entity_poly.entity_id   1
_entity_poly.type   'polypeptide(L)'
_entity_poly.pdbx_seq_one_letter_code
;AENNNLKLASTMEGRVEQLAEQRQVIEAGGGERRVEKQHSQGKQTARERLNNLLDPHSFDEVGAFRKHRTTLFGMDKAVV
PADGVVTGRGTILGRPVHAASQDFTVMGGSAGETQSTKVVETMEQALLTGTPFLFFYDSGGARIQEGIDSLSGYGKMFFA
NVKLSGVVPQIAIIAGPCAGGASYSPALTDFIIMTKKAHMFITGPQVIKSVTGEDVTADELGGAEAHMAISGNIHFVAED
DDAAELIAKKLLSFLPQNNTEEASFVNPNNDVSPNTELRDIVPIDGKKGYDVRDVIAKIVDWGDYLEVKAGYATNLVTAF
ARVNGRSVGIVANQPSVMSGCLDINASDKAAEFVNFCDSFNIPLVQLVDVPGFLPGVQQEYGGIIRHGAKMLYAYSEATV
PKITVVLRKAYGGSYLAMCNRDLGADAVYAWPSAEIAVMGAEGAANVIFRKEIKAADDPDAMRAEKIEEYQNAFNTPYVA
AARGQVDDVIDPADTRRKIASALEMYATKRQTRPAKKHGNFPC
;
_entity_poly.pdbx_strand_id   A,B,C,D,E,F
#
# COMPACT_ATOMS: atom_id res chain seq x y z
N LEU A 8 -45.06 -27.71 -20.14
CA LEU A 8 -44.76 -26.29 -20.50
C LEU A 8 -45.62 -25.84 -21.68
N ALA A 9 -45.98 -24.56 -21.67
CA ALA A 9 -46.79 -24.02 -22.76
C ALA A 9 -45.98 -24.13 -24.05
N SER A 10 -46.68 -24.16 -25.17
CA SER A 10 -46.04 -24.28 -26.48
C SER A 10 -45.52 -22.94 -26.98
N THR A 11 -46.02 -21.85 -26.41
CA THR A 11 -45.59 -20.53 -26.82
C THR A 11 -44.88 -19.84 -25.67
N MET A 12 -44.10 -18.81 -26.00
CA MET A 12 -43.40 -18.08 -24.97
C MET A 12 -44.48 -17.40 -24.12
N GLU A 13 -45.49 -16.86 -24.79
CA GLU A 13 -46.60 -16.19 -24.09
C GLU A 13 -47.22 -17.12 -23.06
N GLY A 14 -47.38 -18.39 -23.44
CA GLY A 14 -47.94 -19.36 -22.53
C GLY A 14 -46.98 -19.60 -21.37
N ARG A 15 -45.70 -19.72 -21.67
CA ARG A 15 -44.73 -19.95 -20.61
C ARG A 15 -44.61 -18.75 -19.66
N VAL A 16 -44.85 -17.55 -20.19
CA VAL A 16 -44.79 -16.33 -19.38
C VAL A 16 -45.96 -16.34 -18.41
N GLU A 17 -47.12 -16.77 -18.89
CA GLU A 17 -48.30 -16.85 -18.05
C GLU A 17 -48.08 -17.93 -16.98
N GLN A 18 -47.46 -19.04 -17.38
CA GLN A 18 -47.18 -20.12 -16.43
C GLN A 18 -46.19 -19.65 -15.38
N LEU A 19 -45.21 -18.87 -15.83
CA LEU A 19 -44.19 -18.34 -14.92
C LEU A 19 -44.89 -17.47 -13.88
N ALA A 20 -45.81 -16.62 -14.35
CA ALA A 20 -46.55 -15.73 -13.48
C ALA A 20 -47.34 -16.51 -12.43
N GLU A 21 -47.96 -17.60 -12.87
CA GLU A 21 -48.75 -18.42 -11.95
C GLU A 21 -47.84 -19.12 -10.94
N GLN A 22 -46.69 -19.60 -11.37
CA GLN A 22 -45.80 -20.25 -10.43
C GLN A 22 -45.24 -19.24 -9.45
N ARG A 23 -44.95 -18.03 -9.93
CA ARG A 23 -44.41 -17.00 -9.03
C ARG A 23 -45.44 -16.65 -7.95
N GLN A 24 -46.70 -16.59 -8.36
CA GLN A 24 -47.79 -16.29 -7.44
C GLN A 24 -47.85 -17.35 -6.34
N VAL A 25 -47.71 -18.62 -6.71
CA VAL A 25 -47.75 -19.68 -5.72
C VAL A 25 -46.63 -19.48 -4.70
N ILE A 26 -45.43 -19.16 -5.19
CA ILE A 26 -44.30 -18.93 -4.30
C ILE A 26 -44.58 -17.76 -3.36
N GLU A 27 -45.11 -16.66 -3.91
CA GLU A 27 -45.37 -15.49 -3.09
C GLU A 27 -46.47 -15.65 -2.06
N ALA A 28 -47.32 -16.66 -2.25
CA ALA A 28 -48.41 -16.92 -1.30
C ALA A 28 -47.81 -17.53 -0.04
N GLY A 29 -46.54 -17.91 -0.10
CA GLY A 29 -45.88 -18.48 1.06
C GLY A 29 -46.55 -19.69 1.68
N GLY A 30 -46.77 -19.63 2.99
CA GLY A 30 -47.40 -20.74 3.69
C GLY A 30 -48.88 -20.90 3.40
N GLY A 31 -49.44 -20.01 2.59
CA GLY A 31 -50.85 -20.13 2.27
C GLY A 31 -51.77 -19.25 3.10
N GLU A 32 -52.99 -19.09 2.60
CA GLU A 32 -54.00 -18.26 3.22
C GLU A 32 -54.15 -18.37 4.73
N ARG A 33 -54.32 -19.59 5.22
CA ARG A 33 -54.50 -19.82 6.65
C ARG A 33 -53.35 -19.32 7.50
N ARG A 34 -52.14 -19.73 7.15
CA ARG A 34 -50.97 -19.32 7.91
C ARG A 34 -50.78 -17.81 7.82
N VAL A 35 -51.08 -17.24 6.67
CA VAL A 35 -50.98 -15.81 6.48
C VAL A 35 -52.04 -15.11 7.35
N GLU A 36 -53.24 -15.66 7.41
CA GLU A 36 -54.28 -15.03 8.23
C GLU A 36 -53.81 -15.12 9.68
N LYS A 37 -53.18 -16.24 10.03
CA LYS A 37 -52.68 -16.47 11.37
C LYS A 37 -51.64 -15.40 11.71
N GLN A 38 -50.71 -15.17 10.79
CA GLN A 38 -49.68 -14.15 10.99
C GLN A 38 -50.37 -12.79 11.22
N HIS A 39 -51.27 -12.42 10.32
CA HIS A 39 -52.00 -11.17 10.45
C HIS A 39 -52.81 -11.10 11.74
N SER A 40 -53.37 -12.21 12.16
CA SER A 40 -54.18 -12.22 13.38
C SER A 40 -53.31 -11.91 14.58
N GLN A 41 -52.02 -12.24 14.50
CA GLN A 41 -51.11 -11.97 15.60
C GLN A 41 -50.55 -10.56 15.54
N GLY A 42 -51.13 -9.75 14.66
CA GLY A 42 -50.68 -8.37 14.51
C GLY A 42 -49.33 -8.27 13.82
N LYS A 43 -48.97 -9.30 13.05
CA LYS A 43 -47.69 -9.33 12.34
C LYS A 43 -47.89 -9.26 10.83
N GLN A 44 -47.00 -8.57 10.15
CA GLN A 44 -47.09 -8.48 8.70
C GLN A 44 -46.39 -9.72 8.17
N THR A 45 -46.61 -10.03 6.89
CA THR A 45 -45.96 -11.20 6.31
C THR A 45 -44.57 -10.77 5.88
N ALA A 46 -43.72 -11.74 5.57
CA ALA A 46 -42.35 -11.46 5.15
C ALA A 46 -42.30 -10.50 3.96
N ARG A 47 -43.18 -10.71 2.98
CA ARG A 47 -43.18 -9.86 1.79
C ARG A 47 -43.79 -8.49 2.05
N GLU A 48 -44.73 -8.42 2.98
CA GLU A 48 -45.35 -7.15 3.31
C GLU A 48 -44.30 -6.29 3.99
N ARG A 49 -43.53 -6.92 4.88
CA ARG A 49 -42.47 -6.21 5.59
C ARG A 49 -41.50 -5.56 4.62
N LEU A 50 -41.06 -6.32 3.61
CA LEU A 50 -40.12 -5.80 2.60
C LEU A 50 -40.79 -4.72 1.75
N ASN A 51 -42.03 -4.97 1.34
CA ASN A 51 -42.74 -4.01 0.53
C ASN A 51 -42.98 -2.71 1.29
N ASN A 52 -43.15 -2.78 2.61
CA ASN A 52 -43.39 -1.56 3.40
C ASN A 52 -42.09 -0.83 3.71
N LEU A 53 -41.00 -1.58 3.88
CA LEU A 53 -39.70 -1.00 4.17
C LEU A 53 -39.10 -0.34 2.94
N LEU A 54 -39.15 -1.07 1.84
CA LEU A 54 -38.56 -0.63 0.59
C LEU A 54 -39.41 0.34 -0.21
N ASP A 55 -38.75 1.19 -0.98
CA ASP A 55 -39.44 2.14 -1.82
C ASP A 55 -40.36 1.33 -2.72
N PRO A 56 -41.55 1.87 -2.99
CA PRO A 56 -42.55 1.23 -3.84
C PRO A 56 -41.95 0.65 -5.13
N HIS A 57 -42.21 -0.63 -5.38
CA HIS A 57 -41.74 -1.30 -6.59
C HIS A 57 -40.24 -1.47 -6.74
N SER A 58 -39.46 -1.19 -5.71
CA SER A 58 -38.00 -1.33 -5.85
C SER A 58 -37.45 -2.70 -5.52
N PHE A 59 -38.23 -3.54 -4.88
CA PHE A 59 -37.74 -4.86 -4.53
C PHE A 59 -37.47 -5.74 -5.76
N ASP A 60 -36.22 -6.17 -5.91
CA ASP A 60 -35.80 -7.04 -6.99
C ASP A 60 -35.41 -8.32 -6.27
N GLU A 61 -36.30 -9.30 -6.28
CA GLU A 61 -36.06 -10.56 -5.57
C GLU A 61 -35.08 -11.55 -6.19
N VAL A 62 -34.29 -12.17 -5.33
CA VAL A 62 -33.35 -13.19 -5.79
C VAL A 62 -33.74 -14.51 -5.13
N GLY A 63 -33.82 -15.56 -5.92
CA GLY A 63 -34.14 -16.86 -5.36
C GLY A 63 -35.56 -17.17 -4.94
N ALA A 64 -36.55 -16.57 -5.58
CA ALA A 64 -37.94 -16.87 -5.24
C ALA A 64 -38.14 -18.36 -5.49
N PHE A 65 -37.55 -18.86 -6.57
CA PHE A 65 -37.70 -20.26 -6.94
C PHE A 65 -36.61 -21.15 -6.39
N ARG A 66 -35.82 -20.63 -5.46
CA ARG A 66 -34.74 -21.42 -4.87
C ARG A 66 -35.39 -22.46 -3.97
N LYS A 67 -34.87 -23.69 -3.98
CA LYS A 67 -35.43 -24.76 -3.17
C LYS A 67 -34.38 -25.51 -2.36
N HIS A 68 -34.77 -25.96 -1.17
CA HIS A 68 -33.88 -26.72 -0.30
C HIS A 68 -33.49 -28.00 -1.06
N ARG A 69 -32.34 -28.58 -0.70
CA ARG A 69 -31.90 -29.81 -1.34
C ARG A 69 -32.04 -30.96 -0.36
N THR A 70 -32.35 -30.63 0.89
CA THR A 70 -32.52 -31.61 1.94
C THR A 70 -33.62 -32.61 1.62
N THR A 71 -33.46 -33.84 2.10
CA THR A 71 -34.44 -34.89 1.84
C THR A 71 -34.88 -35.71 3.05
N LEU A 72 -34.09 -35.73 4.10
CA LEU A 72 -34.43 -36.50 5.29
C LEU A 72 -35.64 -35.94 6.03
N PHE A 73 -36.28 -36.80 6.82
CA PHE A 73 -37.44 -36.45 7.62
C PHE A 73 -38.50 -35.56 6.98
N GLY A 74 -38.97 -35.96 5.79
CA GLY A 74 -40.01 -35.20 5.12
C GLY A 74 -39.59 -34.11 4.14
N MET A 75 -38.39 -33.58 4.29
CA MET A 75 -37.92 -32.51 3.39
C MET A 75 -38.01 -32.91 1.93
N ASP A 76 -37.73 -34.18 1.65
CA ASP A 76 -37.79 -34.72 0.29
C ASP A 76 -39.13 -34.42 -0.38
N LYS A 77 -40.19 -34.44 0.41
CA LYS A 77 -41.54 -34.21 -0.09
C LYS A 77 -42.03 -32.79 0.11
N ALA A 78 -41.54 -32.16 1.17
CA ALA A 78 -41.93 -30.80 1.53
C ALA A 78 -41.75 -29.74 0.43
N VAL A 79 -42.73 -28.86 0.35
CA VAL A 79 -42.70 -27.74 -0.60
C VAL A 79 -42.53 -26.53 0.29
N VAL A 80 -41.33 -25.96 0.28
CA VAL A 80 -40.96 -24.83 1.11
C VAL A 80 -40.64 -23.62 0.22
N PRO A 81 -41.64 -22.77 -0.06
CA PRO A 81 -41.49 -21.58 -0.91
C PRO A 81 -40.34 -20.68 -0.50
N ALA A 82 -39.43 -20.41 -1.44
CA ALA A 82 -38.26 -19.52 -1.21
C ALA A 82 -37.44 -20.01 -0.03
N ASP A 83 -37.68 -21.28 0.34
CA ASP A 83 -37.09 -21.94 1.50
C ASP A 83 -37.31 -21.11 2.77
N GLY A 84 -38.41 -20.35 2.80
CA GLY A 84 -38.74 -19.59 3.99
C GLY A 84 -38.09 -18.25 4.21
N VAL A 85 -37.42 -17.72 3.21
CA VAL A 85 -36.81 -16.41 3.35
C VAL A 85 -36.91 -15.70 2.00
N VAL A 86 -37.27 -14.43 2.06
CA VAL A 86 -37.42 -13.63 0.86
C VAL A 86 -36.22 -12.72 0.85
N THR A 87 -35.42 -12.82 -0.20
CA THR A 87 -34.18 -12.05 -0.30
C THR A 87 -34.05 -11.28 -1.61
N GLY A 88 -33.34 -10.17 -1.55
CA GLY A 88 -33.13 -9.42 -2.76
C GLY A 88 -32.58 -8.06 -2.46
N ARG A 89 -32.76 -7.17 -3.40
CA ARG A 89 -32.29 -5.81 -3.21
C ARG A 89 -33.40 -4.85 -3.53
N GLY A 90 -33.34 -3.67 -2.92
CA GLY A 90 -34.35 -2.68 -3.17
C GLY A 90 -33.70 -1.37 -2.85
N THR A 91 -34.52 -0.34 -2.63
CA THR A 91 -34.00 0.96 -2.28
C THR A 91 -34.85 1.51 -1.15
N ILE A 92 -34.24 2.35 -0.33
CA ILE A 92 -34.95 3.01 0.76
C ILE A 92 -34.57 4.45 0.53
N LEU A 93 -35.56 5.28 0.19
CA LEU A 93 -35.34 6.66 -0.16
C LEU A 93 -34.29 6.72 -1.26
N GLY A 94 -34.39 5.80 -2.21
CA GLY A 94 -33.47 5.77 -3.33
C GLY A 94 -32.12 5.13 -3.06
N ARG A 95 -31.80 4.84 -1.80
CA ARG A 95 -30.52 4.23 -1.47
C ARG A 95 -30.58 2.73 -1.67
N PRO A 96 -29.65 2.18 -2.44
CA PRO A 96 -29.64 0.72 -2.66
C PRO A 96 -29.39 -0.01 -1.34
N VAL A 97 -30.18 -1.05 -1.09
CA VAL A 97 -29.98 -1.87 0.10
C VAL A 97 -30.29 -3.31 -0.28
N HIS A 98 -29.81 -4.24 0.54
CA HIS A 98 -30.09 -5.65 0.35
C HIS A 98 -30.87 -6.02 1.57
N ALA A 99 -31.81 -6.92 1.42
CA ALA A 99 -32.65 -7.29 2.53
C ALA A 99 -33.11 -8.72 2.47
N ALA A 100 -33.44 -9.25 3.63
CA ALA A 100 -33.94 -10.61 3.74
C ALA A 100 -35.10 -10.49 4.70
N SER A 101 -36.06 -11.39 4.55
CA SER A 101 -37.23 -11.37 5.40
C SER A 101 -37.66 -12.81 5.56
N GLN A 102 -37.51 -13.34 6.77
CA GLN A 102 -37.89 -14.71 7.08
C GLN A 102 -39.41 -14.84 7.04
N ASP A 103 -39.86 -15.91 6.39
CA ASP A 103 -41.28 -16.17 6.25
C ASP A 103 -41.73 -17.20 7.26
N PHE A 104 -42.30 -16.73 8.36
CA PHE A 104 -42.76 -17.63 9.40
C PHE A 104 -43.83 -18.59 8.87
N THR A 105 -44.56 -18.20 7.83
CA THR A 105 -45.62 -19.08 7.31
C THR A 105 -45.10 -20.34 6.63
N VAL A 106 -43.80 -20.37 6.34
CA VAL A 106 -43.18 -21.51 5.69
C VAL A 106 -42.29 -22.27 6.69
N MET A 107 -42.80 -23.40 7.18
CA MET A 107 -42.09 -24.21 8.18
C MET A 107 -41.66 -23.37 9.37
N GLY A 108 -42.59 -22.56 9.88
CA GLY A 108 -42.30 -21.72 11.03
C GLY A 108 -41.09 -20.82 10.82
N GLY A 109 -40.75 -20.57 9.56
CA GLY A 109 -39.59 -19.73 9.27
C GLY A 109 -38.32 -20.39 9.77
N SER A 110 -38.36 -21.69 9.98
CA SER A 110 -37.19 -22.44 10.46
C SER A 110 -35.99 -22.19 9.55
N ALA A 111 -34.80 -22.16 10.13
CA ALA A 111 -33.58 -21.92 9.36
C ALA A 111 -33.09 -23.08 8.50
N GLY A 112 -33.66 -23.19 7.31
CA GLY A 112 -33.22 -24.24 6.42
C GLY A 112 -31.83 -23.90 5.91
N GLU A 113 -31.09 -24.94 5.56
CA GLU A 113 -29.75 -24.81 5.02
C GLU A 113 -29.77 -23.85 3.85
N THR A 114 -30.68 -24.08 2.91
CA THR A 114 -30.81 -23.25 1.72
C THR A 114 -31.23 -21.82 2.08
N GLN A 115 -32.14 -21.71 3.04
CA GLN A 115 -32.60 -20.40 3.52
C GLN A 115 -31.37 -19.59 3.97
N SER A 116 -30.54 -20.23 4.80
CA SER A 116 -29.35 -19.58 5.31
C SER A 116 -28.38 -19.24 4.19
N THR A 117 -28.34 -20.09 3.16
CA THR A 117 -27.46 -19.86 2.02
C THR A 117 -27.95 -18.64 1.26
N LYS A 118 -29.27 -18.51 1.15
CA LYS A 118 -29.85 -17.36 0.46
C LYS A 118 -29.50 -16.09 1.21
N VAL A 119 -29.61 -16.14 2.53
CA VAL A 119 -29.31 -14.97 3.34
C VAL A 119 -27.83 -14.60 3.20
N VAL A 120 -26.94 -15.58 3.34
CA VAL A 120 -25.52 -15.31 3.22
C VAL A 120 -25.18 -14.72 1.83
N GLU A 121 -25.79 -15.28 0.79
CA GLU A 121 -25.53 -14.79 -0.55
C GLU A 121 -25.97 -13.35 -0.67
N THR A 122 -27.12 -13.02 -0.10
CA THR A 122 -27.61 -11.65 -0.14
C THR A 122 -26.66 -10.74 0.66
N MET A 123 -26.17 -11.25 1.78
CA MET A 123 -25.24 -10.46 2.60
C MET A 123 -23.95 -10.26 1.81
N GLU A 124 -23.50 -11.31 1.12
CA GLU A 124 -22.29 -11.21 0.33
C GLU A 124 -22.48 -10.18 -0.79
N GLN A 125 -23.70 -10.05 -1.31
CA GLN A 125 -23.99 -9.06 -2.36
C GLN A 125 -23.92 -7.67 -1.73
N ALA A 126 -24.44 -7.55 -0.51
CA ALA A 126 -24.41 -6.27 0.20
C ALA A 126 -22.95 -5.88 0.42
N LEU A 127 -22.15 -6.83 0.87
CA LEU A 127 -20.72 -6.59 1.09
C LEU A 127 -20.02 -6.20 -0.22
N LEU A 128 -20.25 -6.99 -1.25
CA LEU A 128 -19.65 -6.78 -2.56
C LEU A 128 -20.01 -5.42 -3.19
N THR A 129 -21.26 -4.97 -3.01
CA THR A 129 -21.69 -3.70 -3.59
C THR A 129 -21.66 -2.53 -2.58
N GLY A 130 -21.21 -2.82 -1.36
CA GLY A 130 -21.15 -1.79 -0.33
C GLY A 130 -22.48 -1.18 0.05
N THR A 131 -23.50 -2.00 0.27
CA THR A 131 -24.82 -1.48 0.64
C THR A 131 -25.25 -2.04 1.99
N PRO A 132 -26.14 -1.31 2.68
CA PRO A 132 -26.61 -1.78 3.98
C PRO A 132 -27.37 -3.09 3.79
N PHE A 133 -27.48 -3.87 4.86
CA PHE A 133 -28.20 -5.13 4.84
C PHE A 133 -29.21 -5.10 5.97
N LEU A 134 -30.48 -5.29 5.63
CA LEU A 134 -31.53 -5.29 6.64
C LEU A 134 -32.15 -6.67 6.61
N PHE A 135 -32.50 -7.19 7.78
CA PHE A 135 -33.03 -8.54 7.86
C PHE A 135 -34.18 -8.62 8.85
N PHE A 136 -35.35 -9.06 8.37
CA PHE A 136 -36.49 -9.24 9.27
C PHE A 136 -36.43 -10.70 9.73
N TYR A 137 -36.23 -10.90 11.03
CA TYR A 137 -36.17 -12.23 11.60
C TYR A 137 -37.55 -12.57 12.14
N ASP A 138 -37.97 -13.81 11.90
CA ASP A 138 -39.27 -14.30 12.32
C ASP A 138 -39.14 -15.80 12.10
N SER A 139 -38.55 -16.49 13.07
CA SER A 139 -38.30 -17.91 12.94
C SER A 139 -38.48 -18.72 14.20
N GLY A 140 -39.09 -19.89 14.05
CA GLY A 140 -39.30 -20.77 15.18
C GLY A 140 -37.98 -21.41 15.55
N GLY A 141 -36.94 -21.15 14.76
CA GLY A 141 -35.64 -21.71 15.06
C GLY A 141 -35.01 -22.55 13.98
N ALA A 142 -34.12 -23.45 14.40
CA ALA A 142 -33.42 -24.33 13.49
C ALA A 142 -34.39 -25.29 12.86
N ARG A 143 -34.12 -25.66 11.61
CA ARG A 143 -34.98 -26.62 10.93
C ARG A 143 -34.43 -27.98 11.37
N ILE A 144 -35.00 -28.48 12.46
CA ILE A 144 -34.58 -29.74 13.04
C ILE A 144 -34.49 -30.88 12.05
N GLN A 145 -35.40 -30.91 11.07
CA GLN A 145 -35.40 -31.98 10.08
C GLN A 145 -34.11 -32.08 9.30
N GLU A 146 -33.40 -30.96 9.16
CA GLU A 146 -32.17 -30.95 8.38
C GLU A 146 -30.93 -31.17 9.24
N GLY A 147 -31.14 -31.39 10.53
CA GLY A 147 -30.02 -31.65 11.44
C GLY A 147 -28.84 -30.70 11.31
N ILE A 148 -27.66 -31.26 11.08
CA ILE A 148 -26.44 -30.46 10.99
C ILE A 148 -26.37 -29.54 9.78
N ASP A 149 -27.18 -29.79 8.76
CA ASP A 149 -27.20 -28.92 7.58
C ASP A 149 -27.78 -27.56 8.01
N SER A 150 -28.77 -27.61 8.89
CA SER A 150 -29.38 -26.38 9.40
C SER A 150 -28.37 -25.68 10.29
N LEU A 151 -27.67 -26.45 11.12
CA LEU A 151 -26.67 -25.90 12.02
C LEU A 151 -25.57 -25.21 11.23
N SER A 152 -25.14 -25.85 10.15
CA SER A 152 -24.10 -25.30 9.28
C SER A 152 -24.53 -23.97 8.69
N GLY A 153 -25.80 -23.86 8.34
CA GLY A 153 -26.33 -22.64 7.78
C GLY A 153 -26.13 -21.49 8.75
N TYR A 154 -26.43 -21.72 10.02
CA TYR A 154 -26.26 -20.69 11.04
C TYR A 154 -24.81 -20.26 11.10
N GLY A 155 -23.92 -21.25 11.09
CA GLY A 155 -22.50 -20.94 11.15
C GLY A 155 -22.08 -20.00 10.05
N LYS A 156 -22.50 -20.30 8.81
CA LYS A 156 -22.16 -19.46 7.66
C LYS A 156 -22.74 -18.08 7.85
N MET A 157 -23.95 -18.01 8.39
CA MET A 157 -24.57 -16.73 8.60
C MET A 157 -23.81 -15.92 9.63
N PHE A 158 -23.46 -16.55 10.76
CA PHE A 158 -22.71 -15.83 11.79
C PHE A 158 -21.40 -15.34 11.21
N PHE A 159 -20.72 -16.19 10.47
CA PHE A 159 -19.45 -15.82 9.89
C PHE A 159 -19.65 -14.64 8.95
N ALA A 160 -20.76 -14.66 8.21
CA ALA A 160 -21.06 -13.57 7.29
C ALA A 160 -21.36 -12.28 8.05
N ASN A 161 -22.11 -12.37 9.15
CA ASN A 161 -22.42 -11.15 9.91
C ASN A 161 -21.13 -10.48 10.36
N VAL A 162 -20.14 -11.29 10.74
CA VAL A 162 -18.89 -10.75 11.21
C VAL A 162 -18.10 -10.19 10.06
N LYS A 163 -18.20 -10.84 8.91
CA LYS A 163 -17.47 -10.42 7.73
C LYS A 163 -17.98 -9.04 7.33
N LEU A 164 -19.30 -8.85 7.42
CA LEU A 164 -19.90 -7.56 7.07
C LEU A 164 -19.76 -6.54 8.18
N SER A 165 -19.46 -7.00 9.40
CA SER A 165 -19.37 -6.10 10.53
C SER A 165 -18.40 -4.97 10.34
N GLY A 166 -18.89 -3.74 10.49
CA GLY A 166 -18.04 -2.59 10.33
C GLY A 166 -17.75 -2.21 8.88
N VAL A 167 -18.36 -2.92 7.93
CA VAL A 167 -18.14 -2.61 6.49
C VAL A 167 -19.43 -2.00 5.94
N VAL A 168 -20.53 -2.71 6.13
CA VAL A 168 -21.84 -2.20 5.71
C VAL A 168 -22.75 -2.31 6.95
N PRO A 169 -23.62 -1.31 7.18
CA PRO A 169 -24.50 -1.38 8.36
C PRO A 169 -25.41 -2.59 8.24
N GLN A 170 -25.62 -3.26 9.37
CA GLN A 170 -26.50 -4.42 9.42
C GLN A 170 -27.59 -4.12 10.45
N ILE A 171 -28.83 -4.14 9.98
CA ILE A 171 -29.95 -3.87 10.85
C ILE A 171 -30.82 -5.10 10.94
N ALA A 172 -31.07 -5.55 12.15
CA ALA A 172 -31.92 -6.72 12.35
C ALA A 172 -33.24 -6.23 12.91
N ILE A 173 -34.34 -6.73 12.37
CA ILE A 173 -35.65 -6.37 12.86
C ILE A 173 -36.25 -7.71 13.27
N ILE A 174 -36.37 -7.91 14.58
CA ILE A 174 -36.93 -9.15 15.12
C ILE A 174 -38.43 -8.89 15.17
N ALA A 175 -39.17 -9.53 14.27
CA ALA A 175 -40.60 -9.30 14.18
C ALA A 175 -41.42 -10.55 14.43
N GLY A 176 -40.86 -11.45 15.21
CA GLY A 176 -41.52 -12.70 15.56
C GLY A 176 -40.56 -13.48 16.42
N PRO A 177 -40.69 -14.81 16.50
CA PRO A 177 -39.77 -15.58 17.33
C PRO A 177 -38.38 -15.57 16.72
N CYS A 178 -37.38 -15.70 17.58
CA CYS A 178 -36.00 -15.79 17.15
C CYS A 178 -35.43 -16.60 18.30
N ALA A 179 -35.67 -17.90 18.25
CA ALA A 179 -35.27 -18.80 19.32
C ALA A 179 -34.00 -19.57 19.11
N GLY A 180 -33.27 -19.74 20.21
CA GLY A 180 -32.03 -20.49 20.18
C GLY A 180 -30.87 -19.71 19.62
N GLY A 181 -29.84 -20.44 19.19
CA GLY A 181 -28.64 -19.85 18.63
C GLY A 181 -28.92 -18.90 17.49
N ALA A 182 -30.12 -18.96 16.91
CA ALA A 182 -30.48 -18.08 15.82
C ALA A 182 -30.29 -16.62 16.27
N SER A 183 -30.49 -16.39 17.57
CA SER A 183 -30.37 -15.08 18.18
C SER A 183 -29.01 -14.46 18.00
N TYR A 184 -27.99 -15.29 17.81
CA TYR A 184 -26.65 -14.76 17.63
C TYR A 184 -26.46 -13.96 16.35
N SER A 185 -27.24 -14.23 15.31
CA SER A 185 -27.06 -13.46 14.08
C SER A 185 -27.45 -12.00 14.39
N PRO A 186 -28.65 -11.78 14.97
CA PRO A 186 -29.03 -10.40 15.28
C PRO A 186 -28.00 -9.76 16.22
N ALA A 187 -27.45 -10.56 17.12
CA ALA A 187 -26.46 -10.05 18.07
C ALA A 187 -25.20 -9.61 17.35
N LEU A 188 -24.95 -10.19 16.17
CA LEU A 188 -23.77 -9.87 15.39
C LEU A 188 -24.02 -8.73 14.40
N THR A 189 -25.27 -8.30 14.25
CA THR A 189 -25.56 -7.18 13.36
C THR A 189 -25.30 -5.94 14.21
N ASP A 190 -25.54 -4.76 13.67
CA ASP A 190 -25.28 -3.54 14.43
C ASP A 190 -26.40 -3.06 15.33
N PHE A 191 -27.64 -3.22 14.86
CA PHE A 191 -28.79 -2.78 15.64
C PHE A 191 -29.92 -3.76 15.54
N ILE A 192 -30.54 -4.01 16.69
CA ILE A 192 -31.67 -4.91 16.73
C ILE A 192 -32.89 -4.07 17.08
N ILE A 193 -33.87 -4.08 16.19
CA ILE A 193 -35.13 -3.39 16.43
C ILE A 193 -36.05 -4.56 16.72
N MET A 194 -36.65 -4.57 17.89
CA MET A 194 -37.50 -5.68 18.26
C MET A 194 -38.94 -5.25 18.49
N THR A 195 -39.88 -5.93 17.87
CA THR A 195 -41.29 -5.58 18.07
C THR A 195 -41.81 -6.22 19.35
N LYS A 196 -42.94 -5.70 19.84
CA LYS A 196 -43.52 -6.24 21.05
C LYS A 196 -44.19 -7.59 20.81
N LYS A 197 -44.21 -8.02 19.55
CA LYS A 197 -44.79 -9.31 19.22
C LYS A 197 -43.68 -10.36 19.21
N ALA A 198 -42.43 -9.91 19.20
CA ALA A 198 -41.29 -10.82 19.15
C ALA A 198 -40.80 -11.35 20.48
N HIS A 199 -40.09 -12.47 20.41
CA HIS A 199 -39.47 -13.07 21.58
C HIS A 199 -38.13 -13.64 21.14
N MET A 200 -37.15 -13.56 22.03
CA MET A 200 -35.82 -14.04 21.71
C MET A 200 -35.12 -14.54 22.96
N PHE A 201 -34.36 -15.63 22.80
CA PHE A 201 -33.61 -16.21 23.92
C PHE A 201 -32.80 -17.40 23.41
N ILE A 202 -31.71 -17.70 24.10
CA ILE A 202 -30.86 -18.82 23.71
C ILE A 202 -31.53 -20.10 24.19
N THR A 203 -31.94 -20.11 25.45
CA THR A 203 -32.59 -21.27 26.05
C THR A 203 -34.01 -20.87 26.47
N GLY A 204 -35.01 -21.52 25.89
CA GLY A 204 -36.39 -21.21 26.19
C GLY A 204 -36.87 -21.48 27.62
N PRO A 205 -38.07 -21.01 27.97
CA PRO A 205 -38.65 -21.20 29.31
C PRO A 205 -38.77 -22.68 29.73
N GLN A 206 -39.11 -23.54 28.77
CA GLN A 206 -39.30 -24.96 29.04
C GLN A 206 -38.02 -25.67 29.46
N VAL A 207 -36.93 -25.42 28.77
CA VAL A 207 -35.67 -26.06 29.12
C VAL A 207 -35.17 -25.46 30.44
N ILE A 208 -35.36 -24.16 30.61
CA ILE A 208 -34.93 -23.49 31.84
C ILE A 208 -35.62 -24.13 33.05
N LYS A 209 -36.93 -24.36 32.93
CA LYS A 209 -37.69 -24.98 34.01
C LYS A 209 -37.13 -26.37 34.26
N SER A 210 -37.08 -27.18 33.20
CA SER A 210 -36.58 -28.54 33.30
C SER A 210 -35.21 -28.64 33.94
N VAL A 211 -34.34 -27.67 33.66
CA VAL A 211 -32.99 -27.71 34.18
C VAL A 211 -32.76 -27.02 35.52
N THR A 212 -33.30 -25.83 35.70
CA THR A 212 -33.09 -25.09 36.95
C THR A 212 -34.36 -24.98 37.79
N GLY A 213 -35.47 -25.45 37.25
CA GLY A 213 -36.73 -25.38 37.97
C GLY A 213 -37.33 -23.97 37.91
N GLU A 214 -36.54 -23.02 37.42
CA GLU A 214 -37.00 -21.64 37.32
C GLU A 214 -38.24 -21.52 36.45
N ASP A 215 -39.17 -20.67 36.87
CA ASP A 215 -40.41 -20.46 36.16
C ASP A 215 -40.49 -19.06 35.56
N VAL A 216 -40.60 -18.98 34.25
CA VAL A 216 -40.71 -17.69 33.55
C VAL A 216 -41.46 -17.87 32.24
N THR A 217 -42.17 -16.82 31.82
CA THR A 217 -42.92 -16.89 30.58
C THR A 217 -41.99 -16.43 29.46
N ALA A 218 -42.34 -16.77 28.24
CA ALA A 218 -41.54 -16.39 27.08
C ALA A 218 -41.38 -14.89 26.99
N ASP A 219 -42.44 -14.16 27.36
CA ASP A 219 -42.40 -12.71 27.31
C ASP A 219 -41.54 -12.12 28.43
N GLU A 220 -41.60 -12.71 29.62
CA GLU A 220 -40.79 -12.21 30.74
C GLU A 220 -39.33 -12.51 30.46
N LEU A 221 -39.09 -13.69 29.90
CA LEU A 221 -37.75 -14.16 29.59
C LEU A 221 -37.09 -13.44 28.42
N GLY A 222 -37.80 -13.35 27.29
CA GLY A 222 -37.23 -12.76 26.11
C GLY A 222 -38.12 -11.87 25.26
N GLY A 223 -39.00 -11.12 25.90
CA GLY A 223 -39.85 -10.21 25.17
C GLY A 223 -39.01 -8.97 24.99
N ALA A 224 -39.45 -8.06 24.12
CA ALA A 224 -38.71 -6.84 23.83
C ALA A 224 -38.28 -6.02 25.06
N GLU A 225 -39.18 -5.87 26.04
CA GLU A 225 -38.84 -5.08 27.21
C GLU A 225 -37.75 -5.70 28.08
N ALA A 226 -37.74 -7.02 28.16
CA ALA A 226 -36.73 -7.73 28.94
C ALA A 226 -35.36 -7.50 28.28
N HIS A 227 -35.29 -7.70 26.97
CA HIS A 227 -34.03 -7.52 26.26
C HIS A 227 -33.54 -6.10 26.33
N MET A 228 -34.47 -5.15 26.20
CA MET A 228 -34.11 -3.75 26.26
C MET A 228 -33.59 -3.30 27.62
N ALA A 229 -34.43 -3.45 28.65
CA ALA A 229 -34.13 -3.00 30.00
C ALA A 229 -33.22 -3.86 30.85
N ILE A 230 -33.30 -5.17 30.68
CA ILE A 230 -32.52 -6.08 31.50
C ILE A 230 -31.29 -6.69 30.84
N SER A 231 -31.51 -7.40 29.73
CA SER A 231 -30.42 -8.07 29.02
C SER A 231 -29.43 -7.18 28.30
N GLY A 232 -29.87 -6.02 27.84
CA GLY A 232 -29.01 -5.11 27.12
C GLY A 232 -28.72 -5.63 25.71
N ASN A 233 -29.55 -6.55 25.23
CA ASN A 233 -29.38 -7.18 23.92
C ASN A 233 -29.86 -6.40 22.70
N ILE A 234 -30.81 -5.49 22.88
CA ILE A 234 -31.36 -4.79 21.73
C ILE A 234 -31.26 -3.27 21.76
N HIS A 235 -31.54 -2.64 20.62
CA HIS A 235 -31.40 -1.20 20.51
C HIS A 235 -32.67 -0.39 20.39
N PHE A 236 -33.73 -1.02 19.92
CA PHE A 236 -35.00 -0.33 19.79
C PHE A 236 -36.13 -1.29 20.05
N VAL A 237 -37.17 -0.79 20.72
CA VAL A 237 -38.37 -1.57 20.97
C VAL A 237 -39.40 -0.92 20.04
N ALA A 238 -40.03 -1.72 19.19
CA ALA A 238 -41.03 -1.19 18.27
C ALA A 238 -42.40 -1.73 18.66
N GLU A 239 -43.41 -0.87 18.60
CA GLU A 239 -44.77 -1.28 18.93
C GLU A 239 -45.19 -2.48 18.08
N ASP A 240 -44.98 -2.36 16.78
CA ASP A 240 -45.33 -3.39 15.82
C ASP A 240 -44.48 -3.23 14.57
N ASP A 241 -44.77 -4.03 13.55
CA ASP A 241 -44.03 -3.98 12.31
C ASP A 241 -44.02 -2.61 11.67
N ASP A 242 -45.17 -1.95 11.63
CA ASP A 242 -45.22 -0.61 11.05
C ASP A 242 -44.23 0.30 11.79
N ALA A 243 -44.26 0.23 13.12
CA ALA A 243 -43.35 1.07 13.92
C ALA A 243 -41.89 0.65 13.67
N ALA A 244 -41.65 -0.65 13.60
CA ALA A 244 -40.30 -1.18 13.37
C ALA A 244 -39.77 -0.70 12.03
N GLU A 245 -40.62 -0.74 11.01
CA GLU A 245 -40.22 -0.28 9.68
C GLU A 245 -39.85 1.19 9.67
N LEU A 246 -40.64 2.02 10.37
CA LEU A 246 -40.32 3.45 10.44
C LEU A 246 -39.00 3.66 11.19
N ILE A 247 -38.79 2.88 12.24
CA ILE A 247 -37.56 3.01 13.01
C ILE A 247 -36.38 2.62 12.15
N ALA A 248 -36.53 1.53 11.41
CA ALA A 248 -35.46 1.07 10.54
C ALA A 248 -35.10 2.18 9.57
N LYS A 249 -36.09 2.82 8.97
CA LYS A 249 -35.80 3.90 8.02
C LYS A 249 -35.16 5.08 8.72
N LYS A 250 -35.70 5.45 9.88
CA LYS A 250 -35.15 6.56 10.63
C LYS A 250 -33.70 6.28 11.02
N LEU A 251 -33.45 5.07 11.52
CA LEU A 251 -32.09 4.68 11.90
C LEU A 251 -31.18 4.71 10.69
N LEU A 252 -31.63 4.11 9.59
CA LEU A 252 -30.82 4.05 8.38
C LEU A 252 -30.48 5.43 7.84
N SER A 253 -31.40 6.39 8.00
CA SER A 253 -31.17 7.74 7.51
C SER A 253 -29.90 8.38 8.08
N PHE A 254 -29.47 7.94 9.27
CA PHE A 254 -28.25 8.48 9.89
C PHE A 254 -26.96 7.81 9.44
N LEU A 255 -27.09 6.69 8.73
CA LEU A 255 -25.93 5.92 8.35
C LEU A 255 -25.53 5.98 6.91
N PRO A 256 -24.22 5.80 6.65
CA PRO A 256 -23.72 5.81 5.29
C PRO A 256 -24.03 4.42 4.73
N GLN A 257 -23.84 4.24 3.43
CA GLN A 257 -24.07 2.95 2.78
C GLN A 257 -23.03 1.92 3.24
N ASN A 258 -21.82 2.41 3.49
CA ASN A 258 -20.74 1.54 3.90
C ASN A 258 -19.65 2.34 4.59
N ASN A 259 -18.64 1.66 5.11
CA ASN A 259 -17.60 2.33 5.85
C ASN A 259 -16.66 3.21 5.07
N THR A 260 -16.84 3.32 3.75
CA THR A 260 -15.93 4.18 3.00
C THR A 260 -16.53 5.58 2.90
N GLU A 261 -17.75 5.75 3.41
CA GLU A 261 -18.42 7.05 3.30
C GLU A 261 -18.95 7.57 4.62
N GLU A 262 -19.22 8.88 4.65
CA GLU A 262 -19.82 9.49 5.81
C GLU A 262 -21.30 9.57 5.37
N ALA A 263 -22.23 9.53 6.31
CA ALA A 263 -23.65 9.58 5.92
C ALA A 263 -23.98 10.88 5.19
N SER A 264 -24.87 10.79 4.21
CA SER A 264 -25.30 11.97 3.48
C SER A 264 -26.04 12.89 4.45
N PHE A 265 -25.81 14.19 4.31
CA PHE A 265 -26.46 15.16 5.17
C PHE A 265 -27.96 15.11 4.94
N VAL A 266 -28.73 15.41 5.98
CA VAL A 266 -30.19 15.41 5.85
C VAL A 266 -30.81 16.66 6.45
N ASN A 267 -31.70 17.31 5.70
CA ASN A 267 -32.41 18.48 6.17
C ASN A 267 -31.56 19.33 7.11
N PRO A 268 -30.44 19.86 6.62
CA PRO A 268 -29.62 20.66 7.52
C PRO A 268 -30.27 21.91 8.08
N ASN A 269 -30.04 22.13 9.37
CA ASN A 269 -30.49 23.35 10.02
C ASN A 269 -29.15 24.02 10.21
N ASN A 270 -28.86 25.03 9.40
CA ASN A 270 -27.57 25.68 9.48
C ASN A 270 -27.42 26.79 10.51
N ASP A 271 -28.49 27.09 11.24
CA ASP A 271 -28.42 28.13 12.24
C ASP A 271 -27.77 27.64 13.53
N VAL A 272 -26.86 28.42 14.08
CA VAL A 272 -26.22 28.05 15.34
C VAL A 272 -26.31 29.21 16.33
N SER A 273 -27.42 29.95 16.25
CA SER A 273 -27.67 31.10 17.12
C SER A 273 -27.65 30.70 18.59
N PRO A 274 -27.29 31.63 19.46
CA PRO A 274 -27.25 31.31 20.90
C PRO A 274 -28.65 30.96 21.39
N ASN A 275 -28.72 30.10 22.40
CA ASN A 275 -30.00 29.78 22.98
C ASN A 275 -29.82 29.89 24.48
N THR A 276 -30.23 31.02 25.03
CA THR A 276 -30.08 31.27 26.47
C THR A 276 -30.76 30.24 27.36
N GLU A 277 -31.73 29.52 26.83
CA GLU A 277 -32.44 28.52 27.61
C GLU A 277 -31.48 27.42 28.09
N LEU A 278 -30.41 27.19 27.34
CA LEU A 278 -29.45 26.19 27.72
C LEU A 278 -28.81 26.53 29.06
N ARG A 279 -28.82 27.81 29.43
CA ARG A 279 -28.25 28.23 30.70
C ARG A 279 -29.06 27.81 31.92
N ASP A 280 -30.34 27.50 31.70
CA ASP A 280 -31.22 27.17 32.81
C ASP A 280 -31.60 25.73 32.99
N ILE A 281 -31.03 24.86 32.18
CA ILE A 281 -31.37 23.46 32.26
C ILE A 281 -30.56 22.73 33.33
N VAL A 282 -29.28 23.05 33.42
CA VAL A 282 -28.43 22.41 34.40
C VAL A 282 -28.32 23.23 35.68
N PRO A 283 -28.81 22.68 36.80
CA PRO A 283 -28.77 23.37 38.08
C PRO A 283 -27.35 23.62 38.58
N ILE A 284 -27.13 24.78 39.19
CA ILE A 284 -25.82 25.08 39.72
C ILE A 284 -25.64 24.24 40.99
N ASP A 285 -26.77 23.87 41.58
CA ASP A 285 -26.76 23.04 42.77
C ASP A 285 -26.50 21.60 42.32
N GLY A 286 -25.29 21.12 42.59
CA GLY A 286 -24.91 19.78 42.18
C GLY A 286 -25.81 18.65 42.67
N LYS A 287 -26.62 18.94 43.68
CA LYS A 287 -27.52 17.92 44.21
C LYS A 287 -28.77 17.76 43.37
N LYS A 288 -29.03 18.74 42.51
CA LYS A 288 -30.21 18.70 41.66
C LYS A 288 -29.92 18.08 40.30
N GLY A 289 -30.77 17.15 39.89
CA GLY A 289 -30.59 16.52 38.60
C GLY A 289 -31.40 17.26 37.55
N TYR A 290 -31.45 16.69 36.35
CA TYR A 290 -32.21 17.27 35.24
C TYR A 290 -32.17 16.20 34.17
N ASP A 291 -32.90 16.41 33.08
CA ASP A 291 -32.91 15.43 32.00
C ASP A 291 -31.97 15.95 30.92
N VAL A 292 -30.85 15.28 30.74
CA VAL A 292 -29.87 15.73 29.75
C VAL A 292 -30.44 15.80 28.33
N ARG A 293 -31.54 15.10 28.09
CA ARG A 293 -32.15 15.14 26.77
C ARG A 293 -32.67 16.56 26.47
N ASP A 294 -32.92 17.32 27.53
CA ASP A 294 -33.39 18.69 27.33
C ASP A 294 -32.22 19.48 26.76
N VAL A 295 -31.01 19.13 27.20
CA VAL A 295 -29.83 19.81 26.67
C VAL A 295 -29.65 19.40 25.20
N ILE A 296 -29.68 18.09 24.94
CA ILE A 296 -29.54 17.56 23.59
C ILE A 296 -30.52 18.21 22.62
N ALA A 297 -31.78 18.29 23.03
CA ALA A 297 -32.83 18.87 22.20
C ALA A 297 -32.53 20.28 21.72
N LYS A 298 -31.86 21.09 22.54
CA LYS A 298 -31.58 22.46 22.14
C LYS A 298 -30.31 22.58 21.30
N ILE A 299 -29.52 21.53 21.28
CA ILE A 299 -28.25 21.48 20.56
C ILE A 299 -28.34 20.91 19.14
N VAL A 300 -29.13 19.85 18.97
CA VAL A 300 -29.23 19.18 17.67
C VAL A 300 -30.28 19.78 16.74
N ASP A 301 -30.08 19.60 15.44
CA ASP A 301 -31.00 20.11 14.44
C ASP A 301 -32.43 19.69 14.72
N TRP A 302 -33.31 20.69 14.75
CA TRP A 302 -34.74 20.51 14.95
C TRP A 302 -35.09 19.83 16.25
N GLY A 303 -34.13 19.72 17.16
CA GLY A 303 -34.39 19.05 18.42
C GLY A 303 -34.59 17.56 18.18
N ASP A 304 -34.29 17.11 16.97
CA ASP A 304 -34.47 15.71 16.60
C ASP A 304 -33.32 14.77 16.94
N TYR A 305 -33.63 13.68 17.62
CA TYR A 305 -32.61 12.69 17.94
C TYR A 305 -33.27 11.34 18.04
N LEU A 306 -32.49 10.31 17.79
CA LEU A 306 -32.99 8.95 17.86
C LEU A 306 -32.17 8.20 18.89
N GLU A 307 -32.73 8.00 20.08
CA GLU A 307 -32.01 7.30 21.12
C GLU A 307 -31.82 5.84 20.76
N VAL A 308 -30.63 5.35 21.05
CA VAL A 308 -30.26 3.96 20.82
C VAL A 308 -30.27 3.34 22.22
N LYS A 309 -30.87 2.16 22.37
CA LYS A 309 -30.96 1.49 23.67
C LYS A 309 -31.57 2.46 24.68
N ALA A 310 -32.59 3.19 24.25
CA ALA A 310 -33.24 4.19 25.09
C ALA A 310 -33.69 3.66 26.44
N GLY A 311 -34.13 2.40 26.48
CA GLY A 311 -34.62 1.83 27.73
C GLY A 311 -33.62 1.03 28.55
N TYR A 312 -32.36 1.05 28.14
CA TYR A 312 -31.32 0.31 28.85
C TYR A 312 -30.31 1.27 29.43
N ALA A 313 -29.82 0.99 30.63
CA ALA A 313 -28.82 1.83 31.29
C ALA A 313 -29.12 3.29 30.99
N THR A 314 -30.27 3.74 31.46
CA THR A 314 -30.75 5.09 31.22
C THR A 314 -29.94 6.16 31.91
N ASN A 315 -28.96 5.76 32.71
CA ASN A 315 -28.05 6.70 33.36
C ASN A 315 -27.08 7.27 32.30
N LEU A 316 -27.13 6.70 31.10
CA LEU A 316 -26.27 7.17 30.01
C LEU A 316 -27.07 7.15 28.72
N VAL A 317 -27.10 8.29 28.05
CA VAL A 317 -27.84 8.42 26.80
C VAL A 317 -26.95 8.32 25.58
N THR A 318 -27.33 7.47 24.62
CA THR A 318 -26.61 7.37 23.35
C THR A 318 -27.67 7.62 22.28
N ALA A 319 -27.48 8.64 21.46
CA ALA A 319 -28.48 8.93 20.43
C ALA A 319 -27.88 9.47 19.15
N PHE A 320 -28.51 9.15 18.02
CA PHE A 320 -28.08 9.68 16.75
C PHE A 320 -28.83 10.99 16.62
N ALA A 321 -28.19 11.99 16.03
CA ALA A 321 -28.83 13.29 15.85
C ALA A 321 -28.04 13.92 14.73
N ARG A 322 -28.32 15.17 14.41
CA ARG A 322 -27.56 15.85 13.38
C ARG A 322 -27.24 17.25 13.81
N VAL A 323 -26.13 17.76 13.29
CA VAL A 323 -25.76 19.12 13.55
C VAL A 323 -25.47 19.66 12.15
N ASN A 324 -26.23 20.67 11.76
CA ASN A 324 -26.05 21.23 10.41
C ASN A 324 -26.22 20.11 9.37
N GLY A 325 -27.14 19.18 9.62
CA GLY A 325 -27.39 18.10 8.66
C GLY A 325 -26.52 16.85 8.72
N ARG A 326 -25.44 16.95 9.47
CA ARG A 326 -24.46 15.87 9.63
C ARG A 326 -24.83 14.90 10.74
N SER A 327 -24.79 13.60 10.44
CA SER A 327 -25.06 12.60 11.46
C SER A 327 -23.98 12.68 12.52
N VAL A 328 -24.40 12.66 13.78
CA VAL A 328 -23.44 12.63 14.88
C VAL A 328 -24.01 11.66 15.89
N GLY A 329 -23.15 11.12 16.72
CA GLY A 329 -23.61 10.22 17.76
C GLY A 329 -23.42 11.01 19.04
N ILE A 330 -24.44 11.06 19.88
CA ILE A 330 -24.34 11.80 21.13
C ILE A 330 -24.26 10.81 22.29
N VAL A 331 -23.31 11.04 23.19
CA VAL A 331 -23.13 10.20 24.37
C VAL A 331 -23.21 11.17 25.54
N ALA A 332 -24.21 10.98 26.40
CA ALA A 332 -24.42 11.91 27.50
C ALA A 332 -24.86 11.27 28.81
N ASN A 333 -24.24 11.69 29.90
CA ASN A 333 -24.62 11.18 31.21
C ASN A 333 -26.02 11.74 31.51
N GLN A 334 -26.84 10.94 32.17
CA GLN A 334 -28.22 11.32 32.50
C GLN A 334 -28.26 11.55 34.02
N PRO A 335 -28.06 12.79 34.47
CA PRO A 335 -28.07 13.09 35.91
C PRO A 335 -29.36 12.74 36.64
N SER A 336 -30.46 12.62 35.91
CA SER A 336 -31.74 12.30 36.52
C SER A 336 -31.85 10.80 36.86
N VAL A 337 -30.85 10.03 36.44
CA VAL A 337 -30.82 8.60 36.74
C VAL A 337 -29.52 8.22 37.42
N MET A 338 -29.62 7.63 38.61
CA MET A 338 -28.44 7.20 39.39
C MET A 338 -27.43 8.33 39.51
N SER A 339 -27.95 9.56 39.56
CA SER A 339 -27.13 10.75 39.65
C SER A 339 -26.14 10.83 38.50
N GLY A 340 -26.44 10.15 37.40
CA GLY A 340 -25.54 10.21 36.26
C GLY A 340 -24.32 9.30 36.36
N CYS A 341 -24.27 8.47 37.39
CA CYS A 341 -23.14 7.56 37.54
C CYS A 341 -23.06 6.63 36.35
N LEU A 342 -21.84 6.26 36.00
CA LEU A 342 -21.64 5.29 34.95
C LEU A 342 -21.60 4.00 35.75
N ASP A 343 -21.98 2.90 35.12
CA ASP A 343 -21.94 1.61 35.77
C ASP A 343 -21.62 0.59 34.69
N ILE A 344 -21.58 -0.67 35.07
CA ILE A 344 -21.27 -1.74 34.14
C ILE A 344 -22.07 -1.68 32.86
N ASN A 345 -23.40 -1.59 33.00
CA ASN A 345 -24.27 -1.59 31.84
C ASN A 345 -24.12 -0.35 30.95
N ALA A 346 -24.01 0.82 31.56
CA ALA A 346 -23.88 2.04 30.78
C ALA A 346 -22.55 2.03 30.03
N SER A 347 -21.55 1.35 30.61
CA SER A 347 -20.24 1.28 29.98
C SER A 347 -20.34 0.51 28.67
N ASP A 348 -21.06 -0.62 28.69
CA ASP A 348 -21.25 -1.42 27.49
C ASP A 348 -22.06 -0.60 26.47
N LYS A 349 -23.13 0.00 26.96
CA LYS A 349 -23.99 0.80 26.10
C LYS A 349 -23.21 1.90 25.40
N ALA A 350 -22.38 2.59 26.16
CA ALA A 350 -21.59 3.66 25.58
C ALA A 350 -20.55 3.11 24.59
N ALA A 351 -19.79 2.12 25.02
CA ALA A 351 -18.73 1.54 24.20
C ALA A 351 -19.21 1.00 22.88
N GLU A 352 -20.35 0.29 22.88
CA GLU A 352 -20.84 -0.26 21.63
C GLU A 352 -21.21 0.85 20.66
N PHE A 353 -21.84 1.91 21.17
CA PHE A 353 -22.26 3.03 20.34
C PHE A 353 -21.04 3.76 19.76
N VAL A 354 -20.06 3.97 20.62
CA VAL A 354 -18.83 4.66 20.22
C VAL A 354 -18.14 3.84 19.12
N ASN A 355 -18.00 2.53 19.33
CA ASN A 355 -17.36 1.66 18.36
C ASN A 355 -18.07 1.68 17.02
N PHE A 356 -19.40 1.60 17.07
CA PHE A 356 -20.18 1.61 15.85
C PHE A 356 -19.99 2.93 15.12
N CYS A 357 -20.19 4.03 15.83
CA CYS A 357 -20.03 5.34 15.21
C CYS A 357 -18.66 5.46 14.56
N ASP A 358 -17.63 5.01 15.26
CA ASP A 358 -16.28 5.07 14.70
C ASP A 358 -16.18 4.23 13.41
N SER A 359 -16.77 3.04 13.42
CA SER A 359 -16.74 2.15 12.24
C SER A 359 -17.36 2.79 11.02
N PHE A 360 -18.42 3.58 11.24
CA PHE A 360 -19.09 4.19 10.13
C PHE A 360 -18.93 5.69 9.97
N ASN A 361 -17.81 6.19 10.49
CA ASN A 361 -17.45 7.58 10.29
C ASN A 361 -18.45 8.60 10.82
N ILE A 362 -19.07 8.29 11.95
CA ILE A 362 -20.02 9.21 12.55
C ILE A 362 -19.33 9.88 13.73
N PRO A 363 -19.23 11.22 13.70
CA PRO A 363 -18.57 11.96 14.79
C PRO A 363 -19.24 11.69 16.13
N LEU A 364 -18.47 11.79 17.21
CA LEU A 364 -18.99 11.54 18.55
C LEU A 364 -19.00 12.78 19.40
N VAL A 365 -20.17 13.12 19.93
CA VAL A 365 -20.35 14.30 20.77
C VAL A 365 -20.73 13.89 22.18
N GLN A 366 -19.89 14.28 23.15
CA GLN A 366 -20.10 13.94 24.55
C GLN A 366 -20.60 15.13 25.36
N LEU A 367 -21.59 14.89 26.21
CA LEU A 367 -22.14 15.89 27.11
C LEU A 367 -21.86 15.25 28.47
N VAL A 368 -20.97 15.86 29.24
CA VAL A 368 -20.54 15.28 30.49
C VAL A 368 -21.06 15.86 31.80
N ASP A 369 -21.59 14.98 32.62
CA ASP A 369 -22.07 15.35 33.96
C ASP A 369 -22.12 14.01 34.68
N VAL A 370 -20.95 13.58 35.14
CA VAL A 370 -20.81 12.28 35.77
C VAL A 370 -20.02 12.43 37.06
N PRO A 371 -20.57 11.94 38.19
CA PRO A 371 -19.92 12.03 39.50
C PRO A 371 -18.97 10.89 39.82
N GLY A 372 -18.90 9.91 38.92
CA GLY A 372 -18.02 8.78 39.14
C GLY A 372 -18.76 7.52 38.76
N PHE A 373 -18.17 6.38 39.03
CA PHE A 373 -18.83 5.12 38.75
C PHE A 373 -19.72 4.79 39.93
N LEU A 374 -20.75 3.99 39.67
CA LEU A 374 -21.71 3.60 40.69
C LEU A 374 -21.08 2.76 41.80
N PRO A 375 -21.10 3.27 43.03
CA PRO A 375 -20.50 2.50 44.13
C PRO A 375 -21.39 1.30 44.41
N GLY A 376 -20.78 0.14 44.59
CA GLY A 376 -21.55 -1.05 44.88
C GLY A 376 -20.69 -2.29 44.82
N VAL A 377 -20.84 -3.16 45.80
CA VAL A 377 -20.04 -4.38 45.81
C VAL A 377 -20.27 -5.15 44.52
N GLN A 378 -21.51 -5.18 44.04
CA GLN A 378 -21.81 -5.91 42.81
C GLN A 378 -21.23 -5.25 41.54
N GLN A 379 -20.99 -3.95 41.58
CA GLN A 379 -20.36 -3.31 40.42
C GLN A 379 -18.93 -3.85 40.37
N GLU A 380 -18.29 -3.92 41.52
CA GLU A 380 -16.93 -4.44 41.60
C GLU A 380 -16.89 -5.93 41.23
N TYR A 381 -17.76 -6.73 41.83
CA TYR A 381 -17.81 -8.16 41.52
C TYR A 381 -18.30 -8.44 40.12
N GLY A 382 -19.00 -7.46 39.54
CA GLY A 382 -19.52 -7.65 38.21
C GLY A 382 -18.49 -7.32 37.14
N GLY A 383 -17.32 -6.85 37.57
CA GLY A 383 -16.27 -6.51 36.62
C GLY A 383 -16.37 -5.12 36.02
N ILE A 384 -16.65 -4.12 36.85
CA ILE A 384 -16.74 -2.76 36.36
C ILE A 384 -15.36 -2.40 35.79
N ILE A 385 -14.32 -3.04 36.32
CA ILE A 385 -12.97 -2.76 35.84
C ILE A 385 -12.87 -3.09 34.36
N ARG A 386 -13.22 -4.31 33.96
CA ARG A 386 -13.10 -4.64 32.54
C ARG A 386 -14.23 -4.07 31.69
N HIS A 387 -15.39 -3.81 32.29
CA HIS A 387 -16.49 -3.22 31.53
C HIS A 387 -16.28 -1.73 31.32
N GLY A 388 -15.87 -1.02 32.36
CA GLY A 388 -15.63 0.40 32.26
C GLY A 388 -14.51 0.65 31.28
N ALA A 389 -13.54 -0.26 31.25
CA ALA A 389 -12.41 -0.13 30.34
C ALA A 389 -12.86 -0.10 28.89
N LYS A 390 -14.04 -0.67 28.59
CA LYS A 390 -14.55 -0.67 27.21
C LYS A 390 -14.77 0.74 26.67
N MET A 391 -15.23 1.64 27.54
CA MET A 391 -15.47 3.01 27.10
C MET A 391 -14.13 3.67 26.81
N LEU A 392 -13.15 3.43 27.67
CA LEU A 392 -11.83 4.01 27.49
C LEU A 392 -11.21 3.45 26.20
N TYR A 393 -11.40 2.16 25.97
CA TYR A 393 -10.86 1.55 24.78
C TYR A 393 -11.58 2.09 23.54
N ALA A 394 -12.92 2.08 23.55
CA ALA A 394 -13.67 2.53 22.37
C ALA A 394 -13.29 3.96 21.97
N TYR A 395 -13.27 4.88 22.93
CA TYR A 395 -12.91 6.25 22.63
C TYR A 395 -11.44 6.40 22.24
N SER A 396 -10.56 5.69 22.93
CA SER A 396 -9.13 5.79 22.64
C SER A 396 -8.82 5.26 21.24
N GLU A 397 -9.58 4.27 20.81
CA GLU A 397 -9.39 3.66 19.50
C GLU A 397 -10.08 4.47 18.40
N ALA A 398 -11.14 5.18 18.74
CA ALA A 398 -11.90 5.93 17.74
C ALA A 398 -11.09 7.02 17.06
N THR A 399 -11.28 7.14 15.75
CA THR A 399 -10.58 8.17 15.00
C THR A 399 -11.55 9.17 14.37
N VAL A 400 -12.85 9.00 14.55
CA VAL A 400 -13.80 9.98 14.01
C VAL A 400 -13.63 11.21 14.90
N PRO A 401 -14.15 12.36 14.46
CA PRO A 401 -14.02 13.55 15.30
C PRO A 401 -14.72 13.25 16.64
N LYS A 402 -14.12 13.71 17.74
CA LYS A 402 -14.69 13.49 19.06
C LYS A 402 -14.73 14.86 19.75
N ILE A 403 -15.94 15.31 20.05
CA ILE A 403 -16.19 16.61 20.66
C ILE A 403 -16.84 16.40 22.01
N THR A 404 -16.28 17.00 23.05
CA THR A 404 -16.79 16.81 24.40
C THR A 404 -17.14 18.12 25.06
N VAL A 405 -18.32 18.17 25.68
CA VAL A 405 -18.75 19.36 26.39
C VAL A 405 -19.02 18.93 27.83
N VAL A 406 -18.31 19.51 28.77
CA VAL A 406 -18.50 19.16 30.17
C VAL A 406 -19.55 20.13 30.71
N LEU A 407 -20.73 19.59 31.00
CA LEU A 407 -21.81 20.41 31.52
C LEU A 407 -21.62 20.70 33.00
N ARG A 408 -21.28 19.66 33.74
CA ARG A 408 -21.13 19.83 35.17
C ARG A 408 -20.09 18.89 35.78
N LYS A 409 -20.52 17.85 36.48
CA LYS A 409 -19.55 16.95 37.10
C LYS A 409 -18.72 16.14 36.11
N ALA A 410 -17.43 16.00 36.41
CA ALA A 410 -16.51 15.23 35.56
C ALA A 410 -15.44 14.71 36.51
N TYR A 411 -15.82 13.69 37.29
CA TYR A 411 -14.96 13.10 38.29
C TYR A 411 -14.19 11.84 37.95
N GLY A 412 -12.89 11.89 38.27
CA GLY A 412 -12.01 10.76 38.08
C GLY A 412 -12.09 10.01 36.76
N GLY A 413 -11.91 8.70 36.85
CA GLY A 413 -11.95 7.89 35.66
C GLY A 413 -13.23 7.99 34.84
N SER A 414 -14.35 8.37 35.48
CA SER A 414 -15.60 8.45 34.71
C SER A 414 -15.55 9.63 33.74
N TYR A 415 -14.76 10.66 34.06
CA TYR A 415 -14.60 11.81 33.17
C TYR A 415 -13.71 11.38 32.00
N LEU A 416 -12.72 10.54 32.29
CA LEU A 416 -11.83 10.06 31.23
C LEU A 416 -12.63 9.16 30.30
N ALA A 417 -13.53 8.37 30.88
CA ALA A 417 -14.37 7.46 30.12
C ALA A 417 -15.30 8.21 29.17
N MET A 418 -15.57 9.48 29.48
CA MET A 418 -16.43 10.30 28.63
C MET A 418 -15.62 11.06 27.60
N CYS A 419 -14.43 10.54 27.36
CA CYS A 419 -13.54 11.07 26.33
C CYS A 419 -13.05 12.49 26.48
N ASN A 420 -12.03 12.68 27.32
CA ASN A 420 -11.47 14.01 27.50
C ASN A 420 -10.37 14.13 26.45
N ARG A 421 -9.58 15.19 26.47
CA ARG A 421 -8.55 15.33 25.46
C ARG A 421 -7.52 14.21 25.47
N ASP A 422 -7.20 13.70 26.64
CA ASP A 422 -6.22 12.61 26.74
C ASP A 422 -6.68 11.35 26.02
N LEU A 423 -8.00 11.20 25.86
CA LEU A 423 -8.52 10.03 25.15
C LEU A 423 -8.72 10.41 23.68
N GLY A 424 -8.20 11.56 23.29
CA GLY A 424 -8.30 11.96 21.90
C GLY A 424 -9.44 12.88 21.48
N ALA A 425 -10.14 13.48 22.44
CA ALA A 425 -11.20 14.41 22.06
C ALA A 425 -10.51 15.50 21.27
N ASP A 426 -11.07 15.86 20.13
CA ASP A 426 -10.49 16.90 19.28
C ASP A 426 -10.78 18.30 19.79
N ALA A 427 -11.88 18.44 20.52
CA ALA A 427 -12.28 19.70 21.12
C ALA A 427 -13.04 19.38 22.40
N VAL A 428 -12.72 20.12 23.45
CA VAL A 428 -13.37 19.95 24.74
C VAL A 428 -13.76 21.34 25.24
N TYR A 429 -15.02 21.49 25.61
CA TYR A 429 -15.52 22.77 26.10
C TYR A 429 -16.09 22.59 27.48
N ALA A 430 -15.88 23.57 28.35
CA ALA A 430 -16.43 23.50 29.70
C ALA A 430 -17.50 24.57 29.90
N TRP A 431 -18.64 24.15 30.44
CA TRP A 431 -19.68 25.12 30.80
C TRP A 431 -19.13 25.75 32.07
N PRO A 432 -19.65 26.92 32.48
CA PRO A 432 -19.14 27.55 33.72
C PRO A 432 -19.37 26.69 34.94
N SER A 433 -20.25 25.71 34.80
CA SER A 433 -20.59 24.82 35.89
C SER A 433 -19.75 23.54 35.85
N ALA A 434 -18.81 23.46 34.92
CA ALA A 434 -18.00 22.25 34.81
C ALA A 434 -17.13 22.05 36.04
N GLU A 435 -17.10 20.82 36.54
CA GLU A 435 -16.30 20.50 37.69
C GLU A 435 -15.48 19.25 37.42
N ILE A 436 -14.43 19.41 36.61
CA ILE A 436 -13.53 18.31 36.29
C ILE A 436 -12.64 18.19 37.52
N ALA A 437 -12.50 16.98 38.04
CA ALA A 437 -11.72 16.83 39.26
C ALA A 437 -11.29 15.40 39.50
N VAL A 438 -10.15 15.24 40.17
CA VAL A 438 -9.65 13.92 40.51
C VAL A 438 -10.35 13.48 41.79
N MET A 439 -10.94 14.45 42.49
CA MET A 439 -11.68 14.21 43.73
C MET A 439 -12.36 15.50 44.22
N GLY A 440 -13.48 15.36 44.93
CA GLY A 440 -14.19 16.54 45.43
C GLY A 440 -13.28 17.33 46.35
N ALA A 441 -13.50 18.64 46.45
CA ALA A 441 -12.67 19.49 47.30
C ALA A 441 -12.75 19.09 48.77
N GLU A 442 -13.95 18.76 49.24
CA GLU A 442 -14.13 18.36 50.63
C GLU A 442 -13.31 17.13 50.97
N GLY A 443 -13.49 16.07 50.20
CA GLY A 443 -12.76 14.83 50.44
C GLY A 443 -11.26 15.04 50.31
N ALA A 444 -10.87 15.80 49.29
CA ALA A 444 -9.46 16.04 49.07
C ALA A 444 -8.86 16.81 50.23
N ALA A 445 -9.51 17.89 50.65
CA ALA A 445 -9.00 18.71 51.76
C ALA A 445 -8.91 17.91 53.05
N ASN A 446 -9.90 17.06 53.31
CA ASN A 446 -9.89 16.26 54.52
C ASN A 446 -8.66 15.38 54.59
N VAL A 447 -8.30 14.77 53.48
CA VAL A 447 -7.12 13.91 53.45
C VAL A 447 -5.82 14.69 53.47
N ILE A 448 -5.66 15.59 52.50
CA ILE A 448 -4.46 16.40 52.40
C ILE A 448 -4.11 17.12 53.70
N PHE A 449 -5.12 17.74 54.31
CA PHE A 449 -4.89 18.49 55.54
C PHE A 449 -5.40 17.81 56.80
N ARG A 450 -5.53 16.50 56.75
CA ARG A 450 -5.98 15.70 57.90
C ARG A 450 -5.32 16.21 59.18
N LYS A 451 -3.99 16.14 59.20
CA LYS A 451 -3.22 16.56 60.35
C LYS A 451 -3.41 18.02 60.71
N GLU A 452 -3.23 18.93 59.74
CA GLU A 452 -3.39 20.36 59.98
C GLU A 452 -4.71 20.64 60.69
N ILE A 453 -5.79 20.10 60.13
CA ILE A 453 -7.13 20.30 60.68
C ILE A 453 -7.29 19.74 62.09
N LYS A 454 -6.94 18.48 62.27
CA LYS A 454 -7.06 17.84 63.58
C LYS A 454 -6.42 18.65 64.70
N ALA A 455 -5.16 19.03 64.50
CA ALA A 455 -4.40 19.78 65.49
C ALA A 455 -4.73 21.27 65.57
N ALA A 456 -5.54 21.76 64.63
CA ALA A 456 -5.89 23.18 64.64
C ALA A 456 -6.77 23.56 65.82
N ASP A 457 -6.58 24.80 66.29
CA ASP A 457 -7.35 25.33 67.41
C ASP A 457 -8.82 25.43 66.98
N ASP A 458 -9.02 25.77 65.71
CA ASP A 458 -10.37 25.87 65.15
C ASP A 458 -10.42 25.07 63.84
N PRO A 459 -10.73 23.77 63.93
CA PRO A 459 -10.81 22.87 62.78
C PRO A 459 -11.80 23.32 61.70
N ASP A 460 -13.02 23.64 62.10
CA ASP A 460 -14.04 24.06 61.16
C ASP A 460 -13.56 25.17 60.22
N ALA A 461 -13.01 26.24 60.79
CA ALA A 461 -12.52 27.36 59.99
C ALA A 461 -11.41 26.92 59.04
N MET A 462 -10.50 26.07 59.53
CA MET A 462 -9.40 25.59 58.71
C MET A 462 -9.91 24.66 57.60
N ARG A 463 -10.70 23.65 57.97
CA ARG A 463 -11.22 22.73 56.99
C ARG A 463 -11.89 23.48 55.84
N ALA A 464 -12.94 24.25 56.15
CA ALA A 464 -13.66 25.01 55.14
C ALA A 464 -12.67 25.82 54.32
N GLU A 465 -11.64 26.31 55.01
CA GLU A 465 -10.57 27.08 54.40
C GLU A 465 -9.84 26.23 53.35
N LYS A 466 -9.39 25.05 53.76
CA LYS A 466 -8.68 24.17 52.85
C LYS A 466 -9.54 23.69 51.68
N ILE A 467 -10.79 23.38 51.96
CA ILE A 467 -11.73 22.93 50.94
C ILE A 467 -11.86 23.96 49.82
N GLU A 468 -12.17 25.21 50.18
CA GLU A 468 -12.30 26.27 49.20
C GLU A 468 -10.99 26.39 48.43
N GLU A 469 -9.87 26.21 49.15
CA GLU A 469 -8.54 26.29 48.56
C GLU A 469 -8.34 25.21 47.49
N TYR A 470 -8.73 23.99 47.80
CA TYR A 470 -8.59 22.89 46.86
C TYR A 470 -9.54 23.14 45.67
N GLN A 471 -10.77 23.50 46.01
CA GLN A 471 -11.81 23.78 45.03
C GLN A 471 -11.32 24.76 43.99
N ASN A 472 -10.81 25.91 44.43
CA ASN A 472 -10.33 26.92 43.50
C ASN A 472 -9.00 26.57 42.83
N ALA A 473 -8.22 25.68 43.44
CA ALA A 473 -6.93 25.31 42.85
C ALA A 473 -7.06 24.29 41.70
N PHE A 474 -8.09 23.46 41.75
CA PHE A 474 -8.22 22.41 40.74
C PHE A 474 -9.56 22.19 40.07
N ASN A 475 -10.63 22.42 40.81
CA ASN A 475 -11.95 22.07 40.34
C ASN A 475 -12.88 23.06 39.68
N THR A 476 -12.33 24.14 39.15
CA THR A 476 -13.16 25.11 38.46
C THR A 476 -12.87 24.93 36.97
N PRO A 477 -13.76 25.46 36.10
CA PRO A 477 -13.58 25.35 34.66
C PRO A 477 -12.30 26.06 34.26
N TYR A 478 -12.00 27.13 34.99
CA TYR A 478 -10.82 27.93 34.70
C TYR A 478 -9.51 27.21 34.93
N VAL A 479 -9.47 26.27 35.86
CA VAL A 479 -8.24 25.55 36.08
C VAL A 479 -8.15 24.50 34.97
N ALA A 480 -9.26 23.85 34.67
CA ALA A 480 -9.23 22.85 33.59
C ALA A 480 -8.78 23.54 32.30
N ALA A 481 -9.22 24.78 32.09
CA ALA A 481 -8.82 25.53 30.91
C ALA A 481 -7.35 25.93 31.03
N ALA A 482 -6.94 26.31 32.25
CA ALA A 482 -5.56 26.71 32.49
C ALA A 482 -4.60 25.61 32.10
N ARG A 483 -5.00 24.37 32.39
CA ARG A 483 -4.15 23.21 32.09
C ARG A 483 -4.32 22.70 30.66
N GLY A 484 -5.22 23.32 29.90
CA GLY A 484 -5.41 22.88 28.53
C GLY A 484 -6.30 21.66 28.41
N GLN A 485 -6.94 21.26 29.51
CA GLN A 485 -7.84 20.13 29.47
C GLN A 485 -9.10 20.51 28.72
N VAL A 486 -9.40 21.81 28.65
CA VAL A 486 -10.54 22.21 27.86
C VAL A 486 -10.03 23.31 26.96
N ASP A 487 -10.61 23.39 25.77
CA ASP A 487 -10.23 24.41 24.77
C ASP A 487 -10.69 25.79 25.23
N ASP A 488 -11.80 25.82 25.94
CA ASP A 488 -12.37 27.10 26.35
C ASP A 488 -13.46 26.86 27.36
N VAL A 489 -13.79 27.90 28.12
CA VAL A 489 -14.88 27.82 29.06
C VAL A 489 -15.93 28.59 28.27
N ILE A 490 -17.11 28.01 28.13
CA ILE A 490 -18.11 28.64 27.31
C ILE A 490 -19.44 28.96 27.97
N ASP A 491 -20.14 29.89 27.35
CA ASP A 491 -21.48 30.28 27.78
C ASP A 491 -22.32 29.09 27.31
N PRO A 492 -23.12 28.50 28.22
CA PRO A 492 -23.95 27.35 27.84
C PRO A 492 -24.85 27.65 26.64
N ALA A 493 -25.20 28.91 26.45
CA ALA A 493 -26.06 29.31 25.33
C ALA A 493 -25.40 29.13 23.96
N ASP A 494 -24.07 29.01 23.94
CA ASP A 494 -23.32 28.86 22.68
C ASP A 494 -22.93 27.42 22.36
N THR A 495 -23.41 26.47 23.16
CA THR A 495 -23.02 25.10 22.97
C THR A 495 -23.22 24.57 21.55
N ARG A 496 -24.37 24.83 20.96
CA ARG A 496 -24.61 24.32 19.60
C ARG A 496 -23.56 24.84 18.63
N ARG A 497 -23.28 26.14 18.69
CA ARG A 497 -22.30 26.73 17.81
C ARG A 497 -20.91 26.11 18.04
N LYS A 498 -20.53 25.94 19.30
CA LYS A 498 -19.23 25.39 19.60
C LYS A 498 -19.05 23.99 19.01
N ILE A 499 -20.05 23.15 19.19
CA ILE A 499 -20.03 21.79 18.66
C ILE A 499 -20.05 21.81 17.14
N ALA A 500 -20.94 22.63 16.58
CA ALA A 500 -21.07 22.75 15.13
C ALA A 500 -19.78 23.19 14.48
N SER A 501 -19.13 24.19 15.07
CA SER A 501 -17.89 24.70 14.53
C SER A 501 -16.77 23.63 14.61
N ALA A 502 -16.74 22.89 15.71
CA ALA A 502 -15.72 21.85 15.87
C ALA A 502 -15.95 20.73 14.86
N LEU A 503 -17.21 20.37 14.66
CA LEU A 503 -17.53 19.32 13.70
C LEU A 503 -17.11 19.76 12.31
N GLU A 504 -17.40 21.02 11.96
CA GLU A 504 -17.04 21.52 10.65
C GLU A 504 -15.52 21.49 10.46
N MET A 505 -14.75 21.94 11.45
CA MET A 505 -13.30 21.93 11.25
C MET A 505 -12.73 20.53 11.26
N TYR A 506 -13.31 19.64 12.05
CA TYR A 506 -12.79 18.28 12.09
C TYR A 506 -13.41 17.36 11.05
N ALA A 507 -14.22 17.94 10.16
CA ALA A 507 -14.82 17.14 9.08
C ALA A 507 -13.69 16.58 8.20
N THR A 508 -12.53 17.21 8.23
CA THR A 508 -11.41 16.74 7.42
C THR A 508 -10.35 16.00 8.21
N LYS A 509 -10.69 15.59 9.43
CA LYS A 509 -9.74 14.88 10.28
C LYS A 509 -9.28 13.54 9.69
N ARG A 510 -7.97 13.33 9.68
CA ARG A 510 -7.36 12.09 9.19
C ARG A 510 -6.34 11.68 10.25
N GLN A 511 -6.69 10.66 11.01
CA GLN A 511 -5.86 10.20 12.10
C GLN A 511 -5.33 8.79 11.90
N THR A 512 -4.03 8.62 12.09
CA THR A 512 -3.39 7.31 11.90
C THR A 512 -3.33 6.51 13.21
N ARG A 513 -3.46 5.19 13.08
CA ARG A 513 -3.41 4.25 14.19
C ARG A 513 -2.34 3.20 13.92
N PRO A 514 -1.63 2.73 14.96
CA PRO A 514 -0.60 1.71 14.73
C PRO A 514 -1.21 0.56 13.93
N ALA A 515 -0.43 -0.06 13.06
CA ALA A 515 -0.95 -1.18 12.27
C ALA A 515 -1.19 -2.36 13.21
N LYS A 516 -2.30 -3.06 13.02
CA LYS A 516 -2.63 -4.19 13.88
C LYS A 516 -3.85 -4.90 13.30
N LYS A 517 -4.01 -6.18 13.61
CA LYS A 517 -5.19 -6.87 13.11
C LYS A 517 -6.35 -6.18 13.81
N HIS A 518 -6.19 -6.00 15.11
CA HIS A 518 -7.20 -5.34 15.91
C HIS A 518 -6.62 -5.22 17.29
N GLY A 519 -7.15 -4.28 18.07
CA GLY A 519 -6.66 -4.15 19.42
C GLY A 519 -7.35 -5.25 20.20
N ASN A 520 -7.17 -5.24 21.52
CA ASN A 520 -7.79 -6.26 22.34
C ASN A 520 -8.88 -5.58 23.15
N PHE A 521 -10.06 -5.51 22.55
CA PHE A 521 -11.21 -4.88 23.17
C PHE A 521 -11.59 -5.66 24.43
N PRO A 522 -11.75 -4.97 25.56
CA PRO A 522 -12.11 -5.70 26.78
C PRO A 522 -13.42 -6.44 26.61
N CYS A 523 -13.55 -7.57 27.31
CA CYS A 523 -14.75 -8.38 27.26
C CYS A 523 -15.55 -8.25 28.55
N LEU B 8 -17.10 32.35 42.70
CA LEU B 8 -17.89 32.55 41.46
C LEU B 8 -19.33 32.97 41.76
N ALA B 9 -20.15 33.07 40.73
CA ALA B 9 -21.54 33.48 40.89
C ALA B 9 -22.47 32.35 41.32
N SER B 10 -23.67 32.73 41.75
CA SER B 10 -24.66 31.77 42.21
C SER B 10 -25.59 31.28 41.12
N THR B 11 -25.80 32.08 40.08
CA THR B 11 -26.65 31.68 38.97
C THR B 11 -25.79 31.46 37.74
N MET B 12 -26.30 30.70 36.79
CA MET B 12 -25.55 30.44 35.57
C MET B 12 -25.34 31.79 34.87
N GLU B 13 -26.38 32.62 34.84
CA GLU B 13 -26.28 33.95 34.22
C GLU B 13 -25.13 34.73 34.84
N GLY B 14 -25.02 34.66 36.16
CA GLY B 14 -23.95 35.36 36.85
C GLY B 14 -22.59 34.82 36.43
N ARG B 15 -22.49 33.50 36.37
CA ARG B 15 -21.24 32.88 35.96
C ARG B 15 -20.92 33.20 34.50
N VAL B 16 -21.96 33.38 33.69
CA VAL B 16 -21.78 33.71 32.28
C VAL B 16 -21.21 35.12 32.16
N GLU B 17 -21.70 36.03 32.99
CA GLU B 17 -21.19 37.40 32.96
C GLU B 17 -19.76 37.40 33.50
N GLN B 18 -19.51 36.58 34.51
CA GLN B 18 -18.19 36.49 35.11
C GLN B 18 -17.23 35.98 34.02
N LEU B 19 -17.70 35.02 33.24
CA LEU B 19 -16.89 34.46 32.16
C LEU B 19 -16.56 35.55 31.13
N ALA B 20 -17.56 36.35 30.75
CA ALA B 20 -17.32 37.41 29.76
C ALA B 20 -16.29 38.41 30.29
N GLU B 21 -16.39 38.72 31.58
CA GLU B 21 -15.47 39.66 32.20
C GLU B 21 -14.04 39.10 32.16
N GLN B 22 -13.87 37.84 32.59
CA GLN B 22 -12.55 37.25 32.60
C GLN B 22 -11.98 37.12 31.18
N ARG B 23 -12.84 36.83 30.20
CA ARG B 23 -12.37 36.70 28.82
C ARG B 23 -11.91 38.06 28.31
N GLN B 24 -12.68 39.09 28.64
CA GLN B 24 -12.33 40.44 28.22
C GLN B 24 -10.97 40.77 28.81
N VAL B 25 -10.72 40.35 30.06
CA VAL B 25 -9.42 40.64 30.66
C VAL B 25 -8.31 39.90 29.89
N ILE B 26 -8.55 38.63 29.56
CA ILE B 26 -7.55 37.88 28.81
C ILE B 26 -7.28 38.57 27.48
N GLU B 27 -8.36 38.94 26.78
CA GLU B 27 -8.20 39.57 25.48
C GLU B 27 -7.51 40.91 25.51
N ALA B 28 -7.52 41.58 26.67
CA ALA B 28 -6.84 42.87 26.82
C ALA B 28 -5.33 42.68 26.80
N GLY B 29 -4.88 41.43 26.88
CA GLY B 29 -3.46 41.13 26.83
C GLY B 29 -2.61 41.80 27.91
N GLY B 30 -1.56 42.48 27.47
CA GLY B 30 -0.67 43.17 28.39
C GLY B 30 -1.22 44.49 28.92
N GLY B 31 -2.43 44.83 28.50
CA GLY B 31 -3.04 46.06 28.99
C GLY B 31 -3.06 47.26 28.07
N GLU B 32 -3.87 48.23 28.44
CA GLU B 32 -4.07 49.45 27.68
C GLU B 32 -2.79 50.15 27.20
N ARG B 33 -1.85 50.37 28.12
CA ARG B 33 -0.63 51.06 27.77
C ARG B 33 0.28 50.28 26.81
N ARG B 34 0.40 48.97 27.03
CA ARG B 34 1.25 48.18 26.15
C ARG B 34 0.61 48.08 24.78
N VAL B 35 -0.72 48.05 24.73
CA VAL B 35 -1.42 47.98 23.45
C VAL B 35 -1.20 49.30 22.71
N GLU B 36 -1.27 50.42 23.43
CA GLU B 36 -1.07 51.72 22.79
C GLU B 36 0.36 51.80 22.30
N LYS B 37 1.29 51.22 23.05
CA LYS B 37 2.68 51.22 22.64
C LYS B 37 2.82 50.40 21.35
N GLN B 38 2.17 49.24 21.30
CA GLN B 38 2.24 48.40 20.11
C GLN B 38 1.70 49.23 18.93
N HIS B 39 0.52 49.82 19.10
CA HIS B 39 -0.06 50.64 18.05
C HIS B 39 0.82 51.81 17.65
N SER B 40 1.44 52.46 18.62
CA SER B 40 2.29 53.60 18.31
C SER B 40 3.49 53.19 17.46
N GLN B 41 3.85 51.91 17.51
CA GLN B 41 4.99 51.45 16.70
C GLN B 41 4.51 51.01 15.32
N GLY B 42 3.27 51.38 14.97
CA GLY B 42 2.72 51.02 13.68
C GLY B 42 2.37 49.56 13.56
N LYS B 43 2.15 48.91 14.70
CA LYS B 43 1.84 47.49 14.73
C LYS B 43 0.45 47.17 15.28
N GLN B 44 -0.18 46.15 14.72
CA GLN B 44 -1.48 45.70 15.19
C GLN B 44 -1.22 44.76 16.37
N THR B 45 -2.25 44.51 17.15
CA THR B 45 -2.08 43.62 18.28
C THR B 45 -2.23 42.21 17.75
N ALA B 46 -1.89 41.25 18.58
CA ALA B 46 -1.98 39.85 18.19
C ALA B 46 -3.38 39.56 17.72
N ARG B 47 -4.36 40.06 18.48
CA ARG B 47 -5.75 39.80 18.15
C ARG B 47 -6.27 40.54 16.95
N GLU B 48 -5.76 41.76 16.71
CA GLU B 48 -6.17 42.51 15.53
C GLU B 48 -5.67 41.79 14.29
N ARG B 49 -4.46 41.23 14.38
CA ARG B 49 -3.86 40.52 13.25
C ARG B 49 -4.71 39.35 12.81
N LEU B 50 -5.16 38.53 13.76
CA LEU B 50 -6.01 37.39 13.43
C LEU B 50 -7.36 37.91 12.94
N ASN B 51 -7.86 38.95 13.60
CA ASN B 51 -9.15 39.49 13.18
C ASN B 51 -9.11 40.06 11.76
N ASN B 52 -7.95 40.57 11.35
CA ASN B 52 -7.83 41.11 10.00
C ASN B 52 -7.47 40.08 8.93
N LEU B 53 -6.75 39.04 9.33
CA LEU B 53 -6.37 37.99 8.38
C LEU B 53 -7.54 37.09 8.06
N LEU B 54 -8.22 36.64 9.11
CA LEU B 54 -9.32 35.71 8.99
C LEU B 54 -10.62 36.36 8.57
N ASP B 55 -11.49 35.56 7.96
CA ASP B 55 -12.79 36.06 7.52
C ASP B 55 -13.45 36.62 8.76
N PRO B 56 -14.24 37.70 8.61
CA PRO B 56 -14.93 38.33 9.73
C PRO B 56 -15.58 37.37 10.70
N HIS B 57 -15.21 37.50 11.97
CA HIS B 57 -15.77 36.69 13.03
C HIS B 57 -15.57 35.18 12.90
N SER B 58 -14.71 34.74 12.00
CA SER B 58 -14.47 33.31 11.83
C SER B 58 -13.51 32.71 12.88
N PHE B 59 -12.77 33.56 13.57
CA PHE B 59 -11.82 33.05 14.55
C PHE B 59 -12.47 32.32 15.73
N ASP B 60 -12.07 31.06 15.89
CA ASP B 60 -12.57 30.22 16.96
C ASP B 60 -11.30 29.92 17.78
N GLU B 61 -11.17 30.62 18.89
CA GLU B 61 -9.99 30.52 19.74
C GLU B 61 -9.88 29.33 20.68
N VAL B 62 -8.68 28.77 20.75
CA VAL B 62 -8.36 27.66 21.64
C VAL B 62 -7.34 28.13 22.67
N GLY B 63 -7.63 27.88 23.95
CA GLY B 63 -6.68 28.23 25.00
C GLY B 63 -6.57 29.68 25.44
N ALA B 64 -7.61 30.47 25.28
CA ALA B 64 -7.56 31.85 25.72
C ALA B 64 -7.27 31.79 27.23
N PHE B 65 -7.84 30.80 27.90
CA PHE B 65 -7.65 30.66 29.34
C PHE B 65 -6.51 29.72 29.73
N ARG B 66 -5.70 29.30 28.76
CA ARG B 66 -4.56 28.40 29.01
C ARG B 66 -3.54 29.20 29.79
N LYS B 67 -2.89 28.57 30.77
CA LYS B 67 -1.90 29.27 31.58
C LYS B 67 -0.62 28.49 31.72
N HIS B 68 0.49 29.23 31.89
CA HIS B 68 1.78 28.61 32.09
C HIS B 68 1.67 27.83 33.40
N ARG B 69 2.52 26.82 33.57
CA ARG B 69 2.50 26.02 34.79
C ARG B 69 3.82 26.26 35.54
N THR B 70 4.69 27.08 34.95
CA THR B 70 5.99 27.39 35.54
C THR B 70 5.79 28.25 36.80
N THR B 71 6.70 28.13 37.77
CA THR B 71 6.57 28.89 39.02
C THR B 71 7.83 29.65 39.44
N LEU B 72 8.99 29.18 38.99
CA LEU B 72 10.23 29.84 39.35
C LEU B 72 10.39 31.26 38.85
N PHE B 73 11.17 32.02 39.62
CA PHE B 73 11.49 33.40 39.32
C PHE B 73 10.34 34.31 38.92
N GLY B 74 9.32 34.34 39.76
CA GLY B 74 8.18 35.20 39.52
C GLY B 74 7.03 34.62 38.73
N MET B 75 7.29 33.56 37.97
CA MET B 75 6.21 32.96 37.17
C MET B 75 5.02 32.50 38.01
N ASP B 76 5.28 32.08 39.25
CA ASP B 76 4.18 31.61 40.08
C ASP B 76 3.10 32.65 40.31
N LYS B 77 3.49 33.92 40.32
CA LYS B 77 2.55 35.02 40.54
C LYS B 77 2.19 35.79 39.27
N ALA B 78 2.98 35.62 38.21
CA ALA B 78 2.74 36.32 36.96
C ALA B 78 1.44 35.94 36.26
N VAL B 79 0.70 36.95 35.82
CA VAL B 79 -0.54 36.74 35.09
C VAL B 79 -0.11 37.00 33.65
N VAL B 80 -0.06 35.94 32.87
CA VAL B 80 0.40 35.98 31.48
C VAL B 80 -0.75 35.47 30.61
N PRO B 81 -1.65 36.38 30.19
CA PRO B 81 -2.82 36.08 29.36
C PRO B 81 -2.54 35.23 28.11
N ALA B 82 -3.22 34.08 28.04
CA ALA B 82 -3.10 33.13 26.92
C ALA B 82 -1.64 32.72 26.72
N ASP B 83 -0.85 32.92 27.77
CA ASP B 83 0.58 32.70 27.77
C ASP B 83 1.28 33.39 26.60
N GLY B 84 0.69 34.50 26.15
CA GLY B 84 1.32 35.27 25.08
C GLY B 84 1.17 34.86 23.64
N VAL B 85 0.23 33.98 23.34
CA VAL B 85 -0.01 33.57 21.95
C VAL B 85 -1.49 33.27 21.82
N VAL B 86 -2.10 33.82 20.77
CA VAL B 86 -3.51 33.59 20.52
C VAL B 86 -3.56 32.54 19.42
N THR B 87 -4.25 31.44 19.69
CA THR B 87 -4.28 30.34 18.73
C THR B 87 -5.67 29.82 18.48
N GLY B 88 -5.88 29.27 17.29
CA GLY B 88 -7.18 28.71 16.98
C GLY B 88 -7.36 28.48 15.49
N ARG B 89 -8.61 28.43 15.08
CA ARG B 89 -8.91 28.22 13.70
C ARG B 89 -9.87 29.28 13.20
N GLY B 90 -9.85 29.51 11.90
CA GLY B 90 -10.73 30.48 11.30
C GLY B 90 -10.83 30.10 9.84
N THR B 91 -11.25 31.02 9.01
CA THR B 91 -11.31 30.75 7.58
C THR B 91 -10.74 31.93 6.85
N ILE B 92 -10.24 31.69 5.64
CA ILE B 92 -9.72 32.74 4.80
C ILE B 92 -10.42 32.46 3.48
N LEU B 93 -11.29 33.37 3.09
CA LEU B 93 -12.10 33.21 1.89
C LEU B 93 -12.83 31.88 1.99
N GLY B 94 -13.30 31.58 3.21
CA GLY B 94 -14.05 30.37 3.46
C GLY B 94 -13.24 29.10 3.61
N ARG B 95 -11.93 29.18 3.41
CA ARG B 95 -11.08 28.00 3.55
C ARG B 95 -10.65 27.86 4.99
N PRO B 96 -10.87 26.69 5.59
CA PRO B 96 -10.46 26.50 6.99
C PRO B 96 -8.96 26.62 7.11
N VAL B 97 -8.48 27.32 8.13
CA VAL B 97 -7.05 27.44 8.37
C VAL B 97 -6.83 27.46 9.88
N HIS B 98 -5.60 27.19 10.30
CA HIS B 98 -5.27 27.26 11.72
C HIS B 98 -4.28 28.39 11.82
N ALA B 99 -4.30 29.11 12.92
CA ALA B 99 -3.43 30.24 13.05
C ALA B 99 -2.99 30.48 14.48
N ALA B 100 -1.84 31.14 14.60
CA ALA B 100 -1.27 31.47 15.89
C ALA B 100 -0.85 32.93 15.75
N SER B 101 -0.88 33.67 16.85
CA SER B 101 -0.49 35.07 16.82
C SER B 101 0.18 35.44 18.16
N GLN B 102 1.49 35.62 18.14
CA GLN B 102 2.23 35.95 19.35
C GLN B 102 1.87 37.35 19.85
N ASP B 103 1.67 37.46 21.15
CA ASP B 103 1.28 38.71 21.77
C ASP B 103 2.46 39.38 22.46
N PHE B 104 3.04 40.36 21.79
CA PHE B 104 4.19 41.07 22.30
C PHE B 104 3.89 41.82 23.60
N THR B 105 2.63 42.15 23.84
CA THR B 105 2.27 42.90 25.05
C THR B 105 2.25 42.02 26.30
N VAL B 106 2.36 40.73 26.11
CA VAL B 106 2.35 39.81 27.25
C VAL B 106 3.78 39.30 27.39
N MET B 107 4.47 39.76 28.44
CA MET B 107 5.87 39.38 28.70
C MET B 107 6.71 39.45 27.43
N GLY B 108 6.53 40.54 26.68
CA GLY B 108 7.27 40.75 25.46
C GLY B 108 7.12 39.65 24.42
N GLY B 109 6.03 38.90 24.52
CA GLY B 109 5.81 37.82 23.57
C GLY B 109 6.86 36.75 23.75
N SER B 110 7.49 36.71 24.93
CA SER B 110 8.54 35.73 25.21
C SER B 110 7.98 34.33 25.01
N ALA B 111 8.80 33.43 24.50
CA ALA B 111 8.37 32.06 24.23
C ALA B 111 8.17 31.18 25.45
N GLY B 112 7.02 31.36 26.10
CA GLY B 112 6.72 30.52 27.24
C GLY B 112 6.60 29.08 26.80
N GLU B 113 6.86 28.18 27.74
CA GLU B 113 6.76 26.75 27.49
C GLU B 113 5.33 26.44 27.03
N THR B 114 4.36 26.95 27.77
CA THR B 114 2.97 26.71 27.45
C THR B 114 2.59 27.38 26.14
N GLN B 115 3.18 28.54 25.88
CA GLN B 115 2.92 29.26 24.62
C GLN B 115 3.29 28.37 23.43
N SER B 116 4.48 27.79 23.49
CA SER B 116 4.96 26.94 22.40
C SER B 116 4.10 25.69 22.27
N THR B 117 3.64 25.18 23.40
CA THR B 117 2.78 24.01 23.40
C THR B 117 1.47 24.37 22.71
N LYS B 118 0.95 25.56 22.98
CA LYS B 118 -0.30 25.98 22.35
C LYS B 118 -0.10 26.05 20.85
N VAL B 119 1.05 26.56 20.43
CA VAL B 119 1.33 26.66 19.00
C VAL B 119 1.46 25.27 18.38
N VAL B 120 2.22 24.40 19.02
CA VAL B 120 2.40 23.04 18.51
C VAL B 120 1.07 22.33 18.40
N GLU B 121 0.22 22.51 19.42
CA GLU B 121 -1.09 21.89 19.41
C GLU B 121 -1.91 22.37 18.20
N THR B 122 -1.85 23.66 17.92
CA THR B 122 -2.58 24.22 16.77
C THR B 122 -2.00 23.68 15.48
N MET B 123 -0.68 23.57 15.41
CA MET B 123 -0.03 23.03 14.22
C MET B 123 -0.47 21.58 14.03
N GLU B 124 -0.52 20.82 15.12
CA GLU B 124 -0.95 19.42 15.03
C GLU B 124 -2.39 19.34 14.54
N GLN B 125 -3.22 20.34 14.87
CA GLN B 125 -4.60 20.33 14.41
C GLN B 125 -4.62 20.62 12.92
N ALA B 126 -3.77 21.55 12.48
CA ALA B 126 -3.69 21.87 11.07
C ALA B 126 -3.28 20.60 10.32
N LEU B 127 -2.31 19.87 10.87
CA LEU B 127 -1.83 18.63 10.24
C LEU B 127 -2.93 17.59 10.20
N LEU B 128 -3.59 17.41 11.33
CA LEU B 128 -4.65 16.43 11.47
C LEU B 128 -5.83 16.68 10.54
N THR B 129 -6.16 17.95 10.34
CA THR B 129 -7.29 18.31 9.49
C THR B 129 -6.88 18.69 8.08
N GLY B 130 -5.58 18.72 7.83
CA GLY B 130 -5.06 19.06 6.53
C GLY B 130 -5.37 20.48 6.09
N THR B 131 -5.13 21.45 6.98
CA THR B 131 -5.38 22.83 6.63
C THR B 131 -4.11 23.64 6.75
N PRO B 132 -4.06 24.78 6.06
CA PRO B 132 -2.86 25.61 6.14
C PRO B 132 -2.68 26.11 7.59
N PHE B 133 -1.47 26.53 7.91
CA PHE B 133 -1.18 27.06 9.24
C PHE B 133 -0.43 28.36 9.03
N LEU B 134 -0.95 29.43 9.63
CA LEU B 134 -0.33 30.73 9.51
C LEU B 134 0.02 31.19 10.93
N PHE B 135 1.19 31.80 11.07
CA PHE B 135 1.65 32.21 12.39
C PHE B 135 2.24 33.61 12.32
N PHE B 136 1.72 34.52 13.14
CA PHE B 136 2.27 35.87 13.21
C PHE B 136 3.30 35.84 14.34
N TYR B 137 4.55 36.14 14.03
CA TYR B 137 5.60 36.16 15.04
C TYR B 137 5.85 37.58 15.52
N ASP B 138 6.01 37.73 16.83
CA ASP B 138 6.22 39.06 17.44
C ASP B 138 6.67 38.69 18.85
N SER B 139 7.96 38.45 19.00
CA SER B 139 8.48 37.99 20.28
C SER B 139 9.90 38.46 20.57
N GLY B 140 10.10 38.95 21.78
CA GLY B 140 11.41 39.41 22.19
C GLY B 140 12.38 38.26 22.44
N GLY B 141 11.90 37.03 22.33
CA GLY B 141 12.81 35.92 22.53
C GLY B 141 12.33 34.87 23.52
N ALA B 142 13.27 34.12 24.07
CA ALA B 142 12.95 33.07 25.01
C ALA B 142 12.44 33.67 26.31
N ARG B 143 11.65 32.90 27.04
CA ARG B 143 11.19 33.40 28.33
C ARG B 143 12.24 32.88 29.32
N ILE B 144 13.26 33.70 29.54
CA ILE B 144 14.37 33.35 30.43
C ILE B 144 13.97 32.81 31.78
N GLN B 145 12.90 33.35 32.35
CA GLN B 145 12.45 32.91 33.66
C GLN B 145 12.08 31.43 33.69
N GLU B 146 11.80 30.84 32.53
CA GLU B 146 11.42 29.43 32.48
C GLU B 146 12.53 28.52 32.06
N GLY B 147 13.71 29.11 31.90
CA GLY B 147 14.90 28.35 31.56
C GLY B 147 14.73 27.28 30.51
N ILE B 148 15.14 26.07 30.84
CA ILE B 148 15.07 24.98 29.87
C ILE B 148 13.67 24.58 29.43
N ASP B 149 12.65 25.04 30.16
CA ASP B 149 11.27 24.75 29.78
C ASP B 149 10.95 25.59 28.53
N SER B 150 11.43 26.82 28.49
CA SER B 150 11.20 27.68 27.33
C SER B 150 12.00 27.06 26.18
N LEU B 151 13.20 26.59 26.49
CA LEU B 151 14.09 25.97 25.51
C LEU B 151 13.41 24.78 24.83
N SER B 152 12.86 23.89 25.65
CA SER B 152 12.18 22.69 25.14
C SER B 152 10.99 23.08 24.25
N GLY B 153 10.31 24.17 24.63
CA GLY B 153 9.19 24.66 23.83
C GLY B 153 9.60 24.91 22.39
N TYR B 154 10.74 25.56 22.21
CA TYR B 154 11.23 25.82 20.85
C TYR B 154 11.48 24.51 20.09
N GLY B 155 12.17 23.57 20.71
CA GLY B 155 12.47 22.31 20.04
C GLY B 155 11.19 21.63 19.55
N LYS B 156 10.16 21.63 20.39
CA LYS B 156 8.92 21.01 20.00
C LYS B 156 8.31 21.74 18.82
N MET B 157 8.47 23.05 18.78
CA MET B 157 7.90 23.81 17.68
C MET B 157 8.64 23.52 16.37
N PHE B 158 9.97 23.46 16.43
CA PHE B 158 10.76 23.20 15.24
C PHE B 158 10.43 21.83 14.68
N PHE B 159 10.32 20.84 15.57
CA PHE B 159 10.00 19.49 15.13
C PHE B 159 8.63 19.48 14.44
N ALA B 160 7.70 20.26 14.97
CA ALA B 160 6.36 20.36 14.41
C ALA B 160 6.41 21.05 13.04
N ASN B 161 7.22 22.10 12.90
CA ASN B 161 7.31 22.76 11.60
C ASN B 161 7.79 21.75 10.57
N VAL B 162 8.72 20.89 10.98
CA VAL B 162 9.23 19.90 10.04
C VAL B 162 8.19 18.83 9.77
N LYS B 163 7.45 18.45 10.82
CA LYS B 163 6.42 17.44 10.66
C LYS B 163 5.37 17.91 9.62
N LEU B 164 4.99 19.18 9.68
CA LEU B 164 4.01 19.74 8.76
C LEU B 164 4.59 20.05 7.38
N SER B 165 5.90 20.11 7.29
CA SER B 165 6.57 20.48 6.04
C SER B 165 6.19 19.58 4.86
N GLY B 166 5.67 20.19 3.80
CA GLY B 166 5.29 19.44 2.62
C GLY B 166 3.94 18.75 2.76
N VAL B 167 3.24 18.99 3.87
CA VAL B 167 1.92 18.38 4.10
C VAL B 167 0.85 19.47 4.04
N VAL B 168 1.02 20.52 4.84
CA VAL B 168 0.08 21.65 4.78
C VAL B 168 0.96 22.87 4.64
N PRO B 169 0.51 23.88 3.87
CA PRO B 169 1.34 25.06 3.72
C PRO B 169 1.50 25.78 5.07
N GLN B 170 2.69 26.30 5.31
CA GLN B 170 2.94 27.02 6.54
C GLN B 170 3.42 28.40 6.16
N ILE B 171 2.70 29.41 6.64
CA ILE B 171 3.04 30.78 6.33
C ILE B 171 3.38 31.51 7.61
N ALA B 172 4.57 32.11 7.61
CA ALA B 172 5.04 32.85 8.77
C ALA B 172 4.98 34.34 8.44
N ILE B 173 4.44 35.12 9.37
CA ILE B 173 4.38 36.56 9.18
C ILE B 173 5.15 37.12 10.36
N ILE B 174 6.33 37.68 10.09
CA ILE B 174 7.14 38.27 11.16
C ILE B 174 6.65 39.73 11.22
N ALA B 175 5.96 40.07 12.30
CA ALA B 175 5.39 41.40 12.46
C ALA B 175 5.93 42.17 13.66
N GLY B 176 7.11 41.76 14.10
CA GLY B 176 7.74 42.40 15.23
C GLY B 176 9.08 41.71 15.43
N PRO B 177 9.61 41.71 16.66
CA PRO B 177 10.89 41.05 16.88
C PRO B 177 10.75 39.54 16.73
N CYS B 178 11.82 38.88 16.32
CA CYS B 178 11.87 37.43 16.22
C CYS B 178 13.36 37.17 16.39
N ALA B 179 13.81 37.25 17.64
CA ALA B 179 15.22 37.13 17.97
C ALA B 179 15.73 35.76 18.41
N GLY B 180 16.99 35.49 18.06
CA GLY B 180 17.60 34.23 18.43
C GLY B 180 17.09 33.02 17.66
N GLY B 181 17.19 31.85 18.29
CA GLY B 181 16.75 30.62 17.66
C GLY B 181 15.28 30.59 17.29
N ALA B 182 14.48 31.50 17.87
CA ALA B 182 13.06 31.54 17.57
C ALA B 182 12.86 31.64 16.06
N SER B 183 13.82 32.30 15.41
CA SER B 183 13.82 32.51 13.95
C SER B 183 13.84 31.24 13.13
N TYR B 184 14.24 30.13 13.76
CA TYR B 184 14.29 28.87 13.02
C TYR B 184 12.90 28.35 12.69
N SER B 185 11.88 28.72 13.46
CA SER B 185 10.54 28.25 13.16
C SER B 185 10.13 28.86 11.81
N PRO B 186 10.18 30.19 11.69
CA PRO B 186 9.81 30.78 10.40
C PRO B 186 10.64 30.13 9.28
N ALA B 187 11.92 29.90 9.53
CA ALA B 187 12.79 29.30 8.51
C ALA B 187 12.30 27.91 8.08
N LEU B 188 11.60 27.25 8.98
CA LEU B 188 11.11 25.90 8.71
C LEU B 188 9.72 25.87 8.08
N THR B 189 9.08 27.03 7.96
CA THR B 189 7.78 27.12 7.31
C THR B 189 8.07 27.30 5.82
N ASP B 190 7.05 27.45 5.00
CA ASP B 190 7.26 27.59 3.55
C ASP B 190 7.54 28.98 3.05
N PHE B 191 6.88 29.97 3.66
CA PHE B 191 7.05 31.35 3.25
C PHE B 191 7.08 32.29 4.43
N ILE B 192 8.01 33.22 4.37
CA ILE B 192 8.09 34.22 5.40
C ILE B 192 7.77 35.58 4.79
N ILE B 193 6.77 36.24 5.35
CA ILE B 193 6.34 37.59 4.96
C ILE B 193 6.81 38.40 6.17
N MET B 194 7.69 39.36 5.94
CA MET B 194 8.23 40.14 7.04
C MET B 194 7.87 41.60 6.87
N THR B 195 7.34 42.24 7.91
CA THR B 195 7.01 43.65 7.78
C THR B 195 8.25 44.49 8.02
N LYS B 196 8.18 45.75 7.60
CA LYS B 196 9.28 46.69 7.79
C LYS B 196 9.42 47.08 9.25
N LYS B 197 8.50 46.63 10.09
CA LYS B 197 8.58 46.95 11.51
C LYS B 197 9.31 45.83 12.26
N ALA B 198 9.45 44.68 11.60
CA ALA B 198 10.07 43.51 12.18
C ALA B 198 11.58 43.43 12.11
N HIS B 199 12.15 42.56 12.95
CA HIS B 199 13.57 42.31 13.00
C HIS B 199 13.79 40.85 13.35
N MET B 200 14.80 40.26 12.73
CA MET B 200 15.08 38.86 12.99
C MET B 200 16.56 38.60 12.82
N PHE B 201 17.10 37.75 13.68
CA PHE B 201 18.51 37.36 13.65
C PHE B 201 18.75 36.30 14.70
N ILE B 202 19.79 35.50 14.50
CA ILE B 202 20.13 34.44 15.47
C ILE B 202 20.89 35.06 16.62
N THR B 203 21.88 35.89 16.29
CA THR B 203 22.68 36.58 17.28
C THR B 203 22.48 38.08 17.06
N GLY B 204 22.10 38.80 18.12
CA GLY B 204 21.85 40.21 18.00
C GLY B 204 23.04 41.13 17.82
N PRO B 205 22.79 42.43 17.58
CA PRO B 205 23.86 43.42 17.39
C PRO B 205 24.79 43.53 18.58
N GLN B 206 24.22 43.38 19.79
CA GLN B 206 24.98 43.50 21.03
C GLN B 206 26.03 42.41 21.18
N VAL B 207 25.59 41.16 21.11
CA VAL B 207 26.50 40.03 21.22
C VAL B 207 27.54 40.10 20.10
N ILE B 208 27.09 40.36 18.88
CA ILE B 208 28.01 40.44 17.75
C ILE B 208 29.11 41.46 18.04
N LYS B 209 28.72 42.61 18.58
CA LYS B 209 29.71 43.64 18.88
C LYS B 209 30.66 43.15 19.96
N SER B 210 30.09 42.66 21.06
CA SER B 210 30.91 42.18 22.17
C SER B 210 31.86 41.08 21.71
N VAL B 211 31.38 40.22 20.83
CA VAL B 211 32.21 39.11 20.36
C VAL B 211 33.11 39.42 19.18
N THR B 212 32.59 40.10 18.17
CA THR B 212 33.40 40.38 16.97
C THR B 212 33.86 41.81 16.81
N GLY B 213 33.26 42.72 17.58
CA GLY B 213 33.63 44.12 17.45
C GLY B 213 32.87 44.79 16.32
N GLU B 214 32.13 44.00 15.54
CA GLU B 214 31.35 44.52 14.41
C GLU B 214 30.23 45.44 14.88
N ASP B 215 30.10 46.57 14.20
CA ASP B 215 29.06 47.57 14.50
C ASP B 215 27.93 47.46 13.50
N VAL B 216 26.73 47.14 13.98
CA VAL B 216 25.58 47.02 13.11
C VAL B 216 24.31 47.31 13.90
N THR B 217 23.33 47.93 13.25
CA THR B 217 22.07 48.21 13.92
C THR B 217 21.17 46.99 13.69
N ALA B 218 20.11 46.89 14.49
CA ALA B 218 19.16 45.79 14.37
C ALA B 218 18.56 45.80 12.96
N ASP B 219 18.22 46.99 12.49
CA ASP B 219 17.62 47.18 11.17
C ASP B 219 18.56 46.77 10.04
N GLU B 220 19.84 47.10 10.19
CA GLU B 220 20.81 46.74 9.15
C GLU B 220 21.09 45.25 9.18
N LEU B 221 21.09 44.68 10.38
CA LEU B 221 21.39 43.27 10.56
C LEU B 221 20.25 42.32 10.23
N GLY B 222 19.07 42.61 10.77
CA GLY B 222 17.94 41.74 10.54
C GLY B 222 16.63 42.41 10.14
N GLY B 223 16.71 43.60 9.54
CA GLY B 223 15.49 44.25 9.09
C GLY B 223 14.99 43.49 7.86
N ALA B 224 13.74 43.72 7.48
CA ALA B 224 13.17 43.01 6.33
C ALA B 224 13.98 43.11 5.06
N GLU B 225 14.51 44.29 4.76
CA GLU B 225 15.29 44.44 3.54
C GLU B 225 16.58 43.61 3.50
N ALA B 226 17.26 43.52 4.62
CA ALA B 226 18.51 42.75 4.66
C ALA B 226 18.19 41.27 4.47
N HIS B 227 17.11 40.81 5.09
CA HIS B 227 16.75 39.41 4.96
C HIS B 227 16.35 39.07 3.55
N MET B 228 15.61 39.96 2.92
CA MET B 228 15.15 39.75 1.56
C MET B 228 16.29 39.74 0.57
N ALA B 229 17.06 40.82 0.54
CA ALA B 229 18.12 40.96 -0.46
C ALA B 229 19.47 40.34 -0.17
N ILE B 230 19.83 40.27 1.11
CA ILE B 230 21.15 39.74 1.43
C ILE B 230 21.14 38.30 1.89
N SER B 231 20.43 38.07 2.97
CA SER B 231 20.37 36.75 3.61
C SER B 231 19.62 35.69 2.84
N GLY B 232 18.63 36.09 2.03
CA GLY B 232 17.84 35.13 1.29
C GLY B 232 16.94 34.32 2.20
N ASN B 233 16.59 34.91 3.34
CA ASN B 233 15.77 34.25 4.36
C ASN B 233 14.25 34.40 4.23
N ILE B 234 13.79 35.46 3.58
CA ILE B 234 12.36 35.70 3.51
C ILE B 234 11.80 35.76 2.11
N HIS B 235 10.48 35.64 2.01
CA HIS B 235 9.85 35.58 0.70
C HIS B 235 9.09 36.82 0.25
N PHE B 236 8.64 37.60 1.22
CA PHE B 236 7.91 38.83 0.93
C PHE B 236 8.21 39.89 1.97
N VAL B 237 8.35 41.13 1.50
CA VAL B 237 8.54 42.25 2.40
C VAL B 237 7.19 42.95 2.40
N ALA B 238 6.65 43.21 3.57
CA ALA B 238 5.37 43.90 3.68
C ALA B 238 5.60 45.27 4.32
N GLU B 239 4.88 46.29 3.84
CA GLU B 239 5.04 47.63 4.39
C GLU B 239 4.68 47.60 5.87
N ASP B 240 3.53 46.99 6.17
CA ASP B 240 3.04 46.87 7.54
C ASP B 240 2.13 45.65 7.67
N ASP B 241 1.47 45.53 8.83
CA ASP B 241 0.59 44.40 9.08
C ASP B 241 -0.55 44.29 8.09
N ASP B 242 -1.18 45.42 7.74
CA ASP B 242 -2.25 45.38 6.76
C ASP B 242 -1.76 44.78 5.44
N ALA B 243 -0.61 45.23 4.97
CA ALA B 243 -0.03 44.74 3.72
C ALA B 243 0.39 43.27 3.86
N ALA B 244 0.92 42.90 5.02
CA ALA B 244 1.37 41.52 5.26
C ALA B 244 0.15 40.61 5.20
N GLU B 245 -0.95 41.10 5.77
CA GLU B 245 -2.18 40.34 5.78
C GLU B 245 -2.69 40.14 4.37
N LEU B 246 -2.62 41.18 3.54
CA LEU B 246 -3.07 41.06 2.15
C LEU B 246 -2.18 40.07 1.40
N ILE B 247 -0.88 40.15 1.63
CA ILE B 247 0.06 39.26 0.96
C ILE B 247 -0.22 37.81 1.34
N ALA B 248 -0.43 37.59 2.63
CA ALA B 248 -0.69 36.26 3.14
C ALA B 248 -1.89 35.66 2.40
N LYS B 249 -2.96 36.44 2.27
CA LYS B 249 -4.14 35.97 1.58
C LYS B 249 -3.87 35.74 0.09
N LYS B 250 -3.15 36.67 -0.54
CA LYS B 250 -2.83 36.54 -1.96
C LYS B 250 -2.00 35.26 -2.18
N LEU B 251 -1.00 35.06 -1.33
CA LEU B 251 -0.15 33.88 -1.43
C LEU B 251 -0.99 32.63 -1.23
N LEU B 252 -1.80 32.63 -0.16
CA LEU B 252 -2.62 31.48 0.13
C LEU B 252 -3.57 31.14 -1.02
N SER B 253 -4.07 32.15 -1.73
CA SER B 253 -4.97 31.90 -2.86
C SER B 253 -4.41 30.98 -3.95
N PHE B 254 -3.09 30.87 -4.03
CA PHE B 254 -2.45 30.01 -5.04
C PHE B 254 -2.21 28.62 -4.55
N LEU B 255 -2.38 28.41 -3.26
CA LEU B 255 -2.09 27.13 -2.66
C LEU B 255 -3.27 26.27 -2.30
N PRO B 256 -3.07 24.95 -2.29
CA PRO B 256 -4.14 24.00 -1.94
C PRO B 256 -4.15 24.01 -0.41
N GLN B 257 -5.13 23.34 0.17
CA GLN B 257 -5.23 23.22 1.62
C GLN B 257 -4.14 22.31 2.17
N ASN B 258 -3.74 21.34 1.35
CA ASN B 258 -2.74 20.37 1.78
C ASN B 258 -2.18 19.63 0.56
N ASN B 259 -1.19 18.76 0.79
CA ASN B 259 -0.53 18.05 -0.30
C ASN B 259 -1.32 16.99 -1.03
N THR B 260 -2.59 16.80 -0.67
CA THR B 260 -3.38 15.79 -1.37
C THR B 260 -4.19 16.45 -2.47
N GLU B 261 -4.16 17.78 -2.52
CA GLU B 261 -4.96 18.49 -3.52
C GLU B 261 -4.19 19.47 -4.37
N GLU B 262 -4.81 19.86 -5.47
CA GLU B 262 -4.26 20.87 -6.34
C GLU B 262 -5.07 22.09 -5.89
N ALA B 263 -4.49 23.28 -6.02
CA ALA B 263 -5.18 24.49 -5.61
C ALA B 263 -6.46 24.72 -6.44
N SER B 264 -7.49 25.23 -5.77
CA SER B 264 -8.73 25.53 -6.46
C SER B 264 -8.46 26.62 -7.49
N PHE B 265 -9.10 26.51 -8.65
CA PHE B 265 -8.93 27.50 -9.71
C PHE B 265 -9.54 28.81 -9.25
N VAL B 266 -8.96 29.91 -9.68
CA VAL B 266 -9.47 31.20 -9.32
C VAL B 266 -9.62 32.05 -10.56
N ASN B 267 -10.78 32.69 -10.69
CA ASN B 267 -11.07 33.61 -11.80
C ASN B 267 -10.38 33.28 -13.12
N PRO B 268 -10.67 32.11 -13.70
CA PRO B 268 -10.01 31.76 -14.96
C PRO B 268 -10.27 32.65 -16.16
N ASN B 269 -9.22 32.88 -16.94
CA ASN B 269 -9.37 33.62 -18.18
C ASN B 269 -9.10 32.46 -19.13
N ASN B 270 -10.14 32.00 -19.81
CA ASN B 270 -9.94 30.88 -20.72
C ASN B 270 -9.54 31.26 -22.13
N ASP B 271 -9.34 32.55 -22.36
CA ASP B 271 -8.91 33.02 -23.66
C ASP B 271 -7.42 32.72 -23.84
N VAL B 272 -7.05 32.16 -24.99
CA VAL B 272 -5.64 31.89 -25.25
C VAL B 272 -5.29 32.40 -26.64
N SER B 273 -5.88 33.54 -26.99
CA SER B 273 -5.64 34.18 -28.27
C SER B 273 -4.17 34.50 -28.42
N PRO B 274 -3.68 34.54 -29.67
CA PRO B 274 -2.27 34.87 -29.85
C PRO B 274 -2.08 36.30 -29.35
N ASN B 275 -0.82 36.69 -29.17
CA ASN B 275 -0.50 38.05 -28.77
C ASN B 275 0.81 38.29 -29.48
N THR B 276 0.74 38.91 -30.66
CA THR B 276 1.95 39.12 -31.44
C THR B 276 2.97 40.02 -30.75
N GLU B 277 2.54 40.79 -29.75
CA GLU B 277 3.46 41.64 -29.01
C GLU B 277 4.56 40.82 -28.34
N LEU B 278 4.25 39.57 -28.03
CA LEU B 278 5.24 38.67 -27.39
C LEU B 278 6.44 38.44 -28.27
N ARG B 279 6.27 38.62 -29.57
CA ARG B 279 7.37 38.44 -30.51
C ARG B 279 8.39 39.55 -30.35
N ASP B 280 7.99 40.66 -29.75
CA ASP B 280 8.91 41.79 -29.64
C ASP B 280 9.55 42.05 -28.28
N ILE B 281 9.20 41.26 -27.29
CA ILE B 281 9.78 41.48 -25.97
C ILE B 281 11.22 40.99 -25.88
N VAL B 282 11.46 39.81 -26.43
CA VAL B 282 12.79 39.22 -26.40
C VAL B 282 13.58 39.64 -27.63
N PRO B 283 14.65 40.42 -27.43
CA PRO B 283 15.46 40.89 -28.55
C PRO B 283 16.18 39.77 -29.30
N ILE B 284 16.20 39.89 -30.63
CA ILE B 284 16.89 38.92 -31.47
C ILE B 284 18.37 39.11 -31.13
N ASP B 285 18.71 40.35 -30.82
CA ASP B 285 20.07 40.69 -30.45
C ASP B 285 20.34 40.09 -29.06
N GLY B 286 21.09 39.00 -29.04
CA GLY B 286 21.40 38.31 -27.81
C GLY B 286 22.12 39.12 -26.74
N LYS B 287 22.84 40.16 -27.16
CA LYS B 287 23.56 40.97 -26.20
C LYS B 287 22.61 41.96 -25.52
N LYS B 288 21.35 41.96 -25.93
CA LYS B 288 20.36 42.86 -25.34
C LYS B 288 19.37 42.12 -24.45
N GLY B 289 19.03 42.77 -23.33
CA GLY B 289 18.12 42.18 -22.36
C GLY B 289 16.72 42.72 -22.36
N TYR B 290 15.95 42.29 -21.38
CA TYR B 290 14.56 42.66 -21.22
C TYR B 290 14.13 42.14 -19.86
N ASP B 291 12.95 42.54 -19.42
CA ASP B 291 12.43 42.09 -18.15
C ASP B 291 11.56 40.88 -18.48
N VAL B 292 11.96 39.70 -18.02
CA VAL B 292 11.21 38.51 -18.33
C VAL B 292 9.81 38.57 -17.78
N ARG B 293 9.57 39.47 -16.83
CA ARG B 293 8.22 39.58 -16.31
C ARG B 293 7.27 40.16 -17.36
N ASP B 294 7.83 40.79 -18.40
CA ASP B 294 6.95 41.30 -19.46
C ASP B 294 6.43 40.10 -20.22
N VAL B 295 7.24 39.06 -20.28
CA VAL B 295 6.81 37.86 -20.96
C VAL B 295 5.77 37.20 -20.08
N ILE B 296 6.09 37.07 -18.80
CA ILE B 296 5.18 36.45 -17.85
C ILE B 296 3.81 37.14 -17.89
N ALA B 297 3.81 38.46 -17.80
CA ALA B 297 2.55 39.23 -17.78
C ALA B 297 1.63 38.95 -18.96
N LYS B 298 2.21 38.72 -20.13
CA LYS B 298 1.41 38.47 -21.32
C LYS B 298 0.93 37.03 -21.47
N ILE B 299 1.48 36.11 -20.68
CA ILE B 299 1.01 34.75 -20.81
C ILE B 299 0.15 34.24 -19.66
N VAL B 300 0.22 34.89 -18.50
CA VAL B 300 -0.59 34.45 -17.36
C VAL B 300 -1.93 35.18 -17.32
N ASP B 301 -2.93 34.56 -16.69
CA ASP B 301 -4.26 35.15 -16.61
C ASP B 301 -4.25 36.56 -16.04
N TRP B 302 -4.85 37.48 -16.80
CA TRP B 302 -4.96 38.88 -16.41
C TRP B 302 -3.65 39.56 -16.08
N GLY B 303 -2.53 38.99 -16.54
CA GLY B 303 -1.23 39.59 -16.25
C GLY B 303 -0.88 39.52 -14.76
N ASP B 304 -1.68 38.77 -14.01
CA ASP B 304 -1.47 38.67 -12.58
C ASP B 304 -0.45 37.64 -12.14
N TYR B 305 0.46 38.05 -11.26
CA TYR B 305 1.42 37.13 -10.71
C TYR B 305 1.88 37.68 -9.38
N LEU B 306 2.29 36.77 -8.49
CA LEU B 306 2.80 37.16 -7.18
C LEU B 306 4.22 36.65 -7.16
N GLU B 307 5.15 37.58 -7.29
CA GLU B 307 6.54 37.21 -7.30
C GLU B 307 7.00 36.82 -5.90
N VAL B 308 7.77 35.73 -5.83
CA VAL B 308 8.31 35.24 -4.56
C VAL B 308 9.76 35.67 -4.51
N LYS B 309 10.23 36.10 -3.34
CA LYS B 309 11.59 36.58 -3.17
C LYS B 309 11.91 37.56 -4.27
N ALA B 310 10.99 38.48 -4.53
CA ALA B 310 11.15 39.48 -5.59
C ALA B 310 12.44 40.28 -5.46
N GLY B 311 12.87 40.53 -4.22
CA GLY B 311 14.08 41.30 -4.02
C GLY B 311 15.34 40.51 -3.73
N TYR B 312 15.32 39.20 -3.97
CA TYR B 312 16.49 38.37 -3.72
C TYR B 312 16.88 37.69 -5.03
N ALA B 313 18.17 37.65 -5.33
CA ALA B 313 18.65 37.00 -6.55
C ALA B 313 17.72 37.33 -7.71
N THR B 314 17.69 38.61 -8.07
CA THR B 314 16.80 39.09 -9.13
C THR B 314 17.21 38.64 -10.51
N ASN B 315 18.32 37.89 -10.61
CA ASN B 315 18.76 37.34 -11.87
C ASN B 315 17.84 36.15 -12.23
N LEU B 316 17.00 35.75 -11.28
CA LEU B 316 16.05 34.66 -11.50
C LEU B 316 14.70 34.99 -10.87
N VAL B 317 13.64 34.86 -11.65
CA VAL B 317 12.31 35.17 -11.17
C VAL B 317 11.52 33.94 -10.83
N THR B 318 10.91 33.93 -9.64
CA THR B 318 10.04 32.84 -9.25
C THR B 318 8.74 33.53 -8.88
N ALA B 319 7.65 33.11 -9.48
CA ALA B 319 6.36 33.73 -9.21
C ALA B 319 5.20 32.77 -9.37
N PHE B 320 4.18 32.98 -8.54
CA PHE B 320 2.97 32.21 -8.66
C PHE B 320 2.11 33.01 -9.62
N ALA B 321 1.36 32.31 -10.48
CA ALA B 321 0.49 32.96 -11.44
C ALA B 321 -0.56 31.94 -11.78
N ARG B 322 -1.42 32.24 -12.75
CA ARG B 322 -2.44 31.28 -13.14
C ARG B 322 -2.55 31.25 -14.66
N VAL B 323 -2.93 30.09 -15.19
CA VAL B 323 -3.16 29.92 -16.61
C VAL B 323 -4.51 29.22 -16.65
N ASN B 324 -5.52 29.91 -17.19
CA ASN B 324 -6.86 29.37 -17.24
C ASN B 324 -7.33 29.06 -15.81
N GLY B 325 -6.97 29.91 -14.86
CA GLY B 325 -7.41 29.69 -13.49
C GLY B 325 -6.57 28.79 -12.61
N ARG B 326 -5.70 27.98 -13.22
CA ARG B 326 -4.85 27.04 -12.49
C ARG B 326 -3.57 27.68 -11.96
N SER B 327 -3.28 27.42 -10.69
CA SER B 327 -2.05 27.95 -10.08
C SER B 327 -0.86 27.29 -10.74
N VAL B 328 0.15 28.09 -11.08
CA VAL B 328 1.38 27.55 -11.64
C VAL B 328 2.51 28.31 -11.00
N GLY B 329 3.69 27.70 -10.97
CA GLY B 329 4.86 28.36 -10.43
C GLY B 329 5.71 28.65 -11.64
N ILE B 330 6.12 29.89 -11.80
CA ILE B 330 6.93 30.23 -12.95
C ILE B 330 8.35 30.48 -12.47
N VAL B 331 9.31 29.90 -13.19
CA VAL B 331 10.72 30.06 -12.89
C VAL B 331 11.28 30.60 -14.19
N ALA B 332 11.85 31.79 -14.14
CA ALA B 332 12.36 32.41 -15.35
C ALA B 332 13.65 33.17 -15.12
N ASN B 333 14.60 33.00 -16.04
CA ASN B 333 15.86 33.69 -15.96
C ASN B 333 15.54 35.14 -16.27
N GLN B 334 16.30 36.06 -15.69
CA GLN B 334 16.08 37.48 -15.87
C GLN B 334 17.30 38.01 -16.62
N PRO B 335 17.26 38.04 -17.97
CA PRO B 335 18.40 38.51 -18.73
C PRO B 335 18.83 39.94 -18.42
N SER B 336 17.91 40.73 -17.90
CA SER B 336 18.22 42.12 -17.55
C SER B 336 19.02 42.22 -16.25
N VAL B 337 19.26 41.09 -15.60
CA VAL B 337 20.04 41.09 -14.36
C VAL B 337 21.16 40.07 -14.45
N MET B 338 22.41 40.56 -14.37
CA MET B 338 23.57 39.68 -14.44
C MET B 338 23.51 38.81 -15.70
N SER B 339 22.91 39.35 -16.76
CA SER B 339 22.79 38.65 -18.02
C SER B 339 22.00 37.37 -17.93
N GLY B 340 21.22 37.24 -16.86
CA GLY B 340 20.42 36.05 -16.69
C GLY B 340 21.18 34.85 -16.18
N CYS B 341 22.46 35.04 -15.83
CA CYS B 341 23.26 33.94 -15.31
C CYS B 341 22.64 33.41 -14.02
N LEU B 342 22.78 32.12 -13.81
CA LEU B 342 22.32 31.53 -12.56
C LEU B 342 23.54 31.65 -11.67
N ASP B 343 23.34 31.64 -10.36
CA ASP B 343 24.45 31.73 -9.45
C ASP B 343 24.02 31.00 -8.18
N ILE B 344 24.88 31.00 -7.17
CA ILE B 344 24.55 30.33 -5.91
C ILE B 344 23.18 30.73 -5.38
N ASN B 345 22.97 32.03 -5.20
CA ASN B 345 21.71 32.52 -4.65
C ASN B 345 20.47 32.21 -5.48
N ALA B 346 20.55 32.38 -6.80
CA ALA B 346 19.41 32.08 -7.66
C ALA B 346 19.14 30.56 -7.66
N SER B 347 20.20 29.77 -7.50
CA SER B 347 20.04 28.32 -7.45
C SER B 347 19.17 27.93 -6.24
N ASP B 348 19.43 28.56 -5.09
CA ASP B 348 18.67 28.28 -3.87
C ASP B 348 17.26 28.77 -4.04
N LYS B 349 17.14 29.98 -4.58
CA LYS B 349 15.84 30.61 -4.79
C LYS B 349 14.99 29.72 -5.69
N ALA B 350 15.59 29.23 -6.77
CA ALA B 350 14.84 28.38 -7.70
C ALA B 350 14.51 27.04 -7.09
N ALA B 351 15.53 26.37 -6.54
CA ALA B 351 15.34 25.05 -5.97
C ALA B 351 14.27 25.04 -4.88
N GLU B 352 14.27 26.05 -4.01
CA GLU B 352 13.28 26.08 -2.94
C GLU B 352 11.86 26.17 -3.52
N PHE B 353 11.68 27.06 -4.50
CA PHE B 353 10.39 27.29 -5.13
C PHE B 353 9.94 26.03 -5.87
N VAL B 354 10.86 25.43 -6.63
CA VAL B 354 10.53 24.21 -7.36
C VAL B 354 10.10 23.12 -6.38
N ASN B 355 10.91 22.92 -5.36
CA ASN B 355 10.62 21.93 -4.35
C ASN B 355 9.28 22.19 -3.67
N PHE B 356 8.99 23.45 -3.37
CA PHE B 356 7.71 23.77 -2.74
C PHE B 356 6.55 23.48 -3.69
N CYS B 357 6.63 23.98 -4.92
CA CYS B 357 5.55 23.75 -5.88
C CYS B 357 5.30 22.26 -6.07
N ASP B 358 6.37 21.47 -6.12
CA ASP B 358 6.23 20.04 -6.29
C ASP B 358 5.47 19.44 -5.11
N SER B 359 5.87 19.82 -3.90
CA SER B 359 5.23 19.32 -2.68
C SER B 359 3.73 19.60 -2.66
N PHE B 360 3.33 20.72 -3.23
CA PHE B 360 1.93 21.06 -3.22
C PHE B 360 1.19 21.02 -4.53
N ASN B 361 1.68 20.16 -5.42
CA ASN B 361 1.02 19.89 -6.69
C ASN B 361 0.80 21.08 -7.60
N ILE B 362 1.77 21.99 -7.63
CA ILE B 362 1.66 23.16 -8.46
C ILE B 362 2.55 22.96 -9.67
N PRO B 363 1.99 23.00 -10.89
CA PRO B 363 2.79 22.83 -12.10
C PRO B 363 3.89 23.88 -12.17
N LEU B 364 4.98 23.54 -12.84
CA LEU B 364 6.10 24.45 -12.98
C LEU B 364 6.34 24.81 -14.43
N VAL B 365 6.33 26.10 -14.69
CA VAL B 365 6.52 26.62 -16.04
C VAL B 365 7.84 27.37 -16.06
N GLN B 366 8.73 26.95 -16.95
CA GLN B 366 10.04 27.57 -17.05
C GLN B 366 10.13 28.43 -18.30
N LEU B 367 10.69 29.61 -18.13
CA LEU B 367 10.91 30.52 -19.27
C LEU B 367 12.42 30.63 -19.23
N VAL B 368 13.05 30.09 -20.26
CA VAL B 368 14.50 30.01 -20.28
C VAL B 368 15.28 30.94 -21.17
N ASP B 369 16.23 31.62 -20.55
CA ASP B 369 17.12 32.52 -21.27
C ASP B 369 18.32 32.62 -20.34
N VAL B 370 19.16 31.60 -20.37
CA VAL B 370 20.29 31.54 -19.47
C VAL B 370 21.57 31.22 -20.23
N PRO B 371 22.62 32.05 -20.07
CA PRO B 371 23.91 31.87 -20.74
C PRO B 371 24.91 31.00 -20.01
N GLY B 372 24.56 30.59 -18.80
CA GLY B 372 25.47 29.75 -18.03
C GLY B 372 25.44 30.21 -16.59
N PHE B 373 26.36 29.70 -15.78
CA PHE B 373 26.43 30.12 -14.38
C PHE B 373 27.36 31.31 -14.27
N LEU B 374 27.13 32.12 -13.26
CA LEU B 374 27.94 33.31 -13.02
C LEU B 374 29.40 32.97 -12.75
N PRO B 375 30.32 33.47 -13.59
CA PRO B 375 31.74 33.19 -13.39
C PRO B 375 32.24 33.99 -12.20
N GLY B 376 33.08 33.39 -11.37
CA GLY B 376 33.58 34.14 -10.24
C GLY B 376 34.20 33.22 -9.21
N VAL B 377 35.37 33.59 -8.71
CA VAL B 377 36.05 32.77 -7.71
C VAL B 377 35.15 32.50 -6.50
N GLN B 378 34.42 33.51 -6.06
CA GLN B 378 33.55 33.32 -4.90
C GLN B 378 32.35 32.41 -5.21
N GLN B 379 31.98 32.32 -6.49
CA GLN B 379 30.88 31.42 -6.85
C GLN B 379 31.42 30.00 -6.69
N GLU B 380 32.65 29.76 -7.13
CA GLU B 380 33.24 28.43 -6.96
C GLU B 380 33.48 28.19 -5.46
N TYR B 381 34.14 29.14 -4.80
CA TYR B 381 34.43 29.01 -3.38
C TYR B 381 33.18 28.93 -2.52
N GLY B 382 32.09 29.53 -3.00
CA GLY B 382 30.85 29.52 -2.25
C GLY B 382 30.09 28.21 -2.50
N GLY B 383 30.69 27.34 -3.30
CA GLY B 383 30.06 26.07 -3.60
C GLY B 383 28.96 26.11 -4.65
N ILE B 384 29.18 26.78 -5.78
CA ILE B 384 28.16 26.80 -6.82
C ILE B 384 27.89 25.35 -7.25
N ILE B 385 28.90 24.49 -7.18
CA ILE B 385 28.67 23.10 -7.56
C ILE B 385 27.54 22.50 -6.72
N ARG B 386 27.64 22.55 -5.40
CA ARG B 386 26.58 21.96 -4.59
C ARG B 386 25.26 22.75 -4.58
N HIS B 387 25.33 24.07 -4.79
CA HIS B 387 24.11 24.89 -4.83
C HIS B 387 23.37 24.74 -6.16
N GLY B 388 24.09 24.85 -7.27
CA GLY B 388 23.43 24.69 -8.56
C GLY B 388 22.82 23.31 -8.66
N ALA B 389 23.48 22.34 -8.03
CA ALA B 389 23.00 20.96 -8.04
C ALA B 389 21.59 20.90 -7.45
N LYS B 390 21.25 21.84 -6.58
CA LYS B 390 19.92 21.86 -5.99
C LYS B 390 18.82 22.01 -7.02
N MET B 391 19.08 22.80 -8.07
CA MET B 391 18.09 23.00 -9.12
C MET B 391 17.90 21.71 -9.89
N LEU B 392 19.01 21.08 -10.26
CA LEU B 392 18.96 19.82 -10.99
C LEU B 392 18.24 18.79 -10.14
N TYR B 393 18.50 18.80 -8.84
CA TYR B 393 17.88 17.85 -7.97
C TYR B 393 16.39 18.15 -7.83
N ALA B 394 16.05 19.40 -7.55
CA ALA B 394 14.65 19.76 -7.39
C ALA B 394 13.83 19.43 -8.64
N TYR B 395 14.34 19.79 -9.81
CA TYR B 395 13.57 19.49 -11.01
C TYR B 395 13.55 18.00 -11.33
N SER B 396 14.67 17.31 -11.11
CA SER B 396 14.71 15.86 -11.37
C SER B 396 13.77 15.09 -10.47
N GLU B 397 13.68 15.51 -9.22
CA GLU B 397 12.81 14.84 -8.25
C GLU B 397 11.35 15.21 -8.46
N ALA B 398 11.08 16.41 -8.96
CA ALA B 398 9.72 16.89 -9.13
C ALA B 398 8.86 16.07 -10.10
N THR B 399 7.61 15.85 -9.72
CA THR B 399 6.71 15.06 -10.54
C THR B 399 5.49 15.83 -11.06
N VAL B 400 5.33 17.10 -10.66
CA VAL B 400 4.20 17.89 -11.16
C VAL B 400 4.49 18.14 -12.64
N PRO B 401 3.49 18.63 -13.40
CA PRO B 401 3.78 18.89 -14.81
C PRO B 401 4.89 19.93 -14.87
N LYS B 402 5.84 19.73 -15.77
CA LYS B 402 6.93 20.66 -15.91
C LYS B 402 6.92 21.05 -17.39
N ILE B 403 6.65 22.33 -17.63
CA ILE B 403 6.55 22.86 -18.97
C ILE B 403 7.65 23.88 -19.14
N THR B 404 8.50 23.68 -20.13
CA THR B 404 9.61 24.59 -20.36
C THR B 404 9.56 25.28 -21.73
N VAL B 405 9.71 26.59 -21.71
CA VAL B 405 9.73 27.35 -22.94
C VAL B 405 11.08 28.01 -22.99
N VAL B 406 11.83 27.70 -24.05
CA VAL B 406 13.14 28.28 -24.20
C VAL B 406 12.97 29.55 -25.03
N LEU B 407 13.13 30.68 -24.37
CA LEU B 407 12.98 31.96 -25.01
C LEU B 407 14.18 32.28 -25.88
N ARG B 408 15.37 32.06 -25.31
CA ARG B 408 16.56 32.39 -26.03
C ARG B 408 17.73 31.48 -25.64
N LYS B 409 18.74 32.01 -24.97
CA LYS B 409 19.89 31.21 -24.57
C LYS B 409 19.51 30.07 -23.62
N ALA B 410 20.21 28.95 -23.76
CA ALA B 410 19.97 27.77 -22.93
C ALA B 410 21.28 27.04 -23.00
N TYR B 411 22.28 27.57 -22.31
CA TYR B 411 23.63 27.01 -22.35
C TYR B 411 24.06 26.06 -21.27
N GLY B 412 24.65 24.94 -21.71
CA GLY B 412 25.19 23.93 -20.82
C GLY B 412 24.36 23.52 -19.64
N GLY B 413 25.02 23.33 -18.50
CA GLY B 413 24.32 22.92 -17.31
C GLY B 413 23.26 23.87 -16.82
N SER B 414 23.38 25.15 -17.12
CA SER B 414 22.37 26.09 -16.63
C SER B 414 21.03 25.79 -17.30
N TYR B 415 21.08 25.32 -18.55
CA TYR B 415 19.86 24.99 -19.27
C TYR B 415 19.25 23.72 -18.68
N LEU B 416 20.10 22.78 -18.31
CA LEU B 416 19.60 21.55 -17.71
C LEU B 416 18.95 21.91 -16.38
N ALA B 417 19.56 22.85 -15.66
CA ALA B 417 19.05 23.31 -14.38
C ALA B 417 17.70 23.97 -14.50
N MET B 418 17.38 24.44 -15.70
CA MET B 418 16.09 25.08 -15.95
C MET B 418 15.08 24.06 -16.48
N CYS B 419 15.40 22.79 -16.24
CA CYS B 419 14.51 21.69 -16.57
C CYS B 419 14.19 21.42 -18.03
N ASN B 420 15.12 20.76 -18.71
CA ASN B 420 14.89 20.41 -20.10
C ASN B 420 14.23 19.02 -20.06
N ARG B 421 14.07 18.41 -21.21
CA ARG B 421 13.43 17.11 -21.30
C ARG B 421 14.14 16.02 -20.49
N ASP B 422 15.46 16.04 -20.43
CA ASP B 422 16.21 15.04 -19.69
C ASP B 422 15.94 15.08 -18.19
N LEU B 423 15.56 16.26 -17.68
CA LEU B 423 15.24 16.40 -16.27
C LEU B 423 13.74 16.22 -16.07
N GLY B 424 13.07 15.68 -17.09
CA GLY B 424 11.66 15.44 -16.94
C GLY B 424 10.63 16.46 -17.39
N ALA B 425 11.03 17.49 -18.14
CA ALA B 425 10.05 18.43 -18.61
C ALA B 425 9.07 17.61 -19.45
N ASP B 426 7.78 17.83 -19.28
CA ASP B 426 6.77 17.10 -20.05
C ASP B 426 6.57 17.70 -21.43
N ALA B 427 6.82 18.99 -21.56
CA ALA B 427 6.69 19.66 -22.84
C ALA B 427 7.77 20.71 -22.87
N VAL B 428 8.50 20.80 -23.98
CA VAL B 428 9.51 21.83 -24.10
C VAL B 428 9.26 22.51 -25.44
N TYR B 429 9.11 23.83 -25.43
CA TYR B 429 8.91 24.56 -26.67
C TYR B 429 10.04 25.56 -26.86
N ALA B 430 10.45 25.72 -28.10
CA ALA B 430 11.50 26.66 -28.44
C ALA B 430 10.94 27.81 -29.24
N TRP B 431 11.26 29.03 -28.84
CA TRP B 431 10.86 30.20 -29.61
C TRP B 431 11.86 30.14 -30.76
N PRO B 432 11.63 30.90 -31.85
CA PRO B 432 12.59 30.86 -32.96
C PRO B 432 13.98 31.36 -32.57
N SER B 433 14.03 32.09 -31.45
CA SER B 433 15.28 32.63 -30.94
C SER B 433 15.96 31.69 -29.94
N ALA B 434 15.37 30.52 -29.71
CA ALA B 434 15.96 29.56 -28.77
C ALA B 434 17.37 29.15 -29.18
N GLU B 435 18.29 29.09 -28.22
CA GLU B 435 19.65 28.72 -28.52
C GLU B 435 20.18 27.73 -27.50
N ILE B 436 19.69 26.50 -27.62
CA ILE B 436 20.09 25.42 -26.75
C ILE B 436 21.45 24.95 -27.24
N ALA B 437 22.44 25.00 -26.35
CA ALA B 437 23.79 24.63 -26.77
C ALA B 437 24.59 24.01 -25.63
N VAL B 438 25.53 23.12 -25.97
CA VAL B 438 26.35 22.55 -24.93
C VAL B 438 27.38 23.64 -24.67
N MET B 439 27.55 24.51 -25.66
CA MET B 439 28.50 25.60 -25.59
C MET B 439 28.23 26.59 -26.71
N GLY B 440 28.49 27.87 -26.46
CA GLY B 440 28.28 28.87 -27.49
C GLY B 440 29.11 28.53 -28.72
N ALA B 441 28.59 28.84 -29.90
CA ALA B 441 29.28 28.53 -31.15
C ALA B 441 30.70 29.12 -31.19
N GLU B 442 30.85 30.36 -30.73
CA GLU B 442 32.18 30.97 -30.75
C GLU B 442 33.15 30.15 -29.90
N GLY B 443 32.75 29.87 -28.66
CA GLY B 443 33.61 29.09 -27.77
C GLY B 443 33.88 27.71 -28.33
N ALA B 444 32.84 27.08 -28.86
CA ALA B 444 32.98 25.74 -29.44
C ALA B 444 33.91 25.71 -30.65
N ALA B 445 33.68 26.59 -31.62
CA ALA B 445 34.50 26.63 -32.82
C ALA B 445 35.95 26.93 -32.46
N ASN B 446 36.17 27.86 -31.55
CA ASN B 446 37.52 28.20 -31.14
C ASN B 446 38.23 27.03 -30.49
N VAL B 447 37.46 26.10 -29.92
CA VAL B 447 38.07 24.93 -29.30
C VAL B 447 38.27 23.77 -30.27
N ILE B 448 37.22 23.36 -30.97
CA ILE B 448 37.37 22.23 -31.87
C ILE B 448 38.10 22.51 -33.19
N PHE B 449 38.05 23.75 -33.66
CA PHE B 449 38.74 24.11 -34.91
C PHE B 449 39.97 24.97 -34.63
N ARG B 450 40.53 24.84 -33.43
CA ARG B 450 41.69 25.65 -33.03
C ARG B 450 42.85 25.55 -34.00
N LYS B 451 43.16 24.34 -34.43
CA LYS B 451 44.26 24.10 -35.34
C LYS B 451 43.96 24.62 -36.74
N GLU B 452 42.76 24.35 -37.22
CA GLU B 452 42.33 24.78 -38.54
C GLU B 452 42.29 26.30 -38.68
N ILE B 453 41.78 27.00 -37.66
CA ILE B 453 41.70 28.45 -37.70
C ILE B 453 43.12 29.04 -37.66
N LYS B 454 43.93 28.54 -36.74
CA LYS B 454 45.30 28.99 -36.59
C LYS B 454 46.12 28.77 -37.87
N ALA B 455 45.86 27.66 -38.56
CA ALA B 455 46.60 27.34 -39.78
C ALA B 455 45.95 27.88 -41.04
N ALA B 456 44.84 28.59 -40.90
CA ALA B 456 44.14 29.13 -42.05
C ALA B 456 44.87 30.34 -42.63
N ASP B 457 44.74 30.56 -43.93
CA ASP B 457 45.38 31.70 -44.56
C ASP B 457 44.78 32.98 -43.96
N ASP B 458 43.48 32.94 -43.74
CA ASP B 458 42.74 34.06 -43.18
C ASP B 458 42.04 33.54 -41.93
N PRO B 459 42.76 33.46 -40.80
CA PRO B 459 42.21 32.96 -39.54
C PRO B 459 40.89 33.63 -39.14
N ASP B 460 40.71 34.89 -39.50
CA ASP B 460 39.48 35.59 -39.14
C ASP B 460 38.29 35.07 -39.91
N ALA B 461 38.43 34.93 -41.22
CA ALA B 461 37.34 34.44 -42.03
C ALA B 461 37.06 32.99 -41.68
N MET B 462 38.12 32.26 -41.34
CA MET B 462 38.00 30.84 -41.00
C MET B 462 37.22 30.69 -39.70
N ARG B 463 37.55 31.50 -38.71
CA ARG B 463 36.87 31.45 -37.42
C ARG B 463 35.38 31.74 -37.60
N ALA B 464 35.07 32.77 -38.36
CA ALA B 464 33.67 33.14 -38.60
C ALA B 464 32.95 32.02 -39.32
N GLU B 465 33.66 31.39 -40.25
CA GLU B 465 33.07 30.30 -41.01
C GLU B 465 32.79 29.10 -40.09
N LYS B 466 33.74 28.79 -39.21
CA LYS B 466 33.60 27.66 -38.30
C LYS B 466 32.54 27.91 -37.24
N ILE B 467 32.49 29.14 -36.76
CA ILE B 467 31.51 29.51 -35.75
C ILE B 467 30.12 29.35 -36.35
N GLU B 468 29.97 29.82 -37.58
CA GLU B 468 28.68 29.74 -38.25
C GLU B 468 28.32 28.28 -38.50
N GLU B 469 29.32 27.46 -38.81
CA GLU B 469 29.10 26.05 -39.09
C GLU B 469 28.65 25.35 -37.82
N TYR B 470 29.33 25.64 -36.72
CA TYR B 470 28.95 25.03 -35.45
C TYR B 470 27.54 25.48 -35.05
N GLN B 471 27.31 26.78 -35.15
CA GLN B 471 26.04 27.39 -34.81
C GLN B 471 24.87 26.71 -35.54
N ASN B 472 25.03 26.53 -36.84
CA ASN B 472 23.99 25.92 -37.66
C ASN B 472 23.85 24.42 -37.44
N ALA B 473 24.94 23.76 -37.09
CA ALA B 473 24.91 22.32 -36.88
C ALA B 473 24.28 21.92 -35.55
N PHE B 474 24.38 22.77 -34.54
CA PHE B 474 23.84 22.40 -33.24
C PHE B 474 22.97 23.38 -32.49
N ASN B 475 23.26 24.67 -32.63
CA ASN B 475 22.57 25.66 -31.82
C ASN B 475 21.34 26.40 -32.29
N THR B 476 20.62 25.84 -33.24
CA THR B 476 19.41 26.49 -33.70
C THR B 476 18.27 25.70 -33.09
N PRO B 477 17.07 26.30 -32.99
CA PRO B 477 15.94 25.57 -32.41
C PRO B 477 15.56 24.37 -33.29
N TYR B 478 15.89 24.45 -34.58
CA TYR B 478 15.59 23.37 -35.50
C TYR B 478 16.46 22.14 -35.22
N VAL B 479 17.69 22.35 -34.76
CA VAL B 479 18.52 21.19 -34.44
C VAL B 479 18.02 20.62 -33.10
N ALA B 480 17.68 21.49 -32.16
CA ALA B 480 17.16 21.04 -30.87
C ALA B 480 15.89 20.23 -31.17
N ALA B 481 15.08 20.73 -32.09
CA ALA B 481 13.83 20.03 -32.43
C ALA B 481 14.17 18.75 -33.20
N ALA B 482 15.19 18.80 -34.05
CA ALA B 482 15.58 17.63 -34.82
C ALA B 482 15.97 16.48 -33.89
N ARG B 483 16.60 16.82 -32.77
CA ARG B 483 17.03 15.80 -31.81
C ARG B 483 15.96 15.46 -30.78
N GLY B 484 14.80 16.11 -30.86
CA GLY B 484 13.75 15.84 -29.91
C GLY B 484 13.89 16.53 -28.57
N GLN B 485 14.84 17.46 -28.47
CA GLN B 485 15.02 18.18 -27.22
C GLN B 485 13.86 19.15 -27.01
N VAL B 486 13.22 19.57 -28.09
CA VAL B 486 12.05 20.40 -27.92
C VAL B 486 10.95 19.71 -28.72
N ASP B 487 9.71 19.88 -28.28
CA ASP B 487 8.53 19.29 -28.94
C ASP B 487 8.22 19.96 -30.27
N ASP B 488 8.53 21.25 -30.34
CA ASP B 488 8.22 22.03 -31.52
C ASP B 488 8.89 23.38 -31.41
N VAL B 489 9.04 24.08 -32.53
CA VAL B 489 9.58 25.43 -32.50
C VAL B 489 8.29 26.22 -32.64
N ILE B 490 8.07 27.20 -31.78
CA ILE B 490 6.83 27.92 -31.82
C ILE B 490 6.92 29.42 -32.07
N ASP B 491 5.81 29.96 -32.53
CA ASP B 491 5.68 31.39 -32.76
C ASP B 491 5.50 31.94 -31.34
N PRO B 492 6.33 32.90 -30.94
CA PRO B 492 6.22 33.48 -29.59
C PRO B 492 4.80 33.93 -29.26
N ALA B 493 4.08 34.36 -30.29
CA ALA B 493 2.70 34.83 -30.12
C ALA B 493 1.77 33.77 -29.56
N ASP B 494 2.13 32.50 -29.76
CA ASP B 494 1.30 31.39 -29.30
C ASP B 494 1.71 30.81 -27.95
N THR B 495 2.69 31.41 -27.32
CA THR B 495 3.19 30.91 -26.04
C THR B 495 2.11 30.63 -25.01
N ARG B 496 1.20 31.57 -24.79
CA ARG B 496 0.17 31.33 -23.80
C ARG B 496 -0.66 30.09 -24.14
N ARG B 497 -1.06 29.96 -25.41
CA ARG B 497 -1.85 28.79 -25.80
C ARG B 497 -1.07 27.49 -25.64
N LYS B 498 0.18 27.50 -26.06
CA LYS B 498 1.00 26.29 -25.97
C LYS B 498 1.16 25.84 -24.53
N ILE B 499 1.44 26.79 -23.65
CA ILE B 499 1.59 26.49 -22.23
C ILE B 499 0.27 26.03 -21.68
N ALA B 500 -0.78 26.79 -21.98
CA ALA B 500 -2.12 26.44 -21.51
C ALA B 500 -2.52 25.04 -21.95
N SER B 501 -2.22 24.69 -23.20
CA SER B 501 -2.59 23.37 -23.71
C SER B 501 -1.79 22.27 -23.05
N ALA B 502 -0.51 22.51 -22.84
CA ALA B 502 0.34 21.51 -22.19
C ALA B 502 -0.14 21.28 -20.76
N LEU B 503 -0.49 22.35 -20.05
CA LEU B 503 -0.96 22.22 -18.68
C LEU B 503 -2.26 21.44 -18.66
N GLU B 504 -3.11 21.70 -19.64
CA GLU B 504 -4.39 21.00 -19.74
C GLU B 504 -4.12 19.51 -19.96
N MET B 505 -3.23 19.16 -20.88
CA MET B 505 -2.99 17.75 -21.12
C MET B 505 -2.28 17.08 -19.97
N TYR B 506 -1.33 17.76 -19.36
CA TYR B 506 -0.63 17.12 -18.25
C TYR B 506 -1.31 17.30 -16.89
N ALA B 507 -2.55 17.81 -16.92
CA ALA B 507 -3.29 17.99 -15.67
C ALA B 507 -3.56 16.62 -15.05
N THR B 508 -3.59 15.58 -15.87
CA THR B 508 -3.83 14.23 -15.36
C THR B 508 -2.53 13.43 -15.28
N LYS B 509 -1.40 14.13 -15.25
CA LYS B 509 -0.10 13.46 -15.16
C LYS B 509 0.03 12.72 -13.82
N ARG B 510 0.43 11.46 -13.88
CA ARG B 510 0.64 10.68 -12.67
C ARG B 510 2.02 10.09 -12.84
N GLN B 511 2.97 10.60 -12.06
CA GLN B 511 4.35 10.14 -12.14
C GLN B 511 4.84 9.73 -10.75
N THR B 512 5.60 8.64 -10.70
CA THR B 512 6.12 8.13 -9.42
C THR B 512 7.63 8.13 -9.39
N ARG B 513 8.18 8.01 -8.18
CA ARG B 513 9.63 7.99 -7.96
C ARG B 513 9.99 6.71 -7.21
N PRO B 514 11.28 6.31 -7.25
CA PRO B 514 11.72 5.09 -6.55
C PRO B 514 11.43 5.26 -5.06
N ALA B 515 11.12 4.17 -4.37
CA ALA B 515 10.84 4.24 -2.94
C ALA B 515 12.11 4.62 -2.19
N LYS B 516 11.96 5.54 -1.24
CA LYS B 516 13.08 6.02 -0.44
C LYS B 516 12.48 6.91 0.63
N LYS B 517 13.18 7.08 1.76
CA LYS B 517 12.67 7.97 2.80
C LYS B 517 12.70 9.36 2.18
N HIS B 518 13.80 9.63 1.50
CA HIS B 518 14.01 10.90 0.83
C HIS B 518 15.31 10.77 0.06
N GLY B 519 15.49 11.64 -0.92
CA GLY B 519 16.71 11.61 -1.67
C GLY B 519 17.67 12.43 -0.82
N ASN B 520 18.86 12.64 -1.33
CA ASN B 520 19.82 13.41 -0.57
C ASN B 520 19.99 14.78 -1.23
N PHE B 521 19.04 15.66 -0.91
CA PHE B 521 19.01 17.01 -1.44
C PHE B 521 20.31 17.73 -1.07
N PRO B 522 20.98 18.34 -2.05
CA PRO B 522 22.24 19.04 -1.78
C PRO B 522 22.09 20.15 -0.74
N CYS B 523 23.12 20.30 0.09
CA CYS B 523 23.14 21.35 1.11
C CYS B 523 24.02 22.49 0.62
N LYS C 7 20.30 31.85 -43.73
CA LYS C 7 19.93 33.28 -43.88
C LYS C 7 18.74 33.64 -42.98
N LEU C 8 18.99 33.65 -41.67
CA LEU C 8 17.97 33.97 -40.67
C LEU C 8 17.41 35.37 -40.81
N ALA C 9 16.11 35.52 -40.56
CA ALA C 9 15.47 36.82 -40.66
C ALA C 9 15.99 37.69 -39.52
N SER C 10 15.91 39.00 -39.71
CA SER C 10 16.40 39.95 -38.71
C SER C 10 15.39 40.24 -37.61
N THR C 11 14.13 39.91 -37.84
CA THR C 11 13.13 40.16 -36.82
C THR C 11 12.46 38.87 -36.39
N MET C 12 11.78 38.91 -35.25
CA MET C 12 11.10 37.73 -34.76
C MET C 12 9.97 37.42 -35.74
N GLU C 13 9.25 38.45 -36.22
CA GLU C 13 8.17 38.19 -37.16
C GLU C 13 8.73 37.51 -38.41
N GLY C 14 9.95 37.88 -38.78
CA GLY C 14 10.60 37.28 -39.93
C GLY C 14 10.91 35.80 -39.70
N ARG C 15 11.43 35.49 -38.52
CA ARG C 15 11.76 34.12 -38.19
C ARG C 15 10.49 33.31 -38.01
N VAL C 16 9.42 33.99 -37.62
CA VAL C 16 8.12 33.34 -37.47
C VAL C 16 7.67 32.94 -38.87
N GLU C 17 7.90 33.81 -39.85
CA GLU C 17 7.50 33.50 -41.23
C GLU C 17 8.33 32.32 -41.72
N GLN C 18 9.63 32.32 -41.42
CA GLN C 18 10.50 31.23 -41.84
C GLN C 18 10.05 29.92 -41.19
N LEU C 19 9.65 29.99 -39.92
CA LEU C 19 9.16 28.81 -39.20
C LEU C 19 7.93 28.26 -39.92
N ALA C 20 7.04 29.16 -40.35
CA ALA C 20 5.82 28.75 -41.04
C ALA C 20 6.18 28.06 -42.35
N GLU C 21 7.13 28.65 -43.09
CA GLU C 21 7.55 28.06 -44.35
C GLU C 21 8.18 26.68 -44.13
N GLN C 22 9.04 26.58 -43.11
CA GLN C 22 9.67 25.30 -42.83
C GLN C 22 8.66 24.27 -42.37
N ARG C 23 7.68 24.70 -41.59
CA ARG C 23 6.65 23.77 -41.12
C ARG C 23 5.80 23.34 -42.31
N GLN C 24 5.48 24.28 -43.20
CA GLN C 24 4.67 23.94 -44.37
C GLN C 24 5.39 22.84 -45.17
N VAL C 25 6.72 22.95 -45.28
CA VAL C 25 7.50 21.94 -46.01
C VAL C 25 7.43 20.57 -45.32
N ILE C 26 7.53 20.56 -44.00
CA ILE C 26 7.46 19.28 -43.27
C ILE C 26 6.08 18.64 -43.48
N GLU C 27 5.03 19.45 -43.37
CA GLU C 27 3.68 18.92 -43.52
C GLU C 27 3.32 18.47 -44.93
N ALA C 28 4.15 18.82 -45.91
CA ALA C 28 3.91 18.40 -47.29
C ALA C 28 4.38 16.94 -47.43
N GLY C 29 5.07 16.45 -46.41
CA GLY C 29 5.53 15.08 -46.41
C GLY C 29 6.41 14.71 -47.60
N GLY C 30 6.05 13.64 -48.29
CA GLY C 30 6.83 13.20 -49.43
C GLY C 30 6.60 14.02 -50.69
N GLY C 31 5.80 15.07 -50.60
CA GLY C 31 5.54 15.90 -51.76
C GLY C 31 4.21 15.68 -52.49
N GLU C 32 3.79 16.71 -53.23
CA GLU C 32 2.55 16.69 -54.00
C GLU C 32 2.31 15.45 -54.85
N ARG C 33 3.32 15.02 -55.59
CA ARG C 33 3.17 13.83 -56.43
C ARG C 33 2.84 12.58 -55.60
N ARG C 34 3.56 12.40 -54.49
CA ARG C 34 3.31 11.22 -53.65
C ARG C 34 1.96 11.33 -52.95
N VAL C 35 1.54 12.56 -52.64
CA VAL C 35 0.25 12.80 -52.00
C VAL C 35 -0.85 12.51 -53.02
N GLU C 36 -0.64 12.93 -54.27
CA GLU C 36 -1.64 12.66 -55.29
C GLU C 36 -1.74 11.15 -55.46
N LYS C 37 -0.61 10.46 -55.43
CA LYS C 37 -0.61 9.00 -55.58
C LYS C 37 -1.40 8.39 -54.40
N GLN C 38 -1.11 8.87 -53.19
CA GLN C 38 -1.82 8.38 -52.00
C GLN C 38 -3.32 8.59 -52.22
N HIS C 39 -3.71 9.80 -52.60
CA HIS C 39 -5.12 10.10 -52.83
C HIS C 39 -5.72 9.29 -53.99
N SER C 40 -4.94 9.11 -55.05
CA SER C 40 -5.44 8.35 -56.19
C SER C 40 -5.70 6.90 -55.77
N GLN C 41 -5.06 6.46 -54.68
CA GLN C 41 -5.25 5.10 -54.19
C GLN C 41 -6.41 5.08 -53.22
N GLY C 42 -7.12 6.20 -53.11
CA GLY C 42 -8.24 6.28 -52.20
C GLY C 42 -7.84 6.37 -50.73
N LYS C 43 -6.61 6.82 -50.47
CA LYS C 43 -6.10 6.95 -49.10
C LYS C 43 -5.95 8.42 -48.70
N GLN C 44 -6.26 8.75 -47.45
CA GLN C 44 -6.06 10.12 -46.97
C GLN C 44 -4.60 10.15 -46.55
N THR C 45 -4.02 11.35 -46.46
CA THR C 45 -2.63 11.47 -46.02
C THR C 45 -2.59 11.30 -44.50
N ALA C 46 -1.41 11.10 -43.95
CA ALA C 46 -1.25 10.92 -42.51
C ALA C 46 -1.87 12.09 -41.75
N ARG C 47 -1.68 13.31 -42.26
CA ARG C 47 -2.22 14.49 -41.60
C ARG C 47 -3.71 14.69 -41.77
N GLU C 48 -4.25 14.25 -42.91
CA GLU C 48 -5.69 14.35 -43.12
C GLU C 48 -6.40 13.42 -42.15
N ARG C 49 -5.79 12.25 -41.92
CA ARG C 49 -6.36 11.27 -41.00
C ARG C 49 -6.49 11.82 -39.59
N LEU C 50 -5.42 12.42 -39.09
CA LEU C 50 -5.45 13.01 -37.77
C LEU C 50 -6.43 14.19 -37.74
N ASN C 51 -6.43 14.99 -38.81
CA ASN C 51 -7.31 16.15 -38.86
C ASN C 51 -8.79 15.75 -38.87
N ASN C 52 -9.10 14.62 -39.49
CA ASN C 52 -10.48 14.16 -39.56
C ASN C 52 -10.86 13.41 -38.30
N LEU C 53 -9.89 12.76 -37.66
CA LEU C 53 -10.15 12.02 -36.44
C LEU C 53 -10.31 12.94 -35.23
N LEU C 54 -9.37 13.85 -35.05
CA LEU C 54 -9.41 14.73 -33.90
C LEU C 54 -10.38 15.87 -34.09
N ASP C 55 -10.84 16.46 -32.99
CA ASP C 55 -11.75 17.59 -33.05
C ASP C 55 -11.05 18.70 -33.80
N PRO C 56 -11.81 19.51 -34.56
CA PRO C 56 -11.25 20.62 -35.33
C PRO C 56 -10.22 21.43 -34.55
N HIS C 57 -9.04 21.58 -35.11
CA HIS C 57 -7.96 22.35 -34.51
C HIS C 57 -7.48 21.89 -33.15
N SER C 58 -7.80 20.66 -32.76
CA SER C 58 -7.35 20.20 -31.45
C SER C 58 -5.97 19.59 -31.52
N PHE C 59 -5.54 19.14 -32.70
CA PHE C 59 -4.23 18.49 -32.81
C PHE C 59 -3.04 19.36 -32.42
N ASP C 60 -2.27 18.89 -31.43
CA ASP C 60 -1.08 19.59 -30.97
C ASP C 60 0.05 18.61 -31.25
N GLU C 61 0.83 18.91 -32.28
CA GLU C 61 1.92 18.03 -32.73
C GLU C 61 3.22 18.10 -31.99
N VAL C 62 3.83 16.93 -31.80
CA VAL C 62 5.12 16.84 -31.15
C VAL C 62 6.08 16.25 -32.17
N GLY C 63 7.21 16.93 -32.35
CA GLY C 63 8.21 16.41 -33.27
C GLY C 63 8.03 16.57 -34.76
N ALA C 64 7.29 17.59 -35.21
CA ALA C 64 7.16 17.78 -36.64
C ALA C 64 8.58 17.92 -37.18
N PHE C 65 9.42 18.60 -36.39
CA PHE C 65 10.80 18.85 -36.79
C PHE C 65 11.82 17.78 -36.38
N ARG C 66 11.33 16.68 -35.83
CA ARG C 66 12.21 15.59 -35.42
C ARG C 66 12.84 14.97 -36.66
N LYS C 67 14.12 14.61 -36.60
CA LYS C 67 14.80 14.01 -37.74
C LYS C 67 15.55 12.77 -37.33
N HIS C 68 15.70 11.83 -38.27
CA HIS C 68 16.44 10.61 -38.01
C HIS C 68 17.90 11.01 -37.79
N ARG C 69 18.67 10.14 -37.15
CA ARG C 69 20.08 10.43 -36.92
C ARG C 69 20.92 9.37 -37.60
N THR C 70 20.25 8.45 -38.30
CA THR C 70 20.92 7.37 -39.01
C THR C 70 21.67 7.95 -40.21
N THR C 71 22.75 7.29 -40.62
CA THR C 71 23.54 7.81 -41.74
C THR C 71 23.91 6.81 -42.82
N LEU C 72 23.76 5.52 -42.55
CA LEU C 72 24.13 4.50 -43.52
C LEU C 72 23.18 4.33 -44.71
N PHE C 73 23.74 3.80 -45.79
CA PHE C 73 22.99 3.53 -47.02
C PHE C 73 22.06 4.64 -47.50
N GLY C 74 22.57 5.86 -47.54
CA GLY C 74 21.78 6.97 -48.04
C GLY C 74 21.03 7.79 -46.99
N MET C 75 20.95 7.28 -45.77
CA MET C 75 20.24 8.00 -44.72
C MET C 75 20.89 9.34 -44.40
N ASP C 76 22.20 9.43 -44.55
CA ASP C 76 22.89 10.68 -44.27
C ASP C 76 22.33 11.80 -45.14
N LYS C 77 22.05 11.50 -46.40
CA LYS C 77 21.53 12.49 -47.34
C LYS C 77 19.99 12.53 -47.45
N ALA C 78 19.33 11.57 -46.81
CA ALA C 78 17.88 11.52 -46.89
C ALA C 78 17.13 12.59 -46.09
N VAL C 79 16.15 13.22 -46.74
CA VAL C 79 15.29 14.24 -46.12
C VAL C 79 14.02 13.44 -45.85
N VAL C 80 13.74 13.18 -44.58
CA VAL C 80 12.61 12.35 -44.19
C VAL C 80 11.74 13.10 -43.17
N PRO C 81 10.82 13.94 -43.67
CA PRO C 81 9.91 14.75 -42.84
C PRO C 81 9.25 14.02 -41.67
N ALA C 82 9.49 14.54 -40.46
CA ALA C 82 8.93 14.00 -39.22
C ALA C 82 9.28 12.53 -39.06
N ASP C 83 10.33 12.13 -39.77
CA ASP C 83 10.78 10.74 -39.86
C ASP C 83 9.65 9.82 -40.28
N GLY C 84 8.66 10.38 -40.96
CA GLY C 84 7.59 9.56 -41.47
C GLY C 84 6.41 9.26 -40.59
N VAL C 85 6.31 9.93 -39.45
CA VAL C 85 5.16 9.70 -38.60
C VAL C 85 4.75 11.03 -37.99
N VAL C 86 3.45 11.27 -37.87
CA VAL C 86 2.96 12.51 -37.31
C VAL C 86 2.37 12.12 -35.96
N THR C 87 2.89 12.73 -34.90
CA THR C 87 2.45 12.39 -33.54
C THR C 87 2.08 13.58 -32.67
N GLY C 88 1.18 13.35 -31.71
CA GLY C 88 0.81 14.41 -30.82
C GLY C 88 -0.42 14.09 -30.02
N ARG C 89 -1.07 15.15 -29.57
CA ARG C 89 -2.29 15.01 -28.79
C ARG C 89 -3.38 15.89 -29.38
N GLY C 90 -4.60 15.52 -29.06
CA GLY C 90 -5.74 16.28 -29.52
C GLY C 90 -6.91 15.83 -28.68
N THR C 91 -8.12 16.11 -29.14
CA THR C 91 -9.27 15.66 -28.40
C THR C 91 -10.26 15.05 -29.35
N ILE C 92 -11.04 14.11 -28.82
CA ILE C 92 -12.09 13.49 -29.61
C ILE C 92 -13.32 13.74 -28.74
N LEU C 93 -14.23 14.54 -29.27
CA LEU C 93 -15.43 14.93 -28.54
C LEU C 93 -15.01 15.48 -27.18
N GLY C 94 -13.96 16.30 -27.20
CA GLY C 94 -13.47 16.91 -25.98
C GLY C 94 -12.58 16.03 -25.14
N ARG C 95 -12.51 14.75 -25.46
CA ARG C 95 -11.69 13.86 -24.66
C ARG C 95 -10.23 13.86 -25.15
N PRO C 96 -9.29 14.14 -24.24
CA PRO C 96 -7.87 14.15 -24.58
C PRO C 96 -7.45 12.77 -25.08
N VAL C 97 -6.68 12.72 -26.16
CA VAL C 97 -6.18 11.46 -26.70
C VAL C 97 -4.80 11.77 -27.27
N HIS C 98 -4.00 10.73 -27.46
CA HIS C 98 -2.69 10.87 -28.05
C HIS C 98 -2.81 10.04 -29.33
N ALA C 99 -2.14 10.47 -30.39
CA ALA C 99 -2.28 9.77 -31.65
C ALA C 99 -1.01 9.83 -32.48
N ALA C 100 -0.89 8.86 -33.36
CA ALA C 100 0.25 8.78 -34.26
C ALA C 100 -0.34 8.45 -35.63
N SER C 101 0.34 8.87 -36.68
CA SER C 101 -0.16 8.60 -38.03
C SER C 101 1.01 8.47 -38.99
N GLN C 102 1.29 7.24 -39.41
CA GLN C 102 2.41 6.97 -40.32
C GLN C 102 2.19 7.60 -41.68
N ASP C 103 3.27 8.20 -42.19
CA ASP C 103 3.22 8.89 -43.48
C ASP C 103 3.87 8.07 -44.58
N PHE C 104 3.04 7.35 -45.34
CA PHE C 104 3.51 6.50 -46.43
C PHE C 104 4.23 7.26 -47.53
N THR C 105 3.93 8.55 -47.67
CA THR C 105 4.57 9.35 -48.72
C THR C 105 6.04 9.60 -48.38
N VAL C 106 6.44 9.30 -47.15
CA VAL C 106 7.81 9.52 -46.71
C VAL C 106 8.54 8.20 -46.54
N MET C 107 9.40 7.88 -47.50
CA MET C 107 10.15 6.63 -47.47
C MET C 107 9.22 5.45 -47.21
N GLY C 108 8.12 5.43 -47.95
CA GLY C 108 7.14 4.36 -47.85
C GLY C 108 6.60 4.17 -46.44
N GLY C 109 6.74 5.20 -45.60
CA GLY C 109 6.27 5.10 -44.24
C GLY C 109 7.12 4.08 -43.51
N SER C 110 8.28 3.75 -44.07
CA SER C 110 9.18 2.76 -43.46
C SER C 110 9.43 3.11 -42.00
N ALA C 111 9.53 2.09 -41.14
CA ALA C 111 9.74 2.33 -39.72
C ALA C 111 11.15 2.73 -39.31
N GLY C 112 11.44 4.02 -39.43
CA GLY C 112 12.73 4.51 -39.02
C GLY C 112 12.85 4.43 -37.50
N GLU C 113 14.08 4.38 -37.03
CA GLU C 113 14.35 4.31 -35.61
C GLU C 113 13.74 5.52 -34.88
N THR C 114 13.91 6.70 -35.45
CA THR C 114 13.36 7.89 -34.82
C THR C 114 11.84 7.90 -34.86
N GLN C 115 11.31 7.38 -35.95
CA GLN C 115 9.87 7.30 -36.12
C GLN C 115 9.30 6.50 -34.96
N SER C 116 9.89 5.34 -34.69
CA SER C 116 9.42 4.48 -33.61
C SER C 116 9.59 5.17 -32.26
N THR C 117 10.69 5.90 -32.11
CA THR C 117 10.93 6.62 -30.86
C THR C 117 9.84 7.67 -30.67
N LYS C 118 9.46 8.37 -31.74
CA LYS C 118 8.41 9.37 -31.62
C LYS C 118 7.11 8.69 -31.22
N VAL C 119 6.83 7.54 -31.81
CA VAL C 119 5.60 6.82 -31.47
C VAL C 119 5.64 6.36 -30.02
N VAL C 120 6.75 5.77 -29.59
CA VAL C 120 6.85 5.31 -28.20
C VAL C 120 6.75 6.49 -27.21
N GLU C 121 7.33 7.62 -27.57
CA GLU C 121 7.26 8.76 -26.65
C GLU C 121 5.82 9.24 -26.51
N THR C 122 5.07 9.20 -27.62
CA THR C 122 3.68 9.61 -27.61
C THR C 122 2.87 8.61 -26.79
N MET C 123 3.22 7.33 -26.91
CA MET C 123 2.54 6.28 -26.16
C MET C 123 2.79 6.49 -24.68
N GLU C 124 4.04 6.78 -24.34
CA GLU C 124 4.41 7.03 -22.96
C GLU C 124 3.66 8.25 -22.40
N GLN C 125 3.36 9.23 -23.25
CA GLN C 125 2.62 10.40 -22.77
C GLN C 125 1.17 9.97 -22.50
N ALA C 126 0.65 9.12 -23.37
CA ALA C 126 -0.72 8.64 -23.21
C ALA C 126 -0.81 7.89 -21.89
N LEU C 127 0.19 7.07 -21.61
CA LEU C 127 0.24 6.29 -20.36
C LEU C 127 0.39 7.21 -19.17
N LEU C 128 1.30 8.16 -19.28
CA LEU C 128 1.59 9.11 -18.23
C LEU C 128 0.36 9.96 -17.86
N THR C 129 -0.42 10.35 -18.87
CA THR C 129 -1.59 11.18 -18.64
C THR C 129 -2.90 10.41 -18.61
N GLY C 130 -2.82 9.10 -18.82
CA GLY C 130 -4.01 8.27 -18.79
C GLY C 130 -5.02 8.56 -19.88
N THR C 131 -4.54 8.67 -21.11
CA THR C 131 -5.46 8.94 -22.21
C THR C 131 -5.32 7.84 -23.24
N PRO C 132 -6.35 7.65 -24.07
CA PRO C 132 -6.32 6.62 -25.10
C PRO C 132 -5.20 6.96 -26.12
N PHE C 133 -4.78 5.95 -26.86
CA PHE C 133 -3.75 6.11 -27.87
C PHE C 133 -4.26 5.51 -29.17
N LEU C 134 -4.27 6.29 -30.23
CA LEU C 134 -4.74 5.83 -31.53
C LEU C 134 -3.59 5.98 -32.51
N PHE C 135 -3.43 4.99 -33.40
CA PHE C 135 -2.31 4.98 -34.34
C PHE C 135 -2.78 4.54 -35.73
N PHE C 136 -2.52 5.36 -36.75
CA PHE C 136 -2.85 5.01 -38.14
C PHE C 136 -1.58 4.40 -38.73
N TYR C 137 -1.64 3.13 -39.15
CA TYR C 137 -0.49 2.46 -39.72
C TYR C 137 -0.61 2.52 -41.24
N ASP C 138 0.53 2.79 -41.89
CA ASP C 138 0.61 2.92 -43.35
C ASP C 138 2.10 2.93 -43.60
N SER C 139 2.68 1.74 -43.67
CA SER C 139 4.12 1.58 -43.81
C SER C 139 4.53 0.38 -44.66
N GLY C 140 5.51 0.59 -45.52
CA GLY C 140 6.00 -0.47 -46.38
C GLY C 140 6.91 -1.43 -45.64
N GLY C 141 7.07 -1.24 -44.34
CA GLY C 141 7.91 -2.14 -43.56
C GLY C 141 9.04 -1.47 -42.80
N ALA C 142 10.05 -2.27 -42.48
CA ALA C 142 11.22 -1.78 -41.76
C ALA C 142 12.01 -0.85 -42.64
N ARG C 143 12.79 0.04 -42.04
CA ARG C 143 13.60 0.90 -42.87
C ARG C 143 14.93 0.14 -42.92
N ILE C 144 15.02 -0.72 -43.93
CA ILE C 144 16.18 -1.60 -44.13
C ILE C 144 17.52 -0.90 -44.11
N GLN C 145 17.55 0.31 -44.63
CA GLN C 145 18.78 1.11 -44.66
C GLN C 145 19.30 1.44 -43.27
N GLU C 146 18.45 1.33 -42.25
CA GLU C 146 18.87 1.62 -40.88
C GLU C 146 19.19 0.34 -40.12
N GLY C 147 19.02 -0.79 -40.79
CA GLY C 147 19.35 -2.07 -40.19
C GLY C 147 18.83 -2.30 -38.79
N ILE C 148 19.72 -2.70 -37.88
CA ILE C 148 19.28 -3.00 -36.53
C ILE C 148 18.74 -1.81 -35.74
N ASP C 149 18.93 -0.59 -36.24
CA ASP C 149 18.37 0.59 -35.55
C ASP C 149 16.87 0.58 -35.80
N SER C 150 16.48 0.15 -37.00
CA SER C 150 15.07 0.07 -37.32
C SER C 150 14.49 -1.06 -36.47
N LEU C 151 15.25 -2.15 -36.37
CA LEU C 151 14.86 -3.32 -35.58
C LEU C 151 14.56 -2.93 -34.13
N SER C 152 15.50 -2.21 -33.52
CA SER C 152 15.34 -1.81 -32.13
C SER C 152 14.09 -0.95 -31.95
N GLY C 153 13.80 -0.09 -32.93
CA GLY C 153 12.62 0.74 -32.84
C GLY C 153 11.38 -0.12 -32.69
N TYR C 154 11.27 -1.19 -33.49
CA TYR C 154 10.11 -2.07 -33.38
C TYR C 154 10.04 -2.68 -31.98
N GLY C 155 11.18 -3.16 -31.50
CA GLY C 155 11.22 -3.76 -30.18
C GLY C 155 10.68 -2.78 -29.14
N LYS C 156 11.14 -1.54 -29.18
CA LYS C 156 10.67 -0.54 -28.23
C LYS C 156 9.16 -0.30 -28.38
N MET C 157 8.67 -0.29 -29.61
CA MET C 157 7.25 -0.07 -29.79
C MET C 157 6.46 -1.25 -29.22
N PHE C 158 6.87 -2.47 -29.53
CA PHE C 158 6.14 -3.62 -29.03
C PHE C 158 6.12 -3.63 -27.51
N PHE C 159 7.26 -3.34 -26.90
CA PHE C 159 7.36 -3.31 -25.44
C PHE C 159 6.38 -2.27 -24.88
N ALA C 160 6.31 -1.12 -25.55
CA ALA C 160 5.40 -0.03 -25.15
C ALA C 160 3.94 -0.42 -25.32
N ASN C 161 3.61 -1.13 -26.39
CA ASN C 161 2.21 -1.55 -26.59
C ASN C 161 1.81 -2.40 -25.39
N VAL C 162 2.73 -3.26 -24.95
CA VAL C 162 2.44 -4.13 -23.80
C VAL C 162 2.36 -3.33 -22.51
N LYS C 163 3.23 -2.33 -22.38
CA LYS C 163 3.24 -1.50 -21.18
C LYS C 163 1.89 -0.76 -21.06
N LEU C 164 1.35 -0.26 -22.16
CA LEU C 164 0.08 0.44 -22.13
C LEU C 164 -1.11 -0.49 -22.06
N SER C 165 -0.89 -1.75 -22.41
CA SER C 165 -1.97 -2.71 -22.46
C SER C 165 -2.74 -2.84 -21.16
N GLY C 166 -4.03 -2.60 -21.23
CA GLY C 166 -4.87 -2.70 -20.06
C GLY C 166 -4.79 -1.47 -19.18
N VAL C 167 -4.05 -0.43 -19.63
CA VAL C 167 -3.95 0.80 -18.84
C VAL C 167 -4.73 1.91 -19.55
N VAL C 168 -4.43 2.10 -20.83
CA VAL C 168 -5.16 3.07 -21.65
C VAL C 168 -5.56 2.33 -22.91
N PRO C 169 -6.74 2.62 -23.45
CA PRO C 169 -7.17 1.92 -24.67
C PRO C 169 -6.22 2.22 -25.84
N GLN C 170 -5.92 1.21 -26.64
CA GLN C 170 -5.03 1.40 -27.78
C GLN C 170 -5.79 0.94 -29.00
N ILE C 171 -5.92 1.84 -29.97
CA ILE C 171 -6.68 1.54 -31.19
C ILE C 171 -5.77 1.68 -32.39
N ALA C 172 -5.70 0.61 -33.19
CA ALA C 172 -4.88 0.60 -34.39
C ALA C 172 -5.75 0.75 -35.62
N ILE C 173 -5.37 1.66 -36.51
CA ILE C 173 -6.10 1.84 -37.75
C ILE C 173 -5.11 1.52 -38.87
N ILE C 174 -5.28 0.38 -39.52
CA ILE C 174 -4.38 0.01 -40.61
C ILE C 174 -5.02 0.62 -41.84
N ALA C 175 -4.38 1.63 -42.39
CA ALA C 175 -4.93 2.35 -43.52
C ALA C 175 -4.05 2.27 -44.76
N GLY C 176 -3.16 1.29 -44.78
CA GLY C 176 -2.28 1.10 -45.92
C GLY C 176 -1.50 -0.15 -45.63
N PRO C 177 -0.31 -0.30 -46.23
CA PRO C 177 0.47 -1.52 -45.95
C PRO C 177 0.91 -1.54 -44.49
N CYS C 178 1.13 -2.74 -43.98
CA CYS C 178 1.63 -2.98 -42.62
C CYS C 178 2.23 -4.37 -42.77
N ALA C 179 3.37 -4.44 -43.43
CA ALA C 179 4.01 -5.72 -43.69
C ALA C 179 5.08 -6.13 -42.73
N GLY C 180 5.29 -7.44 -42.65
CA GLY C 180 6.32 -7.97 -41.77
C GLY C 180 6.01 -7.83 -40.29
N GLY C 181 7.06 -7.83 -39.49
CA GLY C 181 6.92 -7.73 -38.05
C GLY C 181 6.16 -6.53 -37.53
N ALA C 182 6.01 -5.49 -38.35
CA ALA C 182 5.28 -4.28 -37.94
C ALA C 182 3.87 -4.61 -37.49
N SER C 183 3.32 -5.67 -38.07
CA SER C 183 1.98 -6.12 -37.78
C SER C 183 1.79 -6.45 -36.31
N TYR C 184 2.89 -6.74 -35.63
CA TYR C 184 2.83 -7.10 -34.23
C TYR C 184 2.38 -5.95 -33.32
N SER C 185 2.62 -4.71 -33.74
CA SER C 185 2.19 -3.60 -32.90
C SER C 185 0.66 -3.57 -32.89
N PRO C 186 0.02 -3.53 -34.07
CA PRO C 186 -1.45 -3.53 -34.06
C PRO C 186 -1.97 -4.71 -33.23
N ALA C 187 -1.29 -5.85 -33.36
CA ALA C 187 -1.68 -7.06 -32.64
C ALA C 187 -1.64 -6.86 -31.12
N LEU C 188 -0.76 -5.98 -30.66
CA LEU C 188 -0.63 -5.73 -29.24
C LEU C 188 -1.56 -4.62 -28.74
N THR C 189 -2.19 -3.89 -29.67
CA THR C 189 -3.15 -2.86 -29.24
C THR C 189 -4.45 -3.61 -28.92
N ASP C 190 -5.52 -2.90 -28.59
CA ASP C 190 -6.77 -3.57 -28.26
C ASP C 190 -7.68 -3.80 -29.45
N PHE C 191 -7.72 -2.86 -30.38
CA PHE C 191 -8.59 -3.03 -31.55
C PHE C 191 -7.92 -2.63 -32.83
N ILE C 192 -8.09 -3.43 -33.87
CA ILE C 192 -7.54 -3.09 -35.15
C ILE C 192 -8.73 -2.81 -36.08
N ILE C 193 -8.70 -1.63 -36.71
CA ILE C 193 -9.72 -1.23 -37.67
C ILE C 193 -8.91 -1.26 -38.95
N MET C 194 -9.30 -2.09 -39.91
CA MET C 194 -8.53 -2.20 -41.14
C MET C 194 -9.31 -1.76 -42.37
N THR C 195 -8.75 -0.87 -43.16
CA THR C 195 -9.48 -0.41 -44.34
C THR C 195 -9.29 -1.37 -45.49
N LYS C 196 -10.10 -1.17 -46.54
CA LYS C 196 -10.04 -2.02 -47.72
C LYS C 196 -8.82 -1.69 -48.58
N LYS C 197 -8.09 -0.64 -48.21
CA LYS C 197 -6.89 -0.26 -48.96
C LYS C 197 -5.64 -0.81 -48.30
N ALA C 198 -5.79 -1.42 -47.13
CA ALA C 198 -4.66 -1.94 -46.37
C ALA C 198 -4.35 -3.42 -46.56
N HIS C 199 -3.14 -3.81 -46.20
CA HIS C 199 -2.72 -5.19 -46.26
C HIS C 199 -1.78 -5.45 -45.12
N MET C 200 -1.82 -6.67 -44.60
CA MET C 200 -1.01 -7.02 -43.48
C MET C 200 -0.66 -8.50 -43.55
N PHE C 201 0.60 -8.83 -43.27
CA PHE C 201 1.06 -10.22 -43.23
C PHE C 201 2.49 -10.27 -42.72
N ILE C 202 2.80 -11.31 -41.95
CA ILE C 202 4.15 -11.44 -41.42
C ILE C 202 5.08 -11.75 -42.59
N THR C 203 4.67 -12.68 -43.45
CA THR C 203 5.45 -13.04 -44.63
C THR C 203 4.58 -12.79 -45.87
N GLY C 204 5.12 -12.06 -46.86
CA GLY C 204 4.38 -11.73 -48.06
C GLY C 204 4.30 -12.79 -49.15
N PRO C 205 3.45 -12.58 -50.18
CA PRO C 205 3.28 -13.54 -51.28
C PRO C 205 4.60 -13.95 -51.95
N GLN C 206 5.48 -12.97 -52.12
CA GLN C 206 6.77 -13.18 -52.75
C GLN C 206 7.56 -14.25 -52.02
N VAL C 207 7.94 -13.96 -50.77
CA VAL C 207 8.70 -14.92 -50.01
C VAL C 207 7.96 -16.24 -49.82
N ILE C 208 6.63 -16.19 -49.76
CA ILE C 208 5.85 -17.41 -49.59
C ILE C 208 6.01 -18.29 -50.82
N LYS C 209 6.07 -17.69 -52.00
CA LYS C 209 6.23 -18.49 -53.21
C LYS C 209 7.61 -19.13 -53.30
N SER C 210 8.63 -18.44 -52.79
CA SER C 210 9.98 -18.99 -52.84
C SER C 210 10.18 -20.17 -51.90
N VAL C 211 9.73 -20.04 -50.66
CA VAL C 211 9.88 -21.10 -49.67
C VAL C 211 8.92 -22.25 -49.94
N THR C 212 7.64 -21.95 -50.09
CA THR C 212 6.65 -22.99 -50.37
C THR C 212 6.25 -22.79 -51.83
N GLY C 213 5.41 -23.66 -52.38
CA GLY C 213 5.03 -23.48 -53.76
C GLY C 213 3.71 -22.74 -53.91
N GLU C 214 3.24 -22.18 -52.80
CA GLU C 214 1.96 -21.46 -52.76
C GLU C 214 1.90 -20.15 -53.53
N ASP C 215 0.83 -20.01 -54.31
CA ASP C 215 0.58 -18.80 -55.10
C ASP C 215 -0.60 -18.07 -54.49
N VAL C 216 -0.37 -16.85 -54.03
CA VAL C 216 -1.41 -16.06 -53.41
C VAL C 216 -1.12 -14.59 -53.65
N THR C 217 -2.18 -13.80 -53.81
CA THR C 217 -2.00 -12.36 -54.01
C THR C 217 -1.96 -11.72 -52.63
N ALA C 218 -1.48 -10.49 -52.58
CA ALA C 218 -1.39 -9.76 -51.32
C ALA C 218 -2.79 -9.59 -50.72
N ASP C 219 -3.76 -9.32 -51.59
CA ASP C 219 -5.14 -9.12 -51.17
C ASP C 219 -5.72 -10.38 -50.54
N GLU C 220 -5.50 -11.52 -51.18
CA GLU C 220 -6.01 -12.80 -50.71
C GLU C 220 -5.33 -13.20 -49.41
N LEU C 221 -4.03 -12.90 -49.33
CA LEU C 221 -3.23 -13.24 -48.17
C LEU C 221 -3.50 -12.37 -46.94
N GLY C 222 -3.47 -11.06 -47.11
CA GLY C 222 -3.67 -10.19 -45.96
C GLY C 222 -4.49 -8.95 -46.17
N GLY C 223 -5.52 -9.04 -47.00
CA GLY C 223 -6.40 -7.91 -47.22
C GLY C 223 -7.33 -7.93 -46.03
N ALA C 224 -8.13 -6.89 -45.86
CA ALA C 224 -9.05 -6.83 -44.71
C ALA C 224 -9.97 -8.04 -44.55
N GLU C 225 -10.46 -8.59 -45.66
CA GLU C 225 -11.37 -9.73 -45.54
C GLU C 225 -10.68 -10.97 -45.00
N ALA C 226 -9.46 -11.23 -45.46
CA ALA C 226 -8.73 -12.41 -44.99
C ALA C 226 -8.52 -12.29 -43.48
N HIS C 227 -8.08 -11.13 -43.01
CA HIS C 227 -7.86 -10.95 -41.59
C HIS C 227 -9.10 -11.04 -40.74
N MET C 228 -10.17 -10.43 -41.21
CA MET C 228 -11.41 -10.48 -40.48
C MET C 228 -12.00 -11.88 -40.43
N ALA C 229 -12.27 -12.45 -41.60
CA ALA C 229 -12.91 -13.75 -41.69
C ALA C 229 -12.05 -14.97 -41.43
N ILE C 230 -10.79 -14.94 -41.83
CA ILE C 230 -9.96 -16.11 -41.68
C ILE C 230 -8.97 -16.10 -40.52
N SER C 231 -8.09 -15.11 -40.51
CA SER C 231 -7.05 -15.02 -39.51
C SER C 231 -7.52 -14.66 -38.11
N GLY C 232 -8.64 -13.94 -38.01
CA GLY C 232 -9.13 -13.53 -36.70
C GLY C 232 -8.21 -12.47 -36.11
N ASN C 233 -7.49 -11.74 -36.97
CA ASN C 233 -6.54 -10.72 -36.52
C ASN C 233 -7.10 -9.32 -36.28
N ILE C 234 -8.25 -9.01 -36.85
CA ILE C 234 -8.75 -7.65 -36.73
C ILE C 234 -10.15 -7.53 -36.16
N HIS C 235 -10.49 -6.33 -35.71
CA HIS C 235 -11.79 -6.14 -35.08
C HIS C 235 -12.84 -5.43 -35.90
N PHE C 236 -12.40 -4.63 -36.87
CA PHE C 236 -13.36 -3.91 -37.71
C PHE C 236 -12.84 -3.75 -39.11
N VAL C 237 -13.73 -3.85 -40.08
CA VAL C 237 -13.38 -3.64 -41.48
C VAL C 237 -13.95 -2.26 -41.81
N ALA C 238 -13.22 -1.47 -42.58
CA ALA C 238 -13.70 -0.16 -42.97
C ALA C 238 -13.50 -0.04 -44.47
N GLU C 239 -14.50 0.50 -45.17
CA GLU C 239 -14.38 0.66 -46.61
C GLU C 239 -13.22 1.59 -46.95
N ASP C 240 -13.09 2.67 -46.21
CA ASP C 240 -12.01 3.63 -46.45
C ASP C 240 -11.68 4.38 -45.17
N ASP C 241 -10.79 5.35 -45.29
CA ASP C 241 -10.36 6.12 -44.13
C ASP C 241 -11.51 6.84 -43.44
N ASP C 242 -12.40 7.45 -44.22
CA ASP C 242 -13.55 8.14 -43.63
C ASP C 242 -14.32 7.18 -42.72
N ALA C 243 -14.54 5.97 -43.21
CA ALA C 243 -15.26 4.97 -42.43
C ALA C 243 -14.47 4.51 -41.20
N ALA C 244 -13.15 4.35 -41.36
CA ALA C 244 -12.31 3.90 -40.24
C ALA C 244 -12.35 4.95 -39.13
N GLU C 245 -12.36 6.21 -39.55
CA GLU C 245 -12.40 7.31 -38.60
C GLU C 245 -13.72 7.35 -37.84
N LEU C 246 -14.83 7.09 -38.53
CA LEU C 246 -16.12 7.09 -37.87
C LEU C 246 -16.14 5.93 -36.89
N ILE C 247 -15.61 4.77 -37.30
CA ILE C 247 -15.58 3.60 -36.43
C ILE C 247 -14.73 3.85 -35.19
N ALA C 248 -13.57 4.47 -35.38
CA ALA C 248 -12.68 4.76 -34.26
C ALA C 248 -13.39 5.62 -33.22
N LYS C 249 -14.09 6.66 -33.67
CA LYS C 249 -14.80 7.53 -32.75
C LYS C 249 -15.94 6.77 -32.05
N LYS C 250 -16.67 5.99 -32.82
CA LYS C 250 -17.79 5.21 -32.28
C LYS C 250 -17.24 4.25 -31.24
N LEU C 251 -16.14 3.58 -31.59
CA LEU C 251 -15.51 2.63 -30.68
C LEU C 251 -15.06 3.35 -29.40
N LEU C 252 -14.33 4.44 -29.58
CA LEU C 252 -13.81 5.18 -28.45
C LEU C 252 -14.92 5.70 -27.53
N SER C 253 -16.07 6.01 -28.11
CA SER C 253 -17.19 6.54 -27.33
C SER C 253 -17.62 5.56 -26.23
N PHE C 254 -17.35 4.26 -26.42
CA PHE C 254 -17.74 3.28 -25.38
C PHE C 254 -16.68 3.09 -24.31
N LEU C 255 -15.48 3.60 -24.55
CA LEU C 255 -14.39 3.39 -23.62
C LEU C 255 -14.03 4.51 -22.69
N PRO C 256 -13.47 4.16 -21.53
CA PRO C 256 -13.06 5.16 -20.56
C PRO C 256 -11.71 5.65 -21.06
N GLN C 257 -11.21 6.72 -20.47
CA GLN C 257 -9.91 7.24 -20.85
C GLN C 257 -8.82 6.29 -20.45
N ASN C 258 -8.99 5.63 -19.31
CA ASN C 258 -7.97 4.72 -18.80
C ASN C 258 -8.60 3.72 -17.84
N ASN C 259 -7.80 2.78 -17.36
CA ASN C 259 -8.34 1.75 -16.48
C ASN C 259 -8.79 2.16 -15.08
N THR C 260 -8.64 3.43 -14.72
CA THR C 260 -9.08 3.85 -13.38
C THR C 260 -10.49 4.40 -13.42
N GLU C 261 -11.08 4.44 -14.61
CA GLU C 261 -12.41 5.00 -14.77
C GLU C 261 -13.36 4.11 -15.55
N GLU C 262 -14.65 4.39 -15.41
CA GLU C 262 -15.65 3.68 -16.16
C GLU C 262 -15.99 4.70 -17.24
N ALA C 263 -16.35 4.23 -18.43
CA ALA C 263 -16.68 5.12 -19.54
C ALA C 263 -17.81 6.06 -19.17
N SER C 264 -17.73 7.29 -19.66
CA SER C 264 -18.77 8.28 -19.40
C SER C 264 -20.06 7.82 -20.09
N PHE C 265 -21.19 8.05 -19.43
CA PHE C 265 -22.47 7.67 -19.99
C PHE C 265 -22.73 8.50 -21.22
N VAL C 266 -23.43 7.92 -22.17
CA VAL C 266 -23.76 8.63 -23.39
C VAL C 266 -25.24 8.48 -23.73
N ASN C 267 -25.86 9.61 -24.04
CA ASN C 267 -27.26 9.68 -24.45
C ASN C 267 -28.09 8.58 -23.83
N PRO C 268 -28.19 8.58 -22.49
CA PRO C 268 -28.97 7.52 -21.87
C PRO C 268 -30.44 7.49 -22.20
N ASN C 269 -30.95 6.28 -22.38
CA ASN C 269 -32.37 6.13 -22.56
C ASN C 269 -32.67 5.46 -21.23
N ASN C 270 -33.27 6.21 -20.32
CA ASN C 270 -33.56 5.69 -18.99
C ASN C 270 -34.81 4.84 -18.88
N ASP C 271 -35.51 4.65 -19.98
CA ASP C 271 -36.72 3.84 -19.92
C ASP C 271 -36.34 2.37 -19.80
N VAL C 272 -37.11 1.62 -19.03
CA VAL C 272 -36.87 0.18 -18.88
C VAL C 272 -38.22 -0.54 -18.96
N SER C 273 -39.16 0.10 -19.65
CA SER C 273 -40.49 -0.46 -19.82
C SER C 273 -40.36 -1.80 -20.52
N PRO C 274 -41.32 -2.70 -20.29
CA PRO C 274 -41.31 -4.03 -20.92
C PRO C 274 -41.48 -3.93 -22.43
N ASN C 275 -40.98 -4.91 -23.16
CA ASN C 275 -41.17 -4.94 -24.61
C ASN C 275 -41.53 -6.38 -24.92
N THR C 276 -42.82 -6.64 -25.11
CA THR C 276 -43.30 -7.98 -25.38
C THR C 276 -42.74 -8.59 -26.65
N GLU C 277 -42.22 -7.73 -27.53
CA GLU C 277 -41.63 -8.22 -28.78
C GLU C 277 -40.49 -9.21 -28.49
N LEU C 278 -39.84 -9.04 -27.34
CA LEU C 278 -38.73 -9.90 -26.94
C LEU C 278 -39.14 -11.36 -26.80
N ARG C 279 -40.41 -11.59 -26.49
CA ARG C 279 -40.93 -12.94 -26.33
C ARG C 279 -41.02 -13.73 -27.63
N ASP C 280 -40.98 -13.05 -28.76
CA ASP C 280 -41.15 -13.73 -30.04
C ASP C 280 -39.92 -13.86 -30.94
N ILE C 281 -38.77 -13.43 -30.45
CA ILE C 281 -37.55 -13.51 -31.23
C ILE C 281 -36.93 -14.90 -31.19
N VAL C 282 -36.83 -15.45 -29.99
CA VAL C 282 -36.25 -16.78 -29.80
C VAL C 282 -37.35 -17.82 -30.00
N PRO C 283 -37.24 -18.65 -31.05
CA PRO C 283 -38.25 -19.68 -31.31
C PRO C 283 -38.29 -20.71 -30.19
N ILE C 284 -39.48 -21.15 -29.82
CA ILE C 284 -39.60 -22.18 -28.79
C ILE C 284 -39.00 -23.46 -29.38
N ASP C 285 -39.06 -23.57 -30.70
CA ASP C 285 -38.53 -24.72 -31.44
C ASP C 285 -37.01 -24.68 -31.44
N GLY C 286 -36.39 -25.53 -30.63
CA GLY C 286 -34.94 -25.56 -30.53
C GLY C 286 -34.19 -25.74 -31.82
N LYS C 287 -34.87 -26.25 -32.85
CA LYS C 287 -34.25 -26.49 -34.14
C LYS C 287 -34.26 -25.24 -35.03
N LYS C 288 -35.00 -24.22 -34.62
CA LYS C 288 -35.05 -23.00 -35.40
C LYS C 288 -34.12 -21.97 -34.79
N GLY C 289 -33.33 -21.33 -35.65
CA GLY C 289 -32.40 -20.32 -35.18
C GLY C 289 -33.03 -18.95 -35.30
N TYR C 290 -32.22 -17.94 -35.03
CA TYR C 290 -32.64 -16.54 -35.10
C TYR C 290 -31.35 -15.74 -35.01
N ASP C 291 -31.45 -14.42 -35.19
CA ASP C 291 -30.29 -13.57 -35.09
C ASP C 291 -30.30 -12.99 -33.68
N VAL C 292 -29.36 -13.42 -32.83
CA VAL C 292 -29.34 -12.92 -31.47
C VAL C 292 -29.21 -11.40 -31.41
N ARG C 293 -28.79 -10.78 -32.51
CA ARG C 293 -28.69 -9.33 -32.50
C ARG C 293 -30.06 -8.67 -32.45
N ASP C 294 -31.11 -9.42 -32.80
CA ASP C 294 -32.47 -8.89 -32.75
C ASP C 294 -32.86 -8.75 -31.29
N VAL C 295 -32.31 -9.61 -30.46
CA VAL C 295 -32.57 -9.57 -29.03
C VAL C 295 -31.79 -8.36 -28.48
N ILE C 296 -30.52 -8.28 -28.85
CA ILE C 296 -29.68 -7.18 -28.41
C ILE C 296 -30.34 -5.84 -28.78
N ALA C 297 -30.84 -5.75 -30.01
CA ALA C 297 -31.47 -4.51 -30.46
C ALA C 297 -32.60 -4.01 -29.54
N LYS C 298 -33.37 -4.94 -28.99
CA LYS C 298 -34.50 -4.58 -28.14
C LYS C 298 -34.13 -4.29 -26.70
N ILE C 299 -32.92 -4.71 -26.29
CA ILE C 299 -32.45 -4.53 -24.92
C ILE C 299 -31.62 -3.29 -24.68
N VAL C 300 -30.80 -2.92 -25.66
CA VAL C 300 -29.90 -1.79 -25.52
C VAL C 300 -30.50 -0.46 -25.95
N ASP C 301 -30.02 0.60 -25.33
CA ASP C 301 -30.49 1.96 -25.63
C ASP C 301 -30.53 2.22 -27.12
N TRP C 302 -31.69 2.63 -27.60
CA TRP C 302 -31.88 2.98 -29.00
C TRP C 302 -31.58 1.88 -29.98
N GLY C 303 -31.43 0.66 -29.47
CA GLY C 303 -31.11 -0.47 -30.34
C GLY C 303 -29.70 -0.33 -30.91
N ASP C 304 -28.93 0.57 -30.33
CA ASP C 304 -27.58 0.82 -30.83
C ASP C 304 -26.51 -0.11 -30.27
N TYR C 305 -25.69 -0.67 -31.15
CA TYR C 305 -24.58 -1.51 -30.72
C TYR C 305 -23.50 -1.45 -31.78
N LEU C 306 -22.25 -1.62 -31.34
CA LEU C 306 -21.12 -1.63 -32.25
C LEU C 306 -20.57 -3.04 -32.16
N GLU C 307 -20.79 -3.83 -33.19
CA GLU C 307 -20.30 -5.19 -33.15
C GLU C 307 -18.80 -5.26 -33.40
N VAL C 308 -18.09 -6.03 -32.57
CA VAL C 308 -16.65 -6.22 -32.71
C VAL C 308 -16.42 -7.58 -33.36
N LYS C 309 -15.45 -7.65 -34.28
CA LYS C 309 -15.17 -8.90 -35.03
C LYS C 309 -16.42 -9.49 -35.64
N ALA C 310 -17.24 -8.61 -36.21
CA ALA C 310 -18.53 -8.99 -36.79
C ALA C 310 -18.44 -10.04 -37.90
N GLY C 311 -17.31 -10.09 -38.60
CA GLY C 311 -17.17 -11.05 -39.68
C GLY C 311 -16.30 -12.24 -39.34
N TYR C 312 -15.93 -12.35 -38.06
CA TYR C 312 -15.11 -13.46 -37.61
C TYR C 312 -15.86 -14.29 -36.58
N ALA C 313 -15.78 -15.62 -36.72
CA ALA C 313 -16.44 -16.51 -35.77
C ALA C 313 -17.84 -15.97 -35.49
N THR C 314 -18.64 -15.88 -36.55
CA THR C 314 -19.98 -15.34 -36.44
C THR C 314 -20.95 -16.17 -35.63
N ASN C 315 -20.49 -17.33 -35.15
CA ASN C 315 -21.31 -18.18 -34.30
C ASN C 315 -21.38 -17.54 -32.91
N LEU C 316 -20.59 -16.50 -32.71
CA LEU C 316 -20.59 -15.78 -31.44
C LEU C 316 -20.53 -14.28 -31.72
N VAL C 317 -21.37 -13.52 -31.05
CA VAL C 317 -21.41 -12.08 -31.23
C VAL C 317 -20.82 -11.37 -30.02
N THR C 318 -19.93 -10.40 -30.28
CA THR C 318 -19.35 -9.59 -29.23
C THR C 318 -19.64 -8.18 -29.71
N ALA C 319 -20.26 -7.37 -28.87
CA ALA C 319 -20.62 -6.03 -29.27
C ALA C 319 -20.68 -5.05 -28.11
N PHE C 320 -20.35 -3.80 -28.40
CA PHE C 320 -20.45 -2.77 -27.38
C PHE C 320 -21.84 -2.19 -27.53
N ALA C 321 -22.42 -1.78 -26.41
CA ALA C 321 -23.75 -1.19 -26.43
C ALA C 321 -23.89 -0.43 -25.13
N ARG C 322 -25.07 0.12 -24.89
CA ARG C 322 -25.30 0.83 -23.65
C ARG C 322 -26.65 0.50 -23.07
N VAL C 323 -26.74 0.62 -21.75
CA VAL C 323 -27.97 0.38 -21.04
C VAL C 323 -28.08 1.58 -20.10
N ASN C 324 -29.10 2.40 -20.31
CA ASN C 324 -29.26 3.60 -19.49
C ASN C 324 -28.01 4.45 -19.60
N GLY C 325 -27.44 4.47 -20.80
CA GLY C 325 -26.25 5.27 -21.05
C GLY C 325 -24.92 4.67 -20.67
N ARG C 326 -24.94 3.54 -19.99
CA ARG C 326 -23.71 2.89 -19.55
C ARG C 326 -23.17 1.91 -20.58
N SER C 327 -21.86 2.00 -20.83
CA SER C 327 -21.22 1.09 -21.76
C SER C 327 -21.23 -0.30 -21.17
N VAL C 328 -21.56 -1.27 -22.02
CA VAL C 328 -21.52 -2.67 -21.63
C VAL C 328 -21.00 -3.43 -22.84
N GLY C 329 -20.42 -4.58 -22.56
CA GLY C 329 -19.92 -5.44 -23.62
C GLY C 329 -20.89 -6.61 -23.59
N ILE C 330 -21.40 -6.98 -24.75
CA ILE C 330 -22.34 -8.08 -24.83
C ILE C 330 -21.69 -9.26 -25.56
N VAL C 331 -21.75 -10.44 -24.93
CA VAL C 331 -21.21 -11.65 -25.54
C VAL C 331 -22.43 -12.56 -25.76
N ALA C 332 -22.70 -12.92 -27.01
CA ALA C 332 -23.87 -13.72 -27.29
C ALA C 332 -23.71 -14.81 -28.33
N ASN C 333 -24.25 -15.99 -28.03
CA ASN C 333 -24.20 -17.09 -28.96
C ASN C 333 -25.11 -16.73 -30.12
N GLN C 334 -24.72 -17.10 -31.33
CA GLN C 334 -25.50 -16.79 -32.54
C GLN C 334 -26.04 -18.13 -33.04
N PRO C 335 -27.25 -18.51 -32.60
CA PRO C 335 -27.86 -19.78 -33.00
C PRO C 335 -28.02 -19.98 -34.49
N SER C 336 -28.09 -18.87 -35.24
CA SER C 336 -28.25 -18.94 -36.69
C SER C 336 -26.95 -19.26 -37.43
N VAL C 337 -25.86 -19.37 -36.69
CA VAL C 337 -24.59 -19.71 -37.34
C VAL C 337 -24.00 -20.90 -36.60
N MET C 338 -23.85 -22.02 -37.30
CA MET C 338 -23.30 -23.23 -36.70
C MET C 338 -24.05 -23.64 -35.43
N SER C 339 -25.36 -23.49 -35.46
CA SER C 339 -26.20 -23.83 -34.31
C SER C 339 -25.77 -23.12 -33.02
N GLY C 340 -24.95 -22.07 -33.17
CA GLY C 340 -24.50 -21.33 -32.01
C GLY C 340 -23.43 -22.07 -31.21
N CYS C 341 -22.83 -23.08 -31.81
CA CYS C 341 -21.79 -23.82 -31.14
C CYS C 341 -20.62 -22.89 -30.91
N LEU C 342 -19.89 -23.13 -29.83
CA LEU C 342 -18.68 -22.37 -29.57
C LEU C 342 -17.62 -23.25 -30.23
N ASP C 343 -16.56 -22.62 -30.75
CA ASP C 343 -15.48 -23.36 -31.37
C ASP C 343 -14.18 -22.65 -31.04
N ILE C 344 -13.07 -23.16 -31.54
CA ILE C 344 -11.79 -22.54 -31.27
C ILE C 344 -11.80 -21.05 -31.53
N ASN C 345 -12.23 -20.66 -32.72
CA ASN C 345 -12.24 -19.24 -33.08
C ASN C 345 -13.16 -18.37 -32.21
N ALA C 346 -14.38 -18.82 -31.96
CA ALA C 346 -15.29 -18.05 -31.14
C ALA C 346 -14.77 -17.93 -29.71
N SER C 347 -14.06 -18.96 -29.24
CA SER C 347 -13.49 -18.92 -27.89
C SER C 347 -12.47 -17.78 -27.80
N ASP C 348 -11.61 -17.66 -28.81
CA ASP C 348 -10.62 -16.58 -28.84
C ASP C 348 -11.36 -15.24 -28.91
N LYS C 349 -12.34 -15.16 -29.80
CA LYS C 349 -13.12 -13.95 -29.99
C LYS C 349 -13.76 -13.49 -28.67
N ALA C 350 -14.41 -14.43 -27.98
CA ALA C 350 -15.05 -14.14 -26.72
C ALA C 350 -14.04 -13.76 -25.64
N ALA C 351 -13.01 -14.59 -25.46
CA ALA C 351 -12.02 -14.35 -24.42
C ALA C 351 -11.33 -12.99 -24.53
N GLU C 352 -10.97 -12.59 -25.74
CA GLU C 352 -10.30 -11.33 -25.96
C GLU C 352 -11.20 -10.16 -25.57
N PHE C 353 -12.46 -10.26 -25.98
CA PHE C 353 -13.44 -9.21 -25.70
C PHE C 353 -13.70 -9.13 -24.19
N VAL C 354 -13.86 -10.28 -23.55
CA VAL C 354 -14.09 -10.32 -22.11
C VAL C 354 -12.90 -9.73 -21.36
N ASN C 355 -11.68 -10.18 -21.70
CA ASN C 355 -10.50 -9.66 -21.04
C ASN C 355 -10.40 -8.15 -21.23
N PHE C 356 -10.71 -7.67 -22.43
CA PHE C 356 -10.65 -6.24 -22.67
C PHE C 356 -11.65 -5.46 -21.81
N CYS C 357 -12.92 -5.86 -21.87
CA CYS C 357 -13.95 -5.18 -21.08
C CYS C 357 -13.57 -5.16 -19.60
N ASP C 358 -13.08 -6.30 -19.08
CA ASP C 358 -12.68 -6.37 -17.69
C ASP C 358 -11.57 -5.34 -17.39
N SER C 359 -10.55 -5.28 -18.25
CA SER C 359 -9.46 -4.35 -18.07
C SER C 359 -9.93 -2.90 -18.01
N PHE C 360 -11.00 -2.59 -18.76
CA PHE C 360 -11.49 -1.22 -18.79
C PHE C 360 -12.81 -0.95 -18.12
N ASN C 361 -13.11 -1.78 -17.13
CA ASN C 361 -14.27 -1.59 -16.31
C ASN C 361 -15.58 -1.52 -17.04
N ILE C 362 -15.71 -2.34 -18.08
CA ILE C 362 -16.93 -2.38 -18.85
C ILE C 362 -17.68 -3.65 -18.43
N PRO C 363 -18.91 -3.52 -17.89
CA PRO C 363 -19.70 -4.68 -17.47
C PRO C 363 -19.93 -5.62 -18.64
N LEU C 364 -20.02 -6.91 -18.34
CA LEU C 364 -20.24 -7.93 -19.36
C LEU C 364 -21.63 -8.54 -19.24
N VAL C 365 -22.38 -8.48 -20.33
CA VAL C 365 -23.73 -9.03 -20.38
C VAL C 365 -23.71 -10.20 -21.34
N GLN C 366 -24.09 -11.37 -20.86
CA GLN C 366 -24.08 -12.54 -21.72
C GLN C 366 -25.51 -12.89 -22.12
N LEU C 367 -25.69 -13.27 -23.37
CA LEU C 367 -27.00 -13.73 -23.85
C LEU C 367 -26.67 -15.15 -24.30
N VAL C 368 -27.14 -16.12 -23.53
CA VAL C 368 -26.82 -17.51 -23.76
C VAL C 368 -27.80 -18.40 -24.50
N ASP C 369 -27.28 -19.07 -25.51
CA ASP C 369 -28.03 -20.03 -26.30
C ASP C 369 -26.99 -20.82 -27.06
N VAL C 370 -26.32 -21.71 -26.32
CA VAL C 370 -25.22 -22.52 -26.84
C VAL C 370 -25.45 -24.01 -26.57
N PRO C 371 -25.38 -24.85 -27.62
CA PRO C 371 -25.60 -26.29 -27.49
C PRO C 371 -24.34 -27.08 -27.19
N GLY C 372 -23.20 -26.40 -27.10
CA GLY C 372 -21.96 -27.08 -26.82
C GLY C 372 -20.87 -26.60 -27.75
N PHE C 373 -19.74 -27.28 -27.73
CA PHE C 373 -18.64 -26.92 -28.61
C PHE C 373 -18.78 -27.65 -29.93
N LEU C 374 -18.26 -27.06 -30.99
CA LEU C 374 -18.33 -27.65 -32.32
C LEU C 374 -17.60 -28.99 -32.42
N PRO C 375 -18.34 -30.06 -32.77
CA PRO C 375 -17.71 -31.38 -32.90
C PRO C 375 -16.81 -31.36 -34.14
N GLY C 376 -15.64 -31.97 -34.05
CA GLY C 376 -14.76 -32.01 -35.20
C GLY C 376 -13.36 -32.46 -34.82
N VAL C 377 -12.78 -33.34 -35.64
CA VAL C 377 -11.45 -33.82 -35.35
C VAL C 377 -10.50 -32.62 -35.33
N GLN C 378 -10.66 -31.70 -36.29
CA GLN C 378 -9.77 -30.54 -36.34
C GLN C 378 -10.01 -29.57 -35.17
N GLN C 379 -11.17 -29.65 -34.51
CA GLN C 379 -11.40 -28.79 -33.35
C GLN C 379 -10.52 -29.37 -32.23
N GLU C 380 -10.48 -30.70 -32.13
CA GLU C 380 -9.66 -31.33 -31.10
C GLU C 380 -8.18 -31.14 -31.44
N TYR C 381 -7.83 -31.43 -32.70
CA TYR C 381 -6.46 -31.28 -33.15
C TYR C 381 -6.00 -29.83 -33.08
N GLY C 382 -6.97 -28.92 -33.18
CA GLY C 382 -6.69 -27.50 -33.13
C GLY C 382 -6.58 -26.99 -31.70
N GLY C 383 -6.74 -27.89 -30.74
CA GLY C 383 -6.64 -27.50 -29.34
C GLY C 383 -7.83 -26.77 -28.76
N ILE C 384 -9.03 -27.24 -29.04
CA ILE C 384 -10.21 -26.62 -28.47
C ILE C 384 -10.08 -26.65 -26.94
N ILE C 385 -9.37 -27.65 -26.40
CA ILE C 385 -9.22 -27.73 -24.96
C ILE C 385 -8.56 -26.46 -24.42
N ARG C 386 -7.39 -26.10 -24.95
CA ARG C 386 -6.73 -24.90 -24.46
C ARG C 386 -7.39 -23.61 -24.95
N HIS C 387 -8.06 -23.62 -26.09
CA HIS C 387 -8.71 -22.41 -26.57
C HIS C 387 -10.01 -22.16 -25.80
N GLY C 388 -10.81 -23.20 -25.62
CA GLY C 388 -12.06 -23.00 -24.89
C GLY C 388 -11.75 -22.55 -23.47
N ALA C 389 -10.63 -23.02 -22.95
CA ALA C 389 -10.22 -22.68 -21.58
C ALA C 389 -10.03 -21.17 -21.44
N LYS C 390 -9.75 -20.48 -22.54
CA LYS C 390 -9.57 -19.03 -22.49
C LYS C 390 -10.82 -18.29 -22.03
N MET C 391 -11.99 -18.82 -22.41
CA MET C 391 -13.24 -18.17 -22.02
C MET C 391 -13.46 -18.34 -20.54
N LEU C 392 -13.20 -19.55 -20.07
CA LEU C 392 -13.38 -19.88 -18.66
C LEU C 392 -12.42 -19.03 -17.84
N TYR C 393 -11.22 -18.86 -18.37
CA TYR C 393 -10.21 -18.08 -17.68
C TYR C 393 -10.62 -16.61 -17.67
N ALA C 394 -10.93 -16.07 -18.85
CA ALA C 394 -11.30 -14.66 -18.96
C ALA C 394 -12.43 -14.29 -18.01
N TYR C 395 -13.52 -15.06 -18.05
CA TYR C 395 -14.66 -14.81 -17.18
C TYR C 395 -14.36 -15.03 -15.71
N SER C 396 -13.63 -16.09 -15.39
CA SER C 396 -13.33 -16.37 -13.99
C SER C 396 -12.45 -15.27 -13.41
N GLU C 397 -11.57 -14.72 -14.23
CA GLU C 397 -10.67 -13.67 -13.77
C GLU C 397 -11.35 -12.30 -13.73
N ALA C 398 -12.34 -12.10 -14.60
CA ALA C 398 -13.00 -10.81 -14.69
C ALA C 398 -13.68 -10.41 -13.39
N THR C 399 -13.56 -9.14 -13.03
CA THR C 399 -14.16 -8.65 -11.80
C THR C 399 -15.21 -7.57 -12.06
N VAL C 400 -15.41 -7.17 -13.31
CA VAL C 400 -16.43 -6.16 -13.64
C VAL C 400 -17.77 -6.86 -13.41
N PRO C 401 -18.87 -6.10 -13.41
CA PRO C 401 -20.16 -6.76 -13.21
C PRO C 401 -20.35 -7.76 -14.35
N LYS C 402 -20.85 -8.94 -14.03
CA LYS C 402 -21.10 -9.97 -15.03
C LYS C 402 -22.55 -10.39 -14.88
N ILE C 403 -23.33 -10.06 -15.91
CA ILE C 403 -24.77 -10.33 -15.94
C ILE C 403 -25.08 -11.29 -17.08
N THR C 404 -25.64 -12.44 -16.74
CA THR C 404 -25.91 -13.45 -17.75
C THR C 404 -27.39 -13.74 -17.89
N VAL C 405 -27.86 -13.73 -19.13
CA VAL C 405 -29.26 -14.04 -19.39
C VAL C 405 -29.28 -15.27 -20.30
N VAL C 406 -29.85 -16.36 -19.80
CA VAL C 406 -29.94 -17.58 -20.60
C VAL C 406 -31.23 -17.51 -21.39
N LEU C 407 -31.07 -17.40 -22.71
CA LEU C 407 -32.20 -17.31 -23.62
C LEU C 407 -32.76 -18.68 -23.95
N ARG C 408 -31.88 -19.61 -24.24
CA ARG C 408 -32.33 -20.95 -24.60
C ARG C 408 -31.33 -22.02 -24.16
N LYS C 409 -30.65 -22.65 -25.10
CA LYS C 409 -29.70 -23.70 -24.75
C LYS C 409 -28.52 -23.21 -23.90
N ALA C 410 -28.09 -24.03 -22.96
CA ALA C 410 -26.96 -23.71 -22.10
C ALA C 410 -26.42 -25.07 -21.67
N TYR C 411 -25.72 -25.73 -22.59
CA TYR C 411 -25.19 -27.07 -22.38
C TYR C 411 -23.74 -27.25 -21.99
N GLY C 412 -23.56 -28.03 -20.93
CA GLY C 412 -22.23 -28.37 -20.44
C GLY C 412 -21.20 -27.28 -20.29
N GLY C 413 -19.98 -27.62 -20.68
CA GLY C 413 -18.88 -26.68 -20.57
C GLY C 413 -19.11 -25.40 -21.36
N SER C 414 -19.84 -25.48 -22.47
CA SER C 414 -20.07 -24.28 -23.27
C SER C 414 -20.93 -23.26 -22.52
N TYR C 415 -21.77 -23.75 -21.61
CA TYR C 415 -22.60 -22.87 -20.79
C TYR C 415 -21.71 -22.22 -19.72
N LEU C 416 -20.83 -23.01 -19.13
CA LEU C 416 -19.93 -22.48 -18.12
C LEU C 416 -19.05 -21.42 -18.79
N ALA C 417 -18.68 -21.66 -20.04
CA ALA C 417 -17.85 -20.73 -20.79
C ALA C 417 -18.54 -19.39 -21.04
N MET C 418 -19.87 -19.39 -20.98
CA MET C 418 -20.66 -18.18 -21.18
C MET C 418 -20.96 -17.48 -19.85
N CYS C 419 -20.12 -17.76 -18.88
CA CYS C 419 -20.17 -17.14 -17.55
C CYS C 419 -21.44 -17.34 -16.73
N ASN C 420 -21.51 -18.46 -16.05
CA ASN C 420 -22.65 -18.76 -15.21
C ASN C 420 -22.24 -18.32 -13.81
N ARG C 421 -23.08 -18.60 -12.84
CA ARG C 421 -22.84 -18.22 -11.46
C ARG C 421 -21.51 -18.73 -10.92
N ASP C 422 -21.15 -19.96 -11.28
CA ASP C 422 -19.91 -20.54 -10.80
C ASP C 422 -18.66 -19.84 -11.32
N LEU C 423 -18.81 -19.14 -12.45
CA LEU C 423 -17.70 -18.39 -13.04
C LEU C 423 -17.76 -16.94 -12.57
N GLY C 424 -18.59 -16.67 -11.58
CA GLY C 424 -18.66 -15.33 -11.03
C GLY C 424 -19.70 -14.38 -11.57
N ALA C 425 -20.68 -14.91 -12.29
CA ALA C 425 -21.74 -14.03 -12.79
C ALA C 425 -22.40 -13.44 -11.55
N ASP C 426 -22.67 -12.14 -11.57
CA ASP C 426 -23.29 -11.48 -10.43
C ASP C 426 -24.80 -11.66 -10.42
N ALA C 427 -25.36 -11.75 -11.61
CA ALA C 427 -26.79 -11.96 -11.72
C ALA C 427 -26.97 -12.90 -12.90
N VAL C 428 -27.84 -13.89 -12.74
CA VAL C 428 -28.11 -14.80 -13.82
C VAL C 428 -29.60 -14.97 -13.91
N TYR C 429 -30.14 -14.65 -15.09
CA TYR C 429 -31.57 -14.77 -15.31
C TYR C 429 -31.82 -15.77 -16.42
N ALA C 430 -32.91 -16.52 -16.27
CA ALA C 430 -33.27 -17.49 -17.26
C ALA C 430 -34.59 -17.11 -17.91
N TRP C 431 -34.64 -17.13 -19.23
CA TRP C 431 -35.92 -16.88 -19.90
C TRP C 431 -36.67 -18.21 -19.66
N PRO C 432 -37.98 -18.24 -19.95
CA PRO C 432 -38.75 -19.48 -19.74
C PRO C 432 -38.28 -20.59 -20.66
N SER C 433 -37.53 -20.20 -21.69
CA SER C 433 -37.01 -21.15 -22.67
C SER C 433 -35.59 -21.62 -22.38
N ALA C 434 -35.03 -21.21 -21.24
CA ALA C 434 -33.68 -21.59 -20.87
C ALA C 434 -33.56 -23.10 -20.63
N GLU C 435 -32.51 -23.69 -21.19
CA GLU C 435 -32.29 -25.12 -21.03
C GLU C 435 -30.88 -25.36 -20.54
N ILE C 436 -30.65 -25.07 -19.26
CA ILE C 436 -29.35 -25.25 -18.64
C ILE C 436 -29.26 -26.75 -18.31
N ALA C 437 -28.25 -27.42 -18.86
CA ALA C 437 -28.09 -28.86 -18.64
C ALA C 437 -26.64 -29.30 -18.74
N VAL C 438 -26.31 -30.39 -18.04
CA VAL C 438 -24.97 -30.91 -18.10
C VAL C 438 -24.89 -31.62 -19.43
N MET C 439 -26.07 -31.94 -19.97
CA MET C 439 -26.18 -32.66 -21.23
C MET C 439 -27.62 -32.67 -21.70
N GLY C 440 -27.83 -32.54 -23.01
CA GLY C 440 -29.18 -32.57 -23.55
C GLY C 440 -29.91 -33.79 -23.00
N ALA C 441 -31.22 -33.63 -22.73
CA ALA C 441 -32.04 -34.70 -22.18
C ALA C 441 -31.98 -35.98 -23.02
N GLU C 442 -32.03 -35.83 -24.33
CA GLU C 442 -31.98 -36.96 -25.25
C GLU C 442 -30.72 -37.80 -25.08
N GLY C 443 -29.56 -37.15 -25.15
CA GLY C 443 -28.30 -37.86 -24.99
C GLY C 443 -28.08 -38.40 -23.60
N ALA C 444 -28.62 -37.71 -22.60
CA ALA C 444 -28.48 -38.14 -21.21
C ALA C 444 -29.31 -39.39 -20.93
N ALA C 445 -30.57 -39.35 -21.35
CA ALA C 445 -31.48 -40.47 -21.15
C ALA C 445 -30.93 -41.75 -21.75
N ASN C 446 -30.17 -41.61 -22.83
CA ASN C 446 -29.57 -42.77 -23.49
C ASN C 446 -28.51 -43.35 -22.59
N VAL C 447 -27.65 -42.50 -22.07
CA VAL C 447 -26.57 -42.93 -21.20
C VAL C 447 -27.09 -43.58 -19.92
N ILE C 448 -28.22 -43.10 -19.41
CA ILE C 448 -28.80 -43.65 -18.19
C ILE C 448 -29.73 -44.81 -18.52
N LYS C 451 -30.34 -47.01 -20.86
CA LYS C 451 -29.80 -48.24 -21.42
C LYS C 451 -30.87 -49.33 -21.47
N GLU C 452 -31.68 -49.40 -20.43
CA GLU C 452 -32.74 -50.39 -20.34
C GLU C 452 -34.03 -49.87 -20.95
N ILE C 453 -33.90 -49.20 -22.09
CA ILE C 453 -35.04 -48.63 -22.78
C ILE C 453 -35.71 -49.66 -23.68
N ALA C 455 -34.60 -53.13 -25.02
CA ALA C 455 -34.24 -53.56 -23.67
C ALA C 455 -35.41 -53.42 -22.71
N ALA C 456 -36.62 -53.32 -23.26
CA ALA C 456 -37.84 -53.19 -22.46
C ALA C 456 -39.04 -53.03 -23.38
N ASP C 457 -40.22 -53.33 -22.85
CA ASP C 457 -41.45 -53.22 -23.63
C ASP C 457 -41.58 -51.84 -24.27
N ASP C 458 -41.66 -51.82 -25.60
CA ASP C 458 -41.79 -50.59 -26.37
C ASP C 458 -40.56 -49.70 -26.17
N PRO C 459 -39.48 -49.98 -26.94
CA PRO C 459 -38.24 -49.21 -26.85
C PRO C 459 -38.42 -47.70 -27.02
N ASP C 460 -38.83 -47.29 -28.22
CA ASP C 460 -39.03 -45.87 -28.53
C ASP C 460 -39.88 -45.12 -27.52
N ALA C 461 -40.79 -45.83 -26.85
CA ALA C 461 -41.65 -45.20 -25.86
C ALA C 461 -40.93 -45.09 -24.52
N MET C 462 -40.06 -46.05 -24.23
CA MET C 462 -39.31 -46.05 -22.99
C MET C 462 -38.29 -44.91 -23.03
N ARG C 463 -37.69 -44.71 -24.20
CA ARG C 463 -36.71 -43.66 -24.37
C ARG C 463 -37.36 -42.28 -24.26
N ALA C 464 -38.29 -42.01 -25.15
CA ALA C 464 -39.01 -40.73 -25.14
C ALA C 464 -39.52 -40.43 -23.75
N GLU C 465 -39.81 -41.48 -22.99
CA GLU C 465 -40.32 -41.34 -21.63
C GLU C 465 -39.22 -40.85 -20.69
N LYS C 466 -38.09 -41.54 -20.68
CA LYS C 466 -36.97 -41.16 -19.83
C LYS C 466 -36.42 -39.79 -20.20
N ILE C 467 -36.52 -39.44 -21.48
CA ILE C 467 -36.03 -38.14 -21.94
C ILE C 467 -36.82 -37.02 -21.27
N GLU C 468 -38.14 -37.18 -21.21
CA GLU C 468 -39.00 -36.19 -20.58
C GLU C 468 -38.72 -36.12 -19.08
N GLU C 469 -38.41 -37.27 -18.48
CA GLU C 469 -38.11 -37.35 -17.05
C GLU C 469 -36.79 -36.66 -16.71
N TYR C 470 -35.79 -36.80 -17.58
CA TYR C 470 -34.49 -36.16 -17.36
C TYR C 470 -34.64 -34.65 -17.57
N GLN C 471 -35.34 -34.30 -18.64
CA GLN C 471 -35.60 -32.91 -19.03
C GLN C 471 -36.19 -32.12 -17.87
N ASN C 472 -37.28 -32.63 -17.29
CA ASN C 472 -37.95 -31.96 -16.20
C ASN C 472 -37.20 -32.10 -14.89
N ALA C 473 -36.36 -33.13 -14.80
CA ALA C 473 -35.58 -33.38 -13.60
C ALA C 473 -34.45 -32.37 -13.46
N PHE C 474 -33.84 -32.02 -14.59
CA PHE C 474 -32.70 -31.11 -14.56
C PHE C 474 -32.67 -29.93 -15.52
N ASN C 475 -33.31 -30.09 -16.69
CA ASN C 475 -33.18 -29.07 -17.72
C ASN C 475 -34.18 -27.95 -17.92
N THR C 476 -35.00 -27.64 -16.91
CA THR C 476 -35.94 -26.55 -17.09
C THR C 476 -35.43 -25.37 -16.28
N PRO C 477 -35.82 -24.14 -16.66
CA PRO C 477 -35.38 -22.94 -15.95
C PRO C 477 -35.65 -23.08 -14.47
N TYR C 478 -36.73 -23.80 -14.15
CA TYR C 478 -37.12 -23.97 -12.77
C TYR C 478 -36.18 -24.81 -11.92
N VAL C 479 -35.50 -25.76 -12.54
CA VAL C 479 -34.57 -26.57 -11.76
C VAL C 479 -33.31 -25.75 -11.57
N ALA C 480 -32.92 -25.01 -12.61
CA ALA C 480 -31.75 -24.17 -12.51
C ALA C 480 -32.00 -23.18 -11.36
N ALA C 481 -33.20 -22.60 -11.34
CA ALA C 481 -33.57 -21.65 -10.30
C ALA C 481 -33.61 -22.32 -8.93
N ALA C 482 -34.12 -23.55 -8.87
CA ALA C 482 -34.18 -24.28 -7.61
C ALA C 482 -32.80 -24.47 -6.99
N ARG C 483 -31.81 -24.72 -7.84
CA ARG C 483 -30.44 -24.93 -7.39
C ARG C 483 -29.67 -23.62 -7.19
N GLY C 484 -30.33 -22.50 -7.48
CA GLY C 484 -29.67 -21.22 -7.30
C GLY C 484 -28.72 -20.86 -8.43
N GLN C 485 -28.79 -21.60 -9.53
CA GLN C 485 -27.94 -21.31 -10.66
C GLN C 485 -28.42 -20.07 -11.42
N VAL C 486 -29.69 -19.73 -11.28
CA VAL C 486 -30.19 -18.50 -11.89
C VAL C 486 -30.91 -17.84 -10.73
N ASP C 487 -30.89 -16.52 -10.70
CA ASP C 487 -31.52 -15.77 -9.63
C ASP C 487 -33.03 -15.72 -9.79
N ASP C 488 -33.48 -15.87 -11.02
CA ASP C 488 -34.90 -15.81 -11.26
C ASP C 488 -35.19 -16.27 -12.67
N VAL C 489 -36.44 -16.65 -12.91
CA VAL C 489 -36.88 -17.03 -14.24
C VAL C 489 -37.68 -15.79 -14.61
N ILE C 490 -37.40 -15.22 -15.77
CA ILE C 490 -38.07 -13.97 -16.13
C ILE C 490 -38.83 -13.97 -17.43
N ASP C 491 -39.72 -13.00 -17.52
CA ASP C 491 -40.52 -12.78 -18.71
C ASP C 491 -39.52 -12.16 -19.68
N PRO C 492 -39.39 -12.71 -20.89
CA PRO C 492 -38.43 -12.12 -21.81
C PRO C 492 -38.67 -10.64 -21.98
N ALA C 493 -39.93 -10.22 -21.87
CA ALA C 493 -40.29 -8.82 -22.02
C ALA C 493 -39.61 -7.90 -21.01
N ASP C 494 -39.18 -8.45 -19.88
CA ASP C 494 -38.54 -7.64 -18.86
C ASP C 494 -37.02 -7.70 -18.91
N THR C 495 -36.47 -8.35 -19.94
CA THR C 495 -35.02 -8.49 -20.02
C THR C 495 -34.26 -7.18 -19.83
N ARG C 496 -34.67 -6.13 -20.52
CA ARG C 496 -33.96 -4.85 -20.40
C ARG C 496 -33.98 -4.35 -18.95
N ARG C 497 -35.14 -4.32 -18.32
CA ARG C 497 -35.17 -3.86 -16.93
C ARG C 497 -34.32 -4.74 -16.02
N LYS C 498 -34.36 -6.05 -16.20
CA LYS C 498 -33.57 -6.92 -15.34
C LYS C 498 -32.08 -6.61 -15.48
N ILE C 499 -31.61 -6.54 -16.72
CA ILE C 499 -30.20 -6.24 -16.95
C ILE C 499 -29.90 -4.85 -16.40
N ALA C 500 -30.75 -3.88 -16.71
CA ALA C 500 -30.56 -2.51 -16.25
C ALA C 500 -30.46 -2.39 -14.72
N SER C 501 -31.35 -3.06 -14.01
CA SER C 501 -31.33 -3.00 -12.55
C SER C 501 -30.07 -3.68 -12.00
N ALA C 502 -29.68 -4.82 -12.57
CA ALA C 502 -28.48 -5.50 -12.08
C ALA C 502 -27.26 -4.60 -12.35
N LEU C 503 -27.23 -3.97 -13.52
CA LEU C 503 -26.12 -3.08 -13.83
C LEU C 503 -26.10 -1.97 -12.80
N GLU C 504 -27.27 -1.44 -12.47
CA GLU C 504 -27.36 -0.38 -11.47
C GLU C 504 -26.89 -0.85 -10.08
N MET C 505 -27.38 -1.99 -9.61
CA MET C 505 -26.95 -2.42 -8.28
C MET C 505 -25.49 -2.78 -8.23
N TYR C 506 -24.99 -3.42 -9.29
CA TYR C 506 -23.58 -3.79 -9.29
C TYR C 506 -22.65 -2.70 -9.77
N ALA C 507 -23.18 -1.50 -9.93
CA ALA C 507 -22.37 -0.36 -10.35
C ALA C 507 -21.33 -0.08 -9.26
N THR C 508 -21.62 -0.51 -8.04
CA THR C 508 -20.67 -0.28 -6.96
C THR C 508 -19.92 -1.55 -6.58
N LYS C 509 -19.98 -2.55 -7.47
CA LYS C 509 -19.28 -3.80 -7.21
C LYS C 509 -17.79 -3.58 -6.99
N ARG C 510 -17.26 -4.20 -5.94
CA ARG C 510 -15.82 -4.10 -5.63
C ARG C 510 -15.35 -5.51 -5.26
N GLN C 511 -14.67 -6.17 -6.20
CA GLN C 511 -14.23 -7.55 -6.01
C GLN C 511 -12.72 -7.69 -6.12
N THR C 512 -12.11 -8.34 -5.13
CA THR C 512 -10.67 -8.54 -5.17
C THR C 512 -10.29 -9.93 -5.66
N ARG C 513 -9.09 -10.01 -6.21
CA ARG C 513 -8.56 -11.25 -6.75
C ARG C 513 -7.28 -11.58 -5.98
N PRO C 514 -6.85 -12.86 -6.00
CA PRO C 514 -5.61 -13.20 -5.28
C PRO C 514 -4.43 -12.44 -5.89
N ALA C 515 -3.49 -12.04 -5.05
CA ALA C 515 -2.31 -11.31 -5.49
C ALA C 515 -1.46 -12.16 -6.43
N LYS C 516 -1.06 -11.57 -7.56
CA LYS C 516 -0.24 -12.29 -8.55
C LYS C 516 0.24 -11.31 -9.60
N LYS C 517 1.35 -11.63 -10.28
CA LYS C 517 1.85 -10.75 -11.33
C LYS C 517 0.79 -10.81 -12.41
N HIS C 518 0.31 -12.03 -12.60
CA HIS C 518 -0.72 -12.33 -13.58
C HIS C 518 -0.97 -13.83 -13.47
N GLY C 519 -2.11 -14.27 -13.96
CA GLY C 519 -2.39 -15.68 -13.93
C GLY C 519 -1.72 -16.21 -15.17
N ASN C 520 -1.97 -17.48 -15.49
CA ASN C 520 -1.34 -18.03 -16.67
C ASN C 520 -2.44 -18.33 -17.68
N PHE C 521 -2.79 -17.27 -18.42
CA PHE C 521 -3.84 -17.30 -19.43
C PHE C 521 -3.48 -18.35 -20.49
N PRO C 522 -4.43 -19.21 -20.86
CA PRO C 522 -4.17 -20.25 -21.86
C PRO C 522 -3.73 -19.64 -23.20
N CYS C 523 -2.85 -20.36 -23.90
CA CYS C 523 -2.37 -19.90 -25.20
C CYS C 523 -2.99 -20.77 -26.28
N LEU D 6 20.09 21.45 43.85
CA LEU D 6 21.38 20.72 43.98
C LEU D 6 22.51 21.48 43.29
N LYS D 7 23.62 21.64 44.01
CA LYS D 7 24.79 22.34 43.50
C LYS D 7 25.84 21.32 43.05
N LEU D 8 26.25 21.41 41.80
CA LEU D 8 27.25 20.50 41.24
C LEU D 8 28.57 20.58 42.00
N ALA D 9 29.28 19.47 42.06
CA ALA D 9 30.57 19.38 42.75
C ALA D 9 31.65 20.13 41.95
N SER D 10 32.87 20.14 42.49
CA SER D 10 33.98 20.86 41.89
C SER D 10 34.93 20.11 40.94
N THR D 11 34.99 18.79 41.04
CA THR D 11 35.87 18.00 40.17
C THR D 11 35.01 17.00 39.41
N MET D 12 35.51 16.44 38.33
CA MET D 12 34.71 15.48 37.57
C MET D 12 34.56 14.22 38.42
N GLU D 13 35.65 13.81 39.06
CA GLU D 13 35.61 12.63 39.91
C GLU D 13 34.65 12.90 41.05
N GLY D 14 34.67 14.12 41.55
CA GLY D 14 33.78 14.50 42.63
C GLY D 14 32.34 14.53 42.15
N ARG D 15 32.13 14.92 40.90
CA ARG D 15 30.78 14.97 40.37
C ARG D 15 30.29 13.55 40.12
N VAL D 16 31.21 12.65 39.78
CA VAL D 16 30.84 11.26 39.55
C VAL D 16 30.46 10.62 40.89
N GLU D 17 31.15 11.00 41.96
CA GLU D 17 30.83 10.48 43.29
C GLU D 17 29.50 11.06 43.73
N GLN D 18 29.31 12.35 43.47
CA GLN D 18 28.06 13.01 43.83
C GLN D 18 26.91 12.34 43.07
N LEU D 19 27.14 12.02 41.80
CA LEU D 19 26.13 11.37 40.99
C LEU D 19 25.73 10.01 41.59
N ALA D 20 26.73 9.21 41.97
CA ALA D 20 26.47 7.90 42.55
C ALA D 20 25.73 8.06 43.87
N GLU D 21 26.09 9.09 44.64
CA GLU D 21 25.44 9.34 45.92
C GLU D 21 23.97 9.70 45.70
N GLN D 22 23.72 10.62 44.79
CA GLN D 22 22.37 11.06 44.46
C GLN D 22 21.54 9.92 43.92
N ARG D 23 22.14 9.09 43.09
CA ARG D 23 21.42 7.96 42.51
C ARG D 23 21.05 6.94 43.60
N GLN D 24 21.94 6.74 44.56
CA GLN D 24 21.69 5.81 45.64
C GLN D 24 20.50 6.33 46.45
N VAL D 25 20.44 7.65 46.62
CA VAL D 25 19.34 8.27 47.35
C VAL D 25 18.03 8.02 46.60
N ILE D 26 18.03 8.29 45.30
CA ILE D 26 16.82 8.07 44.49
C ILE D 26 16.42 6.61 44.62
N GLU D 27 17.40 5.73 44.44
CA GLU D 27 17.11 4.31 44.48
C GLU D 27 16.63 3.81 45.84
N ALA D 28 16.83 4.62 46.87
CA ALA D 28 16.38 4.27 48.21
C ALA D 28 14.87 4.48 48.33
N GLY D 29 14.28 5.12 47.33
CA GLY D 29 12.85 5.34 47.34
C GLY D 29 12.36 6.12 48.55
N GLY D 30 11.33 5.59 49.20
CA GLY D 30 10.75 6.25 50.35
C GLY D 30 11.52 6.11 51.65
N GLY D 31 12.62 5.37 51.62
CA GLY D 31 13.44 5.21 52.81
C GLY D 31 13.43 3.84 53.45
N GLU D 32 14.45 3.57 54.27
CA GLU D 32 14.58 2.30 54.97
C GLU D 32 13.29 1.86 55.69
N ARG D 33 12.68 2.76 56.45
CA ARG D 33 11.46 2.42 57.16
C ARG D 33 10.37 1.92 56.21
N ARG D 34 10.02 2.74 55.23
CA ARG D 34 9.00 2.36 54.26
C ARG D 34 9.40 1.10 53.52
N VAL D 35 10.69 0.97 53.19
CA VAL D 35 11.15 -0.24 52.50
C VAL D 35 10.99 -1.45 53.42
N GLU D 36 11.30 -1.27 54.70
CA GLU D 36 11.16 -2.35 55.66
C GLU D 36 9.68 -2.70 55.74
N LYS D 37 8.83 -1.67 55.76
CA LYS D 37 7.38 -1.89 55.82
C LYS D 37 6.93 -2.72 54.63
N GLN D 38 7.40 -2.34 53.44
CA GLN D 38 7.05 -3.07 52.21
C GLN D 38 7.51 -4.51 52.37
N HIS D 39 8.74 -4.68 52.84
CA HIS D 39 9.27 -6.03 53.01
C HIS D 39 8.51 -6.84 54.05
N SER D 40 8.17 -6.22 55.16
CA SER D 40 7.46 -6.93 56.22
C SER D 40 6.09 -7.40 55.72
N GLN D 41 5.59 -6.79 54.65
CA GLN D 41 4.30 -7.17 54.10
C GLN D 41 4.43 -8.28 53.07
N GLY D 42 5.64 -8.83 52.96
CA GLY D 42 5.88 -9.91 52.02
C GLY D 42 5.98 -9.40 50.58
N LYS D 43 6.33 -8.14 50.42
CA LYS D 43 6.45 -7.52 49.11
C LYS D 43 7.88 -7.08 48.78
N GLN D 44 8.26 -7.22 47.51
CA GLN D 44 9.57 -6.77 47.07
C GLN D 44 9.39 -5.30 46.76
N THR D 45 10.49 -4.56 46.66
CA THR D 45 10.41 -3.14 46.34
C THR D 45 10.22 -3.05 44.82
N ALA D 46 10.01 -1.83 44.33
CA ALA D 46 9.81 -1.61 42.91
C ALA D 46 11.03 -2.05 42.11
N ARG D 47 12.22 -1.72 42.64
CA ARG D 47 13.46 -2.06 41.95
C ARG D 47 13.82 -3.54 42.07
N GLU D 48 13.50 -4.15 43.20
CA GLU D 48 13.78 -5.56 43.37
C GLU D 48 12.95 -6.32 42.35
N ARG D 49 11.69 -5.91 42.16
CA ARG D 49 10.81 -6.57 41.20
C ARG D 49 11.42 -6.53 39.78
N LEU D 50 11.87 -5.36 39.37
CA LEU D 50 12.49 -5.25 38.05
C LEU D 50 13.76 -6.09 37.99
N ASN D 51 14.52 -6.05 39.09
CA ASN D 51 15.76 -6.81 39.12
C ASN D 51 15.52 -8.30 39.06
N ASN D 52 14.42 -8.76 39.65
CA ASN D 52 14.11 -10.19 39.63
C ASN D 52 13.46 -10.60 38.31
N LEU D 53 12.70 -9.69 37.71
CA LEU D 53 12.05 -9.98 36.44
C LEU D 53 13.02 -9.98 35.27
N LEU D 54 13.83 -8.93 35.18
CA LEU D 54 14.78 -8.79 34.08
C LEU D 54 16.06 -9.61 34.24
N ASP D 55 16.68 -9.94 33.12
CA ASP D 55 17.94 -10.68 33.14
C ASP D 55 18.93 -9.89 33.96
N PRO D 56 19.87 -10.58 34.64
CA PRO D 56 20.88 -9.92 35.45
C PRO D 56 21.53 -8.76 34.73
N HIS D 57 21.54 -7.60 35.40
CA HIS D 57 22.15 -6.39 34.89
C HIS D 57 21.66 -5.89 33.55
N SER D 58 20.46 -6.31 33.13
CA SER D 58 19.95 -5.84 31.85
C SER D 58 19.13 -4.56 31.98
N PHE D 59 18.75 -4.21 33.21
CA PHE D 59 17.93 -3.01 33.42
C PHE D 59 18.64 -1.72 33.11
N ASP D 60 18.11 -1.03 32.11
CA ASP D 60 18.63 0.26 31.70
C ASP D 60 17.54 1.25 32.09
N GLU D 61 17.73 1.94 33.20
CA GLU D 61 16.71 2.88 33.68
C GLU D 61 16.62 4.25 33.02
N VAL D 62 15.38 4.68 32.79
CA VAL D 62 15.11 5.98 32.20
C VAL D 62 14.34 6.82 33.23
N GLY D 63 14.80 8.05 33.47
CA GLY D 63 14.09 8.90 34.39
C GLY D 63 14.27 8.71 35.89
N ALA D 64 15.36 8.09 36.31
CA ALA D 64 15.61 7.93 37.75
C ALA D 64 15.56 9.30 38.41
N PHE D 65 16.15 10.29 37.73
CA PHE D 65 16.18 11.65 38.24
C PHE D 65 15.04 12.53 37.78
N ARG D 66 14.07 11.92 37.10
CA ARG D 66 12.90 12.65 36.62
C ARG D 66 12.11 13.14 37.84
N LYS D 67 11.65 14.39 37.83
CA LYS D 67 10.88 14.90 38.98
C LYS D 67 9.57 15.54 38.61
N HIS D 68 8.61 15.48 39.52
CA HIS D 68 7.31 16.09 39.31
C HIS D 68 7.53 17.60 39.17
N ARG D 69 6.60 18.28 38.52
CA ARG D 69 6.69 19.71 38.34
C ARG D 69 5.61 20.45 39.11
N THR D 70 4.74 19.68 39.74
CA THR D 70 3.64 20.23 40.54
C THR D 70 4.16 20.95 41.77
N THR D 71 3.41 21.93 42.25
CA THR D 71 3.86 22.71 43.40
C THR D 71 2.80 22.95 44.48
N LEU D 72 1.54 22.83 44.10
CA LEU D 72 0.46 23.05 45.06
C LEU D 72 0.44 22.02 46.17
N PHE D 73 -0.16 22.42 47.29
CA PHE D 73 -0.34 21.54 48.42
C PHE D 73 0.85 20.69 48.86
N GLY D 74 2.01 21.35 49.04
CA GLY D 74 3.20 20.66 49.49
C GLY D 74 4.06 19.97 48.44
N MET D 75 3.60 19.94 47.20
CA MET D 75 4.41 19.28 46.18
C MET D 75 5.70 20.07 45.90
N ASP D 76 5.63 21.38 46.06
CA ASP D 76 6.80 22.23 45.81
C ASP D 76 8.00 21.85 46.66
N LYS D 77 7.74 21.31 47.85
CA LYS D 77 8.83 20.95 48.74
C LYS D 77 9.01 19.44 48.91
N ALA D 78 8.08 18.66 48.37
CA ALA D 78 8.17 17.21 48.49
C ALA D 78 9.28 16.61 47.62
N VAL D 79 10.02 15.67 48.19
CA VAL D 79 11.07 14.98 47.45
C VAL D 79 10.39 13.65 47.15
N VAL D 80 10.21 13.36 45.87
CA VAL D 80 9.49 12.17 45.43
C VAL D 80 10.32 11.45 44.37
N PRO D 81 11.25 10.59 44.83
CA PRO D 81 12.17 9.80 44.00
C PRO D 81 11.53 9.15 42.78
N ALA D 82 12.03 9.53 41.60
CA ALA D 82 11.57 8.99 40.32
C ALA D 82 10.06 9.17 40.14
N ASP D 83 9.51 10.11 40.88
CA ASP D 83 8.09 10.38 40.95
C ASP D 83 7.32 9.10 41.23
N GLY D 84 7.97 8.16 41.92
CA GLY D 84 7.29 6.95 42.32
C GLY D 84 7.15 5.82 41.31
N VAL D 85 7.90 5.86 40.23
CA VAL D 85 7.83 4.76 39.28
C VAL D 85 9.20 4.58 38.66
N VAL D 86 9.62 3.33 38.57
CA VAL D 86 10.92 2.99 38.01
C VAL D 86 10.64 2.46 36.62
N THR D 87 11.16 3.15 35.61
CA THR D 87 10.93 2.78 34.23
C THR D 87 12.19 2.56 33.43
N GLY D 88 12.11 1.67 32.45
CA GLY D 88 13.27 1.42 31.62
C GLY D 88 13.12 0.27 30.66
N ARG D 89 14.26 -0.20 30.18
CA ARG D 89 14.33 -1.30 29.25
C ARG D 89 15.24 -2.38 29.84
N GLY D 90 15.00 -3.62 29.46
CA GLY D 90 15.85 -4.70 29.93
C GLY D 90 15.62 -5.85 28.98
N THR D 91 16.00 -7.05 29.39
CA THR D 91 15.76 -8.20 28.56
C THR D 91 15.28 -9.30 29.47
N ILE D 92 14.49 -10.20 28.91
CA ILE D 92 13.98 -11.34 29.63
C ILE D 92 14.40 -12.47 28.70
N LEU D 93 15.30 -13.31 29.19
CA LEU D 93 15.82 -14.39 28.38
C LEU D 93 16.36 -13.81 27.08
N GLY D 94 17.07 -12.70 27.20
CA GLY D 94 17.66 -12.09 26.02
C GLY D 94 16.71 -11.27 25.15
N ARG D 95 15.42 -11.34 25.42
CA ARG D 95 14.44 -10.60 24.62
C ARG D 95 14.24 -9.19 25.15
N PRO D 96 14.47 -8.18 24.30
CA PRO D 96 14.28 -6.79 24.73
C PRO D 96 12.85 -6.55 25.22
N VAL D 97 12.72 -5.82 26.32
CA VAL D 97 11.40 -5.50 26.84
C VAL D 97 11.46 -4.14 27.52
N HIS D 98 10.30 -3.52 27.69
CA HIS D 98 10.22 -2.25 28.40
C HIS D 98 9.39 -2.55 29.62
N ALA D 99 9.70 -1.87 30.72
CA ALA D 99 8.97 -2.12 31.95
C ALA D 99 8.85 -0.90 32.83
N ALA D 100 7.88 -0.96 33.73
CA ALA D 100 7.65 0.12 34.69
C ALA D 100 7.36 -0.59 36.01
N SER D 101 7.75 0.01 37.12
CA SER D 101 7.53 -0.59 38.43
C SER D 101 7.22 0.53 39.41
N GLN D 102 5.95 0.56 39.81
CA GLN D 102 5.45 1.56 40.72
C GLN D 102 6.06 1.37 42.11
N ASP D 103 6.48 2.46 42.73
CA ASP D 103 7.13 2.44 44.04
C ASP D 103 6.19 2.91 45.14
N PHE D 104 5.57 1.97 45.84
CA PHE D 104 4.63 2.31 46.90
C PHE D 104 5.27 3.11 48.03
N THR D 105 6.59 2.98 48.20
CA THR D 105 7.26 3.68 49.28
C THR D 105 7.37 5.17 49.04
N VAL D 106 7.03 5.59 47.82
CA VAL D 106 7.10 7.00 47.46
C VAL D 106 5.68 7.55 47.31
N MET D 107 5.25 8.31 48.31
CA MET D 107 3.91 8.88 48.34
C MET D 107 2.88 7.81 48.04
N GLY D 108 3.05 6.66 48.69
CA GLY D 108 2.13 5.56 48.52
C GLY D 108 1.95 5.13 47.07
N GLY D 109 2.95 5.43 46.25
CA GLY D 109 2.87 5.06 44.85
C GLY D 109 1.77 5.82 44.13
N SER D 110 1.29 6.91 44.71
CA SER D 110 0.23 7.68 44.06
C SER D 110 0.60 8.05 42.63
N ALA D 111 -0.41 8.06 41.75
CA ALA D 111 -0.20 8.39 40.35
C ALA D 111 0.15 9.84 40.09
N GLY D 112 1.40 10.20 40.31
CA GLY D 112 1.80 11.56 40.03
C GLY D 112 1.66 11.81 38.53
N GLU D 113 1.51 13.08 38.16
CA GLU D 113 1.38 13.46 36.75
C GLU D 113 2.60 12.98 35.98
N THR D 114 3.77 13.35 36.47
CA THR D 114 5.02 12.96 35.84
C THR D 114 5.19 11.45 35.86
N GLN D 115 4.70 10.80 36.92
CA GLN D 115 4.81 9.36 37.02
C GLN D 115 4.12 8.72 35.81
N SER D 116 2.88 9.12 35.56
CA SER D 116 2.12 8.57 34.45
C SER D 116 2.82 8.89 33.14
N THR D 117 3.42 10.07 33.09
CA THR D 117 4.13 10.49 31.90
C THR D 117 5.34 9.59 31.63
N LYS D 118 6.04 9.21 32.69
CA LYS D 118 7.19 8.32 32.52
C LYS D 118 6.72 6.99 32.00
N VAL D 119 5.58 6.53 32.50
CA VAL D 119 5.04 5.25 32.08
C VAL D 119 4.63 5.30 30.60
N VAL D 120 3.90 6.34 30.21
CA VAL D 120 3.47 6.49 28.83
C VAL D 120 4.67 6.55 27.89
N GLU D 121 5.69 7.29 28.31
CA GLU D 121 6.89 7.40 27.50
C GLU D 121 7.52 6.04 27.32
N THR D 122 7.59 5.27 28.39
CA THR D 122 8.17 3.94 28.33
C THR D 122 7.32 3.09 27.38
N MET D 123 6.00 3.24 27.48
CA MET D 123 5.10 2.47 26.62
C MET D 123 5.30 2.86 25.15
N GLU D 124 5.47 4.16 24.90
CA GLU D 124 5.67 4.62 23.54
C GLU D 124 6.98 4.02 23.03
N GLN D 125 7.96 3.87 23.91
CA GLN D 125 9.23 3.30 23.50
C GLN D 125 9.02 1.86 23.08
N ALA D 126 8.24 1.13 23.86
CA ALA D 126 7.94 -0.27 23.58
C ALA D 126 7.23 -0.37 22.22
N LEU D 127 6.28 0.53 21.98
CA LEU D 127 5.55 0.55 20.72
C LEU D 127 6.51 0.87 19.58
N LEU D 128 7.34 1.89 19.81
CA LEU D 128 8.30 2.35 18.81
C LEU D 128 9.30 1.26 18.40
N THR D 129 9.76 0.49 19.37
CA THR D 129 10.74 -0.57 19.10
C THR D 129 10.11 -1.96 18.94
N GLY D 130 8.79 -2.04 19.02
CA GLY D 130 8.14 -3.33 18.88
C GLY D 130 8.50 -4.34 19.97
N THR D 131 8.52 -3.91 21.22
CA THR D 131 8.85 -4.85 22.28
C THR D 131 7.73 -4.92 23.32
N PRO D 132 7.69 -6.03 24.09
CA PRO D 132 6.65 -6.16 25.11
C PRO D 132 6.81 -5.09 26.20
N PHE D 133 5.72 -4.80 26.89
CA PHE D 133 5.71 -3.85 27.98
C PHE D 133 5.12 -4.53 29.22
N LEU D 134 5.84 -4.46 30.35
CA LEU D 134 5.39 -5.06 31.60
C LEU D 134 5.37 -3.99 32.65
N PHE D 135 4.34 -4.02 33.49
CA PHE D 135 4.18 -2.98 34.49
C PHE D 135 3.77 -3.57 35.84
N PHE D 136 4.56 -3.29 36.87
CA PHE D 136 4.24 -3.75 38.22
C PHE D 136 3.48 -2.58 38.85
N TYR D 137 2.21 -2.80 39.20
CA TYR D 137 1.38 -1.77 39.80
C TYR D 137 1.41 -1.93 41.33
N ASP D 138 1.51 -0.81 42.04
CA ASP D 138 1.57 -0.82 43.50
C ASP D 138 1.32 0.64 43.87
N SER D 139 0.06 1.02 43.94
CA SER D 139 -0.30 2.41 44.16
C SER D 139 -1.57 2.64 44.98
N GLY D 140 -1.48 3.59 45.90
CA GLY D 140 -2.63 3.93 46.73
C GLY D 140 -3.65 4.76 45.96
N GLY D 141 -3.40 4.99 44.68
CA GLY D 141 -4.36 5.75 43.89
C GLY D 141 -3.88 7.05 43.31
N ALA D 142 -4.81 7.94 43.05
CA ALA D 142 -4.47 9.24 42.47
C ALA D 142 -3.67 10.02 43.49
N ARG D 143 -2.89 10.99 42.99
CA ARG D 143 -2.13 11.85 43.88
C ARG D 143 -3.01 13.10 43.98
N ILE D 144 -3.90 13.07 44.96
CA ILE D 144 -4.84 14.15 45.16
C ILE D 144 -4.19 15.52 45.23
N GLN D 145 -2.98 15.58 45.78
CA GLN D 145 -2.30 16.86 45.89
C GLN D 145 -2.13 17.53 44.54
N GLU D 146 -2.14 16.74 43.46
CA GLU D 146 -1.93 17.23 42.10
C GLU D 146 -3.20 17.41 41.30
N GLY D 147 -4.34 17.26 41.97
CA GLY D 147 -5.62 17.44 41.32
C GLY D 147 -5.78 16.87 39.93
N ILE D 148 -6.27 17.71 39.02
CA ILE D 148 -6.52 17.26 37.66
C ILE D 148 -5.27 16.88 36.88
N ASP D 149 -4.10 17.21 37.40
CA ASP D 149 -2.86 16.82 36.71
C ASP D 149 -2.69 15.32 36.90
N SER D 150 -3.02 14.83 38.08
CA SER D 150 -2.94 13.38 38.32
C SER D 150 -3.98 12.68 37.45
N LEU D 151 -5.16 13.29 37.35
CA LEU D 151 -6.26 12.78 36.56
C LEU D 151 -5.89 12.66 35.09
N SER D 152 -5.32 13.74 34.55
CA SER D 152 -4.91 13.77 33.15
C SER D 152 -3.86 12.69 32.87
N GLY D 153 -3.01 12.43 33.86
CA GLY D 153 -1.98 11.42 33.68
C GLY D 153 -2.60 10.06 33.41
N TYR D 154 -3.65 9.73 34.16
CA TYR D 154 -4.32 8.45 33.96
C TYR D 154 -4.86 8.36 32.54
N GLY D 155 -5.43 9.45 32.08
CA GLY D 155 -6.01 9.49 30.74
C GLY D 155 -4.96 9.20 29.69
N LYS D 156 -3.79 9.81 29.83
CA LYS D 156 -2.73 9.57 28.87
C LYS D 156 -2.31 8.12 28.92
N MET D 157 -2.31 7.51 30.11
CA MET D 157 -1.89 6.12 30.21
C MET D 157 -2.89 5.18 29.55
N PHE D 158 -4.18 5.46 29.78
CA PHE D 158 -5.22 4.62 29.20
C PHE D 158 -5.15 4.69 27.69
N PHE D 159 -5.00 5.89 27.15
CA PHE D 159 -4.91 6.04 25.69
C PHE D 159 -3.71 5.24 25.17
N ALA D 160 -2.61 5.28 25.92
CA ALA D 160 -1.41 4.56 25.51
C ALA D 160 -1.62 3.05 25.55
N ASN D 161 -2.29 2.55 26.59
CA ASN D 161 -2.53 1.12 26.70
C ASN D 161 -3.28 0.67 25.44
N VAL D 162 -4.25 1.48 25.01
CA VAL D 162 -5.06 1.14 23.85
C VAL D 162 -4.24 1.22 22.56
N LYS D 163 -3.36 2.20 22.47
CA LYS D 163 -2.49 2.36 21.31
C LYS D 163 -1.57 1.13 21.16
N LEU D 164 -1.02 0.64 22.27
CA LEU D 164 -0.15 -0.54 22.21
C LEU D 164 -0.95 -1.83 22.05
N SER D 165 -2.24 -1.76 22.35
CA SER D 165 -3.08 -2.96 22.30
C SER D 165 -3.07 -3.70 20.97
N GLY D 166 -2.70 -4.98 21.02
CA GLY D 166 -2.67 -5.78 19.81
C GLY D 166 -1.47 -5.49 18.92
N VAL D 167 -0.54 -4.69 19.42
CA VAL D 167 0.67 -4.35 18.67
C VAL D 167 1.84 -5.01 19.39
N VAL D 168 1.96 -4.75 20.68
CA VAL D 168 3.00 -5.39 21.50
C VAL D 168 2.30 -5.90 22.74
N PRO D 169 2.73 -7.07 23.24
CA PRO D 169 2.15 -7.70 24.44
C PRO D 169 2.27 -6.76 25.63
N GLN D 170 1.20 -6.63 26.40
CA GLN D 170 1.25 -5.78 27.60
C GLN D 170 0.86 -6.65 28.78
N ILE D 171 1.72 -6.71 29.78
CA ILE D 171 1.47 -7.52 30.95
C ILE D 171 1.50 -6.65 32.19
N ALA D 172 0.43 -6.74 32.96
CA ALA D 172 0.32 -5.97 34.19
C ALA D 172 0.54 -6.93 35.35
N ILE D 173 1.24 -6.47 36.38
CA ILE D 173 1.47 -7.29 37.57
C ILE D 173 1.06 -6.41 38.74
N ILE D 174 -0.04 -6.79 39.39
CA ILE D 174 -0.54 -6.03 40.53
C ILE D 174 0.10 -6.68 41.73
N ALA D 175 0.98 -5.94 42.40
CA ALA D 175 1.70 -6.48 43.55
C ALA D 175 1.52 -5.65 44.80
N GLY D 176 0.42 -4.90 44.86
CA GLY D 176 0.11 -4.09 46.02
C GLY D 176 -1.24 -3.45 45.74
N PRO D 177 -1.55 -2.32 46.37
CA PRO D 177 -2.85 -1.71 46.08
C PRO D 177 -2.86 -1.18 44.64
N CYS D 178 -4.06 -1.07 44.07
CA CYS D 178 -4.28 -0.50 42.76
C CYS D 178 -5.68 0.05 42.95
N ALA D 179 -5.77 1.20 43.60
CA ALA D 179 -7.04 1.82 43.95
C ALA D 179 -7.60 2.87 43.02
N GLY D 180 -8.85 2.67 42.63
CA GLY D 180 -9.52 3.62 41.76
C GLY D 180 -9.37 3.36 40.28
N GLY D 181 -9.63 4.39 39.49
CA GLY D 181 -9.55 4.30 38.05
C GLY D 181 -8.22 3.78 37.55
N ALA D 182 -7.18 3.90 38.38
CA ALA D 182 -5.84 3.43 38.02
C ALA D 182 -5.96 2.02 37.48
N SER D 183 -6.96 1.30 37.99
CA SER D 183 -7.24 -0.08 37.63
C SER D 183 -7.59 -0.28 36.16
N TYR D 184 -8.04 0.77 35.48
CA TYR D 184 -8.40 0.62 34.08
C TYR D 184 -7.20 0.37 33.19
N SER D 185 -6.01 0.76 33.67
CA SER D 185 -4.81 0.52 32.89
C SER D 185 -4.59 -0.99 32.80
N PRO D 186 -4.51 -1.69 33.96
CA PRO D 186 -4.31 -3.14 33.90
C PRO D 186 -5.38 -3.80 33.01
N ALA D 187 -6.61 -3.29 33.10
CA ALA D 187 -7.72 -3.80 32.32
C ALA D 187 -7.47 -3.65 30.83
N LEU D 188 -6.70 -2.63 30.46
CA LEU D 188 -6.41 -2.37 29.07
C LEU D 188 -5.16 -3.10 28.57
N THR D 189 -4.42 -3.74 29.48
CA THR D 189 -3.25 -4.51 29.07
C THR D 189 -3.82 -5.86 28.65
N ASP D 190 -2.97 -6.80 28.26
CA ASP D 190 -3.46 -8.10 27.83
C ASP D 190 -3.64 -9.12 28.94
N PHE D 191 -2.74 -9.08 29.92
CA PHE D 191 -2.81 -10.03 31.03
C PHE D 191 -2.49 -9.35 32.34
N ILE D 192 -3.26 -9.71 33.35
CA ILE D 192 -3.01 -9.19 34.66
C ILE D 192 -2.62 -10.35 35.55
N ILE D 193 -1.48 -10.22 36.22
CA ILE D 193 -1.00 -11.22 37.15
C ILE D 193 -1.15 -10.50 38.47
N MET D 194 -1.93 -11.07 39.39
CA MET D 194 -2.15 -10.40 40.65
C MET D 194 -1.61 -11.25 41.80
N THR D 195 -0.90 -10.63 42.74
CA THR D 195 -0.39 -11.41 43.88
C THR D 195 -1.44 -11.39 45.00
N LYS D 196 -1.31 -12.31 45.93
CA LYS D 196 -2.23 -12.40 47.05
C LYS D 196 -2.05 -11.26 48.03
N LYS D 197 -1.03 -10.42 47.84
CA LYS D 197 -0.84 -9.28 48.74
C LYS D 197 -1.51 -8.03 48.15
N ALA D 198 -1.93 -8.12 46.90
CA ALA D 198 -2.52 -6.97 46.22
C ALA D 198 -4.03 -6.89 46.31
N HIS D 199 -4.56 -5.70 46.03
CA HIS D 199 -6.00 -5.50 45.98
C HIS D 199 -6.28 -4.45 44.91
N MET D 200 -7.43 -4.55 44.27
CA MET D 200 -7.76 -3.64 43.19
C MET D 200 -9.27 -3.45 43.12
N PHE D 201 -9.69 -2.23 42.82
CA PHE D 201 -11.11 -1.89 42.70
C PHE D 201 -11.27 -0.48 42.13
N ILE D 202 -12.45 -0.18 41.61
CA ILE D 202 -12.74 1.16 41.08
C ILE D 202 -13.19 2.05 42.25
N THR D 203 -14.19 1.58 42.98
CA THR D 203 -14.70 2.30 44.14
C THR D 203 -14.23 1.46 45.35
N GLY D 204 -13.61 2.13 46.33
CA GLY D 204 -13.11 1.43 47.50
C GLY D 204 -14.13 1.21 48.61
N PRO D 205 -13.75 0.48 49.66
CA PRO D 205 -14.61 0.16 50.81
C PRO D 205 -15.20 1.38 51.52
N GLN D 206 -14.38 2.42 51.69
CA GLN D 206 -14.84 3.64 52.35
C GLN D 206 -16.04 4.24 51.61
N VAL D 207 -15.87 4.54 50.33
CA VAL D 207 -16.97 5.10 49.57
C VAL D 207 -18.12 4.10 49.48
N ILE D 208 -17.80 2.83 49.25
CA ILE D 208 -18.87 1.84 49.17
C ILE D 208 -19.68 1.79 50.47
N LYS D 209 -18.99 1.91 51.61
CA LYS D 209 -19.67 1.90 52.91
C LYS D 209 -20.50 3.16 53.09
N SER D 210 -19.88 4.30 52.85
CA SER D 210 -20.56 5.59 52.99
C SER D 210 -21.77 5.74 52.07
N VAL D 211 -21.66 5.25 50.85
CA VAL D 211 -22.75 5.37 49.89
C VAL D 211 -23.80 4.25 49.95
N THR D 212 -23.35 3.00 50.03
CA THR D 212 -24.28 1.88 50.08
C THR D 212 -24.46 1.28 51.47
N GLY D 213 -23.71 1.76 52.45
CA GLY D 213 -23.84 1.20 53.78
C GLY D 213 -23.11 -0.12 53.97
N GLU D 214 -22.60 -0.68 52.88
CA GLU D 214 -21.86 -1.94 52.96
C GLU D 214 -20.46 -1.72 53.49
N ASP D 215 -20.10 -2.51 54.50
CA ASP D 215 -18.79 -2.40 55.10
C ASP D 215 -18.02 -3.69 54.82
N VAL D 216 -17.20 -3.65 53.77
CA VAL D 216 -16.39 -4.81 53.37
C VAL D 216 -14.91 -4.42 53.36
N THR D 217 -14.03 -5.40 53.47
CA THR D 217 -12.60 -5.11 53.49
C THR D 217 -12.03 -5.00 52.07
N ALA D 218 -10.83 -4.42 51.98
CA ALA D 218 -10.19 -4.27 50.68
C ALA D 218 -10.02 -5.64 50.02
N ASP D 219 -9.63 -6.63 50.82
CA ASP D 219 -9.41 -7.98 50.30
C ASP D 219 -10.66 -8.67 49.80
N GLU D 220 -11.75 -8.52 50.56
CA GLU D 220 -13.02 -9.14 50.18
C GLU D 220 -13.52 -8.48 48.91
N LEU D 221 -13.41 -7.16 48.85
CA LEU D 221 -13.87 -6.41 47.69
C LEU D 221 -13.03 -6.65 46.44
N GLY D 222 -11.71 -6.48 46.56
CA GLY D 222 -10.86 -6.64 45.40
C GLY D 222 -9.55 -7.38 45.59
N GLY D 223 -9.56 -8.44 46.38
CA GLY D 223 -8.34 -9.21 46.56
C GLY D 223 -8.17 -10.06 45.31
N ALA D 224 -7.02 -10.72 45.16
CA ALA D 224 -6.76 -11.54 43.98
C ALA D 224 -7.83 -12.59 43.72
N GLU D 225 -8.23 -13.33 44.76
CA GLU D 225 -9.24 -14.35 44.60
C GLU D 225 -10.58 -13.78 44.09
N ALA D 226 -10.95 -12.60 44.58
CA ALA D 226 -12.19 -11.95 44.18
C ALA D 226 -12.16 -11.61 42.67
N HIS D 227 -11.07 -11.01 42.21
CA HIS D 227 -10.98 -10.65 40.80
C HIS D 227 -10.90 -11.85 39.89
N MET D 228 -10.24 -12.89 40.35
CA MET D 228 -10.10 -14.07 39.54
C MET D 228 -11.39 -14.86 39.39
N ALA D 229 -11.99 -15.24 40.51
CA ALA D 229 -13.19 -16.07 40.48
C ALA D 229 -14.51 -15.38 40.24
N ILE D 230 -14.65 -14.19 40.80
CA ILE D 230 -15.90 -13.47 40.68
C ILE D 230 -15.94 -12.46 39.55
N SER D 231 -15.11 -11.42 39.67
CA SER D 231 -15.03 -10.32 38.72
C SER D 231 -14.60 -10.68 37.30
N GLY D 232 -13.72 -11.68 37.17
CA GLY D 232 -13.24 -12.07 35.86
C GLY D 232 -12.27 -11.05 35.28
N ASN D 233 -11.69 -10.22 36.14
CA ASN D 233 -10.75 -9.17 35.75
C ASN D 233 -9.31 -9.58 35.51
N ILE D 234 -8.86 -10.64 36.17
CA ILE D 234 -7.46 -11.03 36.07
C ILE D 234 -7.20 -12.37 35.43
N HIS D 235 -5.95 -12.59 35.02
CA HIS D 235 -5.61 -13.82 34.32
C HIS D 235 -4.78 -14.84 35.10
N PHE D 236 -4.09 -14.40 36.14
CA PHE D 236 -3.27 -15.30 36.96
C PHE D 236 -3.22 -14.76 38.37
N VAL D 237 -3.24 -15.66 39.35
CA VAL D 237 -3.12 -15.25 40.73
C VAL D 237 -1.74 -15.75 41.15
N ALA D 238 -0.96 -14.87 41.78
CA ALA D 238 0.38 -15.24 42.23
C ALA D 238 0.46 -15.23 43.75
N GLU D 239 1.17 -16.22 44.30
CA GLU D 239 1.34 -16.31 45.74
C GLU D 239 1.99 -15.03 46.23
N ASP D 240 3.11 -14.67 45.60
CA ASP D 240 3.86 -13.47 45.96
C ASP D 240 4.61 -12.93 44.75
N ASP D 241 5.42 -11.90 44.96
CA ASP D 241 6.15 -11.30 43.86
C ASP D 241 7.04 -12.27 43.10
N ASP D 242 7.70 -13.17 43.82
CA ASP D 242 8.58 -14.16 43.18
C ASP D 242 7.79 -15.01 42.20
N ALA D 243 6.62 -15.48 42.61
CA ALA D 243 5.78 -16.30 41.75
C ALA D 243 5.23 -15.49 40.57
N ALA D 244 4.83 -14.25 40.84
CA ALA D 244 4.29 -13.38 39.78
C ALA D 244 5.37 -13.18 38.70
N GLU D 245 6.61 -12.97 39.13
CA GLU D 245 7.70 -12.79 38.21
C GLU D 245 7.94 -14.05 37.36
N LEU D 246 7.80 -15.22 37.99
CA LEU D 246 7.97 -16.48 37.25
C LEU D 246 6.86 -16.62 36.21
N ILE D 247 5.64 -16.32 36.62
CA ILE D 247 4.50 -16.41 35.73
C ILE D 247 4.69 -15.45 34.55
N ALA D 248 5.06 -14.21 34.86
CA ALA D 248 5.28 -13.22 33.81
C ALA D 248 6.27 -13.76 32.77
N LYS D 249 7.36 -14.38 33.24
CA LYS D 249 8.34 -14.93 32.31
C LYS D 249 7.77 -16.10 31.53
N LYS D 250 7.05 -16.98 32.20
CA LYS D 250 6.48 -18.13 31.53
C LYS D 250 5.47 -17.64 30.49
N LEU D 251 4.61 -16.71 30.91
CA LEU D 251 3.61 -16.14 30.00
C LEU D 251 4.30 -15.55 28.76
N LEU D 252 5.24 -14.64 29.00
CA LEU D 252 5.96 -14.00 27.92
C LEU D 252 6.62 -14.99 26.94
N SER D 253 7.10 -16.12 27.46
CA SER D 253 7.77 -17.10 26.60
C SER D 253 6.91 -17.60 25.43
N PHE D 254 5.59 -17.53 25.58
CA PHE D 254 4.69 -17.96 24.51
C PHE D 254 4.37 -16.84 23.52
N LEU D 255 4.76 -15.63 23.85
CA LEU D 255 4.41 -14.49 23.01
C LEU D 255 5.49 -13.91 22.12
N PRO D 256 5.08 -13.39 20.96
CA PRO D 256 6.08 -12.79 20.07
C PRO D 256 6.40 -11.44 20.68
N GLN D 257 7.44 -10.79 20.17
CA GLN D 257 7.81 -9.46 20.64
C GLN D 257 6.73 -8.45 20.24
N ASN D 258 6.12 -8.66 19.09
CA ASN D 258 5.09 -7.74 18.61
C ASN D 258 4.24 -8.45 17.57
N ASN D 259 3.22 -7.77 17.06
CA ASN D 259 2.29 -8.40 16.12
C ASN D 259 2.79 -8.69 14.71
N THR D 260 4.05 -8.42 14.42
CA THR D 260 4.54 -8.70 13.09
C THR D 260 5.18 -10.08 13.04
N GLU D 261 5.29 -10.72 14.20
CA GLU D 261 5.95 -12.02 14.26
C GLU D 261 5.14 -13.09 14.95
N GLU D 262 5.53 -14.34 14.70
CA GLU D 262 4.92 -15.46 15.39
C GLU D 262 5.92 -15.70 16.53
N ALA D 263 5.47 -16.16 17.69
CA ALA D 263 6.41 -16.37 18.79
C ALA D 263 7.54 -17.33 18.40
N SER D 264 8.74 -17.12 18.91
CA SER D 264 9.87 -18.00 18.61
C SER D 264 9.58 -19.36 19.21
N PHE D 265 9.91 -20.43 18.48
CA PHE D 265 9.69 -21.79 18.97
C PHE D 265 10.54 -22.00 20.20
N VAL D 266 10.04 -22.81 21.12
CA VAL D 266 10.78 -23.09 22.34
C VAL D 266 10.79 -24.59 22.61
N ASN D 267 11.98 -25.12 22.87
CA ASN D 267 12.16 -26.54 23.18
C ASN D 267 11.14 -27.41 22.46
N PRO D 268 11.24 -27.49 21.13
CA PRO D 268 10.27 -28.31 20.43
C PRO D 268 10.41 -29.80 20.65
N ASN D 269 9.26 -30.45 20.75
CA ASN D 269 9.25 -31.89 20.86
C ASN D 269 8.64 -32.26 19.53
N ASN D 270 9.46 -32.79 18.64
CA ASN D 270 9.00 -33.16 17.31
C ASN D 270 8.38 -34.55 17.24
N ASP D 271 8.31 -35.23 18.37
CA ASP D 271 7.71 -36.56 18.37
C ASP D 271 6.18 -36.42 18.34
N VAL D 272 5.55 -37.02 17.34
CA VAL D 272 4.09 -36.97 17.26
C VAL D 272 3.52 -38.38 17.12
N SER D 273 4.23 -39.37 17.68
CA SER D 273 3.75 -40.74 17.60
C SER D 273 2.45 -40.93 18.40
N PRO D 274 1.66 -41.94 18.03
CA PRO D 274 0.40 -42.20 18.73
C PRO D 274 0.56 -42.33 20.25
N ASN D 275 -0.46 -41.92 20.99
CA ASN D 275 -0.45 -42.03 22.43
C ASN D 275 -1.84 -42.56 22.76
N THR D 276 -1.93 -43.87 22.95
CA THR D 276 -3.21 -44.50 23.25
C THR D 276 -3.89 -43.96 24.50
N GLU D 277 -3.12 -43.32 25.38
CA GLU D 277 -3.72 -42.77 26.60
C GLU D 277 -4.88 -41.84 26.28
N LEU D 278 -4.80 -41.13 25.16
CA LEU D 278 -5.86 -40.21 24.75
C LEU D 278 -7.21 -40.87 24.52
N ARG D 279 -7.19 -42.14 24.12
CA ARG D 279 -8.44 -42.86 23.89
C ARG D 279 -9.26 -43.05 25.16
N ASP D 280 -8.58 -43.06 26.30
CA ASP D 280 -9.25 -43.32 27.57
C ASP D 280 -9.70 -42.16 28.45
N ILE D 281 -9.30 -40.94 28.10
CA ILE D 281 -9.67 -39.80 28.94
C ILE D 281 -11.11 -39.37 28.81
N VAL D 282 -11.64 -39.43 27.59
CA VAL D 282 -13.01 -39.01 27.33
C VAL D 282 -13.96 -40.20 27.39
N PRO D 283 -14.78 -40.28 28.46
CA PRO D 283 -15.73 -41.38 28.63
C PRO D 283 -16.72 -41.50 27.49
N ILE D 284 -16.92 -42.73 27.03
CA ILE D 284 -17.88 -42.96 25.97
C ILE D 284 -19.26 -42.58 26.54
N ASP D 285 -19.39 -42.62 27.86
CA ASP D 285 -20.65 -42.27 28.52
C ASP D 285 -20.76 -40.76 28.77
N GLY D 286 -21.58 -40.12 27.96
CA GLY D 286 -21.78 -38.68 28.05
C GLY D 286 -22.10 -38.13 29.42
N LYS D 287 -22.59 -38.98 30.32
CA LYS D 287 -22.96 -38.53 31.66
C LYS D 287 -21.74 -38.37 32.54
N LYS D 288 -20.63 -38.94 32.11
CA LYS D 288 -19.40 -38.87 32.90
C LYS D 288 -18.49 -37.76 32.38
N GLY D 289 -18.00 -36.95 33.30
CA GLY D 289 -17.11 -35.87 32.94
C GLY D 289 -15.66 -36.30 33.02
N TYR D 290 -14.77 -35.33 32.95
CA TYR D 290 -13.33 -35.56 33.03
C TYR D 290 -12.67 -34.20 33.03
N ASP D 291 -11.35 -34.18 33.21
CA ASP D 291 -10.64 -32.92 33.19
C ASP D 291 -10.05 -32.84 31.79
N VAL D 292 -10.57 -31.91 30.99
CA VAL D 292 -10.11 -31.77 29.61
C VAL D 292 -8.61 -31.47 29.54
N ARG D 293 -8.07 -30.95 30.64
CA ARG D 293 -6.65 -30.64 30.68
C ARG D 293 -5.78 -31.89 30.58
N ASP D 294 -6.37 -33.06 30.83
CA ASP D 294 -5.60 -34.29 30.74
C ASP D 294 -5.44 -34.60 29.26
N VAL D 295 -6.40 -34.15 28.46
CA VAL D 295 -6.32 -34.35 27.01
C VAL D 295 -5.23 -33.42 26.50
N ILE D 296 -5.31 -32.15 26.91
CA ILE D 296 -4.34 -31.15 26.53
C ILE D 296 -2.93 -31.65 26.82
N ALA D 297 -2.74 -32.12 28.06
CA ALA D 297 -1.45 -32.62 28.53
C ALA D 297 -0.82 -33.67 27.63
N LYS D 298 -1.63 -34.51 26.99
CA LYS D 298 -1.07 -35.55 26.11
C LYS D 298 -0.90 -35.05 24.68
N ILE D 299 -1.46 -33.89 24.40
CA ILE D 299 -1.38 -33.32 23.04
C ILE D 299 -0.23 -32.34 22.89
N VAL D 300 0.01 -31.53 23.90
CA VAL D 300 1.05 -30.54 23.82
C VAL D 300 2.44 -31.01 24.22
N ASP D 301 3.45 -30.35 23.67
CA ASP D 301 4.83 -30.67 23.98
C ASP D 301 5.08 -30.77 25.48
N TRP D 302 5.68 -31.88 25.89
CA TRP D 302 6.04 -32.13 27.29
C TRP D 302 4.90 -31.99 28.27
N GLY D 303 3.67 -32.00 27.77
CA GLY D 303 2.52 -31.85 28.64
C GLY D 303 2.49 -30.48 29.31
N ASP D 304 3.32 -29.56 28.81
CA ASP D 304 3.37 -28.23 29.42
C ASP D 304 2.34 -27.26 28.86
N TYR D 305 1.67 -26.54 29.75
CA TYR D 305 0.70 -25.53 29.35
C TYR D 305 0.60 -24.52 30.45
N LEU D 306 0.31 -23.28 30.09
CA LEU D 306 0.13 -22.24 31.08
C LEU D 306 -1.32 -21.87 30.94
N GLU D 307 -2.12 -22.26 31.93
CA GLU D 307 -3.54 -21.96 31.87
C GLU D 307 -3.82 -20.50 32.19
N VAL D 308 -4.65 -19.88 31.36
CA VAL D 308 -5.03 -18.50 31.55
C VAL D 308 -6.41 -18.49 32.20
N LYS D 309 -6.58 -17.61 33.19
CA LYS D 309 -7.84 -17.52 33.91
C LYS D 309 -8.25 -18.91 34.43
N ALA D 310 -7.27 -19.57 35.05
CA ALA D 310 -7.45 -20.90 35.61
C ALA D 310 -8.58 -20.97 36.65
N GLY D 311 -8.80 -19.89 37.40
CA GLY D 311 -9.82 -19.90 38.42
C GLY D 311 -11.10 -19.14 38.10
N TYR D 312 -11.30 -18.81 36.83
CA TYR D 312 -12.50 -18.10 36.39
C TYR D 312 -13.20 -18.94 35.32
N ALA D 313 -14.53 -19.00 35.38
CA ALA D 313 -15.30 -19.75 34.40
C ALA D 313 -14.55 -21.03 34.08
N THR D 314 -14.40 -21.88 35.10
CA THR D 314 -13.68 -23.13 34.96
C THR D 314 -14.36 -24.14 34.06
N ASN D 315 -15.55 -23.79 33.57
CA ASN D 315 -16.29 -24.66 32.65
C ASN D 315 -15.64 -24.59 31.26
N LEU D 316 -14.69 -23.67 31.13
CA LEU D 316 -13.97 -23.51 29.87
C LEU D 316 -12.50 -23.28 30.17
N VAL D 317 -11.64 -24.03 29.51
CA VAL D 317 -10.21 -23.87 29.72
C VAL D 317 -9.52 -23.14 28.58
N THR D 318 -8.71 -22.16 28.94
CA THR D 318 -7.91 -21.42 27.97
C THR D 318 -6.48 -21.55 28.46
N ALA D 319 -5.59 -22.02 27.61
CA ALA D 319 -4.21 -22.18 28.02
C ALA D 319 -3.24 -22.06 26.87
N PHE D 320 -2.05 -21.56 27.16
CA PHE D 320 -1.03 -21.47 26.15
C PHE D 320 -0.26 -22.78 26.25
N ALA D 321 0.14 -23.32 25.11
CA ALA D 321 0.92 -24.53 25.11
C ALA D 321 1.71 -24.49 23.83
N ARG D 322 2.40 -25.59 23.53
CA ARG D 322 3.18 -25.63 22.32
C ARG D 322 3.04 -26.95 21.61
N VAL D 323 3.12 -26.91 20.29
CA VAL D 323 3.07 -28.12 19.49
C VAL D 323 4.27 -28.03 18.58
N ASN D 324 5.23 -28.93 18.78
CA ASN D 324 6.46 -28.91 18.00
C ASN D 324 7.15 -27.59 18.22
N GLY D 325 7.07 -27.09 19.46
CA GLY D 325 7.71 -25.84 19.83
C GLY D 325 6.96 -24.55 19.50
N ARG D 326 5.86 -24.66 18.77
CA ARG D 326 5.08 -23.50 18.36
C ARG D 326 4.03 -23.16 19.39
N SER D 327 3.97 -21.89 19.77
CA SER D 327 2.98 -21.45 20.73
C SER D 327 1.61 -21.64 20.09
N VAL D 328 0.66 -22.10 20.87
CA VAL D 328 -0.71 -22.26 20.40
C VAL D 328 -1.58 -21.88 21.57
N GLY D 329 -2.82 -21.51 21.24
CA GLY D 329 -3.75 -21.16 22.28
C GLY D 329 -4.77 -22.27 22.24
N ILE D 330 -5.06 -22.85 23.40
CA ILE D 330 -6.02 -23.95 23.44
C ILE D 330 -7.26 -23.49 24.16
N VAL D 331 -8.40 -23.74 23.52
CA VAL D 331 -9.69 -23.38 24.07
C VAL D 331 -10.43 -24.70 24.19
N ALA D 332 -10.78 -25.07 25.42
CA ALA D 332 -11.43 -26.35 25.64
C ALA D 332 -12.52 -26.33 26.68
N ASN D 333 -13.62 -26.99 26.33
CA ASN D 333 -14.76 -27.11 27.23
C ASN D 333 -14.35 -28.06 28.34
N GLN D 334 -14.75 -27.73 29.57
CA GLN D 334 -14.42 -28.53 30.74
C GLN D 334 -15.70 -29.26 31.18
N PRO D 335 -15.88 -30.51 30.72
CA PRO D 335 -17.06 -31.31 31.06
C PRO D 335 -17.25 -31.56 32.55
N SER D 336 -16.17 -31.48 33.30
CA SER D 336 -16.25 -31.70 34.74
C SER D 336 -16.80 -30.50 35.49
N VAL D 337 -17.05 -29.40 34.78
CA VAL D 337 -17.60 -28.22 35.44
C VAL D 337 -18.84 -27.74 34.69
N MET D 338 -19.97 -27.72 35.39
CA MET D 338 -21.21 -27.29 34.78
C MET D 338 -21.48 -28.05 33.48
N SER D 339 -21.07 -29.31 33.43
CA SER D 339 -21.27 -30.14 32.25
C SER D 339 -20.58 -29.61 30.99
N GLY D 340 -19.65 -28.68 31.18
CA GLY D 340 -18.95 -28.12 30.05
C GLY D 340 -19.77 -27.09 29.29
N CYS D 341 -20.90 -26.71 29.87
CA CYS D 341 -21.75 -25.72 29.24
C CYS D 341 -21.01 -24.40 29.13
N LEU D 342 -21.25 -23.70 28.03
CA LEU D 342 -20.68 -22.38 27.84
C LEU D 342 -21.68 -21.49 28.56
N ASP D 343 -21.23 -20.37 29.10
CA ASP D 343 -22.11 -19.44 29.79
C ASP D 343 -21.58 -18.03 29.55
N ILE D 344 -22.21 -17.03 30.17
CA ILE D 344 -21.78 -15.66 30.01
C ILE D 344 -20.30 -15.49 30.31
N ASN D 345 -19.86 -15.95 31.49
CA ASN D 345 -18.47 -15.80 31.87
C ASN D 345 -17.48 -16.56 30.99
N ALA D 346 -17.81 -17.79 30.61
CA ALA D 346 -16.92 -18.58 29.76
C ALA D 346 -16.80 -17.94 28.38
N SER D 347 -17.89 -17.39 27.88
CA SER D 347 -17.88 -16.74 26.57
C SER D 347 -16.88 -15.59 26.58
N ASP D 348 -16.87 -14.80 27.65
CA ASP D 348 -15.93 -13.69 27.77
C ASP D 348 -14.50 -14.23 27.82
N LYS D 349 -14.31 -15.24 28.66
CA LYS D 349 -13.01 -15.87 28.85
C LYS D 349 -12.44 -16.39 27.55
N ALA D 350 -13.28 -17.06 26.77
CA ALA D 350 -12.85 -17.61 25.50
C ALA D 350 -12.58 -16.51 24.48
N ALA D 351 -13.54 -15.59 24.34
CA ALA D 351 -13.44 -14.51 23.36
C ALA D 351 -12.19 -13.66 23.55
N GLU D 352 -11.91 -13.28 24.78
CA GLU D 352 -10.73 -12.47 25.08
C GLU D 352 -9.48 -13.23 24.67
N PHE D 353 -9.44 -14.52 24.99
CA PHE D 353 -8.30 -15.36 24.66
C PHE D 353 -8.13 -15.51 23.15
N VAL D 354 -9.23 -15.83 22.47
CA VAL D 354 -9.20 -15.99 21.03
C VAL D 354 -8.74 -14.70 20.34
N ASN D 355 -9.34 -13.58 20.74
CA ASN D 355 -8.98 -12.30 20.17
C ASN D 355 -7.49 -12.01 20.36
N PHE D 356 -6.99 -12.25 21.57
CA PHE D 356 -5.59 -12.02 21.87
C PHE D 356 -4.67 -12.89 21.01
N CYS D 357 -4.95 -14.19 20.97
CA CYS D 357 -4.11 -15.08 20.19
C CYS D 357 -4.06 -14.64 18.74
N ASP D 358 -5.23 -14.29 18.20
CA ASP D 358 -5.32 -13.82 16.84
C ASP D 358 -4.46 -12.58 16.62
N SER D 359 -4.51 -11.64 17.58
CA SER D 359 -3.75 -10.40 17.52
C SER D 359 -2.28 -10.68 17.42
N PHE D 360 -1.84 -11.73 18.12
CA PHE D 360 -0.43 -12.04 18.12
C PHE D 360 0.00 -13.28 17.37
N ASN D 361 -0.78 -13.63 16.35
CA ASN D 361 -0.46 -14.73 15.46
C ASN D 361 -0.26 -16.08 16.13
N ILE D 362 -1.00 -16.33 17.20
CA ILE D 362 -0.90 -17.60 17.88
C ILE D 362 -2.01 -18.50 17.37
N PRO D 363 -1.67 -19.66 16.78
CA PRO D 363 -2.77 -20.51 16.30
C PRO D 363 -3.69 -20.90 17.45
N LEU D 364 -4.95 -21.18 17.11
CA LEU D 364 -5.94 -21.57 18.09
C LEU D 364 -6.37 -23.02 17.91
N VAL D 365 -6.27 -23.80 18.99
CA VAL D 365 -6.64 -25.21 18.96
C VAL D 365 -7.82 -25.40 19.90
N GLN D 366 -8.93 -25.88 19.35
CA GLN D 366 -10.13 -26.08 20.15
C GLN D 366 -10.35 -27.57 20.42
N LEU D 367 -10.70 -27.88 21.66
CA LEU D 367 -11.02 -29.25 22.06
C LEU D 367 -12.49 -29.08 22.43
N VAL D 368 -13.37 -29.65 21.60
CA VAL D 368 -14.80 -29.49 21.79
C VAL D 368 -15.55 -30.62 22.47
N ASP D 369 -16.33 -30.25 23.49
CA ASP D 369 -17.19 -31.18 24.22
C ASP D 369 -18.14 -30.27 24.96
N VAL D 370 -19.10 -29.73 24.21
CA VAL D 370 -20.04 -28.79 24.79
C VAL D 370 -21.46 -29.18 24.46
N PRO D 371 -22.32 -29.28 25.49
CA PRO D 371 -23.73 -29.65 25.39
C PRO D 371 -24.65 -28.48 25.03
N GLY D 372 -24.15 -27.26 25.15
CA GLY D 372 -24.94 -26.10 24.83
C GLY D 372 -24.62 -24.99 25.81
N PHE D 373 -25.43 -23.94 25.82
CA PHE D 373 -25.20 -22.86 26.76
C PHE D 373 -25.93 -23.15 28.06
N LEU D 374 -25.41 -22.60 29.14
CA LEU D 374 -25.96 -22.77 30.48
C LEU D 374 -27.40 -22.27 30.56
N PRO D 375 -28.36 -23.19 30.79
CA PRO D 375 -29.76 -22.76 30.89
C PRO D 375 -29.93 -21.98 32.19
N GLY D 376 -30.69 -20.90 32.15
CA GLY D 376 -30.90 -20.12 33.36
C GLY D 376 -31.45 -18.75 33.03
N VAL D 377 -32.37 -18.28 33.87
CA VAL D 377 -32.97 -16.98 33.65
C VAL D 377 -31.93 -15.87 33.71
N GLN D 378 -31.05 -15.95 34.70
CA GLN D 378 -30.03 -14.93 34.85
C GLN D 378 -29.05 -14.93 33.67
N GLN D 379 -28.94 -16.05 32.96
CA GLN D 379 -28.06 -16.11 31.80
C GLN D 379 -28.69 -15.28 30.68
N GLU D 380 -30.00 -15.42 30.51
CA GLU D 380 -30.67 -14.63 29.49
C GLU D 380 -30.69 -13.17 29.92
N TYR D 381 -31.08 -12.92 31.17
CA TYR D 381 -31.14 -11.56 31.69
C TYR D 381 -29.75 -10.93 31.74
N GLY D 382 -28.72 -11.77 31.84
CA GLY D 382 -27.36 -11.26 31.90
C GLY D 382 -26.78 -11.03 30.51
N GLY D 383 -27.58 -11.29 29.48
CA GLY D 383 -27.13 -11.08 28.12
C GLY D 383 -26.29 -12.18 27.50
N ILE D 384 -26.65 -13.44 27.73
CA ILE D 384 -25.87 -14.53 27.13
C ILE D 384 -25.87 -14.34 25.61
N ILE D 385 -26.92 -13.72 25.07
CA ILE D 385 -26.96 -13.51 23.62
C ILE D 385 -25.79 -12.64 23.16
N ARG D 386 -25.58 -11.49 23.78
CA ARG D 386 -24.49 -10.64 23.34
C ARG D 386 -23.11 -11.16 23.80
N HIS D 387 -23.06 -11.85 24.94
CA HIS D 387 -21.79 -12.38 25.45
C HIS D 387 -21.33 -13.58 24.64
N GLY D 388 -22.27 -14.49 24.36
CA GLY D 388 -21.94 -15.67 23.57
C GLY D 388 -21.54 -15.23 22.18
N ALA D 389 -22.19 -14.19 21.67
CA ALA D 389 -21.85 -13.67 20.34
C ALA D 389 -20.36 -13.31 20.25
N LYS D 390 -19.74 -12.96 21.38
CA LYS D 390 -18.31 -12.62 21.39
C LYS D 390 -17.45 -13.77 20.88
N MET D 391 -17.81 -15.01 21.22
CA MET D 391 -17.03 -16.14 20.74
C MET D 391 -17.17 -16.29 19.23
N LEU D 392 -18.39 -16.14 18.75
CA LEU D 392 -18.64 -16.29 17.32
C LEU D 392 -17.89 -15.19 16.57
N TYR D 393 -17.92 -14.00 17.14
CA TYR D 393 -17.25 -12.86 16.52
C TYR D 393 -15.73 -13.07 16.53
N ALA D 394 -15.17 -13.36 17.70
CA ALA D 394 -13.73 -13.55 17.82
C ALA D 394 -13.19 -14.60 16.85
N TYR D 395 -13.83 -15.78 16.83
CA TYR D 395 -13.40 -16.84 15.93
C TYR D 395 -13.62 -16.51 14.46
N SER D 396 -14.76 -15.89 14.14
CA SER D 396 -15.08 -15.54 12.76
C SER D 396 -14.14 -14.47 12.24
N GLU D 397 -13.71 -13.59 13.13
CA GLU D 397 -12.80 -12.51 12.79
C GLU D 397 -11.35 -13.00 12.74
N ALA D 398 -11.01 -14.01 13.53
CA ALA D 398 -9.66 -14.55 13.60
C ALA D 398 -9.15 -15.15 12.28
N THR D 399 -7.90 -14.84 11.97
CA THR D 399 -7.27 -15.31 10.75
C THR D 399 -6.08 -16.22 11.02
N VAL D 400 -5.73 -16.44 12.28
CA VAL D 400 -4.64 -17.35 12.58
C VAL D 400 -5.17 -18.74 12.28
N PRO D 401 -4.26 -19.73 12.19
CA PRO D 401 -4.74 -21.10 11.91
C PRO D 401 -5.71 -21.47 13.04
N LYS D 402 -6.80 -22.13 12.69
CA LYS D 402 -7.80 -22.56 13.66
C LYS D 402 -8.00 -24.05 13.42
N ILE D 403 -7.60 -24.84 14.40
CA ILE D 403 -7.67 -26.31 14.35
C ILE D 403 -8.63 -26.73 15.44
N THR D 404 -9.67 -27.44 15.05
CA THR D 404 -10.68 -27.86 15.99
C THR D 404 -10.83 -29.37 16.03
N VAL D 405 -10.79 -29.90 17.24
CA VAL D 405 -10.99 -31.32 17.43
C VAL D 405 -12.25 -31.49 18.28
N VAL D 406 -13.22 -32.21 17.73
CA VAL D 406 -14.44 -32.45 18.47
C VAL D 406 -14.23 -33.75 19.26
N LEU D 407 -14.13 -33.63 20.57
CA LEU D 407 -13.91 -34.79 21.43
C LEU D 407 -15.19 -35.56 21.65
N ARG D 408 -16.27 -34.84 21.96
CA ARG D 408 -17.54 -35.50 22.22
C ARG D 408 -18.73 -34.64 21.82
N LYS D 409 -19.39 -34.01 22.79
CA LYS D 409 -20.54 -33.18 22.46
C LYS D 409 -20.19 -31.88 21.74
N ALA D 410 -21.02 -31.56 20.76
CA ALA D 410 -20.88 -30.35 19.96
C ALA D 410 -22.32 -30.01 19.54
N TYR D 411 -23.05 -29.38 20.46
CA TYR D 411 -24.45 -29.06 20.21
C TYR D 411 -24.79 -27.64 19.82
N GLY D 412 -25.60 -27.52 18.79
CA GLY D 412 -26.07 -26.23 18.30
C GLY D 412 -25.10 -25.08 18.30
N GLY D 413 -25.56 -23.94 18.77
CA GLY D 413 -24.77 -22.73 18.80
C GLY D 413 -23.46 -22.85 19.57
N SER D 414 -23.44 -23.65 20.62
CA SER D 414 -22.20 -23.78 21.40
C SER D 414 -21.08 -24.44 20.58
N TYR D 415 -21.45 -25.27 19.60
CA TYR D 415 -20.46 -25.94 18.75
C TYR D 415 -19.91 -24.91 17.75
N LEU D 416 -20.80 -24.07 17.23
CA LEU D 416 -20.38 -23.04 16.29
C LEU D 416 -19.45 -22.09 17.05
N ALA D 417 -19.80 -21.78 18.30
CA ALA D 417 -18.99 -20.91 19.14
C ALA D 417 -17.60 -21.50 19.41
N MET D 418 -17.46 -22.82 19.27
CA MET D 418 -16.17 -23.49 19.48
C MET D 418 -15.39 -23.58 18.17
N CYS D 419 -15.82 -22.80 17.20
CA CYS D 419 -15.17 -22.69 15.90
C CYS D 419 -15.15 -23.92 15.01
N ASN D 420 -16.24 -24.11 14.28
CA ASN D 420 -16.31 -25.22 13.35
C ASN D 420 -15.82 -24.65 12.03
N ARG D 421 -15.96 -25.40 10.96
CA ARG D 421 -15.48 -24.97 9.64
C ARG D 421 -16.18 -23.72 9.09
N ASP D 422 -17.45 -23.52 9.44
CA ASP D 422 -18.19 -22.36 8.97
C ASP D 422 -17.68 -21.08 9.62
N LEU D 423 -17.04 -21.23 10.77
CA LEU D 423 -16.47 -20.09 11.47
C LEU D 423 -15.01 -19.97 11.06
N GLY D 424 -14.63 -20.68 10.00
CA GLY D 424 -13.27 -20.62 9.50
C GLY D 424 -12.22 -21.58 10.02
N ALA D 425 -12.59 -22.61 10.76
CA ALA D 425 -11.59 -23.57 11.23
C ALA D 425 -10.93 -24.14 9.98
N ASP D 426 -9.61 -24.24 10.00
CA ASP D 426 -8.87 -24.76 8.84
C ASP D 426 -8.87 -26.28 8.74
N ALA D 427 -8.97 -26.93 9.89
CA ALA D 427 -9.01 -28.38 9.95
C ALA D 427 -9.91 -28.71 11.12
N VAL D 428 -10.79 -29.67 10.90
CA VAL D 428 -11.69 -30.08 11.96
C VAL D 428 -11.61 -31.60 11.99
N TYR D 429 -11.36 -32.14 13.17
CA TYR D 429 -11.29 -33.58 13.31
C TYR D 429 -12.30 -34.00 14.35
N ALA D 430 -12.93 -35.14 14.11
CA ALA D 430 -13.90 -35.67 15.05
C ALA D 430 -13.36 -36.96 15.65
N TRP D 431 -13.45 -37.07 16.97
CA TRP D 431 -13.03 -38.30 17.65
C TRP D 431 -14.20 -39.26 17.39
N PRO D 432 -14.00 -40.56 17.62
CA PRO D 432 -15.08 -41.53 17.39
C PRO D 432 -16.28 -41.23 18.28
N SER D 433 -16.04 -40.45 19.33
CA SER D 433 -17.06 -40.07 20.30
C SER D 433 -17.72 -38.71 19.99
N ALA D 434 -17.34 -38.10 18.87
CA ALA D 434 -17.90 -36.80 18.52
C ALA D 434 -19.39 -36.84 18.25
N GLU D 435 -20.13 -35.90 18.84
CA GLU D 435 -21.55 -35.83 18.64
C GLU D 435 -21.99 -34.43 18.22
N ILE D 436 -21.78 -34.12 16.95
CA ILE D 436 -22.16 -32.83 16.39
C ILE D 436 -23.63 -32.87 16.06
N ALA D 437 -24.41 -31.99 16.70
CA ALA D 437 -25.84 -31.99 16.48
C ALA D 437 -26.42 -30.59 16.57
N VAL D 438 -27.47 -30.32 15.80
CA VAL D 438 -28.10 -29.02 15.85
C VAL D 438 -28.94 -29.04 17.12
N MET D 439 -29.22 -30.26 17.59
CA MET D 439 -30.00 -30.50 18.78
C MET D 439 -29.84 -31.97 19.13
N GLY D 440 -29.93 -32.31 20.41
CA GLY D 440 -29.78 -33.69 20.83
C GLY D 440 -30.82 -34.60 20.19
N ALA D 441 -30.52 -35.90 20.12
CA ALA D 441 -31.43 -36.87 19.53
C ALA D 441 -32.84 -36.75 20.09
N GLU D 442 -32.95 -36.62 21.41
CA GLU D 442 -34.26 -36.45 22.05
C GLU D 442 -34.52 -34.96 22.09
N GLY D 443 -35.77 -34.56 21.91
CA GLY D 443 -36.09 -33.15 21.91
C GLY D 443 -36.17 -32.72 20.46
N ALA D 444 -35.30 -33.31 19.65
CA ALA D 444 -35.27 -33.02 18.22
C ALA D 444 -36.37 -33.89 17.63
N ALA D 445 -36.29 -35.19 17.88
CA ALA D 445 -37.29 -36.15 17.40
C ALA D 445 -38.57 -35.84 18.17
N ASN D 446 -38.40 -35.43 19.42
CA ASN D 446 -39.52 -35.08 20.28
C ASN D 446 -40.31 -33.98 19.59
N VAL D 447 -39.61 -32.94 19.13
CA VAL D 447 -40.25 -31.82 18.45
C VAL D 447 -40.70 -32.20 17.04
N ILE D 448 -39.81 -32.84 16.27
CA ILE D 448 -40.14 -33.23 14.91
C ILE D 448 -41.39 -34.12 14.89
N PHE D 449 -41.47 -35.05 15.84
CA PHE D 449 -42.61 -35.96 15.92
C PHE D 449 -43.52 -35.62 17.10
N ALA D 461 -43.95 -44.50 23.12
CA ALA D 461 -44.12 -45.50 22.07
C ALA D 461 -43.05 -45.37 20.97
N MET D 462 -43.46 -44.87 19.82
CA MET D 462 -42.57 -44.68 18.67
C MET D 462 -41.17 -44.21 19.07
N LYS D 466 -38.05 -43.05 17.49
CA LYS D 466 -37.64 -42.04 16.52
C LYS D 466 -36.35 -41.33 16.92
N ILE D 467 -36.04 -41.34 18.21
CA ILE D 467 -34.84 -40.71 18.73
C ILE D 467 -33.60 -41.36 18.09
N GLU D 468 -33.59 -42.68 18.05
CA GLU D 468 -32.47 -43.44 17.48
C GLU D 468 -32.33 -43.13 15.99
N GLU D 469 -33.46 -43.06 15.30
CA GLU D 469 -33.48 -42.76 13.87
C GLU D 469 -32.80 -41.42 13.61
N TYR D 470 -33.09 -40.44 14.46
CA TYR D 470 -32.52 -39.11 14.32
C TYR D 470 -31.03 -39.12 14.66
N GLN D 471 -30.70 -39.75 15.79
CA GLN D 471 -29.33 -39.86 16.27
C GLN D 471 -28.34 -40.36 15.22
N ASN D 472 -28.69 -41.45 14.54
CA ASN D 472 -27.83 -42.04 13.53
C ASN D 472 -27.82 -41.29 12.21
N ALA D 473 -28.92 -40.62 11.90
CA ALA D 473 -29.03 -39.87 10.65
C ALA D 473 -28.29 -38.54 10.68
N PHE D 474 -28.06 -37.99 11.86
CA PHE D 474 -27.39 -36.69 11.96
C PHE D 474 -26.27 -36.54 12.99
N ASN D 475 -26.42 -37.17 14.14
CA ASN D 475 -25.44 -36.97 15.22
C ASN D 475 -24.23 -37.89 15.33
N THR D 476 -23.95 -38.70 14.31
CA THR D 476 -22.79 -39.59 14.37
C THR D 476 -21.57 -38.87 13.77
N PRO D 477 -20.35 -39.24 14.21
CA PRO D 477 -19.16 -38.59 13.66
C PRO D 477 -19.16 -38.74 12.14
N TYR D 478 -19.65 -39.88 11.68
CA TYR D 478 -19.68 -40.17 10.26
C TYR D 478 -20.63 -39.31 9.46
N VAL D 479 -21.66 -38.79 10.10
CA VAL D 479 -22.59 -37.94 9.38
C VAL D 479 -21.90 -36.59 9.19
N ALA D 480 -21.30 -36.09 10.27
CA ALA D 480 -20.58 -34.82 10.21
C ALA D 480 -19.53 -34.95 9.11
N ALA D 481 -18.84 -36.09 9.06
CA ALA D 481 -17.82 -36.30 8.05
C ALA D 481 -18.47 -36.40 6.67
N ALA D 482 -19.63 -37.06 6.59
CA ALA D 482 -20.32 -37.20 5.32
C ALA D 482 -20.65 -35.84 4.72
N ARG D 483 -20.99 -34.88 5.58
CA ARG D 483 -21.37 -33.55 5.15
C ARG D 483 -20.20 -32.61 4.97
N GLY D 484 -19.01 -33.10 5.27
CA GLY D 484 -17.83 -32.28 5.12
C GLY D 484 -17.63 -31.37 6.31
N GLN D 485 -18.41 -31.56 7.38
CA GLN D 485 -18.24 -30.72 8.56
C GLN D 485 -16.98 -31.06 9.35
N VAL D 486 -16.45 -32.27 9.19
CA VAL D 486 -15.19 -32.60 9.83
C VAL D 486 -14.37 -33.15 8.66
N ASP D 487 -13.06 -33.00 8.73
CA ASP D 487 -12.23 -33.47 7.63
C ASP D 487 -12.04 -34.96 7.68
N ASP D 488 -12.06 -35.50 8.89
CA ASP D 488 -11.84 -36.92 9.09
C ASP D 488 -12.31 -37.30 10.49
N VAL D 489 -12.58 -38.57 10.67
CA VAL D 489 -12.95 -39.08 11.97
C VAL D 489 -11.62 -39.71 12.36
N ILE D 490 -11.10 -39.37 13.52
CA ILE D 490 -9.80 -39.90 13.90
C ILE D 490 -9.72 -40.71 15.17
N ASP D 491 -8.67 -41.52 15.21
CA ASP D 491 -8.32 -42.36 16.34
C ASP D 491 -7.80 -41.34 17.33
N PRO D 492 -8.44 -41.19 18.49
CA PRO D 492 -7.99 -40.23 19.50
C PRO D 492 -6.49 -40.24 19.75
N ALA D 493 -5.88 -41.42 19.56
CA ALA D 493 -4.46 -41.57 19.80
C ALA D 493 -3.60 -40.78 18.82
N ASP D 494 -4.18 -40.39 17.68
CA ASP D 494 -3.44 -39.64 16.66
C ASP D 494 -3.69 -38.13 16.72
N THR D 495 -4.47 -37.68 17.70
CA THR D 495 -4.79 -36.28 17.82
C THR D 495 -3.58 -35.35 17.73
N ARG D 496 -2.55 -35.63 18.51
CA ARG D 496 -1.36 -34.78 18.46
C ARG D 496 -0.77 -34.69 17.06
N ARG D 497 -0.63 -35.83 16.38
CA ARG D 497 -0.07 -35.81 15.04
C ARG D 497 -0.94 -35.05 14.03
N LYS D 498 -2.27 -35.20 14.14
CA LYS D 498 -3.17 -34.54 13.21
C LYS D 498 -3.12 -33.03 13.43
N ILE D 499 -3.13 -32.60 14.69
CA ILE D 499 -3.04 -31.19 15.03
C ILE D 499 -1.69 -30.64 14.56
N ALA D 500 -0.63 -31.38 14.87
CA ALA D 500 0.74 -31.01 14.49
C ALA D 500 0.86 -30.81 12.99
N SER D 501 0.36 -31.78 12.22
CA SER D 501 0.41 -31.71 10.77
C SER D 501 -0.42 -30.54 10.23
N ALA D 502 -1.58 -30.34 10.81
CA ALA D 502 -2.45 -29.26 10.37
C ALA D 502 -1.73 -27.93 10.63
N LEU D 503 -1.17 -27.77 11.83
CA LEU D 503 -0.47 -26.54 12.18
C LEU D 503 0.72 -26.28 11.28
N GLU D 504 1.41 -27.36 10.87
CA GLU D 504 2.57 -27.26 10.00
C GLU D 504 2.12 -26.72 8.65
N MET D 505 1.07 -27.32 8.11
CA MET D 505 0.59 -26.90 6.80
C MET D 505 0.03 -25.49 6.79
N TYR D 506 -0.76 -25.15 7.82
CA TYR D 506 -1.37 -23.84 7.89
C TYR D 506 -0.51 -22.75 8.49
N ALA D 507 0.76 -23.06 8.77
CA ALA D 507 1.67 -22.07 9.31
C ALA D 507 1.86 -20.94 8.28
N THR D 508 1.58 -21.26 7.01
CA THR D 508 1.70 -20.31 5.92
C THR D 508 0.35 -19.74 5.48
N LYS D 509 -0.68 -19.94 6.32
CA LYS D 509 -2.02 -19.44 6.00
C LYS D 509 -2.08 -17.92 5.83
N ARG D 510 -2.66 -17.46 4.73
CA ARG D 510 -2.78 -16.02 4.50
C ARG D 510 -4.24 -15.76 4.13
N GLN D 511 -5.04 -15.36 5.11
CA GLN D 511 -6.47 -15.11 4.86
C GLN D 511 -6.77 -13.63 4.73
N THR D 512 -7.46 -13.25 3.67
CA THR D 512 -7.83 -11.85 3.48
C THR D 512 -9.19 -11.54 4.09
N ARG D 513 -9.30 -10.35 4.67
CA ARG D 513 -10.53 -9.88 5.29
C ARG D 513 -10.92 -8.54 4.68
N PRO D 514 -12.22 -8.22 4.69
CA PRO D 514 -12.67 -6.95 4.12
C PRO D 514 -12.03 -5.80 4.91
N ALA D 515 -11.66 -4.74 4.22
CA ALA D 515 -11.08 -3.58 4.88
C ALA D 515 -12.13 -2.93 5.79
N LYS D 516 -11.72 -2.57 6.99
CA LYS D 516 -12.61 -1.90 7.94
C LYS D 516 -11.72 -1.34 9.03
N LYS D 517 -12.21 -0.36 9.78
CA LYS D 517 -11.40 0.16 10.88
C LYS D 517 -11.36 -0.96 11.89
N HIS D 518 -12.51 -1.58 12.04
CA HIS D 518 -12.71 -2.71 12.93
C HIS D 518 -14.16 -3.13 12.80
N GLY D 519 -14.45 -4.35 13.25
CA GLY D 519 -15.80 -4.83 13.22
C GLY D 519 -16.46 -4.32 14.49
N ASN D 520 -17.69 -4.74 14.72
CA ASN D 520 -18.48 -4.32 15.88
C ASN D 520 -18.42 -5.46 16.90
N PHE D 521 -17.36 -5.52 17.69
CA PHE D 521 -17.24 -6.58 18.69
C PHE D 521 -18.33 -6.40 19.73
N PRO D 522 -19.15 -7.45 19.95
CA PRO D 522 -20.23 -7.39 20.94
C PRO D 522 -19.73 -6.96 22.31
N CYS D 523 -20.55 -6.20 23.04
CA CYS D 523 -20.16 -5.74 24.36
C CYS D 523 -20.91 -6.50 25.44
N ASN E 5 31.44 -2.86 -40.77
CA ASN E 5 32.81 -2.56 -41.26
C ASN E 5 33.75 -3.73 -41.07
N LEU E 6 34.02 -4.09 -39.82
CA LEU E 6 34.89 -5.21 -39.49
C LEU E 6 34.33 -6.50 -40.09
N LYS E 7 35.15 -7.19 -40.88
CA LYS E 7 34.76 -8.43 -41.51
C LYS E 7 35.12 -9.60 -40.58
N LEU E 8 34.17 -10.49 -40.34
CA LEU E 8 34.40 -11.63 -39.44
C LEU E 8 35.27 -12.72 -40.03
N ALA E 9 36.09 -13.32 -39.17
CA ALA E 9 36.95 -14.42 -39.56
C ALA E 9 36.03 -15.53 -40.08
N SER E 10 36.58 -16.44 -40.88
CA SER E 10 35.79 -17.52 -41.47
C SER E 10 35.46 -18.73 -40.58
N THR E 11 36.24 -18.96 -39.53
CA THR E 11 35.98 -20.10 -38.65
C THR E 11 35.68 -19.58 -37.24
N MET E 12 35.00 -20.40 -36.43
CA MET E 12 34.67 -19.97 -35.08
C MET E 12 35.94 -19.75 -34.28
N GLU E 13 36.94 -20.61 -34.51
CA GLU E 13 38.20 -20.45 -33.79
C GLU E 13 38.84 -19.13 -34.22
N GLY E 14 38.74 -18.84 -35.50
CA GLY E 14 39.28 -17.59 -36.01
C GLY E 14 38.49 -16.44 -35.37
N ARG E 15 37.17 -16.60 -35.28
CA ARG E 15 36.33 -15.56 -34.70
C ARG E 15 36.59 -15.32 -33.23
N VAL E 16 36.91 -16.37 -32.50
CA VAL E 16 37.21 -16.23 -31.08
C VAL E 16 38.55 -15.51 -30.91
N GLU E 17 39.51 -15.83 -31.77
CA GLU E 17 40.82 -15.19 -31.69
C GLU E 17 40.63 -13.73 -32.07
N GLN E 18 39.86 -13.52 -33.12
CA GLN E 18 39.57 -12.18 -33.59
C GLN E 18 38.92 -11.37 -32.47
N LEU E 19 38.00 -12.00 -31.76
CA LEU E 19 37.29 -11.34 -30.66
C LEU E 19 38.27 -10.88 -29.58
N ALA E 20 39.17 -11.77 -29.17
CA ALA E 20 40.16 -11.43 -28.14
C ALA E 20 41.01 -10.26 -28.62
N GLU E 21 41.43 -10.32 -29.88
CA GLU E 21 42.23 -9.25 -30.47
C GLU E 21 41.46 -7.92 -30.40
N GLN E 22 40.23 -7.93 -30.87
CA GLN E 22 39.41 -6.72 -30.88
C GLN E 22 39.24 -6.16 -29.48
N ARG E 23 39.02 -7.06 -28.51
CA ARG E 23 38.84 -6.64 -27.13
C ARG E 23 40.12 -6.05 -26.59
N GLN E 24 41.26 -6.64 -26.94
CA GLN E 24 42.52 -6.10 -26.43
C GLN E 24 42.70 -4.67 -26.94
N VAL E 25 42.30 -4.41 -28.17
CA VAL E 25 42.42 -3.07 -28.72
C VAL E 25 41.55 -2.10 -27.92
N ILE E 26 40.31 -2.49 -27.66
CA ILE E 26 39.42 -1.62 -26.89
C ILE E 26 40.04 -1.32 -25.53
N GLU E 27 40.48 -2.37 -24.84
CA GLU E 27 41.06 -2.20 -23.52
C GLU E 27 42.34 -1.37 -23.51
N ALA E 28 42.97 -1.22 -24.67
CA ALA E 28 44.19 -0.42 -24.76
C ALA E 28 43.82 1.06 -24.70
N GLY E 29 42.52 1.35 -24.77
CA GLY E 29 42.04 2.71 -24.69
C GLY E 29 42.65 3.67 -25.70
N GLY E 30 43.14 4.79 -25.20
CA GLY E 30 43.73 5.80 -26.06
C GLY E 30 45.13 5.46 -26.56
N GLY E 31 45.63 4.27 -26.21
CA GLY E 31 46.93 3.87 -26.69
C GLY E 31 48.06 4.01 -25.68
N GLU E 32 49.16 3.35 -25.98
CA GLU E 32 50.35 3.34 -25.13
C GLU E 32 50.84 4.71 -24.66
N ARG E 33 50.95 5.66 -25.59
CA ARG E 33 51.45 6.97 -25.22
C ARG E 33 50.53 7.71 -24.26
N ARG E 34 49.22 7.67 -24.53
CA ARG E 34 48.30 8.38 -23.65
C ARG E 34 48.24 7.73 -22.28
N VAL E 35 48.39 6.41 -22.25
CA VAL E 35 48.41 5.68 -20.99
C VAL E 35 49.69 6.07 -20.23
N GLU E 36 50.80 6.22 -20.95
CA GLU E 36 52.04 6.62 -20.30
C GLU E 36 51.88 8.03 -19.74
N LYS E 37 51.20 8.90 -20.47
CA LYS E 37 51.01 10.25 -20.00
C LYS E 37 50.18 10.23 -18.72
N GLN E 38 49.12 9.42 -18.72
CA GLN E 38 48.24 9.29 -17.57
C GLN E 38 49.11 8.84 -16.40
N HIS E 39 49.89 7.78 -16.61
CA HIS E 39 50.76 7.26 -15.57
C HIS E 39 51.79 8.25 -15.08
N SER E 40 52.37 9.03 -15.99
CA SER E 40 53.38 10.00 -15.60
C SER E 40 52.75 11.10 -14.74
N GLN E 41 51.44 11.32 -14.89
CA GLN E 41 50.77 12.34 -14.10
C GLN E 41 50.39 11.80 -12.73
N GLY E 42 50.81 10.57 -12.45
CA GLY E 42 50.52 9.95 -11.17
C GLY E 42 49.11 9.39 -11.07
N LYS E 43 48.49 9.12 -12.22
CA LYS E 43 47.13 8.62 -12.27
C LYS E 43 47.06 7.22 -12.84
N GLN E 44 46.13 6.41 -12.34
CA GLN E 44 45.97 5.08 -12.89
C GLN E 44 45.03 5.26 -14.08
N THR E 45 44.93 4.24 -14.93
CA THR E 45 44.04 4.30 -16.08
C THR E 45 42.64 3.95 -15.59
N ALA E 46 41.66 4.19 -16.44
CA ALA E 46 40.28 3.85 -16.12
C ALA E 46 40.15 2.40 -15.69
N ARG E 47 40.82 1.52 -16.43
CA ARG E 47 40.75 0.09 -16.14
C ARG E 47 41.55 -0.34 -14.93
N GLU E 48 42.68 0.32 -14.68
CA GLU E 48 43.47 -0.03 -13.51
C GLU E 48 42.66 0.36 -12.27
N ARG E 49 41.98 1.50 -12.33
CA ARG E 49 41.19 1.97 -11.20
C ARG E 49 40.11 0.95 -10.84
N LEU E 50 39.42 0.45 -11.85
CA LEU E 50 38.39 -0.56 -11.59
C LEU E 50 39.04 -1.84 -11.09
N ASN E 51 40.17 -2.21 -11.68
CA ASN E 51 40.83 -3.44 -11.29
C ASN E 51 41.32 -3.40 -9.84
N ASN E 52 41.76 -2.23 -9.38
CA ASN E 52 42.24 -2.07 -8.02
C ASN E 52 41.10 -1.96 -7.01
N LEU E 53 40.01 -1.32 -7.43
CA LEU E 53 38.86 -1.15 -6.56
C LEU E 53 38.08 -2.45 -6.32
N LEU E 54 37.77 -3.15 -7.41
CA LEU E 54 37.00 -4.39 -7.34
C LEU E 54 37.82 -5.62 -7.01
N ASP E 55 37.14 -6.63 -6.46
CA ASP E 55 37.81 -7.88 -6.10
C ASP E 55 38.42 -8.46 -7.37
N PRO E 56 39.55 -9.16 -7.23
CA PRO E 56 40.21 -9.74 -8.40
C PRO E 56 39.27 -10.54 -9.29
N HIS E 57 39.34 -10.27 -10.59
CA HIS E 57 38.54 -10.96 -11.59
C HIS E 57 37.02 -10.81 -11.46
N SER E 58 36.56 -9.90 -10.62
CA SER E 58 35.12 -9.77 -10.48
C SER E 58 34.48 -8.79 -11.47
N PHE E 59 35.30 -8.01 -12.15
CA PHE E 59 34.72 -7.05 -13.09
C PHE E 59 34.11 -7.68 -14.33
N ASP E 60 32.80 -7.45 -14.50
CA ASP E 60 32.06 -7.96 -15.65
C ASP E 60 31.67 -6.71 -16.46
N GLU E 61 32.43 -6.44 -17.51
CA GLU E 61 32.19 -5.27 -18.33
C GLU E 61 31.02 -5.33 -19.28
N VAL E 62 30.31 -4.22 -19.38
CA VAL E 62 29.18 -4.07 -20.27
C VAL E 62 29.53 -2.95 -21.26
N GLY E 63 29.31 -3.18 -22.54
CA GLY E 63 29.56 -2.12 -23.50
C GLY E 63 30.99 -1.81 -23.89
N ALA E 64 31.88 -2.77 -23.71
CA ALA E 64 33.26 -2.55 -24.11
C ALA E 64 33.22 -2.19 -25.59
N PHE E 65 32.40 -2.89 -26.35
CA PHE E 65 32.31 -2.67 -27.79
C PHE E 65 31.28 -1.64 -28.20
N ARG E 66 30.70 -0.96 -27.23
CA ARG E 66 29.69 0.07 -27.49
C ARG E 66 30.40 1.21 -28.20
N LYS E 67 29.73 1.83 -29.18
CA LYS E 67 30.34 2.92 -29.93
C LYS E 67 29.40 4.10 -30.06
N HIS E 68 29.99 5.29 -30.12
CA HIS E 68 29.22 6.53 -30.29
C HIS E 68 28.52 6.44 -31.65
N ARG E 69 27.44 7.18 -31.80
CA ARG E 69 26.67 7.20 -33.04
C ARG E 69 26.76 8.55 -33.74
N THR E 70 27.41 9.51 -33.08
CA THR E 70 27.53 10.85 -33.64
C THR E 70 28.46 10.85 -34.86
N THR E 71 28.26 11.79 -35.77
CA THR E 71 29.08 11.83 -36.97
C THR E 71 29.66 13.20 -37.29
N LEU E 72 29.04 14.25 -36.75
CA LEU E 72 29.50 15.61 -37.01
C LEU E 72 30.90 15.89 -36.48
N PHE E 73 31.52 16.89 -37.08
CA PHE E 73 32.84 17.36 -36.70
C PHE E 73 33.86 16.26 -36.38
N GLY E 74 34.00 15.33 -37.32
CA GLY E 74 34.97 14.27 -37.16
C GLY E 74 34.57 13.03 -36.38
N MET E 75 33.40 13.03 -35.77
CA MET E 75 33.00 11.85 -35.02
C MET E 75 32.78 10.66 -35.93
N ASP E 76 32.38 10.90 -37.18
CA ASP E 76 32.13 9.81 -38.10
C ASP E 76 33.37 8.93 -38.29
N LYS E 77 34.54 9.55 -38.30
CA LYS E 77 35.78 8.79 -38.47
C LYS E 77 36.50 8.47 -37.15
N ALA E 78 36.17 9.17 -36.07
CA ALA E 78 36.81 8.94 -34.78
C ALA E 78 36.62 7.53 -34.22
N VAL E 79 37.71 6.95 -33.69
CA VAL E 79 37.64 5.63 -33.08
C VAL E 79 37.74 6.00 -31.60
N VAL E 80 36.67 5.75 -30.86
CA VAL E 80 36.63 6.13 -29.46
C VAL E 80 36.23 4.92 -28.64
N PRO E 81 37.22 4.09 -28.25
CA PRO E 81 37.02 2.87 -27.45
C PRO E 81 36.07 3.02 -26.26
N ALA E 82 35.03 2.17 -26.22
CA ALA E 82 34.03 2.17 -25.14
C ALA E 82 33.44 3.55 -24.93
N ASP E 83 33.59 4.41 -25.93
CA ASP E 83 33.18 5.81 -25.87
C ASP E 83 33.76 6.54 -24.67
N GLY E 84 34.94 6.11 -24.24
CA GLY E 84 35.59 6.78 -23.14
C GLY E 84 35.13 6.43 -21.74
N VAL E 85 34.32 5.39 -21.56
CA VAL E 85 33.94 4.99 -20.20
C VAL E 85 33.84 3.48 -20.08
N VAL E 86 34.39 2.95 -18.98
CA VAL E 86 34.37 1.52 -18.72
C VAL E 86 33.33 1.29 -17.64
N THR E 87 32.35 0.48 -17.97
CA THR E 87 31.22 0.25 -17.09
C THR E 87 30.92 -1.21 -16.89
N GLY E 88 30.44 -1.53 -15.69
CA GLY E 88 30.10 -2.90 -15.44
C GLY E 88 29.74 -3.15 -13.99
N ARG E 89 29.72 -4.44 -13.67
CA ARG E 89 29.39 -4.94 -12.35
C ARG E 89 30.59 -5.68 -11.81
N GLY E 90 30.82 -5.57 -10.52
CA GLY E 90 31.92 -6.28 -9.90
C GLY E 90 31.58 -6.49 -8.44
N THR E 91 32.56 -6.85 -7.62
CA THR E 91 32.29 -7.01 -6.21
C THR E 91 33.40 -6.35 -5.43
N ILE E 92 33.07 -5.92 -4.22
CA ILE E 92 34.04 -5.30 -3.33
C ILE E 92 33.82 -6.10 -2.04
N LEU E 93 34.85 -6.84 -1.65
CA LEU E 93 34.77 -7.72 -0.49
C LEU E 93 33.53 -8.59 -0.64
N GLY E 94 33.33 -9.10 -1.84
CA GLY E 94 32.20 -9.96 -2.11
C GLY E 94 30.87 -9.26 -2.33
N ARG E 95 30.80 -7.97 -2.02
CA ARG E 95 29.56 -7.21 -2.17
C ARG E 95 29.36 -6.74 -3.61
N PRO E 96 28.23 -7.09 -4.23
CA PRO E 96 27.99 -6.65 -5.60
C PRO E 96 27.94 -5.12 -5.69
N VAL E 97 28.56 -4.58 -6.74
CA VAL E 97 28.53 -3.14 -7.00
C VAL E 97 28.57 -2.93 -8.49
N HIS E 98 28.16 -1.74 -8.91
CA HIS E 98 28.21 -1.35 -10.30
C HIS E 98 29.14 -0.17 -10.33
N ALA E 99 29.88 -0.02 -11.41
CA ALA E 99 30.85 1.05 -11.48
C ALA E 99 31.09 1.54 -12.89
N ALA E 100 31.57 2.78 -12.96
CA ALA E 100 31.88 3.42 -14.23
C ALA E 100 33.26 4.01 -13.99
N SER E 101 34.06 4.07 -15.04
CA SER E 101 35.39 4.62 -14.89
C SER E 101 35.68 5.35 -16.19
N GLN E 102 35.69 6.69 -16.12
CA GLN E 102 35.94 7.51 -17.30
C GLN E 102 37.38 7.33 -17.74
N ASP E 103 37.55 7.22 -19.05
CA ASP E 103 38.87 7.00 -19.67
C ASP E 103 39.39 8.29 -20.30
N PHE E 104 40.19 9.03 -19.56
CA PHE E 104 40.74 10.28 -20.01
C PHE E 104 41.63 10.11 -21.25
N THR E 105 42.15 8.90 -21.47
CA THR E 105 43.01 8.67 -22.63
C THR E 105 42.19 8.59 -23.93
N VAL E 106 40.87 8.56 -23.80
CA VAL E 106 40.01 8.49 -24.98
C VAL E 106 39.27 9.82 -25.13
N MET E 107 39.72 10.62 -26.09
CA MET E 107 39.16 11.94 -26.32
C MET E 107 39.06 12.74 -25.02
N GLY E 108 40.14 12.70 -24.23
CA GLY E 108 40.18 13.43 -22.98
C GLY E 108 39.05 13.08 -22.04
N GLY E 109 38.55 11.86 -22.12
CA GLY E 109 37.45 11.44 -21.28
C GLY E 109 36.23 12.33 -21.44
N SER E 110 36.17 13.10 -22.52
CA SER E 110 35.03 14.00 -22.79
C SER E 110 33.72 13.23 -22.74
N ALA E 111 32.66 13.87 -22.23
CA ALA E 111 31.38 13.20 -22.07
C ALA E 111 30.60 12.97 -23.35
N GLY E 112 30.93 11.88 -24.03
CA GLY E 112 30.21 11.55 -25.25
C GLY E 112 28.78 11.24 -24.87
N GLU E 113 27.90 11.37 -25.85
CA GLU E 113 26.49 11.07 -25.68
C GLU E 113 26.34 9.60 -25.29
N THR E 114 27.02 8.73 -26.03
CA THR E 114 26.95 7.30 -25.76
C THR E 114 27.61 7.00 -24.43
N GLN E 115 28.70 7.69 -24.13
CA GLN E 115 29.39 7.50 -22.86
C GLN E 115 28.40 7.72 -21.70
N SER E 116 27.67 8.83 -21.76
CA SER E 116 26.72 9.14 -20.68
C SER E 116 25.61 8.11 -20.60
N THR E 117 25.18 7.61 -21.76
CA THR E 117 24.14 6.60 -21.80
C THR E 117 24.63 5.32 -21.11
N LYS E 118 25.88 4.94 -21.38
CA LYS E 118 26.45 3.73 -20.76
C LYS E 118 26.45 3.91 -19.25
N VAL E 119 26.84 5.08 -18.80
CA VAL E 119 26.88 5.35 -17.37
C VAL E 119 25.47 5.25 -16.79
N VAL E 120 24.50 5.89 -17.44
CA VAL E 120 23.13 5.87 -16.97
C VAL E 120 22.58 4.44 -16.94
N GLU E 121 22.92 3.68 -17.96
CA GLU E 121 22.47 2.30 -18.03
C GLU E 121 23.05 1.52 -16.85
N THR E 122 24.32 1.74 -16.56
CA THR E 122 24.96 1.07 -15.42
C THR E 122 24.31 1.52 -14.11
N MET E 123 23.96 2.80 -14.02
CA MET E 123 23.31 3.32 -12.81
C MET E 123 21.93 2.69 -12.67
N GLU E 124 21.24 2.54 -13.80
CA GLU E 124 19.92 1.94 -13.79
C GLU E 124 20.06 0.49 -13.35
N GLN E 125 21.17 -0.16 -13.68
CA GLN E 125 21.39 -1.54 -13.26
C GLN E 125 21.63 -1.58 -11.75
N ALA E 126 22.37 -0.60 -11.24
CA ALA E 126 22.64 -0.53 -9.82
C ALA E 126 21.30 -0.34 -9.09
N LEU E 127 20.44 0.52 -9.62
CA LEU E 127 19.13 0.78 -9.03
C LEU E 127 18.25 -0.46 -9.12
N LEU E 128 18.21 -1.06 -10.30
CA LEU E 128 17.43 -2.27 -10.55
C LEU E 128 17.82 -3.43 -9.64
N THR E 129 19.11 -3.59 -9.37
CA THR E 129 19.58 -4.70 -8.53
C THR E 129 19.88 -4.31 -7.10
N GLY E 130 19.69 -3.03 -6.79
CA GLY E 130 19.93 -2.55 -5.44
C GLY E 130 21.38 -2.61 -4.97
N THR E 131 22.32 -2.21 -5.81
CA THR E 131 23.71 -2.23 -5.38
C THR E 131 24.28 -0.83 -5.39
N PRO E 132 25.39 -0.62 -4.68
CA PRO E 132 26.00 0.70 -4.67
C PRO E 132 26.51 0.98 -6.09
N PHE E 133 26.75 2.26 -6.36
CA PHE E 133 27.27 2.69 -7.64
C PHE E 133 28.47 3.57 -7.38
N LEU E 134 29.61 3.21 -7.98
CA LEU E 134 30.84 3.99 -7.81
C LEU E 134 31.24 4.47 -9.18
N PHE E 135 31.76 5.68 -9.25
CA PHE E 135 32.12 6.26 -10.53
C PHE E 135 33.40 7.05 -10.40
N PHE E 136 34.39 6.67 -11.20
CA PHE E 136 35.67 7.36 -11.26
C PHE E 136 35.54 8.40 -12.39
N TYR E 137 35.58 9.67 -12.04
CA TYR E 137 35.48 10.76 -12.99
C TYR E 137 36.89 11.19 -13.35
N ASP E 138 37.10 11.44 -14.64
CA ASP E 138 38.39 11.84 -15.17
C ASP E 138 37.98 12.31 -16.56
N SER E 139 37.55 13.57 -16.65
CA SER E 139 37.04 14.09 -17.92
C SER E 139 37.36 15.54 -18.21
N GLY E 140 37.87 15.80 -19.40
CA GLY E 140 38.19 17.15 -19.79
C GLY E 140 36.93 17.97 -20.04
N GLY E 141 35.75 17.37 -19.88
CA GLY E 141 34.53 18.12 -20.09
C GLY E 141 33.57 17.57 -21.12
N ALA E 142 32.73 18.46 -21.66
CA ALA E 142 31.75 18.06 -22.67
C ALA E 142 32.44 17.68 -23.95
N ARG E 143 31.83 16.80 -24.73
CA ARG E 143 32.43 16.45 -26.00
C ARG E 143 31.78 17.46 -26.96
N ILE E 144 32.47 18.57 -27.13
CA ILE E 144 31.98 19.68 -27.94
C ILE E 144 31.55 19.29 -29.35
N GLN E 145 32.29 18.37 -29.95
CA GLN E 145 32.00 17.90 -31.30
C GLN E 145 30.59 17.32 -31.40
N GLU E 146 30.04 16.86 -30.28
CA GLU E 146 28.71 16.28 -30.29
C GLU E 146 27.61 17.27 -29.89
N GLY E 147 27.99 18.53 -29.72
CA GLY E 147 27.03 19.56 -29.38
C GLY E 147 25.96 19.20 -28.38
N ILE E 148 24.70 19.45 -28.73
CA ILE E 148 23.61 19.17 -27.81
C ILE E 148 23.40 17.71 -27.45
N ASP E 149 24.02 16.79 -28.20
CA ASP E 149 23.93 15.36 -27.89
C ASP E 149 24.76 15.10 -26.62
N SER E 150 25.88 15.80 -26.50
CA SER E 150 26.72 15.65 -25.30
C SER E 150 25.95 16.30 -24.14
N LEU E 151 25.32 17.45 -24.42
CA LEU E 151 24.54 18.19 -23.43
C LEU E 151 23.42 17.29 -22.86
N SER E 152 22.69 16.63 -23.74
CA SER E 152 21.60 15.77 -23.33
C SER E 152 22.09 14.62 -22.46
N GLY E 153 23.29 14.12 -22.76
CA GLY E 153 23.85 13.03 -21.99
C GLY E 153 24.06 13.45 -20.54
N TYR E 154 24.48 14.69 -20.33
CA TYR E 154 24.68 15.17 -18.97
C TYR E 154 23.34 15.21 -18.27
N GLY E 155 22.32 15.73 -18.96
CA GLY E 155 21.00 15.82 -18.36
C GLY E 155 20.52 14.46 -17.89
N LYS E 156 20.69 13.45 -18.74
CA LYS E 156 20.26 12.09 -18.40
C LYS E 156 21.03 11.57 -17.19
N MET E 157 22.32 11.86 -17.12
CA MET E 157 23.08 11.40 -15.98
C MET E 157 22.65 12.08 -14.69
N PHE E 158 22.41 13.39 -14.73
CA PHE E 158 22.00 14.10 -13.51
C PHE E 158 20.69 13.55 -13.02
N PHE E 159 19.76 13.37 -13.95
CA PHE E 159 18.44 12.85 -13.57
C PHE E 159 18.62 11.47 -12.94
N ALA E 160 19.53 10.69 -13.48
CA ALA E 160 19.78 9.35 -12.95
C ALA E 160 20.41 9.42 -11.55
N ASN E 161 21.28 10.40 -11.30
CA ASN E 161 21.91 10.53 -9.97
C ASN E 161 20.82 10.81 -8.94
N VAL E 162 19.87 11.65 -9.33
CA VAL E 162 18.79 12.04 -8.44
C VAL E 162 17.86 10.84 -8.26
N LYS E 163 17.62 10.12 -9.34
CA LYS E 163 16.77 8.95 -9.26
C LYS E 163 17.37 7.95 -8.25
N LEU E 164 18.68 7.72 -8.32
CA LEU E 164 19.33 6.78 -7.41
C LEU E 164 19.53 7.30 -5.99
N SER E 165 19.44 8.62 -5.85
CA SER E 165 19.68 9.27 -4.57
C SER E 165 18.81 8.75 -3.44
N GLY E 166 19.44 8.27 -2.37
CA GLY E 166 18.68 7.75 -1.24
C GLY E 166 18.16 6.34 -1.45
N VAL E 167 18.50 5.73 -2.59
CA VAL E 167 18.08 4.36 -2.87
C VAL E 167 19.30 3.45 -2.80
N VAL E 168 20.33 3.76 -3.57
CA VAL E 168 21.58 3.01 -3.48
C VAL E 168 22.68 4.04 -3.28
N PRO E 169 23.69 3.73 -2.46
CA PRO E 169 24.77 4.67 -2.22
C PRO E 169 25.52 4.98 -3.51
N GLN E 170 25.85 6.25 -3.72
CA GLN E 170 26.60 6.69 -4.89
C GLN E 170 27.89 7.32 -4.41
N ILE E 171 29.00 6.80 -4.88
CA ILE E 171 30.29 7.30 -4.49
C ILE E 171 30.99 7.81 -5.72
N ALA E 172 31.43 9.05 -5.67
CA ALA E 172 32.12 9.63 -6.81
C ALA E 172 33.59 9.75 -6.44
N ILE E 173 34.46 9.30 -7.34
CA ILE E 173 35.89 9.44 -7.11
C ILE E 173 36.39 10.29 -8.26
N ILE E 174 36.76 11.51 -7.95
CA ILE E 174 37.25 12.43 -8.96
C ILE E 174 38.75 12.23 -8.92
N ALA E 175 39.27 11.66 -10.01
CA ALA E 175 40.69 11.32 -10.07
C ALA E 175 41.36 11.93 -11.30
N GLY E 176 40.78 13.03 -11.77
CA GLY E 176 41.30 13.73 -12.93
C GLY E 176 40.46 14.98 -13.09
N PRO E 177 40.48 15.62 -14.26
CA PRO E 177 39.66 16.82 -14.43
C PRO E 177 38.19 16.45 -14.33
N CYS E 178 37.38 17.42 -13.95
CA CYS E 178 35.94 17.27 -13.87
C CYS E 178 35.54 18.72 -14.03
N ALA E 179 35.58 19.17 -15.27
CA ALA E 179 35.31 20.56 -15.60
C ALA E 179 33.89 20.87 -16.03
N GLY E 180 33.46 22.09 -15.71
CA GLY E 180 32.12 22.53 -16.10
C GLY E 180 30.96 21.82 -15.42
N GLY E 181 29.82 21.81 -16.09
CA GLY E 181 28.63 21.18 -15.55
C GLY E 181 28.77 19.71 -15.15
N ALA E 182 29.79 19.03 -15.66
CA ALA E 182 30.02 17.62 -15.33
C ALA E 182 30.09 17.44 -13.82
N SER E 183 30.59 18.48 -13.15
CA SER E 183 30.75 18.54 -11.69
C SER E 183 29.45 18.28 -10.94
N TYR E 184 28.34 18.56 -11.59
CA TYR E 184 27.06 18.37 -10.95
C TYR E 184 26.73 16.91 -10.69
N SER E 185 27.27 16.00 -11.50
CA SER E 185 26.98 14.59 -11.24
C SER E 185 27.58 14.22 -9.88
N PRO E 186 28.89 14.48 -9.67
CA PRO E 186 29.48 14.15 -8.37
C PRO E 186 28.70 14.83 -7.24
N ALA E 187 28.26 16.07 -7.48
CA ALA E 187 27.50 16.81 -6.46
C ALA E 187 26.21 16.10 -6.10
N LEU E 188 25.66 15.35 -7.06
CA LEU E 188 24.39 14.66 -6.82
C LEU E 188 24.60 13.25 -6.27
N THR E 189 25.85 12.80 -6.18
CA THR E 189 26.09 11.50 -5.58
C THR E 189 26.15 11.77 -4.08
N ASP E 190 26.46 10.76 -3.27
CA ASP E 190 26.49 10.98 -1.83
C ASP E 190 27.83 11.41 -1.29
N PHE E 191 28.89 10.84 -1.84
CA PHE E 191 30.21 11.18 -1.36
C PHE E 191 31.18 11.41 -2.48
N ILE E 192 31.94 12.49 -2.36
CA ILE E 192 32.95 12.76 -3.35
C ILE E 192 34.33 12.57 -2.73
N ILE E 193 35.10 11.63 -3.28
CA ILE E 193 36.47 11.40 -2.84
C ILE E 193 37.26 12.01 -3.97
N MET E 194 38.09 12.99 -3.68
CA MET E 194 38.83 13.68 -4.71
C MET E 194 40.34 13.55 -4.51
N THR E 195 41.06 13.13 -5.55
CA THR E 195 42.50 12.99 -5.38
C THR E 195 43.17 14.33 -5.58
N LYS E 196 44.41 14.43 -5.10
CA LYS E 196 45.15 15.66 -5.24
C LYS E 196 45.60 15.90 -6.68
N LYS E 197 45.28 14.96 -7.57
CA LYS E 197 45.65 15.10 -8.98
C LYS E 197 44.45 15.62 -9.78
N ALA E 198 43.31 15.73 -9.11
CA ALA E 198 42.09 16.18 -9.75
C ALA E 198 41.79 17.67 -9.60
N HIS E 199 40.88 18.16 -10.43
CA HIS E 199 40.46 19.55 -10.39
C HIS E 199 39.02 19.58 -10.79
N MET E 200 38.27 20.50 -10.18
CA MET E 200 36.85 20.59 -10.44
C MET E 200 36.38 22.02 -10.24
N PHE E 201 35.51 22.47 -11.14
CA PHE E 201 34.94 23.80 -11.06
C PHE E 201 33.93 23.96 -12.17
N ILE E 202 32.98 24.87 -11.99
CA ILE E 202 31.96 25.09 -13.02
C ILE E 202 32.60 25.96 -14.10
N THR E 203 33.19 27.08 -13.67
CA THR E 203 33.86 28.00 -14.58
C THR E 203 35.35 27.92 -14.25
N GLY E 204 36.18 27.81 -15.28
CA GLY E 204 37.61 27.71 -15.10
C GLY E 204 38.35 29.03 -14.91
N PRO E 205 39.63 28.98 -14.52
CA PRO E 205 40.42 30.20 -14.31
C PRO E 205 40.40 31.16 -15.50
N GLN E 206 40.43 30.60 -16.71
CA GLN E 206 40.41 31.41 -17.93
C GLN E 206 39.22 32.33 -17.96
N VAL E 207 38.05 31.73 -18.09
CA VAL E 207 36.80 32.46 -18.16
C VAL E 207 36.68 33.44 -17.00
N ILE E 208 37.02 33.00 -15.80
CA ILE E 208 36.94 33.86 -14.62
C ILE E 208 37.80 35.10 -14.80
N LYS E 209 39.02 34.90 -15.28
CA LYS E 209 39.94 36.01 -15.52
C LYS E 209 39.29 37.00 -16.49
N SER E 210 38.75 36.48 -17.59
CA SER E 210 38.08 37.30 -18.59
C SER E 210 36.94 38.13 -17.98
N VAL E 211 35.92 37.43 -17.48
CA VAL E 211 34.75 38.06 -16.90
C VAL E 211 34.92 38.85 -15.61
N THR E 212 35.71 38.36 -14.68
CA THR E 212 35.87 39.06 -13.41
C THR E 212 37.22 39.70 -13.21
N GLY E 213 38.19 39.30 -14.01
CA GLY E 213 39.53 39.82 -13.88
C GLY E 213 40.24 39.24 -12.67
N GLU E 214 39.64 38.20 -12.08
CA GLU E 214 40.23 37.57 -10.91
C GLU E 214 41.33 36.61 -11.33
N ASP E 215 42.37 36.55 -10.51
CA ASP E 215 43.50 35.68 -10.78
C ASP E 215 43.51 34.52 -9.80
N VAL E 216 43.50 33.32 -10.34
CA VAL E 216 43.49 32.12 -9.53
C VAL E 216 43.96 30.98 -10.41
N THR E 217 44.73 30.07 -9.83
CA THR E 217 45.23 28.91 -10.59
C THR E 217 44.18 27.80 -10.51
N ALA E 218 44.24 26.85 -11.43
CA ALA E 218 43.29 25.75 -11.42
C ALA E 218 43.30 25.08 -10.06
N ASP E 219 44.49 24.87 -9.54
CA ASP E 219 44.62 24.21 -8.25
C ASP E 219 44.06 25.04 -7.09
N GLU E 220 44.25 26.36 -7.13
CA GLU E 220 43.73 27.20 -6.06
C GLU E 220 42.21 27.28 -6.16
N LEU E 221 41.72 27.21 -7.40
CA LEU E 221 40.29 27.30 -7.65
C LEU E 221 39.51 26.04 -7.38
N GLY E 222 39.99 24.91 -7.92
CA GLY E 222 39.26 23.67 -7.78
C GLY E 222 40.05 22.41 -7.47
N GLY E 223 41.16 22.57 -6.77
CA GLY E 223 41.95 21.43 -6.36
C GLY E 223 41.22 20.83 -5.18
N ALA E 224 41.57 19.60 -4.82
CA ALA E 224 40.94 18.90 -3.72
C ALA E 224 40.88 19.66 -2.40
N GLU E 225 42.00 20.26 -1.99
CA GLU E 225 42.00 20.98 -0.73
C GLU E 225 41.07 22.20 -0.72
N ALA E 226 40.96 22.89 -1.86
CA ALA E 226 40.07 24.05 -1.93
C ALA E 226 38.61 23.58 -1.78
N HIS E 227 38.24 22.51 -2.48
CA HIS E 227 36.88 22.03 -2.37
C HIS E 227 36.60 21.54 -0.97
N MET E 228 37.60 20.91 -0.35
CA MET E 228 37.41 20.42 1.00
C MET E 228 37.25 21.52 2.04
N ALA E 229 38.21 22.42 2.10
CA ALA E 229 38.18 23.48 3.11
C ALA E 229 37.35 24.71 2.81
N ILE E 230 37.20 25.06 1.54
CA ILE E 230 36.50 26.30 1.23
C ILE E 230 35.08 26.13 0.74
N SER E 231 34.95 25.47 -0.41
CA SER E 231 33.66 25.26 -1.08
C SER E 231 32.69 24.35 -0.38
N GLY E 232 33.22 23.37 0.37
CA GLY E 232 32.35 22.43 1.05
C GLY E 232 31.76 21.42 0.07
N ASN E 233 32.38 21.25 -1.11
CA ASN E 233 31.86 20.34 -2.14
C ASN E 233 32.24 18.86 -2.02
N ILE E 234 33.29 18.54 -1.29
CA ILE E 234 33.72 17.15 -1.22
C ILE E 234 33.82 16.57 0.18
N HIS E 235 33.92 15.25 0.22
CA HIS E 235 33.92 14.55 1.48
C HIS E 235 35.23 13.94 1.93
N PHE E 236 36.11 13.66 0.98
CA PHE E 236 37.40 13.08 1.32
C PHE E 236 38.45 13.55 0.35
N VAL E 237 39.64 13.84 0.86
CA VAL E 237 40.75 14.22 0.00
C VAL E 237 41.67 13.02 0.01
N ALA E 238 42.05 12.56 -1.17
CA ALA E 238 42.93 11.40 -1.29
C ALA E 238 44.24 11.82 -1.91
N GLU E 239 45.34 11.31 -1.39
CA GLU E 239 46.64 11.65 -1.96
C GLU E 239 46.70 11.28 -3.43
N ASP E 240 46.30 10.05 -3.73
CA ASP E 240 46.33 9.56 -5.10
C ASP E 240 45.28 8.49 -5.29
N ASP E 241 45.30 7.86 -6.46
CA ASP E 241 44.32 6.83 -6.78
C ASP E 241 44.33 5.65 -5.81
N ASP E 242 45.50 5.18 -5.39
CA ASP E 242 45.56 4.06 -4.44
C ASP E 242 44.86 4.46 -3.14
N ALA E 243 45.14 5.67 -2.67
CA ALA E 243 44.52 6.17 -1.45
C ALA E 243 43.00 6.36 -1.63
N ALA E 244 42.59 6.81 -2.81
CA ALA E 244 41.17 7.05 -3.09
C ALA E 244 40.44 5.71 -3.08
N GLU E 245 41.09 4.71 -3.64
CA GLU E 245 40.52 3.38 -3.68
C GLU E 245 40.36 2.80 -2.28
N LEU E 246 41.36 3.02 -1.43
CA LEU E 246 41.28 2.52 -0.06
C LEU E 246 40.15 3.25 0.67
N ILE E 247 40.06 4.56 0.48
CA ILE E 247 39.01 5.34 1.12
C ILE E 247 37.65 4.89 0.63
N ALA E 248 37.51 4.66 -0.68
CA ALA E 248 36.24 4.21 -1.23
C ALA E 248 35.80 2.91 -0.57
N LYS E 249 36.73 1.97 -0.40
CA LYS E 249 36.43 0.68 0.23
C LYS E 249 36.07 0.85 1.69
N LYS E 250 36.82 1.70 2.39
CA LYS E 250 36.57 1.95 3.80
C LYS E 250 35.19 2.59 3.94
N LEU E 251 34.95 3.64 3.15
CA LEU E 251 33.66 4.30 3.18
C LEU E 251 32.55 3.28 2.88
N LEU E 252 32.68 2.57 1.77
CA LEU E 252 31.66 1.58 1.41
C LEU E 252 31.40 0.58 2.54
N SER E 253 32.45 0.17 3.27
CA SER E 253 32.27 -0.81 4.34
C SER E 253 31.25 -0.39 5.40
N PHE E 254 30.99 0.91 5.57
CA PHE E 254 30.00 1.39 6.55
C PHE E 254 28.59 1.43 5.98
N LEU E 255 28.46 1.24 4.68
CA LEU E 255 27.15 1.38 4.05
C LEU E 255 26.46 0.10 3.63
N PRO E 256 25.12 0.14 3.61
CA PRO E 256 24.33 -1.01 3.19
C PRO E 256 24.37 -0.99 1.65
N GLN E 257 23.92 -2.08 1.05
CA GLN E 257 23.86 -2.15 -0.40
C GLN E 257 22.85 -1.14 -0.93
N ASN E 258 21.77 -0.96 -0.17
CA ASN E 258 20.70 -0.07 -0.59
C ASN E 258 19.85 0.34 0.61
N ASN E 259 18.88 1.23 0.37
CA ASN E 259 18.06 1.75 1.46
C ASN E 259 17.12 0.77 2.14
N THR E 260 17.07 -0.49 1.69
CA THR E 260 16.18 -1.45 2.33
C THR E 260 16.92 -2.19 3.43
N GLU E 261 18.22 -1.94 3.57
CA GLU E 261 18.98 -2.68 4.57
C GLU E 261 19.86 -1.81 5.46
N GLU E 262 20.31 -2.39 6.56
CA GLU E 262 21.22 -1.71 7.46
C GLU E 262 22.54 -2.33 7.07
N ALA E 263 23.63 -1.57 7.15
CA ALA E 263 24.94 -2.09 6.77
C ALA E 263 25.28 -3.33 7.57
N SER E 264 26.01 -4.25 6.93
CA SER E 264 26.42 -5.47 7.60
C SER E 264 27.43 -5.10 8.68
N PHE E 265 27.34 -5.78 9.82
CA PHE E 265 28.26 -5.51 10.91
C PHE E 265 29.66 -5.92 10.49
N VAL E 266 30.65 -5.22 11.02
CA VAL E 266 32.04 -5.49 10.69
C VAL E 266 32.87 -5.58 11.98
N ASN E 267 33.68 -6.63 12.08
CA ASN E 267 34.57 -6.84 13.22
C ASN E 267 34.02 -6.25 14.52
N PRO E 268 32.88 -6.76 15.01
CA PRO E 268 32.35 -6.19 16.24
C PRO E 268 33.16 -6.35 17.51
N ASN E 269 33.23 -5.27 18.27
CA ASN E 269 33.93 -5.28 19.54
C ASN E 269 32.76 -5.15 20.51
N ASN E 270 32.53 -6.17 21.32
CA ASN E 270 31.40 -6.13 22.23
C ASN E 270 31.72 -5.71 23.65
N ASP E 271 32.98 -5.39 23.90
CA ASP E 271 33.39 -4.95 25.22
C ASP E 271 32.93 -3.51 25.41
N VAL E 272 32.09 -3.29 26.42
CA VAL E 272 31.60 -1.95 26.72
C VAL E 272 32.00 -1.59 28.16
N SER E 273 33.07 -2.20 28.63
CA SER E 273 33.57 -1.95 29.98
C SER E 273 33.78 -0.46 30.18
N PRO E 274 33.68 0.02 31.42
CA PRO E 274 33.87 1.45 31.67
C PRO E 274 35.29 1.84 31.32
N ASN E 275 35.48 3.09 30.93
CA ASN E 275 36.80 3.60 30.62
C ASN E 275 36.84 4.92 31.36
N THR E 276 37.53 4.96 32.49
CA THR E 276 37.59 6.18 33.29
C THR E 276 38.34 7.32 32.63
N GLU E 277 39.11 7.02 31.59
CA GLU E 277 39.83 8.07 30.89
C GLU E 277 38.84 9.08 30.31
N LEU E 278 37.66 8.60 29.93
CA LEU E 278 36.63 9.48 29.39
C LEU E 278 36.24 10.61 30.35
N ARG E 279 36.49 10.41 31.65
CA ARG E 279 36.15 11.42 32.64
C ARG E 279 37.12 12.59 32.57
N ASP E 280 38.26 12.37 31.94
CA ASP E 280 39.30 13.39 31.88
C ASP E 280 39.48 14.16 30.59
N ILE E 281 38.85 13.71 29.53
CA ILE E 281 39.01 14.37 28.25
C ILE E 281 38.36 15.75 28.20
N VAL E 282 37.17 15.86 28.77
CA VAL E 282 36.44 17.12 28.79
C VAL E 282 36.74 17.89 30.06
N PRO E 283 37.42 19.05 29.94
CA PRO E 283 37.79 19.93 31.05
C PRO E 283 36.57 20.48 31.80
N ILE E 284 36.63 20.50 33.13
CA ILE E 284 35.52 21.05 33.91
C ILE E 284 35.50 22.56 33.63
N ASP E 285 36.67 23.10 33.34
CA ASP E 285 36.80 24.53 33.01
C ASP E 285 36.21 24.76 31.63
N GLY E 286 35.01 25.34 31.58
CA GLY E 286 34.35 25.61 30.31
C GLY E 286 35.16 26.45 29.34
N LYS E 287 36.18 27.12 29.83
CA LYS E 287 36.99 27.94 28.94
C LYS E 287 38.05 27.13 28.19
N LYS E 288 38.24 25.88 28.58
CA LYS E 288 39.22 25.02 27.91
C LYS E 288 38.56 24.07 26.93
N GLY E 289 39.17 23.93 25.75
CA GLY E 289 38.66 23.05 24.72
C GLY E 289 39.36 21.70 24.77
N TYR E 290 39.13 20.90 23.74
CA TYR E 290 39.71 19.57 23.64
C TYR E 290 39.31 19.07 22.27
N ASP E 291 39.84 17.91 21.88
CA ASP E 291 39.48 17.35 20.59
C ASP E 291 38.41 16.31 20.86
N VAL E 292 37.19 16.59 20.41
CA VAL E 292 36.08 15.69 20.64
C VAL E 292 36.36 14.30 20.07
N ARG E 293 37.27 14.20 19.11
CA ARG E 293 37.58 12.90 18.56
C ARG E 293 38.28 12.00 19.58
N ASP E 294 38.83 12.59 20.65
CA ASP E 294 39.44 11.75 21.67
C ASP E 294 38.30 11.03 22.39
N VAL E 295 37.17 11.72 22.50
CA VAL E 295 36.02 11.12 23.15
C VAL E 295 35.50 10.02 22.23
N ILE E 296 35.35 10.34 20.95
CA ILE E 296 34.87 9.39 19.96
C ILE E 296 35.74 8.11 19.95
N ALA E 297 37.05 8.28 19.91
CA ALA E 297 37.98 7.15 19.87
C ALA E 297 37.77 6.17 21.03
N LYS E 298 37.38 6.69 22.18
CA LYS E 298 37.15 5.85 23.37
C LYS E 298 35.82 5.14 23.34
N ILE E 299 34.86 5.66 22.58
CA ILE E 299 33.56 5.03 22.57
C ILE E 299 33.23 4.16 21.37
N VAL E 300 33.94 4.34 20.26
CA VAL E 300 33.66 3.54 19.08
C VAL E 300 34.56 2.31 19.06
N ASP E 301 34.11 1.26 18.37
CA ASP E 301 34.88 0.02 18.28
C ASP E 301 36.30 0.24 17.80
N TRP E 302 37.26 -0.26 18.58
CA TRP E 302 38.66 -0.17 18.21
C TRP E 302 39.18 1.23 18.02
N GLY E 303 38.40 2.23 18.42
CA GLY E 303 38.81 3.60 18.23
C GLY E 303 38.78 3.98 16.75
N ASP E 304 38.21 3.10 15.93
CA ASP E 304 38.16 3.34 14.49
C ASP E 304 37.00 4.20 13.99
N TYR E 305 37.32 5.20 13.19
CA TYR E 305 36.29 6.04 12.61
C TYR E 305 36.83 6.60 11.31
N LEU E 306 35.92 6.90 10.39
CA LEU E 306 36.23 7.44 9.07
C LEU E 306 35.57 8.81 9.11
N GLU E 307 36.37 9.86 9.26
CA GLU E 307 35.82 11.20 9.34
C GLU E 307 35.40 11.69 7.96
N VAL E 308 34.20 12.25 7.89
CA VAL E 308 33.65 12.78 6.63
C VAL E 308 33.86 14.30 6.68
N LYS E 309 34.27 14.88 5.54
CA LYS E 309 34.55 16.32 5.46
C LYS E 309 35.45 16.72 6.61
N ALA E 310 36.48 15.91 6.83
CA ALA E 310 37.41 16.15 7.92
C ALA E 310 38.06 17.52 7.88
N GLY E 311 38.24 18.07 6.67
CA GLY E 311 38.86 19.37 6.57
C GLY E 311 37.92 20.54 6.29
N TYR E 312 36.62 20.32 6.40
CA TYR E 312 35.65 21.39 6.17
C TYR E 312 34.89 21.63 7.48
N ALA E 313 34.65 22.91 7.83
CA ALA E 313 33.88 23.23 9.04
C ALA E 313 34.30 22.30 10.17
N THR E 314 35.56 22.43 10.57
CA THR E 314 36.13 21.57 11.59
C THR E 314 35.59 21.88 12.98
N ASN E 315 34.70 22.86 13.08
CA ASN E 315 34.07 23.20 14.35
C ASN E 315 33.01 22.13 14.64
N LEU E 316 32.82 21.23 13.68
CA LEU E 316 31.87 20.15 13.84
C LEU E 316 32.42 18.89 13.19
N VAL E 317 32.38 17.79 13.92
CA VAL E 317 32.89 16.54 13.39
C VAL E 317 31.74 15.62 12.97
N THR E 318 31.87 15.04 11.79
CA THR E 318 30.89 14.07 11.27
C THR E 318 31.76 12.88 10.90
N ALA E 319 31.51 11.74 11.50
CA ALA E 319 32.32 10.57 11.19
C ALA E 319 31.56 9.27 11.26
N PHE E 320 31.94 8.32 10.41
CA PHE E 320 31.34 7.01 10.46
C PHE E 320 32.19 6.20 11.43
N ALA E 321 31.52 5.36 12.21
CA ALA E 321 32.24 4.51 13.15
C ALA E 321 31.36 3.31 13.41
N ARG E 322 31.74 2.51 14.38
CA ARG E 322 30.95 1.35 14.72
C ARG E 322 30.88 1.16 16.22
N VAL E 323 29.72 0.66 16.66
CA VAL E 323 29.56 0.34 18.06
C VAL E 323 29.02 -1.08 18.00
N ASN E 324 29.75 -1.99 18.62
CA ASN E 324 29.36 -3.40 18.59
C ASN E 324 29.20 -3.86 17.13
N GLY E 325 30.06 -3.36 16.25
CA GLY E 325 30.01 -3.76 14.85
C GLY E 325 29.03 -3.05 13.93
N ARG E 326 28.10 -2.31 14.52
CA ARG E 326 27.08 -1.60 13.76
C ARG E 326 27.55 -0.23 13.28
N SER E 327 27.36 0.06 11.99
CA SER E 327 27.75 1.36 11.47
C SER E 327 26.92 2.43 12.16
N VAL E 328 27.55 3.53 12.54
CA VAL E 328 26.82 4.66 13.12
C VAL E 328 27.46 5.92 12.58
N GLY E 329 26.69 7.00 12.59
CA GLY E 329 27.19 8.27 12.14
C GLY E 329 27.29 9.13 13.40
N ILE E 330 28.46 9.70 13.63
CA ILE E 330 28.66 10.52 14.81
C ILE E 330 28.74 11.97 14.44
N VAL E 331 27.95 12.81 15.13
CA VAL E 331 27.95 14.24 14.89
C VAL E 331 28.37 14.83 16.22
N ALA E 332 29.45 15.59 16.22
CA ALA E 332 29.98 16.12 17.46
C ALA E 332 30.55 17.50 17.33
N ASN E 333 30.26 18.36 18.30
CA ASN E 333 30.82 19.69 18.28
C ASN E 333 32.28 19.55 18.63
N GLN E 334 33.10 20.42 18.08
CA GLN E 334 34.55 20.38 18.30
C GLN E 334 34.89 21.65 19.08
N PRO E 335 34.92 21.56 20.42
CA PRO E 335 35.21 22.73 21.26
C PRO E 335 36.54 23.39 20.97
N SER E 336 37.47 22.61 20.42
CA SER E 336 38.79 23.13 20.10
C SER E 336 38.82 23.99 18.85
N VAL E 337 37.69 24.12 18.15
CA VAL E 337 37.64 24.94 16.93
C VAL E 337 36.47 25.92 17.02
N MET E 338 36.78 27.22 17.06
CA MET E 338 35.76 28.25 17.17
C MET E 338 34.83 28.02 18.36
N SER E 339 35.39 27.53 19.46
CA SER E 339 34.63 27.25 20.68
C SER E 339 33.51 26.25 20.48
N GLY E 340 33.56 25.49 19.38
CA GLY E 340 32.51 24.52 19.13
C GLY E 340 31.23 25.13 18.60
N CYS E 341 31.24 26.43 18.31
CA CYS E 341 30.05 27.08 17.76
C CYS E 341 29.65 26.44 16.45
N LEU E 342 28.34 26.41 16.21
CA LEU E 342 27.84 25.90 14.96
C LEU E 342 27.79 27.17 14.11
N ASP E 343 27.92 27.02 12.80
CA ASP E 343 27.85 28.17 11.90
C ASP E 343 27.23 27.70 10.60
N ILE E 344 27.17 28.58 9.61
CA ILE E 344 26.59 28.19 8.34
C ILE E 344 27.16 26.89 7.76
N ASN E 345 28.48 26.84 7.60
CA ASN E 345 29.12 25.65 7.01
C ASN E 345 28.97 24.35 7.79
N ALA E 346 29.06 24.43 9.11
CA ALA E 346 28.93 23.26 9.96
C ALA E 346 27.50 22.78 9.90
N SER E 347 26.56 23.70 9.72
CA SER E 347 25.15 23.33 9.63
C SER E 347 24.93 22.49 8.38
N ASP E 348 25.49 22.91 7.26
CA ASP E 348 25.38 22.15 6.00
C ASP E 348 26.07 20.80 6.15
N LYS E 349 27.27 20.82 6.75
CA LYS E 349 28.06 19.61 6.97
C LYS E 349 27.29 18.59 7.80
N ALA E 350 26.66 19.06 8.87
CA ALA E 350 25.88 18.19 9.73
C ALA E 350 24.61 17.71 9.04
N ALA E 351 23.82 18.64 8.52
CA ALA E 351 22.56 18.30 7.87
C ALA E 351 22.73 17.27 6.74
N GLU E 352 23.75 17.44 5.91
CA GLU E 352 23.96 16.50 4.82
C GLU E 352 24.28 15.11 5.36
N PHE E 353 25.16 15.06 6.35
CA PHE E 353 25.56 13.78 6.96
C PHE E 353 24.35 13.16 7.61
N VAL E 354 23.61 13.95 8.39
CA VAL E 354 22.41 13.44 9.04
C VAL E 354 21.43 12.89 8.01
N ASN E 355 21.11 13.69 6.99
CA ASN E 355 20.18 13.26 5.94
C ASN E 355 20.64 11.96 5.27
N PHE E 356 21.94 11.86 4.96
CA PHE E 356 22.45 10.66 4.33
C PHE E 356 22.31 9.42 5.22
N CYS E 357 22.71 9.55 6.48
CA CYS E 357 22.63 8.42 7.41
C CYS E 357 21.20 7.98 7.51
N ASP E 358 20.29 8.94 7.63
CA ASP E 358 18.89 8.61 7.72
C ASP E 358 18.45 7.83 6.48
N SER E 359 18.87 8.29 5.29
CA SER E 359 18.50 7.63 4.05
C SER E 359 18.89 6.17 4.01
N PHE E 360 20.07 5.86 4.55
CA PHE E 360 20.57 4.50 4.53
C PHE E 360 20.57 3.76 5.84
N ASN E 361 19.65 4.16 6.70
CA ASN E 361 19.47 3.46 7.96
C ASN E 361 20.65 3.38 8.89
N ILE E 362 21.43 4.44 8.93
CA ILE E 362 22.58 4.46 9.81
C ILE E 362 22.22 5.28 11.05
N PRO E 363 22.30 4.68 12.24
CA PRO E 363 21.96 5.45 13.45
C PRO E 363 22.86 6.66 13.64
N LEU E 364 22.32 7.69 14.27
CA LEU E 364 23.05 8.93 14.52
C LEU E 364 23.32 9.13 15.99
N VAL E 365 24.59 9.29 16.30
CA VAL E 365 25.05 9.53 17.68
C VAL E 365 25.61 10.94 17.76
N GLN E 366 25.04 11.75 18.65
CA GLN E 366 25.50 13.13 18.84
C GLN E 366 26.31 13.29 20.12
N LEU E 367 27.40 14.05 20.03
CA LEU E 367 28.25 14.36 21.19
C LEU E 367 28.16 15.87 21.25
N VAL E 368 27.46 16.36 22.26
CA VAL E 368 27.19 17.78 22.39
C VAL E 368 28.03 18.60 23.35
N ASP E 369 28.56 19.68 22.83
CA ASP E 369 29.31 20.64 23.61
C ASP E 369 29.31 21.85 22.70
N VAL E 370 28.20 22.57 22.70
CA VAL E 370 28.01 23.71 21.81
C VAL E 370 27.47 24.93 22.58
N PRO E 371 28.17 26.05 22.52
CA PRO E 371 27.80 27.29 23.21
C PRO E 371 26.79 28.16 22.46
N GLY E 372 26.52 27.80 21.21
CA GLY E 372 25.58 28.56 20.41
C GLY E 372 26.10 28.65 18.98
N PHE E 373 25.53 29.55 18.18
CA PHE E 373 25.97 29.75 16.82
C PHE E 373 27.02 30.84 16.82
N LEU E 374 27.90 30.79 15.83
CA LEU E 374 28.97 31.75 15.70
C LEU E 374 28.43 33.17 15.49
N PRO E 375 28.80 34.10 16.36
CA PRO E 375 28.32 35.48 16.21
C PRO E 375 29.06 36.12 15.05
N GLY E 376 28.36 36.93 14.27
CA GLY E 376 29.03 37.60 13.17
C GLY E 376 28.03 38.10 12.16
N VAL E 377 28.24 39.32 11.67
CA VAL E 377 27.33 39.89 10.69
C VAL E 377 27.23 39.00 9.46
N GLN E 378 28.35 38.47 9.01
CA GLN E 378 28.34 37.62 7.82
C GLN E 378 27.62 36.28 8.04
N GLN E 379 27.52 35.84 9.29
CA GLN E 379 26.78 34.62 9.54
C GLN E 379 25.31 34.96 9.32
N GLU E 380 24.88 36.13 9.77
CA GLU E 380 23.48 36.52 9.59
C GLU E 380 23.21 36.77 8.11
N TYR E 381 24.08 37.56 7.47
CA TYR E 381 23.92 37.88 6.06
C TYR E 381 24.07 36.67 5.16
N GLY E 382 24.79 35.65 5.65
CA GLY E 382 25.00 34.44 4.87
C GLY E 382 23.83 33.49 5.02
N GLY E 383 22.84 33.90 5.81
CA GLY E 383 21.66 33.07 6.02
C GLY E 383 21.82 31.97 7.06
N ILE E 384 22.43 32.28 8.21
CA ILE E 384 22.55 31.26 9.24
C ILE E 384 21.16 30.74 9.63
N ILE E 385 20.16 31.60 9.54
CA ILE E 385 18.80 31.20 9.86
C ILE E 385 18.38 30.03 8.94
N ARG E 386 18.50 30.20 7.63
CA ARG E 386 18.09 29.10 6.77
C ARG E 386 19.07 27.92 6.74
N HIS E 387 20.36 28.17 6.96
CA HIS E 387 21.33 27.06 6.98
C HIS E 387 21.22 26.28 8.28
N GLY E 388 21.12 26.99 9.40
CA GLY E 388 20.99 26.32 10.68
C GLY E 388 19.71 25.50 10.69
N ALA E 389 18.67 26.00 10.05
CA ALA E 389 17.41 25.27 10.04
C ALA E 389 17.58 23.88 9.39
N LYS E 390 18.60 23.70 8.55
CA LYS E 390 18.82 22.41 7.91
C LYS E 390 19.14 21.33 8.93
N MET E 391 19.82 21.68 10.01
CA MET E 391 20.13 20.68 11.01
C MET E 391 18.84 20.29 11.73
N LEU E 392 18.02 21.29 12.08
CA LEU E 392 16.76 21.03 12.76
C LEU E 392 15.88 20.21 11.84
N TYR E 393 15.91 20.54 10.57
CA TYR E 393 15.09 19.83 9.62
C TYR E 393 15.57 18.39 9.47
N ALA E 394 16.86 18.22 9.23
CA ALA E 394 17.41 16.88 9.03
C ALA E 394 17.18 15.96 10.21
N TYR E 395 17.45 16.46 11.42
CA TYR E 395 17.23 15.64 12.60
C TYR E 395 15.75 15.39 12.84
N SER E 396 14.93 16.43 12.70
CA SER E 396 13.47 16.27 12.90
C SER E 396 12.85 15.28 11.93
N GLU E 397 13.34 15.30 10.69
CA GLU E 397 12.87 14.38 9.65
C GLU E 397 13.43 12.97 9.85
N ALA E 398 14.62 12.88 10.42
CA ALA E 398 15.24 11.56 10.56
C ALA E 398 14.47 10.57 11.41
N THR E 399 14.43 9.32 10.95
CA THR E 399 13.73 8.27 11.68
C THR E 399 14.66 7.15 12.16
N VAL E 400 15.94 7.23 11.82
CA VAL E 400 16.88 6.22 12.30
C VAL E 400 17.05 6.49 13.80
N PRO E 401 17.65 5.53 14.53
CA PRO E 401 17.85 5.76 15.97
C PRO E 401 18.71 7.03 16.12
N LYS E 402 18.33 7.88 17.05
CA LYS E 402 19.07 9.10 17.32
C LYS E 402 19.45 9.09 18.81
N ILE E 403 20.75 9.00 19.07
CA ILE E 403 21.26 8.95 20.43
C ILE E 403 22.14 10.16 20.68
N THR E 404 21.83 10.92 21.72
CA THR E 404 22.56 12.13 22.03
C THR E 404 23.15 12.13 23.43
N VAL E 405 24.42 12.49 23.50
CA VAL E 405 25.10 12.56 24.77
C VAL E 405 25.58 13.99 24.92
N VAL E 406 25.15 14.65 25.98
CA VAL E 406 25.59 16.02 26.19
C VAL E 406 26.81 15.99 27.09
N LEU E 407 27.96 16.32 26.49
CA LEU E 407 29.24 16.34 27.19
C LEU E 407 29.37 17.54 28.09
N ARG E 408 29.00 18.71 27.56
CA ARG E 408 29.17 19.92 28.33
C ARG E 408 28.14 21.00 27.92
N LYS E 409 28.58 22.06 27.25
CA LYS E 409 27.63 23.12 26.87
C LYS E 409 26.55 22.64 25.89
N ALA E 410 25.32 23.10 26.08
CA ALA E 410 24.21 22.76 25.20
C ALA E 410 23.27 23.97 25.29
N TYR E 411 23.68 25.07 24.68
CA TYR E 411 22.94 26.32 24.75
C TYR E 411 21.94 26.64 23.65
N GLY E 412 20.76 27.09 24.08
CA GLY E 412 19.71 27.49 23.16
C GLY E 412 19.51 26.67 21.91
N GLY E 413 19.26 27.36 20.80
CA GLY E 413 19.01 26.69 19.53
C GLY E 413 20.09 25.75 19.03
N SER E 414 21.35 26.03 19.36
CA SER E 414 22.44 25.19 18.87
C SER E 414 22.34 23.79 19.48
N TYR E 415 21.80 23.72 20.69
CA TYR E 415 21.61 22.45 21.38
C TYR E 415 20.46 21.70 20.70
N LEU E 416 19.39 22.42 20.39
CA LEU E 416 18.26 21.78 19.71
C LEU E 416 18.74 21.23 18.36
N ALA E 417 19.62 21.97 17.71
CA ALA E 417 20.17 21.57 16.41
C ALA E 417 21.00 20.30 16.50
N MET E 418 21.52 20.01 17.68
CA MET E 418 22.32 18.80 17.92
C MET E 418 21.44 17.63 18.36
N CYS E 419 20.16 17.74 18.01
CA CYS E 419 19.15 16.73 18.25
C CYS E 419 18.88 16.33 19.71
N ASN E 420 18.05 17.13 20.38
CA ASN E 420 17.69 16.84 21.76
C ASN E 420 16.45 15.96 21.69
N ARG E 421 15.81 15.68 22.82
CA ARG E 421 14.63 14.82 22.79
C ARG E 421 13.49 15.41 21.97
N ASP E 422 13.32 16.72 22.02
CA ASP E 422 12.25 17.36 21.26
C ASP E 422 12.42 17.19 19.76
N LEU E 423 13.67 17.03 19.30
CA LEU E 423 13.88 16.81 17.88
C LEU E 423 13.89 15.31 17.58
N GLY E 424 13.36 14.53 18.50
CA GLY E 424 13.29 13.10 18.25
C GLY E 424 14.41 12.22 18.73
N ALA E 425 15.34 12.74 19.54
CA ALA E 425 16.40 11.88 20.06
C ALA E 425 15.68 10.78 20.83
N ASP E 426 16.06 9.53 20.59
CA ASP E 426 15.45 8.40 21.29
C ASP E 426 16.00 8.22 22.69
N ALA E 427 17.26 8.60 22.88
CA ALA E 427 17.89 8.51 24.18
C ALA E 427 18.83 9.71 24.26
N VAL E 428 18.82 10.38 25.41
CA VAL E 428 19.66 11.52 25.64
C VAL E 428 20.32 11.31 27.00
N TYR E 429 21.65 11.44 27.05
CA TYR E 429 22.35 11.28 28.31
C TYR E 429 23.17 12.50 28.56
N ALA E 430 23.23 12.89 29.83
CA ALA E 430 24.01 14.05 30.22
C ALA E 430 25.19 13.62 31.09
N TRP E 431 26.39 14.09 30.76
CA TRP E 431 27.56 13.81 31.58
C TRP E 431 27.34 14.75 32.75
N PRO E 432 28.06 14.55 33.86
CA PRO E 432 27.90 15.43 35.02
C PRO E 432 28.24 16.89 34.70
N SER E 433 28.92 17.09 33.57
CA SER E 433 29.33 18.41 33.14
C SER E 433 28.37 19.05 32.12
N ALA E 434 27.30 18.34 31.81
CA ALA E 434 26.34 18.87 30.84
C ALA E 434 25.69 20.15 31.36
N GLU E 435 25.59 21.13 30.47
CA GLU E 435 24.96 22.39 30.82
C GLU E 435 23.97 22.80 29.74
N ILE E 436 22.82 22.13 29.74
CA ILE E 436 21.73 22.40 28.82
C ILE E 436 21.10 23.67 29.37
N ALA E 437 20.97 24.69 28.54
CA ALA E 437 20.42 25.94 29.03
C ALA E 437 19.83 26.79 27.94
N VAL E 438 18.81 27.55 28.29
CA VAL E 438 18.21 28.45 27.31
C VAL E 438 19.14 29.65 27.29
N MET E 439 19.90 29.81 28.36
CA MET E 439 20.85 30.92 28.51
C MET E 439 21.76 30.71 29.71
N GLY E 440 23.01 31.17 29.60
CA GLY E 440 23.92 31.03 30.71
C GLY E 440 23.33 31.73 31.93
N ALA E 441 23.61 31.21 33.12
CA ALA E 441 23.08 31.78 34.36
C ALA E 441 23.43 33.26 34.55
N GLU E 442 24.63 33.66 34.16
CA GLU E 442 25.04 35.05 34.32
C GLU E 442 24.17 35.98 33.48
N GLY E 443 24.06 35.70 32.19
CA GLY E 443 23.23 36.54 31.32
C GLY E 443 21.78 36.55 31.76
N ALA E 444 21.27 35.38 32.11
CA ALA E 444 19.87 35.28 32.54
C ALA E 444 19.59 36.06 33.81
N ALA E 445 20.39 35.87 34.84
CA ALA E 445 20.17 36.58 36.09
C ALA E 445 20.23 38.08 35.88
N ASN E 446 21.17 38.52 35.05
CA ASN E 446 21.31 39.95 34.79
C ASN E 446 20.11 40.55 34.11
N VAL E 447 19.46 39.76 33.25
CA VAL E 447 18.27 40.26 32.58
C VAL E 447 17.06 40.21 33.48
N ILE E 448 16.77 39.04 34.04
CA ILE E 448 15.57 38.92 34.86
C ILE E 448 15.61 39.49 36.27
N PHE E 449 16.78 39.67 36.84
CA PHE E 449 16.88 40.26 38.17
C PHE E 449 17.51 41.63 38.13
N ARG E 450 17.51 42.23 36.94
CA ARG E 450 18.09 43.55 36.72
C ARG E 450 17.72 44.59 37.76
N LYS E 451 16.49 44.54 38.24
CA LYS E 451 16.03 45.51 39.22
C LYS E 451 16.34 45.12 40.65
N GLU E 452 16.25 43.83 40.96
CA GLU E 452 16.54 43.36 42.29
C GLU E 452 18.01 43.62 42.59
N ILE E 453 18.85 43.44 41.58
CA ILE E 453 20.29 43.64 41.69
C ILE E 453 20.65 45.12 41.85
N LYS E 454 20.09 45.96 40.98
CA LYS E 454 20.35 47.40 41.03
C LYS E 454 19.95 48.01 42.37
N ALA E 455 18.79 47.61 42.87
CA ALA E 455 18.26 48.12 44.12
C ALA E 455 18.87 47.49 45.38
N ALA E 456 19.57 46.38 45.22
CA ALA E 456 20.16 45.70 46.38
C ALA E 456 21.20 46.58 47.08
N ASP E 457 21.37 46.37 48.38
CA ASP E 457 22.35 47.14 49.13
C ASP E 457 23.72 46.83 48.55
N ASP E 458 23.95 45.57 48.25
CA ASP E 458 25.21 45.13 47.65
C ASP E 458 24.83 44.43 46.34
N PRO E 459 24.73 45.20 45.24
CA PRO E 459 24.39 44.64 43.92
C PRO E 459 25.22 43.41 43.52
N ASP E 460 26.52 43.44 43.80
CA ASP E 460 27.39 42.31 43.44
C ASP E 460 27.04 41.04 44.20
N ALA E 461 26.75 41.17 45.49
CA ALA E 461 26.38 39.99 46.27
C ALA E 461 25.05 39.46 45.75
N MET E 462 24.13 40.37 45.45
CA MET E 462 22.82 39.99 44.94
C MET E 462 22.98 39.28 43.60
N ARG E 463 23.80 39.85 42.71
CA ARG E 463 24.01 39.24 41.41
C ARG E 463 24.57 37.83 41.55
N ALA E 464 25.57 37.67 42.40
CA ALA E 464 26.17 36.35 42.60
C ALA E 464 25.10 35.39 43.08
N GLU E 465 24.32 35.84 44.05
CA GLU E 465 23.23 35.04 44.60
C GLU E 465 22.23 34.59 43.52
N LYS E 466 21.78 35.55 42.71
CA LYS E 466 20.81 35.25 41.64
C LYS E 466 21.37 34.35 40.55
N ILE E 467 22.63 34.52 40.21
CA ILE E 467 23.27 33.69 39.19
C ILE E 467 23.30 32.25 39.70
N GLU E 468 23.69 32.10 40.97
CA GLU E 468 23.77 30.79 41.61
C GLU E 468 22.40 30.12 41.62
N GLU E 469 21.40 30.92 41.96
CA GLU E 469 20.02 30.47 42.01
C GLU E 469 19.57 29.98 40.63
N TYR E 470 19.85 30.76 39.60
CA TYR E 470 19.46 30.39 38.25
C TYR E 470 20.22 29.16 37.75
N GLN E 471 21.53 29.15 37.99
CA GLN E 471 22.40 28.05 37.60
C GLN E 471 21.87 26.74 38.17
N ASN E 472 21.56 26.78 39.47
CA ASN E 472 21.08 25.59 40.14
C ASN E 472 19.65 25.22 39.82
N ALA E 473 18.84 26.22 39.50
CA ALA E 473 17.44 25.96 39.17
C ALA E 473 17.20 25.46 37.74
N PHE E 474 18.14 25.68 36.84
CA PHE E 474 17.93 25.29 35.45
C PHE E 474 19.07 24.61 34.71
N ASN E 475 20.28 25.11 34.93
CA ASN E 475 21.42 24.68 34.17
C ASN E 475 22.30 23.53 34.58
N THR E 476 21.80 22.65 35.44
CA THR E 476 22.58 21.50 35.86
C THR E 476 21.97 20.26 35.21
N PRO E 477 22.78 19.20 35.07
CA PRO E 477 22.34 17.94 34.47
C PRO E 477 21.15 17.39 35.24
N TYR E 478 21.06 17.76 36.52
CA TYR E 478 19.97 17.28 37.35
C TYR E 478 18.62 17.91 37.06
N VAL E 479 18.61 19.18 36.67
CA VAL E 479 17.34 19.81 36.34
C VAL E 479 16.91 19.28 34.97
N ALA E 480 17.87 19.10 34.07
CA ALA E 480 17.54 18.59 32.74
C ALA E 480 16.91 17.22 32.91
N ALA E 481 17.49 16.43 33.81
CA ALA E 481 16.99 15.09 34.06
C ALA E 481 15.65 15.18 34.75
N ALA E 482 15.50 16.15 35.65
CA ALA E 482 14.25 16.34 36.39
C ALA E 482 13.10 16.65 35.43
N ARG E 483 13.39 17.42 34.39
CA ARG E 483 12.40 17.79 33.39
C ARG E 483 12.25 16.71 32.33
N GLY E 484 13.07 15.68 32.41
CA GLY E 484 12.99 14.60 31.44
C GLY E 484 13.68 14.88 30.12
N GLN E 485 14.42 15.99 30.04
CA GLN E 485 15.12 16.32 28.81
C GLN E 485 16.27 15.34 28.55
N VAL E 486 16.73 14.68 29.60
CA VAL E 486 17.75 13.65 29.43
C VAL E 486 17.21 12.43 30.15
N ASP E 487 17.57 11.25 29.67
CA ASP E 487 17.15 9.97 30.23
C ASP E 487 17.80 9.73 31.58
N ASP E 488 19.05 10.18 31.72
CA ASP E 488 19.82 9.94 32.93
C ASP E 488 21.06 10.82 32.87
N VAL E 489 21.70 10.97 34.03
CA VAL E 489 22.95 11.71 34.14
C VAL E 489 23.92 10.56 34.31
N ILE E 490 24.96 10.52 33.50
CA ILE E 490 25.87 9.40 33.56
C ILE E 490 27.30 9.71 33.86
N ASP E 491 27.99 8.69 34.38
CA ASP E 491 29.38 8.77 34.68
C ASP E 491 29.97 8.74 33.26
N PRO E 492 30.83 9.70 32.92
CA PRO E 492 31.44 9.76 31.59
C PRO E 492 32.04 8.41 31.19
N ALA E 493 32.57 7.71 32.20
CA ALA E 493 33.21 6.41 31.98
C ALA E 493 32.30 5.36 31.33
N ASP E 494 30.99 5.47 31.54
CA ASP E 494 30.03 4.51 31.00
C ASP E 494 29.42 4.92 29.65
N THR E 495 29.93 5.99 29.06
CA THR E 495 29.39 6.48 27.80
C THR E 495 29.23 5.41 26.70
N ARG E 496 30.28 4.64 26.45
CA ARG E 496 30.21 3.61 25.41
C ARG E 496 29.08 2.62 25.72
N ARG E 497 29.00 2.17 26.96
CA ARG E 497 27.94 1.23 27.31
C ARG E 497 26.56 1.85 27.09
N LYS E 498 26.37 3.08 27.54
CA LYS E 498 25.06 3.73 27.40
C LYS E 498 24.65 3.86 25.93
N ILE E 499 25.59 4.29 25.09
CA ILE E 499 25.29 4.40 23.66
C ILE E 499 25.04 3.02 23.05
N ALA E 500 25.91 2.07 23.37
CA ALA E 500 25.76 0.73 22.84
C ALA E 500 24.42 0.14 23.20
N SER E 501 24.00 0.32 24.45
CA SER E 501 22.72 -0.21 24.89
C SER E 501 21.58 0.50 24.20
N ALA E 502 21.70 1.81 24.04
CA ALA E 502 20.66 2.57 23.38
C ALA E 502 20.52 2.07 21.93
N LEU E 503 21.65 1.92 21.26
CA LEU E 503 21.65 1.44 19.88
C LEU E 503 21.01 0.06 19.77
N GLU E 504 21.32 -0.82 20.73
CA GLU E 504 20.75 -2.16 20.70
C GLU E 504 19.25 -2.05 20.92
N MET E 505 18.86 -1.27 21.91
CA MET E 505 17.43 -1.08 22.23
C MET E 505 16.67 -0.56 21.00
N TYR E 506 17.23 0.45 20.35
CA TYR E 506 16.56 1.03 19.19
C TYR E 506 16.86 0.44 17.82
N ALA E 507 17.55 -0.69 17.80
CA ALA E 507 17.87 -1.38 16.56
C ALA E 507 16.59 -1.82 15.85
N THR E 508 15.49 -1.92 16.59
CA THR E 508 14.21 -2.32 15.98
C THR E 508 13.24 -1.14 15.89
N LYS E 509 13.76 0.07 16.00
CA LYS E 509 12.90 1.27 15.92
C LYS E 509 12.26 1.38 14.54
N ARG E 510 10.96 1.67 14.53
CA ARG E 510 10.19 1.85 13.29
C ARG E 510 9.36 3.08 13.58
N GLN E 511 9.68 4.17 12.91
CA GLN E 511 8.99 5.43 13.13
C GLN E 511 8.35 5.89 11.83
N THR E 512 7.06 6.21 11.90
CA THR E 512 6.35 6.65 10.72
C THR E 512 6.30 8.16 10.62
N ARG E 513 6.31 8.66 9.39
CA ARG E 513 6.25 10.09 9.12
C ARG E 513 5.03 10.41 8.26
N PRO E 514 4.48 11.63 8.39
CA PRO E 514 3.30 12.00 7.59
C PRO E 514 3.61 11.78 6.12
N ALA E 515 2.59 11.35 5.38
CA ALA E 515 2.73 11.13 3.94
C ALA E 515 3.00 12.46 3.24
N LYS E 516 3.98 12.47 2.34
CA LYS E 516 4.33 13.66 1.59
C LYS E 516 5.30 13.24 0.49
N LYS E 517 5.38 14.01 -0.59
CA LYS E 517 6.34 13.67 -1.63
C LYS E 517 7.68 13.84 -0.98
N HIS E 518 7.78 14.92 -0.21
CA HIS E 518 8.98 15.26 0.51
C HIS E 518 8.67 16.53 1.28
N GLY E 519 9.47 16.79 2.31
CA GLY E 519 9.25 18.00 3.07
C GLY E 519 9.93 19.10 2.28
N ASN E 520 9.98 20.29 2.86
CA ASN E 520 10.62 21.39 2.19
C ASN E 520 11.92 21.72 2.91
N PHE E 521 12.96 20.95 2.58
CA PHE E 521 14.29 21.10 3.17
C PHE E 521 14.84 22.49 2.87
N PRO E 522 15.30 23.21 3.90
CA PRO E 522 15.85 24.55 3.71
C PRO E 522 16.99 24.56 2.68
N CYS E 523 17.04 25.63 1.89
CA CYS E 523 18.07 25.79 0.89
C CYS E 523 19.15 26.76 1.37
N LEU F 8 -22.23 -47.59 16.55
CA LEU F 8 -20.89 -47.32 17.14
C LEU F 8 -20.60 -48.26 18.30
N ALA F 9 -19.41 -48.83 18.32
CA ALA F 9 -19.00 -49.75 19.36
C ALA F 9 -19.24 -49.18 20.76
N SER F 10 -19.04 -50.01 21.77
CA SER F 10 -19.25 -49.62 23.15
C SER F 10 -18.04 -48.96 23.81
N THR F 11 -16.84 -49.29 23.33
CA THR F 11 -15.61 -48.73 23.89
C THR F 11 -14.93 -47.85 22.86
N MET F 12 -14.08 -46.93 23.31
CA MET F 12 -13.37 -46.07 22.38
C MET F 12 -12.48 -46.96 21.52
N GLU F 13 -11.84 -47.93 22.17
CA GLU F 13 -10.97 -48.86 21.46
C GLU F 13 -11.73 -49.58 20.35
N GLY F 14 -12.96 -50.00 20.65
CA GLY F 14 -13.75 -50.68 19.65
C GLY F 14 -14.16 -49.71 18.55
N ARG F 15 -14.40 -48.47 18.94
CA ARG F 15 -14.79 -47.47 17.95
C ARG F 15 -13.64 -47.21 17.00
N VAL F 16 -12.42 -47.24 17.54
CA VAL F 16 -11.24 -47.02 16.71
C VAL F 16 -11.08 -48.15 15.70
N GLU F 17 -11.26 -49.38 16.17
CA GLU F 17 -11.15 -50.56 15.31
C GLU F 17 -12.25 -50.46 14.25
N GLN F 18 -13.40 -50.00 14.68
CA GLN F 18 -14.56 -49.82 13.81
C GLN F 18 -14.19 -48.77 12.75
N LEU F 19 -13.59 -47.68 13.19
CA LEU F 19 -13.18 -46.62 12.27
C LEU F 19 -12.21 -47.20 11.25
N ALA F 20 -11.25 -48.00 11.72
CA ALA F 20 -10.28 -48.61 10.83
C ALA F 20 -10.97 -49.43 9.77
N GLU F 21 -12.01 -50.17 10.17
CA GLU F 21 -12.76 -50.99 9.21
C GLU F 21 -13.46 -50.16 8.15
N GLN F 22 -14.14 -49.11 8.61
CA GLN F 22 -14.85 -48.19 7.73
C GLN F 22 -13.88 -47.59 6.73
N ARG F 23 -12.73 -47.16 7.24
CA ARG F 23 -11.72 -46.54 6.40
C ARG F 23 -11.27 -47.49 5.30
N GLN F 24 -11.01 -48.75 5.65
CA GLN F 24 -10.57 -49.76 4.67
C GLN F 24 -11.61 -49.88 3.57
N VAL F 25 -12.88 -49.86 3.95
CA VAL F 25 -13.96 -49.95 2.99
C VAL F 25 -13.87 -48.77 2.01
N ILE F 26 -13.71 -47.56 2.55
CA ILE F 26 -13.60 -46.40 1.68
C ILE F 26 -12.39 -46.52 0.77
N GLU F 27 -11.24 -46.80 1.36
CA GLU F 27 -10.00 -46.93 0.59
C GLU F 27 -10.04 -48.04 -0.44
N ALA F 28 -11.04 -48.92 -0.34
CA ALA F 28 -11.19 -50.04 -1.27
C ALA F 28 -11.77 -49.52 -2.59
N GLY F 29 -12.28 -48.29 -2.54
CA GLY F 29 -12.85 -47.70 -3.73
C GLY F 29 -13.93 -48.55 -4.36
N GLY F 30 -13.82 -48.74 -5.67
CA GLY F 30 -14.80 -49.53 -6.40
C GLY F 30 -14.70 -51.03 -6.18
N GLY F 31 -13.87 -51.46 -5.25
CA GLY F 31 -13.75 -52.88 -4.98
C GLY F 31 -12.65 -53.61 -5.73
N GLU F 32 -12.27 -54.77 -5.17
CA GLU F 32 -11.21 -55.61 -5.71
C GLU F 32 -11.24 -55.80 -7.22
N ARG F 33 -12.43 -56.03 -7.76
CA ARG F 33 -12.58 -56.23 -9.19
C ARG F 33 -12.21 -55.00 -10.00
N ARG F 34 -12.74 -53.84 -9.62
CA ARG F 34 -12.42 -52.61 -10.34
C ARG F 34 -10.93 -52.36 -10.25
N VAL F 35 -10.38 -52.56 -9.06
CA VAL F 35 -8.97 -52.33 -8.80
C VAL F 35 -8.08 -53.21 -9.67
N GLU F 36 -8.45 -54.49 -9.79
CA GLU F 36 -7.67 -55.39 -10.62
C GLU F 36 -7.81 -54.99 -12.08
N LYS F 37 -9.00 -54.55 -12.48
CA LYS F 37 -9.18 -54.12 -13.87
C LYS F 37 -8.27 -52.89 -14.10
N GLN F 38 -8.30 -51.95 -13.17
CA GLN F 38 -7.47 -50.76 -13.28
C GLN F 38 -6.03 -51.23 -13.49
N HIS F 39 -5.57 -52.13 -12.62
CA HIS F 39 -4.22 -52.67 -12.71
C HIS F 39 -3.92 -53.42 -14.00
N SER F 40 -4.88 -54.21 -14.48
CA SER F 40 -4.67 -54.97 -15.71
C SER F 40 -4.50 -54.03 -16.89
N GLN F 41 -4.99 -52.80 -16.73
CA GLN F 41 -4.89 -51.83 -17.79
C GLN F 41 -3.55 -51.10 -17.66
N GLY F 42 -2.76 -51.52 -16.69
CA GLY F 42 -1.46 -50.89 -16.48
C GLY F 42 -1.55 -49.54 -15.78
N LYS F 43 -2.53 -49.42 -14.89
CA LYS F 43 -2.73 -48.18 -14.14
C LYS F 43 -2.70 -48.43 -12.64
N GLN F 44 -2.24 -47.45 -11.88
CA GLN F 44 -2.24 -47.58 -10.42
C GLN F 44 -3.61 -47.06 -10.01
N THR F 45 -4.00 -47.29 -8.77
CA THR F 45 -5.29 -46.82 -8.28
C THR F 45 -5.07 -45.38 -7.85
N ALA F 46 -6.16 -44.69 -7.52
CA ALA F 46 -6.06 -43.30 -7.09
C ALA F 46 -5.17 -43.18 -5.86
N ARG F 47 -5.29 -44.12 -4.94
CA ARG F 47 -4.50 -44.07 -3.73
C ARG F 47 -3.04 -44.49 -3.89
N GLU F 48 -2.76 -45.38 -4.84
CA GLU F 48 -1.39 -45.82 -5.07
C GLU F 48 -0.62 -44.65 -5.67
N ARG F 49 -1.29 -43.90 -6.55
CA ARG F 49 -0.69 -42.74 -7.19
C ARG F 49 -0.27 -41.73 -6.12
N LEU F 50 -1.17 -41.44 -5.19
CA LEU F 50 -0.85 -40.49 -4.12
C LEU F 50 0.27 -41.05 -3.24
N ASN F 51 0.22 -42.35 -2.94
CA ASN F 51 1.25 -42.94 -2.08
C ASN F 51 2.62 -42.96 -2.74
N ASN F 52 2.64 -43.06 -4.07
CA ASN F 52 3.90 -43.04 -4.80
C ASN F 52 4.39 -41.61 -5.04
N LEU F 53 3.46 -40.65 -5.07
CA LEU F 53 3.81 -39.25 -5.28
C LEU F 53 4.29 -38.58 -4.01
N LEU F 54 3.52 -38.75 -2.94
CA LEU F 54 3.82 -38.12 -1.64
C LEU F 54 4.86 -38.88 -0.84
N ASP F 55 5.55 -38.18 0.06
CA ASP F 55 6.56 -38.83 0.89
C ASP F 55 5.85 -39.88 1.73
N PRO F 56 6.57 -40.95 2.08
CA PRO F 56 5.93 -42.02 2.87
C PRO F 56 5.20 -41.50 4.10
N HIS F 57 3.97 -41.97 4.26
CA HIS F 57 3.12 -41.63 5.39
C HIS F 57 2.84 -40.15 5.56
N SER F 58 3.08 -39.36 4.51
CA SER F 58 2.83 -37.92 4.62
C SER F 58 1.40 -37.56 4.28
N PHE F 59 0.72 -38.42 3.52
CA PHE F 59 -0.65 -38.10 3.14
C PHE F 59 -1.61 -38.00 4.32
N ASP F 60 -2.32 -36.88 4.37
CA ASP F 60 -3.29 -36.63 5.41
C ASP F 60 -4.57 -36.33 4.63
N GLU F 61 -5.44 -37.33 4.57
CA GLU F 61 -6.67 -37.20 3.81
C GLU F 61 -7.80 -36.38 4.40
N VAL F 62 -8.46 -35.63 3.52
CA VAL F 62 -9.60 -34.82 3.88
C VAL F 62 -10.80 -35.34 3.11
N GLY F 63 -11.87 -35.65 3.83
CA GLY F 63 -13.08 -36.11 3.15
C GLY F 63 -13.14 -37.56 2.69
N ALA F 64 -12.39 -38.45 3.33
CA ALA F 64 -12.48 -39.85 2.94
C ALA F 64 -13.94 -40.28 3.16
N PHE F 65 -14.54 -39.79 4.25
CA PHE F 65 -15.92 -40.13 4.59
C PHE F 65 -16.94 -39.14 4.06
N ARG F 66 -16.51 -38.25 3.18
CA ARG F 66 -17.41 -37.26 2.58
C ARG F 66 -18.30 -38.02 1.60
N LYS F 67 -19.59 -37.73 1.59
CA LYS F 67 -20.52 -38.41 0.69
C LYS F 67 -21.36 -37.43 -0.13
N HIS F 68 -21.75 -37.86 -1.32
CA HIS F 68 -22.57 -37.03 -2.19
C HIS F 68 -23.93 -36.81 -1.52
N ARG F 69 -24.61 -35.76 -1.93
CA ARG F 69 -25.92 -35.43 -1.38
C ARG F 69 -27.01 -35.59 -2.42
N THR F 70 -26.59 -35.82 -3.66
CA THR F 70 -27.52 -36.01 -4.77
C THR F 70 -28.39 -37.24 -4.54
N THR F 71 -29.57 -37.26 -5.16
CA THR F 71 -30.49 -38.37 -4.99
C THR F 71 -31.19 -38.86 -6.25
N LEU F 72 -31.24 -38.03 -7.28
CA LEU F 72 -31.91 -38.42 -8.50
C LEU F 72 -31.21 -39.53 -9.27
N PHE F 73 -32.00 -40.26 -10.04
CA PHE F 73 -31.52 -41.36 -10.88
C PHE F 73 -30.56 -42.34 -10.23
N GLY F 74 -30.94 -42.86 -9.08
CA GLY F 74 -30.12 -43.85 -8.39
C GLY F 74 -29.05 -43.37 -7.45
N MET F 75 -28.80 -42.06 -7.40
CA MET F 75 -27.77 -41.55 -6.51
C MET F 75 -28.13 -41.72 -5.03
N ASP F 76 -29.42 -41.73 -4.72
CA ASP F 76 -29.84 -41.89 -3.34
C ASP F 76 -29.40 -43.25 -2.78
N LYS F 77 -29.30 -44.25 -3.64
CA LYS F 77 -28.90 -45.58 -3.19
C LYS F 77 -27.48 -45.96 -3.61
N ALA F 78 -26.80 -45.08 -4.34
CA ALA F 78 -25.45 -45.37 -4.78
C ALA F 78 -24.44 -45.17 -3.66
N VAL F 79 -23.54 -46.16 -3.51
CA VAL F 79 -22.47 -46.09 -2.51
C VAL F 79 -21.28 -45.59 -3.33
N VAL F 80 -20.82 -44.38 -3.03
CA VAL F 80 -19.73 -43.76 -3.78
C VAL F 80 -18.65 -43.27 -2.83
N PRO F 81 -17.69 -44.14 -2.47
CA PRO F 81 -16.56 -43.86 -1.57
C PRO F 81 -15.82 -42.57 -1.91
N ALA F 82 -15.73 -41.66 -0.94
CA ALA F 82 -15.05 -40.37 -1.08
C ALA F 82 -15.53 -39.63 -2.33
N ASP F 83 -16.70 -40.03 -2.81
CA ASP F 83 -17.33 -39.50 -4.01
C ASP F 83 -16.43 -39.57 -5.24
N GLY F 84 -15.46 -40.48 -5.22
CA GLY F 84 -14.60 -40.66 -6.38
C GLY F 84 -13.31 -39.87 -6.46
N VAL F 85 -12.95 -39.18 -5.39
CA VAL F 85 -11.69 -38.45 -5.43
C VAL F 85 -11.06 -38.51 -4.05
N VAL F 86 -9.75 -38.72 -4.04
CA VAL F 86 -9.03 -38.77 -2.79
C VAL F 86 -8.31 -37.44 -2.71
N THR F 87 -8.61 -36.68 -1.66
CA THR F 87 -8.04 -35.35 -1.48
C THR F 87 -7.41 -35.17 -0.13
N GLY F 88 -6.37 -34.34 -0.10
CA GLY F 88 -5.71 -34.07 1.15
C GLY F 88 -4.43 -33.31 0.94
N ARG F 89 -3.60 -33.34 1.96
CA ARG F 89 -2.32 -32.69 1.91
C ARG F 89 -1.29 -33.74 2.26
N GLY F 90 -0.05 -33.44 1.93
CA GLY F 90 1.05 -34.35 2.22
C GLY F 90 2.31 -33.57 1.92
N THR F 91 3.41 -34.27 1.71
CA THR F 91 4.63 -33.58 1.40
C THR F 91 5.32 -34.29 0.28
N ILE F 92 6.11 -33.54 -0.46
CA ILE F 92 6.89 -34.09 -1.55
C ILE F 92 8.26 -33.57 -1.19
N LEU F 93 9.14 -34.50 -0.84
CA LEU F 93 10.48 -34.13 -0.43
C LEU F 93 10.42 -33.09 0.68
N GLY F 94 9.50 -33.30 1.61
CA GLY F 94 9.37 -32.40 2.74
C GLY F 94 8.52 -31.17 2.48
N ARG F 95 8.22 -30.89 1.22
CA ARG F 95 7.43 -29.71 0.89
C ARG F 95 5.94 -29.96 1.02
N PRO F 96 5.25 -29.12 1.81
CA PRO F 96 3.80 -29.31 1.95
C PRO F 96 3.12 -29.09 0.61
N VAL F 97 2.24 -30.00 0.22
CA VAL F 97 1.49 -29.86 -1.03
C VAL F 97 0.08 -30.32 -0.76
N HIS F 98 -0.82 -30.00 -1.69
CA HIS F 98 -2.20 -30.46 -1.58
C HIS F 98 -2.35 -31.31 -2.82
N ALA F 99 -3.19 -32.33 -2.74
CA ALA F 99 -3.35 -33.20 -3.88
C ALA F 99 -4.74 -33.79 -3.96
N ALA F 100 -5.09 -34.24 -5.16
CA ALA F 100 -6.37 -34.86 -5.43
C ALA F 100 -6.06 -36.00 -6.39
N SER F 101 -6.81 -37.09 -6.30
CA SER F 101 -6.56 -38.23 -7.15
C SER F 101 -7.93 -38.84 -7.44
N GLN F 102 -8.41 -38.70 -8.67
CA GLN F 102 -9.70 -39.23 -9.05
C GLN F 102 -9.65 -40.75 -9.10
N ASP F 103 -10.67 -41.36 -8.52
CA ASP F 103 -10.76 -42.80 -8.43
C ASP F 103 -11.67 -43.31 -9.53
N PHE F 104 -11.08 -43.82 -10.60
CA PHE F 104 -11.85 -44.33 -11.71
C PHE F 104 -12.70 -45.55 -11.34
N THR F 105 -12.31 -46.26 -10.28
CA THR F 105 -13.07 -47.44 -9.88
C THR F 105 -14.41 -47.07 -9.23
N VAL F 106 -14.59 -45.78 -8.95
CA VAL F 106 -15.84 -45.33 -8.33
C VAL F 106 -16.65 -44.54 -9.33
N MET F 107 -17.72 -45.16 -9.84
CA MET F 107 -18.57 -44.54 -10.83
C MET F 107 -17.78 -43.94 -11.98
N GLY F 108 -16.78 -44.70 -12.43
CA GLY F 108 -15.95 -44.27 -13.55
C GLY F 108 -15.28 -42.95 -13.31
N GLY F 109 -15.07 -42.62 -12.04
CA GLY F 109 -14.45 -41.36 -11.68
C GLY F 109 -15.28 -40.19 -12.18
N SER F 110 -16.56 -40.44 -12.43
CA SER F 110 -17.45 -39.39 -12.92
C SER F 110 -17.38 -38.21 -11.97
N ALA F 111 -17.51 -37.01 -12.53
CA ALA F 111 -17.42 -35.78 -11.76
C ALA F 111 -18.62 -35.46 -10.88
N GLY F 112 -18.68 -36.11 -9.73
CA GLY F 112 -19.77 -35.85 -8.81
C GLY F 112 -19.71 -34.42 -8.32
N GLU F 113 -20.85 -33.88 -7.91
CA GLU F 113 -20.95 -32.52 -7.39
C GLU F 113 -20.06 -32.43 -6.14
N THR F 114 -20.20 -33.38 -5.23
CA THR F 114 -19.42 -33.39 -4.01
C THR F 114 -17.94 -33.62 -4.32
N GLN F 115 -17.68 -34.42 -5.35
CA GLN F 115 -16.31 -34.73 -5.78
C GLN F 115 -15.62 -33.41 -6.15
N SER F 116 -16.26 -32.64 -7.03
CA SER F 116 -15.69 -31.37 -7.46
C SER F 116 -15.52 -30.40 -6.29
N THR F 117 -16.43 -30.47 -5.31
CA THR F 117 -16.38 -29.63 -4.11
C THR F 117 -15.19 -29.99 -3.23
N LYS F 118 -14.90 -31.28 -3.13
CA LYS F 118 -13.75 -31.73 -2.35
C LYS F 118 -12.49 -31.19 -3.01
N VAL F 119 -12.45 -31.26 -4.33
CA VAL F 119 -11.30 -30.78 -5.07
C VAL F 119 -11.13 -29.27 -4.87
N VAL F 120 -12.21 -28.52 -5.08
CA VAL F 120 -12.16 -27.06 -4.91
C VAL F 120 -11.71 -26.68 -3.50
N GLU F 121 -12.24 -27.38 -2.49
CA GLU F 121 -11.84 -27.07 -1.12
C GLU F 121 -10.35 -27.30 -0.96
N THR F 122 -9.85 -28.38 -1.54
CA THR F 122 -8.43 -28.71 -1.47
C THR F 122 -7.66 -27.61 -2.19
N MET F 123 -8.18 -27.18 -3.34
CA MET F 123 -7.53 -26.11 -4.10
C MET F 123 -7.51 -24.81 -3.30
N GLU F 124 -8.63 -24.51 -2.63
CA GLU F 124 -8.72 -23.31 -1.82
C GLU F 124 -7.72 -23.40 -0.67
N GLN F 125 -7.48 -24.61 -0.16
CA GLN F 125 -6.51 -24.79 0.91
C GLN F 125 -5.11 -24.52 0.35
N ALA F 126 -4.85 -25.02 -0.86
CA ALA F 126 -3.55 -24.82 -1.47
C ALA F 126 -3.30 -23.32 -1.67
N LEU F 127 -4.35 -22.62 -2.08
CA LEU F 127 -4.28 -21.17 -2.32
C LEU F 127 -4.05 -20.45 -0.99
N LEU F 128 -4.86 -20.79 0.01
CA LEU F 128 -4.78 -20.20 1.33
C LEU F 128 -3.43 -20.39 2.01
N THR F 129 -2.81 -21.56 1.81
CA THR F 129 -1.52 -21.86 2.43
C THR F 129 -0.34 -21.63 1.49
N GLY F 130 -0.64 -21.24 0.26
CA GLY F 130 0.43 -21.01 -0.71
C GLY F 130 1.24 -22.26 -0.98
N THR F 131 0.56 -23.36 -1.27
CA THR F 131 1.27 -24.59 -1.56
C THR F 131 0.84 -25.16 -2.91
N PRO F 132 1.74 -25.93 -3.55
CA PRO F 132 1.45 -26.54 -4.85
C PRO F 132 0.20 -27.41 -4.79
N PHE F 133 -0.44 -27.61 -5.94
CA PHE F 133 -1.61 -28.45 -6.02
C PHE F 133 -1.43 -29.40 -7.19
N LEU F 134 -1.46 -30.71 -6.90
CA LEU F 134 -1.29 -31.74 -7.90
C LEU F 134 -2.58 -32.55 -7.95
N PHE F 135 -2.99 -32.90 -9.17
CA PHE F 135 -4.24 -33.60 -9.36
C PHE F 135 -4.10 -34.70 -10.40
N PHE F 136 -4.41 -35.93 -9.99
CA PHE F 136 -4.41 -37.06 -10.90
C PHE F 136 -5.84 -37.16 -11.44
N TYR F 137 -6.00 -37.04 -12.75
CA TYR F 137 -7.30 -37.13 -13.40
C TYR F 137 -7.45 -38.53 -13.97
N ASP F 138 -8.64 -39.09 -13.83
CA ASP F 138 -8.93 -40.45 -14.27
C ASP F 138 -10.45 -40.47 -14.13
N SER F 139 -11.13 -39.97 -15.17
CA SER F 139 -12.57 -39.84 -15.11
C SER F 139 -13.30 -40.02 -16.44
N GLY F 140 -14.44 -40.72 -16.36
CA GLY F 140 -15.23 -40.96 -17.55
C GLY F 140 -16.04 -39.73 -17.94
N GLY F 141 -15.95 -38.66 -17.16
CA GLY F 141 -16.68 -37.47 -17.52
C GLY F 141 -17.68 -37.01 -16.48
N ALA F 142 -18.68 -36.27 -16.95
CA ALA F 142 -19.72 -35.74 -16.06
C ALA F 142 -20.54 -36.88 -15.47
N ARG F 143 -21.06 -36.64 -14.27
CA ARG F 143 -21.91 -37.65 -13.65
C ARG F 143 -23.31 -37.22 -14.08
N ILE F 144 -23.72 -37.71 -15.25
CA ILE F 144 -25.01 -37.37 -15.85
C ILE F 144 -26.20 -37.48 -14.89
N GLN F 145 -26.15 -38.46 -13.99
CA GLN F 145 -27.24 -38.66 -13.03
C GLN F 145 -27.48 -37.44 -12.14
N GLU F 146 -26.45 -36.61 -11.95
CA GLU F 146 -26.59 -35.45 -11.09
C GLU F 146 -26.90 -34.19 -11.90
N GLY F 147 -27.03 -34.36 -13.21
CA GLY F 147 -27.36 -33.26 -14.09
C GLY F 147 -26.60 -31.97 -13.84
N ILE F 148 -27.32 -30.88 -13.66
CA ILE F 148 -26.65 -29.60 -13.45
C ILE F 148 -25.82 -29.50 -12.18
N ASP F 149 -26.01 -30.43 -11.23
CA ASP F 149 -25.20 -30.41 -10.01
C ASP F 149 -23.79 -30.80 -10.42
N SER F 150 -23.67 -31.72 -11.37
CA SER F 150 -22.35 -32.12 -11.83
C SER F 150 -21.79 -30.94 -12.61
N LEU F 151 -22.64 -30.34 -13.43
CA LEU F 151 -22.27 -29.19 -14.24
C LEU F 151 -21.68 -28.11 -13.34
N SER F 152 -22.41 -27.76 -12.28
CA SER F 152 -21.96 -26.71 -11.35
C SER F 152 -20.61 -27.02 -10.74
N GLY F 153 -20.41 -28.28 -10.38
CA GLY F 153 -19.15 -28.69 -9.79
C GLY F 153 -17.99 -28.35 -10.70
N TYR F 154 -18.15 -28.56 -12.00
CA TYR F 154 -17.06 -28.25 -12.94
C TYR F 154 -16.80 -26.75 -12.94
N GLY F 155 -17.88 -25.97 -13.00
CA GLY F 155 -17.74 -24.52 -13.01
C GLY F 155 -16.93 -24.04 -11.81
N LYS F 156 -17.25 -24.56 -10.64
CA LYS F 156 -16.52 -24.18 -9.43
C LYS F 156 -15.06 -24.60 -9.55
N MET F 157 -14.82 -25.77 -10.12
CA MET F 157 -13.44 -26.20 -10.25
C MET F 157 -12.67 -25.30 -11.21
N PHE F 158 -13.28 -24.99 -12.36
CA PHE F 158 -12.62 -24.15 -13.36
C PHE F 158 -12.32 -22.80 -12.74
N PHE F 159 -13.31 -22.22 -12.09
CA PHE F 159 -13.12 -20.93 -11.43
C PHE F 159 -11.97 -21.00 -10.41
N ALA F 160 -11.88 -22.11 -9.70
CA ALA F 160 -10.82 -22.29 -8.72
C ALA F 160 -9.45 -22.44 -9.38
N ASN F 161 -9.39 -23.14 -10.51
CA ASN F 161 -8.12 -23.34 -11.22
C ASN F 161 -7.57 -21.97 -11.59
N VAL F 162 -8.46 -21.10 -12.08
CA VAL F 162 -8.08 -19.75 -12.49
C VAL F 162 -7.67 -18.93 -11.29
N LYS F 163 -8.38 -19.11 -10.19
CA LYS F 163 -8.07 -18.40 -8.96
C LYS F 163 -6.65 -18.75 -8.52
N LEU F 164 -6.30 -20.03 -8.62
CA LEU F 164 -4.98 -20.47 -8.24
C LEU F 164 -3.90 -20.15 -9.28
N SER F 165 -4.32 -19.91 -10.51
CA SER F 165 -3.40 -19.66 -11.60
C SER F 165 -2.42 -18.55 -11.30
N GLY F 166 -1.13 -18.87 -11.42
CA GLY F 166 -0.12 -17.88 -11.15
C GLY F 166 0.13 -17.61 -9.68
N VAL F 167 -0.52 -18.35 -8.78
CA VAL F 167 -0.31 -18.15 -7.34
C VAL F 167 0.43 -19.35 -6.74
N VAL F 168 -0.06 -20.56 -7.02
CA VAL F 168 0.60 -21.79 -6.58
C VAL F 168 0.69 -22.66 -7.83
N PRO F 169 1.78 -23.42 -8.00
CA PRO F 169 1.90 -24.25 -9.18
C PRO F 169 0.80 -25.30 -9.18
N GLN F 170 0.22 -25.54 -10.35
CA GLN F 170 -0.82 -26.54 -10.50
C GLN F 170 -0.36 -27.55 -11.54
N ILE F 171 -0.25 -28.81 -11.11
CA ILE F 171 0.19 -29.87 -12.01
C ILE F 171 -0.94 -30.88 -12.17
N ALA F 172 -1.30 -31.16 -13.41
CA ALA F 172 -2.34 -32.11 -13.75
C ALA F 172 -1.68 -33.38 -14.29
N ILE F 173 -2.09 -34.53 -13.79
CA ILE F 173 -1.55 -35.78 -14.33
C ILE F 173 -2.75 -36.53 -14.87
N ILE F 174 -2.83 -36.64 -16.19
CA ILE F 174 -3.95 -37.35 -16.81
C ILE F 174 -3.47 -38.80 -16.87
N ALA F 175 -4.09 -39.65 -16.07
CA ALA F 175 -3.68 -41.04 -15.96
C ALA F 175 -4.77 -42.03 -16.34
N GLY F 176 -5.70 -41.55 -17.14
CA GLY F 176 -6.80 -42.36 -17.60
C GLY F 176 -7.69 -41.48 -18.45
N PRO F 177 -8.99 -41.77 -18.54
CA PRO F 177 -9.81 -40.89 -19.39
C PRO F 177 -9.98 -39.54 -18.72
N CYS F 178 -10.39 -38.56 -19.52
CA CYS F 178 -10.67 -37.22 -19.07
C CYS F 178 -11.42 -36.73 -20.29
N ALA F 179 -12.70 -37.08 -20.34
CA ALA F 179 -13.55 -36.76 -21.47
C ALA F 179 -14.53 -35.63 -21.22
N GLY F 180 -14.74 -34.82 -22.25
CA GLY F 180 -15.68 -33.72 -22.11
C GLY F 180 -15.09 -32.46 -21.48
N GLY F 181 -15.98 -31.60 -20.98
CA GLY F 181 -15.56 -30.35 -20.38
C GLY F 181 -14.58 -30.52 -19.24
N ALA F 182 -14.50 -31.72 -18.67
CA ALA F 182 -13.57 -31.99 -17.59
C ALA F 182 -12.17 -31.56 -17.99
N SER F 183 -11.86 -31.74 -19.28
CA SER F 183 -10.55 -31.40 -19.82
C SER F 183 -10.12 -29.95 -19.60
N TYR F 184 -11.08 -29.06 -19.37
CA TYR F 184 -10.74 -27.66 -19.16
C TYR F 184 -10.01 -27.43 -17.84
N SER F 185 -10.20 -28.31 -16.87
CA SER F 185 -9.51 -28.12 -15.61
C SER F 185 -8.02 -28.28 -15.85
N PRO F 186 -7.60 -29.42 -16.44
CA PRO F 186 -6.18 -29.63 -16.72
C PRO F 186 -5.63 -28.47 -17.56
N ALA F 187 -6.44 -27.99 -18.50
CA ALA F 187 -6.03 -26.88 -19.38
C ALA F 187 -5.76 -25.60 -18.59
N LEU F 188 -6.44 -25.45 -17.45
CA LEU F 188 -6.28 -24.27 -16.61
C LEU F 188 -5.15 -24.43 -15.59
N THR F 189 -4.61 -25.64 -15.47
CA THR F 189 -3.49 -25.85 -14.56
C THR F 189 -2.26 -25.42 -15.35
N ASP F 190 -1.09 -25.52 -14.74
CA ASP F 190 0.14 -25.11 -15.41
C ASP F 190 0.78 -26.16 -16.31
N PHE F 191 0.82 -27.40 -15.84
CA PHE F 191 1.41 -28.46 -16.63
C PHE F 191 0.56 -29.71 -16.63
N ILE F 192 0.42 -30.30 -17.81
CA ILE F 192 -0.32 -31.53 -17.91
C ILE F 192 0.66 -32.65 -18.25
N ILE F 193 0.76 -33.63 -17.37
CA ILE F 193 1.60 -34.79 -17.59
C ILE F 193 0.54 -35.82 -18.00
N MET F 194 0.68 -36.41 -19.19
CA MET F 194 -0.30 -37.37 -19.65
C MET F 194 0.33 -38.74 -19.91
N THR F 195 -0.25 -39.80 -19.35
CA THR F 195 0.31 -41.15 -19.55
C THR F 195 -0.17 -41.70 -20.89
N LYS F 196 0.53 -42.70 -21.41
CA LYS F 196 0.11 -43.29 -22.69
C LYS F 196 -1.17 -44.09 -22.50
N LYS F 197 -1.59 -44.26 -21.24
CA LYS F 197 -2.84 -44.97 -20.96
C LYS F 197 -4.04 -44.01 -20.93
N ALA F 198 -3.76 -42.71 -20.98
CA ALA F 198 -4.82 -41.71 -20.90
C ALA F 198 -5.38 -41.24 -22.23
N HIS F 199 -6.55 -40.61 -22.16
CA HIS F 199 -7.20 -40.03 -23.34
C HIS F 199 -7.94 -38.78 -22.90
N MET F 200 -8.04 -37.83 -23.81
CA MET F 200 -8.69 -36.59 -23.49
C MET F 200 -9.20 -35.92 -24.75
N PHE F 201 -10.38 -35.32 -24.65
CA PHE F 201 -11.01 -34.60 -25.74
C PHE F 201 -12.27 -33.95 -25.21
N ILE F 202 -12.72 -32.89 -25.89
CA ILE F 202 -13.93 -32.21 -25.48
C ILE F 202 -15.10 -33.00 -26.03
N THR F 203 -15.03 -33.34 -27.31
CA THR F 203 -16.05 -34.10 -27.99
C THR F 203 -15.44 -35.44 -28.40
N GLY F 204 -16.10 -36.54 -28.03
CA GLY F 204 -15.60 -37.87 -28.33
C GLY F 204 -15.78 -38.37 -29.75
N PRO F 205 -15.11 -39.48 -30.12
CA PRO F 205 -15.19 -40.06 -31.47
C PRO F 205 -16.61 -40.40 -31.90
N GLN F 206 -17.42 -40.86 -30.95
CA GLN F 206 -18.81 -41.20 -31.26
C GLN F 206 -19.59 -39.98 -31.73
N VAL F 207 -19.60 -38.93 -30.92
CA VAL F 207 -20.31 -37.71 -31.29
C VAL F 207 -19.73 -37.12 -32.57
N ILE F 208 -18.40 -37.16 -32.69
CA ILE F 208 -17.74 -36.63 -33.87
C ILE F 208 -18.24 -37.37 -35.11
N LYS F 209 -18.15 -38.69 -35.08
CA LYS F 209 -18.61 -39.51 -36.20
C LYS F 209 -20.06 -39.15 -36.49
N SER F 210 -20.88 -39.21 -35.44
CA SER F 210 -22.30 -38.91 -35.55
C SER F 210 -22.63 -37.52 -36.10
N VAL F 211 -21.70 -36.57 -35.98
CA VAL F 211 -21.95 -35.21 -36.47
C VAL F 211 -21.28 -34.82 -37.78
N THR F 212 -20.03 -35.21 -37.95
CA THR F 212 -19.30 -34.85 -39.17
C THR F 212 -19.05 -36.02 -40.10
N GLY F 213 -19.26 -37.24 -39.61
CA GLY F 213 -19.04 -38.43 -40.40
C GLY F 213 -17.57 -38.84 -40.35
N GLU F 214 -16.78 -38.08 -39.60
CA GLU F 214 -15.35 -38.36 -39.46
C GLU F 214 -15.08 -39.60 -38.62
N ASP F 215 -14.17 -40.43 -39.09
CA ASP F 215 -13.80 -41.65 -38.38
C ASP F 215 -12.47 -41.41 -37.67
N VAL F 216 -12.45 -41.70 -36.38
CA VAL F 216 -11.24 -41.53 -35.59
C VAL F 216 -11.36 -42.33 -34.32
N THR F 217 -10.24 -42.89 -33.86
CA THR F 217 -10.22 -43.67 -32.63
C THR F 217 -9.96 -42.72 -31.45
N ALA F 218 -10.32 -43.17 -30.25
CA ALA F 218 -10.09 -42.34 -29.07
C ALA F 218 -8.59 -42.02 -28.98
N ASP F 219 -7.75 -43.03 -29.20
CA ASP F 219 -6.31 -42.83 -29.12
C ASP F 219 -5.81 -41.89 -30.20
N GLU F 220 -6.39 -41.99 -31.40
CA GLU F 220 -5.97 -41.11 -32.48
C GLU F 220 -6.42 -39.68 -32.21
N LEU F 221 -7.62 -39.53 -31.65
CA LEU F 221 -8.19 -38.22 -31.37
C LEU F 221 -7.56 -37.54 -30.16
N GLY F 222 -7.42 -38.28 -29.07
CA GLY F 222 -6.89 -37.71 -27.85
C GLY F 222 -5.93 -38.52 -27.02
N GLY F 223 -5.18 -39.41 -27.67
CA GLY F 223 -4.20 -40.17 -26.92
C GLY F 223 -3.11 -39.17 -26.58
N ALA F 224 -2.16 -39.55 -25.73
CA ALA F 224 -1.10 -38.62 -25.35
C ALA F 224 -0.31 -38.04 -26.53
N GLU F 225 0.04 -38.87 -27.49
CA GLU F 225 0.82 -38.38 -28.62
C GLU F 225 0.09 -37.33 -29.45
N ALA F 226 -1.21 -37.51 -29.61
CA ALA F 226 -1.99 -36.54 -30.39
C ALA F 226 -2.00 -35.17 -29.70
N HIS F 227 -2.18 -35.17 -28.38
CA HIS F 227 -2.22 -33.92 -27.63
C HIS F 227 -0.88 -33.24 -27.61
N MET F 228 0.17 -34.05 -27.50
CA MET F 228 1.52 -33.53 -27.45
C MET F 228 1.96 -32.93 -28.78
N ALA F 229 1.90 -33.73 -29.82
CA ALA F 229 2.37 -33.31 -31.13
C ALA F 229 1.43 -32.49 -32.00
N ILE F 230 0.13 -32.72 -31.86
CA ILE F 230 -0.80 -31.99 -32.72
C ILE F 230 -1.56 -30.86 -32.07
N SER F 231 -2.27 -31.18 -30.99
CA SER F 231 -3.11 -30.23 -30.28
C SER F 231 -2.41 -29.17 -29.44
N GLY F 232 -1.20 -29.47 -28.97
CA GLY F 232 -0.45 -28.54 -28.15
C GLY F 232 -1.07 -28.37 -26.77
N ASN F 233 -1.85 -29.37 -26.35
CA ASN F 233 -2.54 -29.33 -25.06
C ASN F 233 -1.73 -29.76 -23.83
N ILE F 234 -0.74 -30.62 -24.03
CA ILE F 234 -0.01 -31.13 -22.88
C ILE F 234 1.46 -30.84 -22.82
N HIS F 235 2.04 -31.05 -21.65
CA HIS F 235 3.43 -30.73 -21.44
C HIS F 235 4.40 -31.91 -21.35
N PHE F 236 3.92 -33.07 -20.87
CA PHE F 236 4.77 -34.24 -20.80
C PHE F 236 4.00 -35.50 -21.12
N VAL F 237 4.65 -36.42 -21.83
CA VAL F 237 4.04 -37.70 -22.16
C VAL F 237 4.76 -38.69 -21.24
N ALA F 238 4.01 -39.43 -20.44
CA ALA F 238 4.63 -40.38 -19.52
C ALA F 238 4.31 -41.78 -19.98
N GLU F 239 5.28 -42.69 -19.85
CA GLU F 239 5.08 -44.07 -20.26
C GLU F 239 3.91 -44.65 -19.48
N ASP F 240 3.95 -44.47 -18.16
CA ASP F 240 2.92 -45.00 -17.30
C ASP F 240 2.85 -44.18 -16.02
N ASP F 241 2.03 -44.61 -15.06
CA ASP F 241 1.90 -43.84 -13.81
C ASP F 241 3.21 -43.65 -13.04
N ASP F 242 4.05 -44.68 -13.02
CA ASP F 242 5.35 -44.58 -12.32
C ASP F 242 6.13 -43.44 -12.96
N ALA F 243 6.18 -43.45 -14.29
CA ALA F 243 6.93 -42.42 -14.98
C ALA F 243 6.31 -41.04 -14.74
N ALA F 244 4.97 -40.98 -14.70
CA ALA F 244 4.28 -39.70 -14.49
C ALA F 244 4.61 -39.15 -13.12
N GLU F 245 4.68 -40.04 -12.14
CA GLU F 245 4.98 -39.63 -10.78
C GLU F 245 6.40 -39.08 -10.68
N LEU F 246 7.34 -39.74 -11.35
CA LEU F 246 8.74 -39.30 -11.37
C LEU F 246 8.79 -37.95 -12.07
N ILE F 247 8.06 -37.81 -13.18
CA ILE F 247 8.05 -36.54 -13.90
C ILE F 247 7.42 -35.43 -13.03
N ALA F 248 6.36 -35.75 -12.29
CA ALA F 248 5.70 -34.75 -11.45
C ALA F 248 6.68 -34.26 -10.40
N LYS F 249 7.40 -35.18 -9.80
CA LYS F 249 8.37 -34.82 -8.77
C LYS F 249 9.55 -34.04 -9.35
N LYS F 250 10.03 -34.45 -10.53
CA LYS F 250 11.16 -33.77 -11.16
C LYS F 250 10.70 -32.34 -11.51
N LEU F 251 9.54 -32.24 -12.13
CA LEU F 251 8.99 -30.93 -12.49
C LEU F 251 8.88 -30.05 -11.25
N LEU F 252 8.22 -30.58 -10.22
CA LEU F 252 8.02 -29.80 -9.00
C LEU F 252 9.34 -29.32 -8.38
N SER F 253 10.38 -30.13 -8.50
CA SER F 253 11.67 -29.76 -7.91
C SER F 253 12.21 -28.44 -8.44
N PHE F 254 11.75 -28.02 -9.62
CA PHE F 254 12.21 -26.75 -10.20
C PHE F 254 11.37 -25.56 -9.76
N LEU F 255 10.26 -25.84 -9.09
CA LEU F 255 9.32 -24.80 -8.71
C LEU F 255 9.24 -24.40 -7.26
N PRO F 256 8.86 -23.14 -7.01
CA PRO F 256 8.72 -22.61 -5.65
C PRO F 256 7.35 -23.10 -5.17
N GLN F 257 7.06 -22.93 -3.89
CA GLN F 257 5.77 -23.34 -3.34
C GLN F 257 4.66 -22.44 -3.86
N ASN F 258 4.98 -21.16 -4.10
CA ASN F 258 3.97 -20.21 -4.56
C ASN F 258 4.66 -18.99 -5.19
N ASN F 259 3.86 -18.04 -5.70
CA ASN F 259 4.42 -16.86 -6.38
C ASN F 259 5.18 -15.84 -5.54
N THR F 260 5.30 -16.05 -4.25
CA THR F 260 6.03 -15.11 -3.41
C THR F 260 7.45 -15.59 -3.20
N GLU F 261 7.77 -16.75 -3.76
CA GLU F 261 9.09 -17.30 -3.56
C GLU F 261 9.80 -17.72 -4.83
N GLU F 262 11.12 -17.89 -4.70
CA GLU F 262 11.91 -18.39 -5.82
C GLU F 262 12.18 -19.84 -5.40
N ALA F 263 12.32 -20.73 -6.37
CA ALA F 263 12.55 -22.14 -6.07
C ALA F 263 13.84 -22.35 -5.26
N SER F 264 13.80 -23.29 -4.32
CA SER F 264 14.97 -23.57 -3.51
C SER F 264 16.00 -24.18 -4.46
N PHE F 265 17.26 -23.87 -4.24
CA PHE F 265 18.32 -24.40 -5.07
C PHE F 265 18.45 -25.89 -4.83
N VAL F 266 18.83 -26.62 -5.88
CA VAL F 266 19.01 -28.05 -5.76
C VAL F 266 20.34 -28.49 -6.36
N ASN F 267 21.03 -29.35 -5.59
CA ASN F 267 22.31 -29.92 -6.00
C ASN F 267 23.10 -28.98 -6.91
N PRO F 268 23.52 -27.82 -6.36
CA PRO F 268 24.28 -26.87 -7.17
C PRO F 268 25.64 -27.34 -7.65
N ASN F 269 25.92 -27.11 -8.92
CA ASN F 269 27.24 -27.45 -9.43
C ASN F 269 27.79 -26.03 -9.62
N ASN F 270 28.80 -25.67 -8.85
CA ASN F 270 29.32 -24.32 -8.94
C ASN F 270 30.43 -24.10 -9.96
N ASP F 271 30.82 -25.13 -10.69
CA ASP F 271 31.85 -24.99 -11.69
C ASP F 271 31.32 -24.14 -12.83
N VAL F 272 32.14 -23.20 -13.31
CA VAL F 272 31.73 -22.37 -14.43
C VAL F 272 32.91 -22.21 -15.39
N SER F 273 33.84 -23.16 -15.31
CA SER F 273 35.02 -23.20 -16.16
C SER F 273 34.60 -23.21 -17.63
N PRO F 274 35.44 -22.66 -18.51
CA PRO F 274 35.12 -22.63 -19.94
C PRO F 274 35.06 -24.04 -20.52
N ASN F 275 34.33 -24.18 -21.61
CA ASN F 275 34.22 -25.46 -22.31
C ASN F 275 34.32 -25.16 -23.80
N THR F 276 35.50 -25.40 -24.38
CA THR F 276 35.69 -25.11 -25.79
C THR F 276 34.79 -25.92 -26.72
N GLU F 277 34.18 -26.99 -26.21
CA GLU F 277 33.27 -27.79 -27.05
C GLU F 277 32.10 -26.94 -27.54
N LEU F 278 31.71 -25.93 -26.76
CA LEU F 278 30.59 -25.05 -27.12
C LEU F 278 30.85 -24.32 -28.44
N ARG F 279 32.13 -24.10 -28.76
CA ARG F 279 32.50 -23.40 -29.97
C ARG F 279 32.19 -24.18 -31.23
N ASP F 280 32.11 -25.49 -31.11
CA ASP F 280 31.90 -26.33 -32.30
C ASP F 280 30.49 -26.83 -32.58
N ILE F 281 29.60 -26.69 -31.61
CA ILE F 281 28.24 -27.16 -31.79
C ILE F 281 27.49 -26.43 -32.89
N VAL F 282 27.56 -25.10 -32.87
CA VAL F 282 26.85 -24.28 -33.85
C VAL F 282 27.73 -24.06 -35.10
N PRO F 283 27.32 -24.61 -36.25
CA PRO F 283 28.08 -24.48 -37.50
C PRO F 283 28.18 -23.05 -37.99
N ILE F 284 29.35 -22.69 -38.55
CA ILE F 284 29.54 -21.36 -39.08
C ILE F 284 28.66 -21.27 -40.33
N ASP F 285 28.45 -22.42 -40.97
CA ASP F 285 27.60 -22.48 -42.17
C ASP F 285 26.15 -22.36 -41.74
N GLY F 286 25.53 -21.24 -42.09
CA GLY F 286 24.14 -21.00 -41.72
C GLY F 286 23.14 -21.97 -42.29
N LYS F 287 23.51 -22.70 -43.32
CA LYS F 287 22.61 -23.65 -43.94
C LYS F 287 22.61 -24.98 -43.17
N LYS F 288 23.53 -25.12 -42.22
CA LYS F 288 23.60 -26.34 -41.43
C LYS F 288 22.99 -26.14 -40.04
N GLY F 289 22.14 -27.10 -39.64
CA GLY F 289 21.50 -27.04 -38.35
C GLY F 289 22.30 -27.80 -37.31
N TYR F 290 21.70 -27.96 -36.14
CA TYR F 290 22.33 -28.64 -35.02
C TYR F 290 21.22 -28.78 -33.99
N ASP F 291 21.50 -29.49 -32.90
CA ASP F 291 20.48 -29.64 -31.87
C ASP F 291 20.86 -28.65 -30.77
N VAL F 292 20.03 -27.61 -30.59
CA VAL F 292 20.32 -26.60 -29.61
C VAL F 292 20.43 -27.18 -28.20
N ARG F 293 19.88 -28.37 -28.01
CA ARG F 293 19.97 -29.00 -26.70
C ARG F 293 21.40 -29.44 -26.36
N ASP F 294 22.26 -29.53 -27.37
CA ASP F 294 23.66 -29.88 -27.10
C ASP F 294 24.31 -28.68 -26.42
N VAL F 295 23.81 -27.50 -26.77
CA VAL F 295 24.30 -26.28 -26.18
C VAL F 295 23.78 -26.23 -24.74
N ILE F 296 22.48 -26.48 -24.58
CA ILE F 296 21.89 -26.45 -23.25
C ILE F 296 22.62 -27.41 -22.31
N ALA F 297 22.91 -28.61 -22.81
CA ALA F 297 23.59 -29.61 -22.00
C ALA F 297 24.93 -29.11 -21.45
N LYS F 298 25.67 -28.31 -22.25
CA LYS F 298 26.96 -27.80 -21.80
C LYS F 298 26.87 -26.59 -20.87
N ILE F 299 25.70 -25.96 -20.83
CA ILE F 299 25.45 -24.77 -20.00
C ILE F 299 24.88 -25.05 -18.62
N VAL F 300 23.98 -26.01 -18.52
CA VAL F 300 23.31 -26.28 -17.25
C VAL F 300 23.99 -27.29 -16.35
N ASP F 301 23.73 -27.15 -15.06
CA ASP F 301 24.31 -28.03 -14.05
C ASP F 301 24.10 -29.48 -14.40
N TRP F 302 25.20 -30.24 -14.37
CA TRP F 302 25.17 -31.67 -14.62
C TRP F 302 24.66 -32.09 -15.98
N GLY F 303 24.41 -31.13 -16.86
CA GLY F 303 23.88 -31.47 -18.16
C GLY F 303 22.39 -31.80 -18.04
N ASP F 304 21.84 -31.59 -16.85
CA ASP F 304 20.43 -31.91 -16.57
C ASP F 304 19.38 -30.86 -16.96
N TYR F 305 18.36 -31.31 -17.68
CA TYR F 305 17.27 -30.41 -18.03
C TYR F 305 15.99 -31.21 -18.22
N LEU F 306 14.87 -30.57 -17.92
CA LEU F 306 13.56 -31.19 -18.07
C LEU F 306 12.85 -30.40 -19.14
N GLU F 307 12.83 -30.95 -20.35
CA GLU F 307 12.19 -30.28 -21.46
C GLU F 307 10.67 -30.29 -21.34
N VAL F 308 10.04 -29.16 -21.62
CA VAL F 308 8.60 -29.02 -21.55
C VAL F 308 8.07 -29.04 -22.99
N LYS F 309 6.95 -29.73 -23.22
CA LYS F 309 6.38 -29.86 -24.58
C LYS F 309 7.46 -30.31 -25.56
N ALA F 310 8.25 -31.28 -25.12
CA ALA F 310 9.35 -31.81 -25.92
C ALA F 310 8.91 -32.31 -27.30
N GLY F 311 7.68 -32.82 -27.39
CA GLY F 311 7.20 -33.34 -28.65
C GLY F 311 6.29 -32.42 -29.44
N TYR F 312 6.21 -31.17 -29.02
CA TYR F 312 5.34 -30.19 -29.69
C TYR F 312 6.18 -29.03 -30.23
N ALA F 313 5.85 -28.55 -31.43
CA ALA F 313 6.57 -27.44 -32.04
C ALA F 313 8.06 -27.57 -31.67
N THR F 314 8.66 -28.65 -32.19
CA THR F 314 10.04 -28.97 -31.90
C THR F 314 11.04 -28.00 -32.51
N ASN F 315 10.51 -26.99 -33.20
CA ASN F 315 11.33 -25.93 -33.77
C ASN F 315 11.70 -24.94 -32.66
N LEU F 316 11.16 -25.16 -31.47
CA LEU F 316 11.44 -24.27 -30.32
C LEU F 316 11.52 -25.12 -29.07
N VAL F 317 12.63 -25.04 -28.36
CA VAL F 317 12.79 -25.82 -27.15
C VAL F 317 12.53 -24.99 -25.89
N THR F 318 11.76 -25.55 -24.96
CA THR F 318 11.51 -24.89 -23.68
C THR F 318 11.86 -25.95 -22.64
N ALA F 319 12.74 -25.62 -21.71
CA ALA F 319 13.13 -26.60 -20.72
C ALA F 319 13.51 -25.98 -19.40
N PHE F 320 13.28 -26.70 -18.32
CA PHE F 320 13.71 -26.24 -17.01
C PHE F 320 15.09 -26.85 -16.82
N ALA F 321 15.93 -26.14 -16.07
CA ALA F 321 17.28 -26.59 -15.81
C ALA F 321 17.78 -25.74 -14.65
N ARG F 322 19.05 -25.91 -14.30
CA ARG F 322 19.59 -25.13 -13.22
C ARG F 322 20.96 -24.65 -13.56
N VAL F 323 21.33 -23.52 -12.96
CA VAL F 323 22.66 -22.97 -13.14
C VAL F 323 23.08 -22.67 -11.71
N ASN F 324 24.11 -23.37 -11.25
CA ASN F 324 24.58 -23.18 -9.88
C ASN F 324 23.45 -23.45 -8.89
N GLY F 325 22.60 -24.42 -9.21
CA GLY F 325 21.50 -24.79 -8.32
C GLY F 325 20.19 -24.06 -8.49
N ARG F 326 20.22 -22.91 -9.17
CA ARG F 326 19.03 -22.08 -9.37
C ARG F 326 18.19 -22.54 -10.53
N SER F 327 16.88 -22.66 -10.32
CA SER F 327 15.98 -23.04 -11.40
C SER F 327 15.97 -21.93 -12.45
N VAL F 328 16.00 -22.33 -13.73
CA VAL F 328 15.92 -21.38 -14.82
C VAL F 328 15.04 -22.04 -15.89
N GLY F 329 14.43 -21.21 -16.73
CA GLY F 329 13.63 -21.73 -17.82
C GLY F 329 14.38 -21.33 -19.07
N ILE F 330 14.70 -22.29 -19.93
CA ILE F 330 15.44 -21.99 -21.13
C ILE F 330 14.53 -22.03 -22.35
N VAL F 331 14.61 -21.00 -23.17
CA VAL F 331 13.80 -20.93 -24.39
C VAL F 331 14.83 -20.88 -25.51
N ALA F 332 14.77 -21.84 -26.41
CA ALA F 332 15.77 -21.89 -27.46
C ALA F 332 15.26 -22.34 -28.81
N ASN F 333 15.69 -21.64 -29.85
CA ASN F 333 15.29 -22.02 -31.21
C ASN F 333 16.02 -23.31 -31.55
N GLN F 334 15.36 -24.17 -32.34
CA GLN F 334 15.91 -25.47 -32.75
C GLN F 334 16.17 -25.39 -34.24
N PRO F 335 17.40 -25.01 -34.64
CA PRO F 335 17.75 -24.88 -36.06
C PRO F 335 17.61 -26.14 -36.89
N SER F 336 17.66 -27.29 -36.21
CA SER F 336 17.55 -28.58 -36.89
C SER F 336 16.10 -28.91 -37.26
N VAL F 337 15.15 -28.09 -36.83
CA VAL F 337 13.75 -28.33 -37.15
C VAL F 337 13.14 -27.08 -37.80
N MET F 338 12.76 -27.21 -39.06
CA MET F 338 12.17 -26.08 -39.82
C MET F 338 13.11 -24.88 -39.82
N SER F 339 14.41 -25.12 -39.86
CA SER F 339 15.38 -24.03 -39.87
C SER F 339 15.30 -23.15 -38.62
N GLY F 340 14.60 -23.63 -37.59
CA GLY F 340 14.50 -22.84 -36.38
C GLY F 340 13.49 -21.71 -36.48
N CYS F 341 12.72 -21.68 -37.56
CA CYS F 341 11.69 -20.65 -37.72
C CYS F 341 10.69 -20.77 -36.58
N LEU F 342 10.15 -19.64 -36.14
CA LEU F 342 9.11 -19.67 -35.14
C LEU F 342 7.87 -19.76 -35.99
N ASP F 343 6.80 -20.31 -35.43
CA ASP F 343 5.54 -20.41 -36.15
C ASP F 343 4.45 -20.26 -35.11
N ILE F 344 3.21 -20.46 -35.53
CA ILE F 344 2.08 -20.34 -34.63
C ILE F 344 2.23 -21.20 -33.39
N ASN F 345 2.50 -22.49 -33.60
CA ASN F 345 2.62 -23.40 -32.46
C ASN F 345 3.76 -23.09 -31.51
N ALA F 346 4.94 -22.81 -32.05
CA ALA F 346 6.09 -22.51 -31.21
C ALA F 346 5.84 -21.22 -30.41
N SER F 347 5.11 -20.28 -31.00
CA SER F 347 4.79 -19.02 -30.34
C SER F 347 3.99 -19.29 -29.06
N ASP F 348 2.98 -20.15 -29.16
CA ASP F 348 2.15 -20.49 -27.99
C ASP F 348 3.02 -21.20 -26.96
N LYS F 349 3.79 -22.18 -27.44
CA LYS F 349 4.65 -22.96 -26.58
C LYS F 349 5.61 -22.06 -25.81
N ALA F 350 6.24 -21.12 -26.51
CA ALA F 350 7.18 -20.22 -25.87
C ALA F 350 6.48 -19.27 -24.91
N ALA F 351 5.42 -18.60 -25.39
CA ALA F 351 4.69 -17.62 -24.59
C ALA F 351 4.16 -18.23 -23.30
N GLU F 352 3.64 -19.45 -23.40
CA GLU F 352 3.09 -20.09 -22.20
C GLU F 352 4.16 -20.34 -21.15
N PHE F 353 5.30 -20.83 -21.61
CA PHE F 353 6.41 -21.15 -20.72
C PHE F 353 6.97 -19.86 -20.09
N VAL F 354 7.12 -18.82 -20.91
CA VAL F 354 7.64 -17.55 -20.39
C VAL F 354 6.72 -17.01 -19.29
N ASN F 355 5.42 -16.97 -19.58
CA ASN F 355 4.43 -16.50 -18.62
C ASN F 355 4.48 -17.27 -17.33
N PHE F 356 4.56 -18.58 -17.45
CA PHE F 356 4.62 -19.41 -16.27
C PHE F 356 5.86 -19.08 -15.46
N CYS F 357 7.02 -19.09 -16.13
CA CYS F 357 8.26 -18.78 -15.43
C CYS F 357 8.19 -17.43 -14.73
N ASP F 358 7.61 -16.44 -15.39
CA ASP F 358 7.48 -15.12 -14.81
C ASP F 358 6.61 -15.17 -13.56
N SER F 359 5.47 -15.88 -13.66
CA SER F 359 4.56 -15.99 -12.54
C SER F 359 5.22 -16.56 -11.31
N PHE F 360 6.09 -17.54 -11.51
CA PHE F 360 6.77 -18.18 -10.40
C PHE F 360 8.22 -17.84 -10.15
N ASN F 361 8.58 -16.64 -10.60
CA ASN F 361 9.90 -16.10 -10.36
C ASN F 361 11.07 -16.93 -10.82
N ILE F 362 10.91 -17.57 -11.96
CA ILE F 362 11.98 -18.36 -12.53
C ILE F 362 12.64 -17.56 -13.65
N PRO F 363 13.94 -17.29 -13.55
CA PRO F 363 14.65 -16.54 -14.57
C PRO F 363 14.53 -17.21 -15.93
N LEU F 364 14.49 -16.40 -16.98
CA LEU F 364 14.39 -16.90 -18.34
C LEU F 364 15.67 -16.70 -19.12
N VAL F 365 16.18 -17.80 -19.66
CA VAL F 365 17.42 -17.77 -20.42
C VAL F 365 17.10 -18.13 -21.85
N GLN F 366 17.42 -17.22 -22.77
CA GLN F 366 17.13 -17.44 -24.20
C GLN F 366 18.37 -17.80 -25.01
N LEU F 367 18.25 -18.79 -25.88
CA LEU F 367 19.34 -19.21 -26.77
C LEU F 367 18.75 -18.94 -28.14
N VAL F 368 19.29 -17.93 -28.81
CA VAL F 368 18.72 -17.51 -30.07
C VAL F 368 19.42 -17.89 -31.35
N ASP F 369 18.64 -18.42 -32.29
CA ASP F 369 19.14 -18.77 -33.62
C ASP F 369 17.87 -18.93 -34.41
N VAL F 370 17.28 -17.81 -34.79
CA VAL F 370 16.00 -17.81 -35.50
C VAL F 370 16.07 -16.91 -36.73
N PRO F 371 15.72 -17.46 -37.91
CA PRO F 371 15.73 -16.74 -39.19
C PRO F 371 14.48 -15.96 -39.50
N GLY F 372 13.47 -16.11 -38.65
CA GLY F 372 12.23 -15.40 -38.87
C GLY F 372 11.08 -16.34 -38.60
N PHE F 373 9.88 -15.94 -39.02
CA PHE F 373 8.73 -16.78 -38.82
C PHE F 373 8.55 -17.66 -40.03
N LEU F 374 7.95 -18.82 -39.82
CA LEU F 374 7.72 -19.77 -40.88
C LEU F 374 6.81 -19.19 -41.98
N PRO F 375 7.32 -19.14 -43.23
CA PRO F 375 6.50 -18.61 -44.34
C PRO F 375 5.44 -19.64 -44.72
N GLY F 376 4.27 -19.17 -45.13
CA GLY F 376 3.23 -20.10 -45.53
C GLY F 376 1.86 -19.46 -45.43
N VAL F 377 1.00 -19.75 -46.40
CA VAL F 377 -0.35 -19.19 -46.37
C VAL F 377 -1.09 -19.56 -45.08
N GLN F 378 -1.00 -20.82 -44.66
CA GLN F 378 -1.70 -21.24 -43.45
C GLN F 378 -1.20 -20.59 -42.17
N GLN F 379 0.03 -20.11 -42.16
CA GLN F 379 0.55 -19.43 -40.99
C GLN F 379 -0.13 -18.07 -40.89
N GLU F 380 -0.27 -17.39 -42.03
CA GLU F 380 -0.93 -16.09 -42.05
C GLU F 380 -2.41 -16.29 -41.73
N TYR F 381 -3.04 -17.23 -42.43
CA TYR F 381 -4.45 -17.52 -42.23
C TYR F 381 -4.73 -18.04 -40.83
N GLY F 382 -3.72 -18.64 -40.21
CA GLY F 382 -3.90 -19.16 -38.86
C GLY F 382 -3.66 -18.08 -37.81
N GLY F 383 -3.38 -16.86 -38.23
CA GLY F 383 -3.15 -15.78 -37.29
C GLY F 383 -1.77 -15.76 -36.65
N ILE F 384 -0.73 -15.99 -37.45
CA ILE F 384 0.62 -15.93 -36.88
C ILE F 384 0.79 -14.54 -36.24
N ILE F 385 0.13 -13.53 -36.82
CA ILE F 385 0.22 -12.19 -36.26
C ILE F 385 -0.18 -12.14 -34.78
N ARG F 386 -1.38 -12.61 -34.44
CA ARG F 386 -1.80 -12.58 -33.05
C ARG F 386 -1.09 -13.62 -32.18
N HIS F 387 -0.69 -14.75 -32.78
CA HIS F 387 0.01 -15.76 -32.00
C HIS F 387 1.45 -15.35 -31.73
N GLY F 388 2.13 -14.87 -32.75
CA GLY F 388 3.51 -14.43 -32.58
C GLY F 388 3.56 -13.32 -31.53
N ALA F 389 2.51 -12.49 -31.50
CA ALA F 389 2.39 -11.39 -30.56
C ALA F 389 2.43 -11.87 -29.11
N LYS F 390 2.04 -13.12 -28.88
CA LYS F 390 2.06 -13.66 -27.52
C LYS F 390 3.44 -13.70 -26.93
N MET F 391 4.43 -14.02 -27.75
CA MET F 391 5.80 -14.08 -27.27
C MET F 391 6.26 -12.68 -26.90
N LEU F 392 5.94 -11.72 -27.77
CA LEU F 392 6.33 -10.33 -27.54
C LEU F 392 5.66 -9.86 -26.26
N TYR F 393 4.42 -10.28 -26.06
CA TYR F 393 3.68 -9.87 -24.89
C TYR F 393 4.24 -10.48 -23.63
N ALA F 394 4.40 -11.81 -23.64
CA ALA F 394 4.90 -12.51 -22.46
C ALA F 394 6.27 -12.00 -22.01
N TYR F 395 7.20 -11.87 -22.95
CA TYR F 395 8.51 -11.37 -22.58
C TYR F 395 8.44 -9.92 -22.10
N SER F 396 7.70 -9.08 -22.82
CA SER F 396 7.57 -7.68 -22.43
C SER F 396 6.99 -7.50 -21.04
N GLU F 397 6.02 -8.34 -20.72
CA GLU F 397 5.37 -8.28 -19.42
C GLU F 397 6.24 -8.89 -18.32
N ALA F 398 7.05 -9.88 -18.67
CA ALA F 398 7.90 -10.56 -17.68
C ALA F 398 8.84 -9.64 -16.92
N THR F 399 8.94 -9.85 -15.61
CA THR F 399 9.80 -9.05 -14.75
C THR F 399 10.91 -9.89 -14.11
N VAL F 400 10.87 -11.21 -14.30
CA VAL F 400 11.96 -12.03 -13.77
C VAL F 400 13.23 -11.70 -14.56
N PRO F 401 14.40 -12.16 -14.07
CA PRO F 401 15.63 -11.86 -14.82
C PRO F 401 15.50 -12.50 -16.22
N LYS F 402 15.90 -11.77 -17.25
CA LYS F 402 15.83 -12.26 -18.62
C LYS F 402 17.21 -12.12 -19.21
N ILE F 403 17.81 -13.27 -19.53
CA ILE F 403 19.16 -13.33 -20.07
C ILE F 403 19.13 -13.99 -21.43
N THR F 404 19.61 -13.27 -22.42
CA THR F 404 19.55 -13.77 -23.78
C THR F 404 20.93 -13.92 -24.39
N VAL F 405 21.16 -15.07 -25.02
CA VAL F 405 22.43 -15.32 -25.67
C VAL F 405 22.11 -15.57 -27.14
N VAL F 406 22.68 -14.77 -28.03
CA VAL F 406 22.39 -14.99 -29.45
C VAL F 406 23.46 -15.91 -30.00
N LEU F 407 23.04 -17.11 -30.41
CA LEU F 407 23.97 -18.09 -30.95
C LEU F 407 24.29 -17.81 -32.41
N ARG F 408 23.26 -17.57 -33.21
CA ARG F 408 23.49 -17.33 -34.63
C ARG F 408 22.46 -16.36 -35.21
N LYS F 409 21.54 -16.86 -36.02
CA LYS F 409 20.54 -15.97 -36.61
C LYS F 409 19.64 -15.30 -35.58
N ALA F 410 19.35 -14.01 -35.79
CA ALA F 410 18.45 -13.26 -34.91
C ALA F 410 17.79 -12.20 -35.80
N TYR F 411 16.91 -12.65 -36.69
CA TYR F 411 16.24 -11.77 -37.65
C TYR F 411 14.86 -11.21 -37.33
N GLY F 412 14.74 -9.89 -37.51
CA GLY F 412 13.49 -9.18 -37.32
C GLY F 412 12.66 -9.49 -36.10
N GLY F 413 11.34 -9.48 -36.29
CA GLY F 413 10.42 -9.76 -35.20
C GLY F 413 10.62 -11.09 -34.49
N SER F 414 11.14 -12.09 -35.20
CA SER F 414 11.33 -13.41 -34.57
C SER F 414 12.40 -13.31 -33.49
N TYR F 415 13.34 -12.39 -33.68
CA TYR F 415 14.40 -12.15 -32.69
C TYR F 415 13.83 -11.35 -31.52
N LEU F 416 13.02 -10.35 -31.83
CA LEU F 416 12.42 -9.53 -30.79
C LEU F 416 11.58 -10.44 -29.92
N ALA F 417 10.93 -11.41 -30.55
CA ALA F 417 10.08 -12.35 -29.85
C ALA F 417 10.89 -13.22 -28.91
N MET F 418 12.20 -13.34 -29.17
CA MET F 418 13.08 -14.14 -28.33
C MET F 418 13.72 -13.28 -27.23
N CYS F 419 13.11 -12.12 -27.00
CA CYS F 419 13.53 -11.21 -25.94
C CYS F 419 14.89 -10.56 -26.03
N ASN F 420 14.96 -9.48 -26.78
CA ASN F 420 16.20 -8.73 -26.91
C ASN F 420 16.15 -7.64 -25.84
N ARG F 421 17.13 -6.75 -25.84
CA ARG F 421 17.17 -5.67 -24.85
C ARG F 421 15.88 -4.84 -24.82
N ASP F 422 15.30 -4.57 -25.98
CA ASP F 422 14.11 -3.76 -26.04
C ASP F 422 12.89 -4.39 -25.37
N LEU F 423 12.87 -5.71 -25.28
CA LEU F 423 11.75 -6.37 -24.63
C LEU F 423 12.13 -6.61 -23.17
N GLY F 424 13.16 -5.92 -22.72
CA GLY F 424 13.56 -6.04 -21.33
C GLY F 424 14.58 -7.07 -20.91
N ALA F 425 15.33 -7.65 -21.85
CA ALA F 425 16.36 -8.61 -21.45
C ALA F 425 17.33 -7.80 -20.59
N ASP F 426 17.70 -8.38 -19.44
CA ASP F 426 18.62 -7.72 -18.51
C ASP F 426 20.06 -7.81 -18.99
N ALA F 427 20.37 -8.86 -19.72
CA ALA F 427 21.71 -9.05 -20.25
C ALA F 427 21.59 -9.78 -21.58
N VAL F 428 22.29 -9.28 -22.58
CA VAL F 428 22.25 -9.91 -23.88
C VAL F 428 23.70 -10.09 -24.30
N TYR F 429 24.06 -11.33 -24.61
CA TYR F 429 25.39 -11.68 -25.04
C TYR F 429 25.30 -12.26 -26.45
N ALA F 430 26.30 -11.94 -27.27
CA ALA F 430 26.32 -12.44 -28.63
C ALA F 430 27.52 -13.34 -28.85
N TRP F 431 27.30 -14.48 -29.49
CA TRP F 431 28.39 -15.38 -29.83
C TRP F 431 28.95 -14.71 -31.07
N PRO F 432 30.19 -15.04 -31.46
CA PRO F 432 30.78 -14.42 -32.66
C PRO F 432 29.98 -14.73 -33.92
N SER F 433 29.16 -15.77 -33.84
CA SER F 433 28.32 -16.16 -34.95
C SER F 433 26.96 -15.48 -34.93
N ALA F 434 26.73 -14.60 -33.96
CA ALA F 434 25.46 -13.91 -33.88
C ALA F 434 25.20 -13.00 -35.08
N GLU F 435 23.97 -13.07 -35.59
CA GLU F 435 23.54 -12.25 -36.72
C GLU F 435 22.24 -11.53 -36.41
N ILE F 436 22.32 -10.58 -35.48
CA ILE F 436 21.15 -9.78 -35.13
C ILE F 436 20.92 -8.88 -36.34
N ALA F 437 19.70 -8.89 -36.86
CA ALA F 437 19.42 -8.11 -38.05
C ALA F 437 17.95 -7.80 -38.16
N VAL F 438 17.64 -6.69 -38.81
CA VAL F 438 16.24 -6.33 -39.02
C VAL F 438 15.75 -7.24 -40.14
N MET F 439 16.71 -7.70 -40.94
CA MET F 439 16.42 -8.59 -42.07
C MET F 439 17.74 -9.23 -42.54
N GLY F 440 17.66 -10.44 -43.08
CA GLY F 440 18.87 -11.08 -43.56
C GLY F 440 19.51 -10.22 -44.64
N ALA F 441 20.84 -10.25 -44.71
CA ALA F 441 21.56 -9.44 -45.70
C ALA F 441 21.01 -9.67 -47.10
N GLU F 442 20.72 -10.92 -47.42
CA GLU F 442 20.20 -11.29 -48.73
C GLU F 442 18.94 -10.49 -49.08
N GLY F 443 17.95 -10.53 -48.19
CA GLY F 443 16.73 -9.79 -48.44
C GLY F 443 16.96 -8.29 -48.43
N ALA F 444 17.73 -7.82 -47.45
CA ALA F 444 18.03 -6.40 -47.33
C ALA F 444 18.64 -5.86 -48.62
N ALA F 445 19.69 -6.53 -49.09
CA ALA F 445 20.37 -6.13 -50.31
C ALA F 445 19.36 -6.13 -51.46
N ASN F 446 18.61 -7.21 -51.57
CA ASN F 446 17.61 -7.37 -52.63
C ASN F 446 16.56 -6.25 -52.69
N VAL F 447 16.58 -5.36 -51.70
CA VAL F 447 15.62 -4.25 -51.66
C VAL F 447 16.25 -2.87 -51.78
N ILE F 448 17.34 -2.64 -51.06
CA ILE F 448 18.02 -1.34 -51.08
C ILE F 448 18.79 -1.03 -52.36
N PHE F 449 19.21 -2.06 -53.09
CA PHE F 449 20.00 -1.84 -54.30
C PHE F 449 19.41 -2.24 -55.65
N ARG F 450 18.09 -2.37 -55.72
CA ARG F 450 17.45 -2.77 -56.97
C ARG F 450 17.90 -1.96 -58.19
N LYS F 451 18.07 -0.65 -58.01
CA LYS F 451 18.47 0.21 -59.11
C LYS F 451 19.84 -0.14 -59.69
N GLU F 452 20.81 -0.38 -58.81
CA GLU F 452 22.15 -0.69 -59.26
C GLU F 452 22.26 -2.14 -59.71
N ILE F 453 21.48 -3.01 -59.06
CA ILE F 453 21.50 -4.42 -59.40
C ILE F 453 20.93 -4.64 -60.80
N LYS F 454 19.84 -3.94 -61.12
CA LYS F 454 19.22 -4.07 -62.42
C LYS F 454 20.16 -3.57 -63.52
N ALA F 455 20.68 -2.37 -63.34
CA ALA F 455 21.60 -1.75 -64.29
C ALA F 455 22.99 -2.39 -64.33
N ALA F 456 23.21 -3.39 -63.49
CA ALA F 456 24.50 -4.07 -63.42
C ALA F 456 24.69 -5.12 -64.53
N ASP F 457 25.85 -5.09 -65.19
CA ASP F 457 26.12 -6.07 -66.24
C ASP F 457 25.82 -7.49 -65.72
N ASP F 458 26.09 -7.73 -64.44
CA ASP F 458 25.85 -9.04 -63.83
C ASP F 458 25.14 -8.90 -62.48
N PRO F 459 23.80 -8.85 -62.51
CA PRO F 459 22.99 -8.73 -61.30
C PRO F 459 23.42 -9.62 -60.13
N ASP F 460 23.65 -10.90 -60.40
CA ASP F 460 24.05 -11.84 -59.35
C ASP F 460 25.34 -11.45 -58.63
N ALA F 461 26.33 -10.99 -59.40
CA ALA F 461 27.59 -10.59 -58.78
C ALA F 461 27.33 -9.32 -57.98
N MET F 462 26.54 -8.40 -58.54
CA MET F 462 26.24 -7.13 -57.86
C MET F 462 25.48 -7.42 -56.57
N ARG F 463 24.53 -8.35 -56.64
CA ARG F 463 23.75 -8.74 -55.47
C ARG F 463 24.67 -9.29 -54.39
N ALA F 464 25.56 -10.20 -54.77
CA ALA F 464 26.48 -10.79 -53.82
C ALA F 464 27.33 -9.74 -53.11
N GLU F 465 27.80 -8.72 -53.81
CA GLU F 465 28.61 -7.73 -53.11
C GLU F 465 27.76 -6.80 -52.24
N LYS F 466 26.50 -6.56 -52.62
CA LYS F 466 25.64 -5.70 -51.82
C LYS F 466 25.24 -6.45 -50.55
N ILE F 467 25.11 -7.77 -50.69
CA ILE F 467 24.77 -8.63 -49.57
C ILE F 467 25.90 -8.59 -48.57
N GLU F 468 27.12 -8.73 -49.08
CA GLU F 468 28.31 -8.71 -48.23
C GLU F 468 28.41 -7.35 -47.54
N GLU F 469 28.13 -6.29 -48.28
CA GLU F 469 28.23 -4.95 -47.72
C GLU F 469 27.21 -4.74 -46.61
N TYR F 470 25.98 -5.19 -46.83
CA TYR F 470 24.95 -5.03 -45.82
C TYR F 470 25.29 -5.88 -44.59
N GLN F 471 25.70 -7.12 -44.83
CA GLN F 471 26.06 -8.06 -43.78
C GLN F 471 27.09 -7.48 -42.83
N ASN F 472 28.18 -6.96 -43.38
CA ASN F 472 29.23 -6.40 -42.54
C ASN F 472 28.90 -5.06 -41.90
N ALA F 473 27.98 -4.32 -42.51
CA ALA F 473 27.60 -3.02 -41.97
C ALA F 473 26.62 -3.12 -40.80
N PHE F 474 25.79 -4.16 -40.80
CA PHE F 474 24.76 -4.29 -39.76
C PHE F 474 24.65 -5.58 -39.01
N ASN F 475 24.90 -6.68 -39.72
CA ASN F 475 24.66 -7.97 -39.13
C ASN F 475 25.75 -8.75 -38.43
N THR F 476 26.76 -8.08 -37.92
CA THR F 476 27.82 -8.79 -37.20
C THR F 476 27.63 -8.46 -35.72
N PRO F 477 28.14 -9.32 -34.83
CA PRO F 477 28.01 -9.09 -33.38
C PRO F 477 28.62 -7.75 -32.99
N TYR F 478 29.66 -7.32 -33.71
CA TYR F 478 30.30 -6.06 -33.37
C TYR F 478 29.40 -4.85 -33.59
N VAL F 479 28.53 -4.91 -34.60
CA VAL F 479 27.63 -3.79 -34.85
C VAL F 479 26.53 -3.80 -33.79
N ALA F 480 26.05 -4.99 -33.45
CA ALA F 480 25.03 -5.12 -32.42
C ALA F 480 25.61 -4.55 -31.13
N ALA F 481 26.85 -4.91 -30.82
CA ALA F 481 27.48 -4.44 -29.60
C ALA F 481 27.73 -2.93 -29.68
N ALA F 482 28.07 -2.45 -30.87
CA ALA F 482 28.31 -1.04 -31.07
C ALA F 482 27.07 -0.22 -30.72
N ARG F 483 25.89 -0.76 -31.04
CA ARG F 483 24.62 -0.07 -30.78
C ARG F 483 24.09 -0.36 -29.37
N GLY F 484 24.80 -1.20 -28.61
CA GLY F 484 24.36 -1.51 -27.27
C GLY F 484 23.27 -2.56 -27.21
N GLN F 485 23.01 -3.22 -28.34
CA GLN F 485 21.99 -4.24 -28.39
C GLN F 485 22.45 -5.51 -27.67
N VAL F 486 23.75 -5.66 -27.51
CA VAL F 486 24.25 -6.79 -26.72
C VAL F 486 25.21 -6.14 -25.75
N ASP F 487 25.35 -6.74 -24.57
CA ASP F 487 26.24 -6.26 -23.52
C ASP F 487 27.68 -6.53 -23.93
N ASP F 488 27.88 -7.59 -24.69
CA ASP F 488 29.23 -8.02 -25.04
C ASP F 488 29.15 -9.10 -26.10
N VAL F 489 30.27 -9.36 -26.75
CA VAL F 489 30.37 -10.44 -27.72
C VAL F 489 31.24 -11.42 -26.93
N ILE F 490 30.84 -12.68 -26.88
CA ILE F 490 31.55 -13.62 -26.05
C ILE F 490 32.04 -14.88 -26.74
N ASP F 491 33.06 -15.47 -26.13
CA ASP F 491 33.63 -16.72 -26.60
C ASP F 491 32.55 -17.74 -26.25
N PRO F 492 32.08 -18.51 -27.23
CA PRO F 492 31.05 -19.49 -26.90
C PRO F 492 31.47 -20.37 -25.72
N ALA F 493 32.77 -20.58 -25.57
CA ALA F 493 33.30 -21.41 -24.49
C ALA F 493 32.95 -20.88 -23.11
N ASP F 494 32.63 -19.60 -23.01
CA ASP F 494 32.32 -18.96 -21.73
C ASP F 494 30.81 -18.81 -21.46
N THR F 495 29.97 -19.36 -22.31
CA THR F 495 28.54 -19.19 -22.13
C THR F 495 28.00 -19.54 -20.75
N ARG F 496 28.47 -20.64 -20.17
CA ARG F 496 27.95 -21.00 -18.85
C ARG F 496 28.32 -19.94 -17.82
N ARG F 497 29.59 -19.53 -17.80
CA ARG F 497 29.98 -18.53 -16.83
C ARG F 497 29.19 -17.23 -17.04
N LYS F 498 29.04 -16.80 -18.29
CA LYS F 498 28.31 -15.57 -18.56
C LYS F 498 26.86 -15.64 -18.06
N ILE F 499 26.20 -16.76 -18.34
CA ILE F 499 24.82 -16.90 -17.88
C ILE F 499 24.79 -16.97 -16.35
N ALA F 500 25.69 -17.77 -15.78
CA ALA F 500 25.76 -17.94 -14.33
C ALA F 500 25.99 -16.61 -13.64
N SER F 501 26.89 -15.80 -14.20
CA SER F 501 27.18 -14.49 -13.62
C SER F 501 26.00 -13.56 -13.76
N ALA F 502 25.35 -13.57 -14.91
CA ALA F 502 24.20 -12.70 -15.13
C ALA F 502 23.08 -13.07 -14.14
N LEU F 503 22.84 -14.36 -13.96
CA LEU F 503 21.82 -14.83 -13.01
C LEU F 503 22.14 -14.34 -11.58
N GLU F 504 23.41 -14.42 -11.22
CA GLU F 504 23.84 -13.97 -9.91
C GLU F 504 23.61 -12.46 -9.79
N MET F 505 24.04 -11.72 -10.81
CA MET F 505 23.91 -10.26 -10.83
C MET F 505 22.47 -9.82 -10.67
N TYR F 506 21.55 -10.48 -11.38
CA TYR F 506 20.15 -10.13 -11.33
C TYR F 506 19.34 -10.88 -10.28
N ALA F 507 20.03 -11.62 -9.42
CA ALA F 507 19.36 -12.36 -8.37
C ALA F 507 18.65 -11.38 -7.44
N THR F 508 19.04 -10.11 -7.47
CA THR F 508 18.39 -9.11 -6.61
C THR F 508 17.53 -8.16 -7.44
N LYS F 509 17.24 -8.54 -8.68
CA LYS F 509 16.42 -7.69 -9.55
C LYS F 509 15.04 -7.41 -8.97
N ARG F 510 14.65 -6.14 -8.98
CA ARG F 510 13.32 -5.75 -8.50
C ARG F 510 12.77 -4.83 -9.59
N GLN F 511 11.73 -5.28 -10.27
CA GLN F 511 11.14 -4.53 -11.37
C GLN F 511 9.62 -4.59 -11.28
N THR F 512 8.98 -3.44 -11.47
CA THR F 512 7.52 -3.35 -11.41
C THR F 512 6.88 -3.02 -12.75
N ARG F 513 5.56 -3.12 -12.80
CA ARG F 513 4.78 -2.87 -14.00
C ARG F 513 3.67 -1.87 -13.69
N PRO F 514 3.17 -1.15 -14.72
CA PRO F 514 2.09 -0.19 -14.49
C PRO F 514 0.92 -0.90 -13.84
N ALA F 515 0.18 -0.17 -12.99
CA ALA F 515 -0.97 -0.75 -12.30
C ALA F 515 -2.06 -1.10 -13.32
N LYS F 516 -2.58 -2.32 -13.23
CA LYS F 516 -3.63 -2.75 -14.14
C LYS F 516 -4.17 -4.05 -13.59
N LYS F 517 -5.39 -4.43 -13.96
CA LYS F 517 -5.95 -5.70 -13.48
C LYS F 517 -5.11 -6.75 -14.17
N HIS F 518 -4.84 -6.48 -15.44
CA HIS F 518 -4.05 -7.34 -16.29
C HIS F 518 -3.96 -6.67 -17.64
N GLY F 519 -2.99 -7.08 -18.44
CA GLY F 519 -2.88 -6.51 -19.75
C GLY F 519 -3.85 -7.29 -20.61
N ASN F 520 -3.78 -7.08 -21.90
CA ASN F 520 -4.66 -7.78 -22.80
C ASN F 520 -3.81 -8.72 -23.66
N PHE F 521 -3.52 -9.87 -23.07
CA PHE F 521 -2.72 -10.92 -23.69
C PHE F 521 -3.43 -11.38 -24.96
N PRO F 522 -2.70 -11.43 -26.09
CA PRO F 522 -3.27 -11.84 -27.38
C PRO F 522 -3.84 -13.25 -27.28
N CYS F 523 -4.94 -13.49 -27.98
CA CYS F 523 -5.59 -14.79 -27.99
C CYS F 523 -5.33 -15.49 -29.30
#